data_5ODV
#
_entry.id   5ODV
#
loop_
_entity.id
_entity.type
_entity.pdbx_description
1 polymer 'coat protein'
2 polymer "RNA (5'-R(P*UP*UP*UP*UP*U)-3')"
#
loop_
_entity_poly.entity_id
_entity_poly.type
_entity_poly.pdbx_seq_one_letter_code
_entity_poly.pdbx_strand_id
1 'polypeptide(L)'
;SGKEAVENLDAGKESKKDTSGKGDKPQNSQTGQGSKEQTKTGTVSKDVNVGSKGKEVPRLQKITKKMNLPTVGGKIILSL
DHLLEYKPNQVDLFNTRATKTQFESWYSAVKVEYDLNDEQMGVIMNGFMVWCIDNGTSPDVNGVWVMMDGEEQVEYPLKP
IVENAKPTLRQIMHHFSDAAEAYIEMRNSESPYMPRYGLLRNLRDRELARYAFDFYEVTSKTPNRAREAIAQMKAAALAG
INSRLFGLDGNISTNSENTERHTARDVNQNMHTLLGMGPPQ
;
A,B,C,D,E,F,G,H,I,J,K,L,M,N,O,P,Q,R,S,T,U,V,W,X
2 'polyribonucleotide' UUUUU a,b,c,d,e,f,g,h,i,j,k,l,m,n,o,p,q,r,s,t,u,v,w,x
#
# COMPACT_ATOMS: atom_id res chain seq x y z
N PRO A 58 -71.09 -76.42 14.56
CA PRO A 58 -71.37 -75.04 14.12
C PRO A 58 -70.12 -74.32 13.62
N ARG A 59 -70.29 -73.50 12.58
CA ARG A 59 -69.18 -72.86 11.91
C ARG A 59 -69.52 -71.41 11.62
N LEU A 60 -68.46 -70.62 11.40
CA LEU A 60 -68.59 -69.21 11.05
C LEU A 60 -67.32 -68.76 10.38
N GLN A 61 -67.26 -67.47 10.06
CA GLN A 61 -66.14 -66.86 9.36
C GLN A 61 -65.33 -65.97 10.29
N LYS A 62 -64.09 -65.71 9.90
CA LYS A 62 -63.13 -65.04 10.76
C LYS A 62 -63.61 -63.64 11.14
N ILE A 63 -63.72 -62.75 10.16
CA ILE A 63 -64.27 -61.42 10.41
C ILE A 63 -65.76 -61.53 10.64
N THR A 64 -66.29 -60.63 11.47
CA THR A 64 -67.73 -60.50 11.67
C THR A 64 -68.11 -59.03 11.64
N LYS A 65 -69.33 -58.76 11.19
CA LYS A 65 -69.82 -57.39 11.10
C LYS A 65 -69.81 -56.71 12.47
N LYS A 66 -69.97 -57.46 13.55
CA LYS A 66 -70.03 -56.89 14.89
C LYS A 66 -68.67 -56.52 15.44
N MET A 67 -67.58 -56.80 14.71
CA MET A 67 -66.28 -56.30 15.11
C MET A 67 -66.28 -54.78 15.09
N ASN A 68 -65.44 -54.18 15.93
CA ASN A 68 -65.32 -52.73 15.95
C ASN A 68 -64.60 -52.26 14.69
N LEU A 69 -65.13 -51.21 14.08
CA LEU A 69 -64.74 -50.82 12.73
C LEU A 69 -64.99 -49.32 12.58
N PRO A 70 -64.57 -48.73 11.45
CA PRO A 70 -64.80 -47.29 11.26
C PRO A 70 -66.27 -46.93 11.13
N THR A 71 -66.60 -45.72 11.59
CA THR A 71 -67.99 -45.26 11.76
C THR A 71 -68.18 -43.80 11.30
N VAL A 72 -67.80 -43.51 10.04
CA VAL A 72 -68.07 -42.17 9.48
C VAL A 72 -69.55 -41.83 9.65
N GLY A 73 -70.41 -42.61 9.01
CA GLY A 73 -71.84 -42.51 9.25
C GLY A 73 -72.25 -43.47 10.34
N GLY A 74 -73.34 -43.13 11.02
CA GLY A 74 -73.89 -44.03 12.01
C GLY A 74 -74.28 -45.38 11.44
N LYS A 75 -74.65 -45.41 10.16
CA LYS A 75 -75.07 -46.63 9.48
C LYS A 75 -73.95 -47.24 8.64
N ILE A 76 -73.44 -46.49 7.67
CA ILE A 76 -72.64 -47.08 6.61
C ILE A 76 -71.23 -47.37 7.13
N ILE A 77 -70.71 -48.52 6.72
CA ILE A 77 -69.37 -48.96 7.05
C ILE A 77 -68.51 -48.84 5.80
N LEU A 78 -67.22 -48.59 6.00
CA LEU A 78 -66.32 -48.28 4.91
C LEU A 78 -65.63 -49.53 4.38
N SER A 79 -65.03 -50.32 5.26
CA SER A 79 -64.39 -51.55 4.86
C SER A 79 -65.43 -52.63 4.57
N LEU A 80 -65.80 -52.78 3.31
CA LEU A 80 -66.79 -53.79 2.93
C LEU A 80 -66.24 -55.18 3.16
N ASP A 81 -67.04 -56.01 3.84
CA ASP A 81 -66.60 -57.35 4.23
C ASP A 81 -66.69 -58.28 3.02
N HIS A 82 -65.70 -58.14 2.13
CA HIS A 82 -65.45 -59.08 1.05
C HIS A 82 -63.97 -59.43 1.00
N LEU A 83 -63.29 -59.35 2.15
CA LEU A 83 -61.86 -59.57 2.25
C LEU A 83 -61.50 -61.04 2.40
N LEU A 84 -62.48 -61.89 2.65
CA LEU A 84 -62.23 -63.31 2.87
C LEU A 84 -61.59 -63.96 1.65
N GLU A 85 -61.79 -63.39 0.46
CA GLU A 85 -61.06 -63.78 -0.74
C GLU A 85 -60.41 -62.52 -1.27
N TYR A 86 -59.28 -62.15 -0.68
CA TYR A 86 -58.38 -61.12 -1.21
C TYR A 86 -56.99 -61.52 -0.76
N LYS A 87 -56.30 -62.27 -1.60
CA LYS A 87 -55.02 -62.89 -1.27
C LYS A 87 -54.02 -62.67 -2.40
N PRO A 88 -53.62 -61.42 -2.62
CA PRO A 88 -52.57 -61.17 -3.60
C PRO A 88 -51.24 -61.69 -3.11
N ASN A 89 -50.42 -62.14 -4.05
CA ASN A 89 -49.06 -62.52 -3.72
C ASN A 89 -48.33 -61.29 -3.17
N GLN A 90 -47.69 -61.48 -2.02
CA GLN A 90 -47.24 -60.35 -1.23
C GLN A 90 -46.20 -59.53 -1.97
N VAL A 91 -45.24 -60.21 -2.59
CA VAL A 91 -44.07 -59.54 -3.12
C VAL A 91 -44.41 -58.61 -4.27
N ASP A 92 -45.56 -58.82 -4.91
CA ASP A 92 -45.95 -57.98 -6.04
C ASP A 92 -46.36 -56.57 -5.62
N LEU A 93 -46.46 -56.30 -4.32
CA LEU A 93 -47.07 -55.08 -3.81
C LEU A 93 -46.07 -54.07 -3.27
N PHE A 94 -44.79 -54.44 -3.14
CA PHE A 94 -43.81 -53.54 -2.54
C PHE A 94 -43.56 -52.32 -3.41
N ASN A 95 -42.80 -51.40 -2.85
CA ASN A 95 -42.27 -50.24 -3.56
C ASN A 95 -40.86 -50.47 -4.09
N THR A 96 -40.09 -51.35 -3.45
CA THR A 96 -38.71 -51.59 -3.86
C THR A 96 -38.60 -52.31 -5.19
N ARG A 97 -39.69 -52.87 -5.70
CA ARG A 97 -39.72 -53.40 -7.05
C ARG A 97 -40.33 -52.38 -7.99
N ALA A 98 -39.90 -52.42 -9.24
CA ALA A 98 -40.49 -51.59 -10.26
C ALA A 98 -41.91 -52.03 -10.55
N THR A 99 -42.55 -51.34 -11.48
CA THR A 99 -43.90 -51.69 -11.90
C THR A 99 -43.87 -52.74 -13.01
N LYS A 100 -45.04 -53.32 -13.29
CA LYS A 100 -45.17 -54.19 -14.45
C LYS A 100 -44.93 -53.40 -15.73
N THR A 101 -45.26 -52.11 -15.73
CA THR A 101 -45.12 -51.28 -16.91
C THR A 101 -43.64 -51.08 -17.26
N GLN A 102 -42.87 -50.58 -16.29
CA GLN A 102 -41.50 -50.19 -16.56
C GLN A 102 -40.65 -51.39 -16.99
N PHE A 103 -40.92 -52.55 -16.41
CA PHE A 103 -40.24 -53.78 -16.84
C PHE A 103 -40.54 -54.08 -18.30
N GLU A 104 -41.79 -53.83 -18.72
CA GLU A 104 -42.17 -54.09 -20.09
C GLU A 104 -41.45 -53.15 -21.05
N SER A 105 -41.52 -51.85 -20.79
CA SER A 105 -40.91 -50.88 -21.69
C SER A 105 -39.40 -51.06 -21.75
N TRP A 106 -38.78 -51.42 -20.64
CA TRP A 106 -37.35 -51.72 -20.64
C TRP A 106 -37.05 -52.86 -21.60
N TYR A 107 -37.91 -53.88 -21.63
CA TYR A 107 -37.70 -55.00 -22.52
C TYR A 107 -37.96 -54.63 -23.97
N SER A 108 -38.84 -53.65 -24.21
CA SER A 108 -39.14 -53.25 -25.57
C SER A 108 -38.12 -52.24 -26.09
N ALA A 109 -37.76 -51.26 -25.26
CA ALA A 109 -36.85 -50.21 -25.70
C ALA A 109 -35.46 -50.77 -25.98
N VAL A 110 -35.05 -51.79 -25.25
CA VAL A 110 -33.72 -52.36 -25.44
C VAL A 110 -33.62 -53.03 -26.80
N LYS A 111 -34.70 -53.68 -27.23
CA LYS A 111 -34.66 -54.51 -28.42
C LYS A 111 -34.37 -53.68 -29.67
N VAL A 112 -34.85 -52.44 -29.69
CA VAL A 112 -34.64 -51.59 -30.85
C VAL A 112 -33.17 -51.20 -30.96
N GLU A 113 -32.55 -50.85 -29.84
CA GLU A 113 -31.21 -50.30 -29.88
C GLU A 113 -30.13 -51.35 -30.11
N TYR A 114 -30.45 -52.64 -29.89
CA TYR A 114 -29.64 -53.71 -30.45
C TYR A 114 -30.12 -54.13 -31.82
N ASP A 115 -31.38 -53.84 -32.16
CA ASP A 115 -31.93 -54.08 -33.49
C ASP A 115 -31.89 -55.56 -33.84
N LEU A 116 -32.46 -56.37 -32.95
CA LEU A 116 -32.55 -57.82 -33.15
C LEU A 116 -33.92 -58.23 -33.69
N ASN A 117 -34.99 -57.87 -32.98
CA ASN A 117 -36.35 -58.24 -33.35
C ASN A 117 -36.48 -59.75 -33.53
N ASP A 118 -35.88 -60.49 -32.60
CA ASP A 118 -35.84 -61.94 -32.70
C ASP A 118 -35.67 -62.51 -31.29
N GLU A 119 -35.98 -63.79 -31.16
CA GLU A 119 -35.97 -64.46 -29.86
C GLU A 119 -34.58 -64.88 -29.40
N GLN A 120 -33.52 -64.32 -29.99
CA GLN A 120 -32.20 -64.38 -29.37
C GLN A 120 -32.13 -63.55 -28.09
N MET A 121 -33.13 -62.69 -27.86
CA MET A 121 -33.15 -61.83 -26.68
C MET A 121 -33.08 -62.64 -25.40
N GLY A 122 -33.68 -63.83 -25.39
CA GLY A 122 -33.61 -64.67 -24.21
C GLY A 122 -32.18 -65.02 -23.83
N VAL A 123 -31.33 -65.23 -24.83
CA VAL A 123 -29.93 -65.53 -24.56
C VAL A 123 -29.22 -64.28 -24.02
N ILE A 124 -29.47 -63.13 -24.65
CA ILE A 124 -28.77 -61.91 -24.27
C ILE A 124 -29.14 -61.51 -22.86
N MET A 125 -30.43 -61.60 -22.53
CA MET A 125 -30.89 -61.35 -21.17
C MET A 125 -30.18 -62.28 -20.20
N ASN A 126 -30.13 -63.56 -20.55
CA ASN A 126 -29.46 -64.53 -19.69
C ASN A 126 -27.96 -64.25 -19.61
N GLY A 127 -27.36 -63.85 -20.72
CA GLY A 127 -25.96 -63.47 -20.71
C GLY A 127 -25.66 -62.26 -19.87
N PHE A 128 -26.67 -61.49 -19.49
CA PHE A 128 -26.45 -60.31 -18.67
C PHE A 128 -26.46 -60.66 -17.18
N MET A 129 -27.36 -61.56 -16.76
CA MET A 129 -27.57 -61.74 -15.33
C MET A 129 -26.37 -62.38 -14.65
N VAL A 130 -25.71 -63.31 -15.33
CA VAL A 130 -24.53 -63.94 -14.74
C VAL A 130 -23.44 -62.90 -14.54
N TRP A 131 -23.22 -62.06 -15.55
CA TRP A 131 -22.28 -60.96 -15.39
C TRP A 131 -22.76 -59.99 -14.34
N CYS A 132 -24.08 -59.81 -14.22
CA CYS A 132 -24.63 -58.95 -13.21
C CYS A 132 -24.36 -59.46 -11.80
N ILE A 133 -24.15 -60.76 -11.65
CA ILE A 133 -23.70 -61.30 -10.38
C ILE A 133 -22.25 -60.91 -10.12
N ASP A 134 -21.36 -61.38 -10.98
CA ASP A 134 -19.94 -61.41 -10.71
C ASP A 134 -19.28 -60.04 -10.72
N ASN A 135 -20.03 -58.97 -10.95
CA ASN A 135 -19.53 -57.63 -10.71
C ASN A 135 -20.68 -56.79 -10.17
N GLY A 136 -20.31 -55.63 -9.64
CA GLY A 136 -21.27 -54.80 -8.98
C GLY A 136 -22.32 -54.26 -9.92
N THR A 137 -23.38 -53.73 -9.32
CA THR A 137 -24.45 -53.06 -10.04
C THR A 137 -24.61 -51.66 -9.47
N SER A 138 -24.19 -50.66 -10.24
CA SER A 138 -24.32 -49.27 -9.84
C SER A 138 -24.31 -48.42 -11.09
N PRO A 139 -24.88 -47.23 -11.05
CA PRO A 139 -24.87 -46.38 -12.25
C PRO A 139 -23.48 -46.00 -12.73
N ASP A 140 -22.47 -46.09 -11.87
CA ASP A 140 -21.11 -45.69 -12.24
C ASP A 140 -20.33 -46.87 -12.79
N VAL A 141 -20.89 -47.49 -13.83
CA VAL A 141 -20.20 -48.49 -14.64
C VAL A 141 -19.95 -47.89 -16.01
N ASN A 142 -18.82 -48.25 -16.59
CA ASN A 142 -18.50 -47.91 -17.95
C ASN A 142 -17.71 -49.05 -18.57
N GLY A 143 -17.46 -48.92 -19.86
CA GLY A 143 -16.75 -49.94 -20.59
C GLY A 143 -17.72 -50.86 -21.29
N VAL A 144 -17.56 -52.17 -21.09
CA VAL A 144 -18.29 -53.19 -21.82
C VAL A 144 -18.68 -54.30 -20.86
N TRP A 145 -19.41 -55.27 -21.41
CA TRP A 145 -19.69 -56.52 -20.72
C TRP A 145 -19.66 -57.65 -21.73
N VAL A 146 -19.76 -58.88 -21.24
CA VAL A 146 -19.42 -60.02 -22.08
C VAL A 146 -20.08 -61.27 -21.52
N MET A 147 -20.53 -62.12 -22.44
CA MET A 147 -20.72 -63.54 -22.23
C MET A 147 -19.82 -64.29 -23.21
N MET A 148 -19.59 -65.57 -22.94
CA MET A 148 -18.71 -66.39 -23.75
C MET A 148 -19.43 -67.63 -24.26
N ASP A 149 -18.92 -68.15 -25.36
CA ASP A 149 -19.40 -69.39 -25.97
C ASP A 149 -18.19 -70.14 -26.50
N GLY A 150 -18.03 -71.39 -26.11
CA GLY A 150 -16.84 -72.12 -26.49
C GLY A 150 -15.63 -71.65 -25.72
N GLU A 151 -14.76 -70.89 -26.38
CA GLU A 151 -13.56 -70.34 -25.74
C GLU A 151 -13.33 -68.86 -26.01
N GLU A 152 -14.10 -68.23 -26.89
CA GLU A 152 -13.86 -66.83 -27.22
C GLU A 152 -14.62 -65.91 -26.25
N GLN A 153 -14.53 -64.60 -26.52
CA GLN A 153 -14.92 -63.56 -25.57
C GLN A 153 -15.79 -62.52 -26.30
N VAL A 154 -16.87 -63.00 -26.93
CA VAL A 154 -17.77 -62.14 -27.69
C VAL A 154 -18.40 -61.10 -26.79
N GLU A 155 -18.04 -59.83 -27.00
CA GLU A 155 -18.41 -58.74 -26.13
C GLU A 155 -19.57 -57.93 -26.71
N TYR A 156 -19.98 -56.91 -25.95
CA TYR A 156 -21.13 -56.09 -26.29
C TYR A 156 -20.92 -54.71 -25.67
N PRO A 157 -21.75 -53.73 -26.02
CA PRO A 157 -21.72 -52.45 -25.32
C PRO A 157 -22.55 -52.51 -24.03
N LEU A 158 -22.49 -51.41 -23.28
CA LEU A 158 -22.93 -51.37 -21.90
C LEU A 158 -23.90 -50.24 -21.61
N LYS A 159 -23.79 -49.14 -22.36
CA LYS A 159 -24.56 -47.94 -22.06
C LYS A 159 -26.07 -48.15 -22.11
N PRO A 160 -26.67 -48.60 -23.22
CA PRO A 160 -28.12 -48.46 -23.38
C PRO A 160 -28.94 -49.24 -22.38
N ILE A 161 -28.41 -50.30 -21.78
CA ILE A 161 -29.13 -50.99 -20.71
C ILE A 161 -29.33 -50.05 -19.53
N VAL A 162 -28.29 -49.29 -19.19
CA VAL A 162 -28.36 -48.44 -18.01
C VAL A 162 -29.23 -47.23 -18.28
N GLU A 163 -28.85 -46.43 -19.28
CA GLU A 163 -29.48 -45.12 -19.45
C GLU A 163 -30.95 -45.22 -19.83
N ASN A 164 -31.36 -46.29 -20.51
CA ASN A 164 -32.78 -46.56 -20.73
C ASN A 164 -33.34 -47.47 -19.66
N ALA A 165 -33.05 -47.13 -18.40
CA ALA A 165 -33.62 -47.80 -17.23
C ALA A 165 -34.33 -46.71 -16.43
N LYS A 166 -35.65 -46.81 -16.35
CA LYS A 166 -36.43 -45.62 -15.98
C LYS A 166 -36.19 -45.22 -14.53
N PRO A 167 -36.51 -46.04 -13.53
CA PRO A 167 -35.81 -45.88 -12.25
C PRO A 167 -34.45 -46.53 -12.34
N THR A 168 -33.72 -46.61 -11.22
CA THR A 168 -32.35 -47.12 -11.26
C THR A 168 -32.35 -48.60 -11.63
N LEU A 169 -31.14 -49.16 -11.72
CA LEU A 169 -30.98 -50.50 -12.27
C LEU A 169 -31.50 -51.55 -11.31
N ARG A 170 -30.96 -51.57 -10.09
CA ARG A 170 -31.36 -52.58 -9.10
C ARG A 170 -32.85 -52.52 -8.83
N GLN A 171 -33.42 -51.32 -8.84
CA GLN A 171 -34.86 -51.11 -8.70
C GLN A 171 -35.65 -51.87 -9.77
N ILE A 172 -35.03 -52.24 -10.88
CA ILE A 172 -35.61 -53.16 -11.84
C ILE A 172 -35.27 -54.60 -11.50
N MET A 173 -34.00 -54.85 -11.16
CA MET A 173 -33.46 -56.20 -11.16
C MET A 173 -33.80 -56.99 -9.90
N HIS A 174 -34.67 -56.49 -9.03
CA HIS A 174 -35.14 -57.35 -7.94
C HIS A 174 -36.06 -58.45 -8.42
N HIS A 175 -36.53 -58.41 -9.67
CA HIS A 175 -37.36 -59.48 -10.19
C HIS A 175 -36.60 -60.80 -10.17
N PHE A 176 -35.35 -60.76 -10.64
CA PHE A 176 -34.51 -61.94 -10.65
C PHE A 176 -34.07 -62.29 -9.23
N SER A 177 -34.83 -63.16 -8.57
CA SER A 177 -34.48 -63.65 -7.25
C SER A 177 -34.30 -65.16 -7.24
N ASP A 178 -35.28 -65.90 -7.75
CA ASP A 178 -35.22 -67.35 -7.73
C ASP A 178 -34.40 -67.91 -8.87
N ALA A 179 -34.30 -67.16 -9.97
CA ALA A 179 -33.54 -67.64 -11.11
C ALA A 179 -32.07 -67.82 -10.75
N ALA A 180 -31.41 -66.72 -10.39
CA ALA A 180 -30.00 -66.80 -10.02
C ALA A 180 -29.79 -67.68 -8.80
N GLU A 181 -30.78 -67.75 -7.92
CA GLU A 181 -30.71 -68.64 -6.77
C GLU A 181 -30.49 -70.08 -7.20
N ALA A 182 -31.38 -70.61 -8.03
CA ALA A 182 -31.24 -71.98 -8.50
C ALA A 182 -29.96 -72.14 -9.31
N TYR A 183 -29.55 -71.08 -10.00
CA TYR A 183 -28.36 -71.15 -10.84
C TYR A 183 -27.12 -71.47 -9.98
N ILE A 184 -26.86 -70.66 -8.96
CA ILE A 184 -25.69 -70.90 -8.14
C ILE A 184 -25.88 -72.13 -7.27
N GLU A 185 -27.13 -72.57 -7.07
CA GLU A 185 -27.36 -73.79 -6.30
C GLU A 185 -26.73 -74.98 -7.00
N MET A 186 -27.05 -75.17 -8.29
CA MET A 186 -26.55 -76.35 -8.98
C MET A 186 -25.05 -76.25 -9.24
N ARG A 187 -24.58 -75.07 -9.62
CA ARG A 187 -23.15 -74.89 -9.82
C ARG A 187 -22.39 -75.08 -8.52
N ASN A 188 -23.03 -74.81 -7.38
CA ASN A 188 -22.43 -75.16 -6.10
C ASN A 188 -22.54 -76.65 -5.83
N SER A 189 -23.57 -77.30 -6.39
CA SER A 189 -23.71 -78.74 -6.21
C SER A 189 -22.54 -79.49 -6.83
N GLU A 190 -22.24 -79.19 -8.10
CA GLU A 190 -21.09 -79.81 -8.74
C GLU A 190 -19.82 -79.38 -8.03
N SER A 191 -19.47 -78.11 -8.16
CA SER A 191 -18.17 -77.59 -7.78
C SER A 191 -18.34 -76.47 -6.76
N PRO A 192 -17.28 -76.12 -6.03
CA PRO A 192 -17.41 -75.11 -4.97
C PRO A 192 -17.44 -73.68 -5.48
N TYR A 193 -18.63 -73.20 -5.83
CA TYR A 193 -18.81 -71.90 -6.44
C TYR A 193 -19.03 -70.81 -5.38
N MET A 194 -18.58 -69.60 -5.71
CA MET A 194 -18.88 -68.42 -4.92
C MET A 194 -18.76 -67.21 -5.83
N PRO A 195 -19.67 -66.23 -5.75
CA PRO A 195 -19.51 -65.03 -6.58
C PRO A 195 -18.33 -64.15 -6.19
N ARG A 196 -18.25 -62.99 -6.83
CA ARG A 196 -17.27 -61.97 -6.46
C ARG A 196 -17.79 -61.06 -5.36
N TYR A 197 -19.09 -60.78 -5.33
CA TYR A 197 -19.68 -59.96 -4.29
C TYR A 197 -19.48 -60.53 -2.90
N GLY A 198 -19.23 -61.84 -2.79
CA GLY A 198 -18.95 -62.46 -1.53
C GLY A 198 -17.47 -62.52 -1.24
N LEU A 199 -16.69 -62.96 -2.24
CA LEU A 199 -15.25 -63.05 -2.04
C LEU A 199 -14.61 -61.70 -1.79
N LEU A 200 -15.23 -60.64 -2.25
CA LEU A 200 -14.76 -59.32 -1.91
C LEU A 200 -15.02 -58.98 -0.45
N ARG A 201 -15.90 -59.72 0.22
CA ARG A 201 -16.25 -59.48 1.62
C ARG A 201 -16.01 -60.69 2.51
N ASN A 202 -15.40 -61.75 1.96
CA ASN A 202 -14.68 -62.76 2.74
C ASN A 202 -15.61 -63.47 3.74
N LEU A 203 -16.56 -64.21 3.18
CA LEU A 203 -17.33 -65.15 3.97
C LEU A 203 -16.52 -66.42 4.20
N ARG A 204 -16.69 -67.01 5.38
CA ARG A 204 -16.09 -68.30 5.70
C ARG A 204 -17.04 -69.45 5.45
N ASP A 205 -18.34 -69.24 5.60
CA ASP A 205 -19.24 -70.37 5.42
C ASP A 205 -19.56 -70.52 3.95
N ARG A 206 -19.07 -71.61 3.39
CA ARG A 206 -19.32 -71.96 2.00
C ARG A 206 -20.81 -72.14 1.72
N GLU A 207 -21.62 -72.34 2.75
CA GLU A 207 -23.01 -72.73 2.57
C GLU A 207 -23.90 -71.55 2.19
N LEU A 208 -23.55 -70.34 2.60
CA LEU A 208 -24.39 -69.16 2.39
C LEU A 208 -24.05 -68.42 1.10
N ALA A 209 -23.58 -69.12 0.08
CA ALA A 209 -23.46 -68.50 -1.23
C ALA A 209 -24.83 -68.18 -1.80
N ARG A 210 -25.86 -68.88 -1.35
CA ARG A 210 -27.22 -68.66 -1.82
C ARG A 210 -27.69 -67.22 -1.63
N TYR A 211 -27.13 -66.52 -0.66
CA TYR A 211 -27.61 -65.20 -0.26
C TYR A 211 -26.54 -64.14 -0.48
N ALA A 212 -25.87 -64.20 -1.64
CA ALA A 212 -24.82 -63.24 -1.99
C ALA A 212 -25.13 -62.65 -3.36
N PHE A 213 -25.73 -61.48 -3.35
CA PHE A 213 -26.01 -60.73 -4.57
C PHE A 213 -25.98 -59.24 -4.22
N ASP A 214 -25.86 -58.43 -5.26
CA ASP A 214 -26.37 -57.07 -5.17
C ASP A 214 -27.88 -57.08 -5.10
N PHE A 215 -28.51 -57.74 -6.06
CA PHE A 215 -29.96 -57.82 -6.15
C PHE A 215 -30.42 -59.10 -5.47
N TYR A 216 -31.17 -58.94 -4.39
CA TYR A 216 -31.84 -60.07 -3.74
C TYR A 216 -32.96 -59.51 -2.89
N GLU A 217 -34.16 -60.04 -3.09
CA GLU A 217 -35.37 -59.48 -2.54
C GLU A 217 -35.80 -60.30 -1.34
N VAL A 218 -35.77 -59.66 -0.17
CA VAL A 218 -36.22 -60.31 1.05
C VAL A 218 -37.69 -60.65 0.92
N THR A 219 -38.09 -61.73 1.58
CA THR A 219 -39.48 -62.12 1.69
C THR A 219 -39.72 -62.57 3.11
N SER A 220 -40.95 -63.00 3.39
CA SER A 220 -41.28 -63.63 4.65
C SER A 220 -40.88 -65.10 4.68
N LYS A 221 -40.23 -65.61 3.64
CA LYS A 221 -39.91 -67.02 3.54
C LYS A 221 -38.52 -67.36 4.06
N THR A 222 -37.60 -66.41 4.11
CA THR A 222 -36.22 -66.72 4.42
C THR A 222 -36.09 -67.22 5.84
N PRO A 223 -35.02 -67.95 6.15
CA PRO A 223 -34.73 -68.31 7.54
C PRO A 223 -34.10 -67.14 8.28
N ASN A 224 -33.98 -67.33 9.59
CA ASN A 224 -33.50 -66.30 10.48
C ASN A 224 -31.98 -66.24 10.59
N ARG A 225 -31.25 -66.93 9.71
CA ARG A 225 -29.79 -66.95 9.74
C ARG A 225 -29.21 -66.01 8.69
N ALA A 226 -29.56 -66.21 7.43
CA ALA A 226 -29.03 -65.36 6.38
C ALA A 226 -29.53 -63.92 6.50
N ARG A 227 -30.67 -63.73 7.15
CA ARG A 227 -31.22 -62.39 7.32
C ARG A 227 -30.27 -61.50 8.11
N GLU A 228 -29.46 -62.09 8.99
CA GLU A 228 -28.45 -61.31 9.70
C GLU A 228 -27.27 -60.99 8.80
N ALA A 229 -26.78 -61.97 8.07
CA ALA A 229 -25.55 -61.80 7.30
C ALA A 229 -25.71 -60.76 6.21
N ILE A 230 -26.89 -60.69 5.59
CA ILE A 230 -27.12 -59.71 4.55
C ILE A 230 -26.95 -58.31 5.10
N ALA A 231 -27.59 -58.02 6.24
CA ALA A 231 -27.54 -56.69 6.80
C ALA A 231 -26.13 -56.31 7.21
N GLN A 232 -25.33 -57.30 7.62
CA GLN A 232 -23.94 -57.01 7.93
C GLN A 232 -23.19 -56.58 6.68
N MET A 233 -23.48 -57.20 5.54
CA MET A 233 -22.83 -56.80 4.30
C MET A 233 -23.20 -55.37 3.93
N LYS A 234 -24.50 -55.08 3.93
CA LYS A 234 -24.97 -53.76 3.51
C LYS A 234 -24.40 -52.66 4.39
N ALA A 235 -24.19 -52.94 5.67
CA ALA A 235 -23.64 -51.95 6.57
C ALA A 235 -22.13 -51.87 6.47
N ALA A 236 -21.47 -52.98 6.13
CA ALA A 236 -20.03 -52.98 6.04
C ALA A 236 -19.55 -52.25 4.80
N ALA A 237 -20.34 -52.28 3.73
CA ALA A 237 -19.96 -51.71 2.46
C ALA A 237 -20.38 -50.27 2.30
N LEU A 238 -20.86 -49.62 3.37
CA LEU A 238 -21.26 -48.23 3.32
C LEU A 238 -20.81 -47.55 4.60
N ALA A 239 -19.78 -46.71 4.50
CA ALA A 239 -19.27 -45.97 5.64
C ALA A 239 -18.37 -44.88 5.11
N GLY A 240 -18.54 -43.68 5.65
CA GLY A 240 -17.82 -42.51 5.19
C GLY A 240 -18.47 -41.77 4.05
N ILE A 241 -19.38 -42.43 3.31
CA ILE A 241 -20.07 -41.77 2.21
C ILE A 241 -20.96 -40.69 2.82
N ASN A 242 -20.64 -39.43 2.53
CA ASN A 242 -21.41 -38.29 2.99
C ASN A 242 -22.32 -37.85 1.85
N SER A 243 -23.62 -37.86 2.11
CA SER A 243 -24.60 -37.71 1.04
C SER A 243 -24.48 -36.36 0.35
N ARG A 244 -24.75 -35.27 1.06
CA ARG A 244 -24.53 -33.92 0.53
C ARG A 244 -25.33 -33.68 -0.75
N LEU A 245 -26.66 -33.59 -0.55
CA LEU A 245 -27.59 -33.63 -1.67
C LEU A 245 -27.33 -32.58 -2.74
N PHE A 246 -26.62 -31.50 -2.41
CA PHE A 246 -26.22 -30.52 -3.40
C PHE A 246 -24.90 -30.91 -4.04
N GLY A 247 -24.74 -30.52 -5.30
CA GLY A 247 -23.52 -30.75 -6.04
C GLY A 247 -22.70 -29.48 -6.07
N LEU A 248 -22.78 -28.74 -7.17
CA LEU A 248 -22.25 -27.39 -7.23
C LEU A 248 -23.19 -26.51 -8.04
N ASP A 249 -23.25 -25.24 -7.66
CA ASP A 249 -24.04 -24.25 -8.35
C ASP A 249 -23.32 -23.79 -9.61
N GLY A 250 -24.09 -23.46 -10.64
CA GLY A 250 -23.52 -22.97 -11.87
C GLY A 250 -23.28 -21.48 -11.86
N ASN A 251 -24.09 -20.73 -11.12
CA ASN A 251 -23.97 -19.28 -11.09
C ASN A 251 -22.70 -18.90 -10.33
N ILE A 252 -21.77 -18.28 -11.05
CA ILE A 252 -20.58 -17.68 -10.48
C ILE A 252 -20.73 -16.17 -10.58
N SER A 253 -20.25 -15.47 -9.56
CA SER A 253 -20.01 -14.02 -9.66
C SER A 253 -18.78 -13.74 -8.80
N THR A 254 -17.61 -13.83 -9.44
CA THR A 254 -16.38 -13.43 -8.76
C THR A 254 -16.22 -11.92 -8.75
N ASN A 255 -16.77 -11.24 -9.75
CA ASN A 255 -16.72 -9.79 -9.84
C ASN A 255 -17.91 -9.32 -10.65
N SER A 256 -18.63 -8.33 -10.11
CA SER A 256 -19.84 -7.85 -10.76
C SER A 256 -19.52 -7.27 -12.14
N GLU A 257 -20.58 -7.13 -12.94
CA GLU A 257 -20.43 -6.63 -14.29
C GLU A 257 -20.15 -5.14 -14.28
N ASN A 258 -19.24 -4.71 -15.18
CA ASN A 258 -18.68 -3.36 -15.08
C ASN A 258 -19.66 -2.31 -15.57
N THR A 259 -20.05 -2.36 -16.85
CA THR A 259 -20.95 -1.38 -17.47
C THR A 259 -20.38 0.03 -17.37
N GLU A 260 -19.23 0.22 -18.01
CA GLU A 260 -18.65 1.54 -18.17
C GLU A 260 -17.95 1.61 -19.53
N ARG A 261 -17.52 2.82 -19.90
CA ARG A 261 -17.09 3.14 -21.24
C ARG A 261 -15.60 3.47 -21.28
N HIS A 262 -15.13 3.83 -22.47
CA HIS A 262 -13.78 4.34 -22.69
C HIS A 262 -13.83 5.36 -23.81
N THR A 263 -13.01 6.40 -23.68
CA THR A 263 -12.81 7.38 -24.74
C THR A 263 -11.32 7.69 -24.83
N ALA A 264 -10.96 8.54 -25.78
CA ALA A 264 -9.58 8.95 -25.95
C ALA A 264 -9.18 9.97 -24.89
N PRO C 58 -38.22 -92.72 -10.56
CA PRO C 58 -38.62 -91.54 -11.35
C PRO C 58 -37.62 -90.40 -11.23
N ARG C 59 -37.41 -89.68 -12.33
CA ARG C 59 -36.37 -88.67 -12.44
C ARG C 59 -36.92 -87.43 -13.13
N LEU C 60 -36.24 -86.31 -12.91
CA LEU C 60 -36.59 -85.05 -13.54
C LEU C 60 -35.37 -84.14 -13.51
N GLN C 61 -35.56 -82.91 -13.99
CA GLN C 61 -34.50 -81.92 -14.09
C GLN C 61 -34.70 -80.82 -13.08
N LYS C 62 -33.60 -80.11 -12.80
CA LYS C 62 -33.58 -79.14 -11.70
C LYS C 62 -34.59 -78.02 -11.92
N ILE C 63 -34.40 -77.22 -12.97
CA ILE C 63 -35.37 -76.19 -13.32
C ILE C 63 -36.60 -76.86 -13.91
N THR C 64 -37.76 -76.23 -13.68
CA THR C 64 -39.01 -76.65 -14.29
C THR C 64 -39.74 -75.42 -14.82
N LYS C 65 -40.50 -75.62 -15.90
CA LYS C 65 -41.26 -74.52 -16.49
C LYS C 65 -42.23 -73.90 -15.51
N LYS C 66 -42.73 -74.69 -14.55
CA LYS C 66 -43.72 -74.19 -13.60
C LYS C 66 -43.12 -73.36 -12.49
N MET C 67 -41.79 -73.20 -12.45
CA MET C 67 -41.18 -72.26 -11.53
C MET C 67 -41.64 -70.85 -11.85
N ASN C 68 -41.68 -70.00 -10.84
CA ASN C 68 -42.04 -68.60 -11.04
C ASN C 68 -40.92 -67.89 -11.79
N LEU C 69 -41.31 -67.10 -12.78
CA LEU C 69 -40.37 -66.57 -13.77
C LEU C 69 -40.94 -65.27 -14.31
N PRO C 70 -40.17 -64.54 -15.13
CA PRO C 70 -40.69 -63.28 -15.70
C PRO C 70 -41.86 -63.50 -16.66
N THR C 71 -42.74 -62.49 -16.70
CA THR C 71 -44.03 -62.58 -17.39
C THR C 71 -44.37 -61.30 -18.16
N VAL C 72 -43.47 -60.86 -19.06
CA VAL C 72 -43.78 -59.72 -19.92
C VAL C 72 -45.10 -59.94 -20.64
N GLY C 73 -45.15 -60.97 -21.47
CA GLY C 73 -46.39 -61.43 -22.04
C GLY C 73 -47.04 -62.49 -21.19
N GLY C 74 -48.36 -62.59 -21.28
CA GLY C 74 -49.05 -63.63 -20.57
C GLY C 74 -48.60 -65.03 -20.98
N LYS C 75 -48.16 -65.17 -22.23
CA LYS C 75 -47.70 -66.45 -22.77
C LYS C 75 -46.18 -66.58 -22.74
N ILE C 76 -45.48 -65.67 -23.41
CA ILE C 76 -44.08 -65.91 -23.74
C ILE C 76 -43.21 -65.67 -22.51
N ILE C 77 -42.22 -66.53 -22.34
CA ILE C 77 -41.24 -66.46 -21.27
C ILE C 77 -39.93 -66.01 -21.86
N LEU C 78 -39.14 -65.31 -21.06
CA LEU C 78 -37.92 -64.67 -21.54
C LEU C 78 -36.71 -65.57 -21.37
N SER C 79 -36.51 -66.08 -20.16
CA SER C 79 -35.41 -67.00 -19.90
C SER C 79 -35.69 -68.37 -20.48
N LEU C 80 -35.21 -68.62 -21.70
CA LEU C 80 -35.43 -69.92 -22.32
C LEU C 80 -34.72 -71.02 -21.56
N ASP C 81 -35.44 -72.09 -21.27
CA ASP C 81 -34.91 -73.19 -20.45
C ASP C 81 -34.00 -74.06 -21.31
N HIS C 82 -32.79 -73.54 -21.53
CA HIS C 82 -31.69 -74.30 -22.11
C HIS C 82 -30.42 -74.08 -21.29
N LEU C 83 -30.59 -73.78 -20.00
CA LEU C 83 -29.48 -73.45 -19.12
C LEU C 83 -28.84 -74.68 -18.51
N LEU C 84 -29.46 -75.85 -18.65
CA LEU C 84 -28.95 -77.07 -18.07
C LEU C 84 -27.57 -77.42 -18.59
N GLU C 85 -27.22 -76.95 -19.79
CA GLU C 85 -25.86 -77.02 -20.32
C GLU C 85 -25.46 -75.59 -20.66
N TYR C 86 -25.05 -74.85 -19.64
CA TYR C 86 -24.39 -73.55 -19.80
C TYR C 86 -23.45 -73.41 -18.60
N LYS C 87 -22.22 -73.84 -18.79
CA LYS C 87 -21.24 -73.95 -17.71
C LYS C 87 -19.92 -73.36 -18.15
N PRO C 88 -19.88 -72.05 -18.36
CA PRO C 88 -18.59 -71.40 -18.66
C PRO C 88 -17.69 -71.40 -17.44
N ASN C 89 -16.39 -71.51 -17.70
CA ASN C 89 -15.43 -71.35 -16.62
C ASN C 89 -15.58 -69.95 -16.02
N GLN C 90 -15.69 -69.91 -14.70
CA GLN C 90 -16.14 -68.70 -14.04
C GLN C 90 -15.19 -67.54 -14.26
N VAL C 91 -13.89 -67.81 -14.11
CA VAL C 91 -12.91 -66.75 -14.06
C VAL C 91 -12.81 -65.99 -15.38
N ASP C 92 -13.24 -66.61 -16.48
CA ASP C 92 -13.16 -65.95 -17.78
C ASP C 92 -14.16 -64.80 -17.93
N LEU C 93 -15.06 -64.61 -16.96
CA LEU C 93 -16.20 -63.71 -17.11
C LEU C 93 -16.05 -62.41 -16.34
N PHE C 94 -15.05 -62.28 -15.47
CA PHE C 94 -14.92 -61.10 -14.63
C PHE C 94 -14.61 -59.86 -15.46
N ASN C 95 -14.65 -58.71 -14.78
CA ASN C 95 -14.20 -57.44 -15.31
C ASN C 95 -12.75 -57.12 -14.95
N THR C 96 -12.26 -57.66 -13.83
CA THR C 96 -10.90 -57.37 -13.39
C THR C 96 -9.84 -57.97 -14.28
N ARG C 97 -10.19 -58.89 -15.17
CA ARG C 97 -9.29 -59.38 -16.19
C ARG C 97 -9.54 -58.63 -17.49
N ALA C 98 -8.48 -58.49 -18.29
CA ALA C 98 -8.61 -57.92 -19.61
C ALA C 98 -9.41 -58.86 -20.52
N THR C 99 -9.57 -58.44 -21.76
CA THR C 99 -10.25 -59.25 -22.75
C THR C 99 -9.27 -60.20 -23.43
N LYS C 100 -9.82 -61.16 -24.18
CA LYS C 100 -8.99 -62.00 -25.03
C LYS C 100 -8.33 -61.17 -26.12
N THR C 101 -8.98 -60.09 -26.55
CA THR C 101 -8.45 -59.24 -27.60
C THR C 101 -7.20 -58.51 -27.14
N GLN C 102 -7.32 -57.77 -26.03
CA GLN C 102 -6.23 -56.90 -25.60
C GLN C 102 -4.98 -57.69 -25.27
N PHE C 103 -5.14 -58.89 -24.70
CA PHE C 103 -4.00 -59.75 -24.45
C PHE C 103 -3.31 -60.12 -25.76
N GLU C 104 -4.10 -60.35 -26.81
CA GLU C 104 -3.53 -60.71 -28.10
C GLU C 104 -2.73 -59.55 -28.68
N SER C 105 -3.34 -58.37 -28.76
CA SER C 105 -2.67 -57.23 -29.37
C SER C 105 -1.42 -56.84 -28.58
N TRP C 106 -1.47 -56.97 -27.26
CA TRP C 106 -0.29 -56.72 -26.44
C TRP C 106 0.84 -57.64 -26.86
N TYR C 107 0.51 -58.91 -27.13
CA TYR C 107 1.54 -59.86 -27.54
C TYR C 107 2.04 -59.59 -28.95
N SER C 108 1.21 -59.00 -29.79
CA SER C 108 1.63 -58.71 -31.16
C SER C 108 2.38 -57.39 -31.25
N ALA C 109 1.88 -56.36 -30.57
CA ALA C 109 2.50 -55.05 -30.64
C ALA C 109 3.88 -55.04 -30.02
N VAL C 110 4.09 -55.85 -28.99
CA VAL C 110 5.40 -55.88 -28.33
C VAL C 110 6.46 -56.45 -29.27
N LYS C 111 6.08 -57.45 -30.07
CA LYS C 111 7.05 -58.18 -30.86
C LYS C 111 7.72 -57.29 -31.90
N VAL C 112 6.98 -56.31 -32.42
CA VAL C 112 7.53 -55.42 -33.42
C VAL C 112 8.59 -54.51 -32.81
N GLU C 113 8.32 -53.97 -31.63
CA GLU C 113 9.19 -52.96 -31.05
C GLU C 113 10.47 -53.54 -30.47
N TYR C 114 10.50 -54.85 -30.20
CA TYR C 114 11.77 -55.55 -30.01
C TYR C 114 12.32 -56.10 -31.31
N ASP C 115 11.46 -56.29 -32.32
CA ASP C 115 11.87 -56.68 -33.67
C ASP C 115 12.57 -58.04 -33.64
N LEU C 116 11.88 -59.02 -33.05
CA LEU C 116 12.37 -60.39 -32.98
C LEU C 116 11.77 -61.27 -34.07
N ASN C 117 10.44 -61.36 -34.12
CA ASN C 117 9.73 -62.20 -35.08
C ASN C 117 10.21 -63.65 -34.99
N ASP C 118 10.36 -64.13 -33.76
CA ASP C 118 10.92 -65.45 -33.53
C ASP C 118 10.42 -65.94 -32.18
N GLU C 119 10.51 -67.24 -31.98
CA GLU C 119 9.99 -67.88 -30.77
C GLU C 119 10.92 -67.76 -29.57
N GLN C 120 11.89 -66.85 -29.61
CA GLN C 120 12.56 -66.42 -28.38
C GLN C 120 11.62 -65.65 -27.45
N MET C 121 10.46 -65.22 -27.96
CA MET C 121 9.51 -64.44 -27.17
C MET C 121 9.09 -65.19 -25.91
N GLY C 122 8.99 -66.52 -26.00
CA GLY C 122 8.64 -67.30 -24.82
C GLY C 122 9.63 -67.11 -23.68
N VAL C 123 10.91 -66.96 -24.01
CA VAL C 123 11.91 -66.72 -22.97
C VAL C 123 11.75 -65.32 -22.41
N ILE C 124 11.57 -64.33 -23.29
CA ILE C 124 11.50 -62.93 -22.85
C ILE C 124 10.28 -62.73 -21.95
N MET C 125 9.13 -63.29 -22.37
CA MET C 125 7.94 -63.25 -21.53
C MET C 125 8.23 -63.87 -20.18
N ASN C 126 8.87 -65.03 -20.17
CA ASN C 126 9.20 -65.70 -18.93
C ASN C 126 10.20 -64.90 -18.12
N GLY C 127 11.16 -64.27 -18.79
CA GLY C 127 12.10 -63.41 -18.10
C GLY C 127 11.47 -62.18 -17.49
N PHE C 128 10.24 -61.85 -17.87
CA PHE C 128 9.57 -60.69 -17.31
C PHE C 128 8.83 -61.03 -16.03
N MET C 129 8.20 -62.21 -15.98
CA MET C 129 7.27 -62.47 -14.89
C MET C 129 8.01 -62.64 -13.56
N VAL C 130 9.19 -63.26 -13.57
CA VAL C 130 9.95 -63.41 -12.34
C VAL C 130 10.34 -62.04 -11.80
N TRP C 131 10.82 -61.17 -12.69
CA TRP C 131 11.09 -59.80 -12.27
C TRP C 131 9.82 -59.09 -11.85
N CYS C 132 8.70 -59.42 -12.49
CA CYS C 132 7.42 -58.83 -12.13
C CYS C 132 7.00 -59.23 -10.72
N ILE C 133 7.49 -60.37 -10.22
CA ILE C 133 7.26 -60.71 -8.83
C ILE C 133 8.10 -59.82 -7.93
N ASP C 134 9.42 -59.91 -8.08
CA ASP C 134 10.36 -59.41 -7.08
C ASP C 134 10.43 -57.90 -7.01
N ASN C 135 9.66 -57.19 -7.81
CA ASN C 135 9.48 -55.76 -7.61
C ASN C 135 8.04 -55.41 -7.95
N GLY C 136 7.66 -54.22 -7.54
CA GLY C 136 6.28 -53.81 -7.67
C GLY C 136 5.85 -53.68 -9.11
N THR C 137 4.54 -53.58 -9.29
CA THR C 137 3.92 -53.35 -10.59
C THR C 137 3.05 -52.11 -10.47
N SER C 138 3.48 -51.02 -11.09
CA SER C 138 2.72 -49.79 -11.10
C SER C 138 3.18 -48.98 -12.30
N PRO C 139 2.34 -48.07 -12.81
CA PRO C 139 2.77 -47.27 -13.96
C PRO C 139 3.98 -46.39 -13.68
N ASP C 140 4.28 -46.11 -12.42
CA ASP C 140 5.40 -45.23 -12.07
C ASP C 140 6.68 -46.04 -11.88
N VAL C 141 7.04 -46.80 -12.92
CA VAL C 141 8.33 -47.45 -13.01
C VAL C 141 9.12 -46.78 -14.13
N ASN C 142 10.43 -46.69 -13.92
CA ASN C 142 11.33 -46.23 -14.96
C ASN C 142 12.64 -47.00 -14.81
N GLY C 143 13.53 -46.76 -15.76
CA GLY C 143 14.80 -47.43 -15.78
C GLY C 143 14.75 -48.64 -16.70
N VAL C 144 15.16 -49.79 -16.19
CA VAL C 144 15.33 -50.99 -16.98
C VAL C 144 14.85 -52.19 -16.18
N TRP C 145 14.92 -53.35 -16.82
CA TRP C 145 14.70 -54.63 -16.15
C TRP C 145 15.65 -55.65 -16.75
N VAL C 146 15.68 -56.83 -16.16
CA VAL C 146 16.77 -57.76 -16.44
C VAL C 146 16.35 -59.18 -16.08
N MET C 147 16.79 -60.11 -16.91
CA MET C 147 16.97 -61.50 -16.56
C MET C 147 18.45 -61.85 -16.73
N MET C 148 18.87 -62.96 -16.14
CA MET C 148 20.26 -63.38 -16.17
C MET C 148 20.39 -64.79 -16.71
N ASP C 149 21.57 -65.07 -17.26
CA ASP C 149 21.93 -66.39 -17.76
C ASP C 149 23.40 -66.62 -17.42
N GLY C 150 23.67 -67.74 -16.75
CA GLY C 150 25.03 -67.97 -16.29
C GLY C 150 25.37 -67.09 -15.11
N GLU C 151 26.16 -66.05 -15.33
CA GLU C 151 26.53 -65.12 -14.28
C GLU C 151 26.42 -63.65 -14.67
N GLU C 152 26.12 -63.33 -15.94
CA GLU C 152 26.06 -61.94 -16.36
C GLU C 152 24.65 -61.38 -16.14
N GLN C 153 24.44 -60.13 -16.57
CA GLN C 153 23.28 -59.32 -16.21
C GLN C 153 22.72 -58.67 -17.49
N VAL C 154 22.41 -59.50 -18.47
CA VAL C 154 21.88 -59.04 -19.75
C VAL C 154 20.56 -58.30 -19.56
N GLU C 155 20.57 -57.00 -19.79
CA GLU C 155 19.44 -56.12 -19.48
C GLU C 155 18.63 -55.79 -20.73
N TYR C 156 17.57 -55.02 -20.54
CA TYR C 156 16.63 -54.67 -21.59
C TYR C 156 16.00 -53.33 -21.24
N PRO C 157 15.27 -52.72 -22.16
CA PRO C 157 14.48 -51.53 -21.83
C PRO C 157 13.15 -51.90 -21.20
N LEU C 158 12.42 -50.87 -20.77
CA LEU C 158 11.29 -51.02 -19.86
C LEU C 158 10.03 -50.34 -20.38
N LYS C 159 10.19 -49.27 -21.15
CA LYS C 159 9.06 -48.45 -21.55
C LYS C 159 8.00 -49.19 -22.36
N PRO C 160 8.33 -49.81 -23.50
CA PRO C 160 7.26 -50.22 -24.43
C PRO C 160 6.31 -51.27 -23.89
N ILE C 161 6.72 -52.06 -22.90
CA ILE C 161 5.77 -52.99 -22.27
C ILE C 161 4.66 -52.21 -21.59
N VAL C 162 5.01 -51.13 -20.90
CA VAL C 162 4.03 -50.38 -20.14
C VAL C 162 3.14 -49.57 -21.07
N GLU C 163 3.74 -48.67 -21.85
CA GLU C 163 2.96 -47.69 -22.59
C GLU C 163 2.07 -48.32 -23.66
N ASN C 164 2.49 -49.46 -24.23
CA ASN C 164 1.61 -50.22 -25.12
C ASN C 164 0.87 -51.30 -24.34
N ALA C 165 0.27 -50.90 -23.22
CA ALA C 165 -0.63 -51.74 -22.44
C ALA C 165 -1.95 -51.01 -22.38
N LYS C 166 -2.99 -51.58 -22.98
CA LYS C 166 -4.15 -50.78 -23.34
C LYS C 166 -4.91 -50.34 -22.09
N PRO C 167 -5.47 -51.25 -21.27
CA PRO C 167 -5.71 -50.85 -19.88
C PRO C 167 -4.42 -50.95 -19.09
N THR C 168 -4.48 -50.77 -17.77
CA THR C 168 -3.26 -50.74 -16.99
C THR C 168 -2.58 -52.10 -16.99
N LEU C 169 -1.43 -52.18 -16.31
CA LEU C 169 -0.58 -53.35 -16.40
C LEU C 169 -1.19 -54.54 -15.69
N ARG C 170 -1.47 -54.38 -14.39
CA ARG C 170 -2.01 -55.48 -13.59
C ARG C 170 -3.33 -55.98 -14.17
N GLN C 171 -4.13 -55.07 -14.73
CA GLN C 171 -5.37 -55.41 -15.42
C GLN C 171 -5.14 -56.40 -16.56
N ILE C 172 -3.91 -56.49 -17.07
CA ILE C 172 -3.52 -57.56 -18.00
C ILE C 172 -3.00 -58.77 -17.24
N MET C 173 -2.15 -58.54 -16.24
CA MET C 173 -1.32 -59.59 -15.69
C MET C 173 -2.04 -60.47 -14.67
N HIS C 174 -3.36 -60.35 -14.52
CA HIS C 174 -4.06 -61.32 -13.70
C HIS C 174 -4.14 -62.68 -14.37
N HIS C 175 -3.81 -62.80 -15.66
CA HIS C 175 -3.81 -64.10 -16.30
C HIS C 175 -2.82 -65.03 -15.63
N PHE C 176 -1.62 -64.53 -15.36
CA PHE C 176 -0.61 -65.32 -14.68
C PHE C 176 -0.97 -65.50 -13.22
N SER C 177 -1.65 -66.59 -12.90
CA SER C 177 -1.97 -66.95 -11.54
C SER C 177 -1.36 -68.28 -11.13
N ASP C 178 -1.60 -69.33 -11.93
CA ASP C 178 -1.11 -70.64 -11.58
C ASP C 178 0.34 -70.85 -11.98
N ALA C 179 0.81 -70.10 -12.99
CA ALA C 179 2.20 -70.24 -13.42
C ALA C 179 3.15 -69.87 -12.30
N ALA C 180 3.11 -68.61 -11.88
CA ALA C 180 3.99 -68.17 -10.81
C ALA C 180 3.73 -68.92 -9.52
N GLU C 181 2.50 -69.37 -9.31
CA GLU C 181 2.18 -70.19 -8.15
C GLU C 181 3.05 -71.44 -8.09
N ALA C 182 3.00 -72.24 -9.15
CA ALA C 182 3.81 -73.46 -9.18
C ALA C 182 5.29 -73.13 -9.14
N TYR C 183 5.68 -71.98 -9.70
CA TYR C 183 7.08 -71.59 -9.73
C TYR C 183 7.62 -71.44 -8.32
N ILE C 184 6.99 -70.60 -7.50
CA ILE C 184 7.49 -70.42 -6.15
C ILE C 184 7.23 -71.63 -5.29
N GLU C 185 6.31 -72.51 -5.70
CA GLU C 185 6.09 -73.73 -4.95
C GLU C 185 7.34 -74.61 -4.96
N MET C 186 7.88 -74.88 -6.14
CA MET C 186 9.02 -75.77 -6.22
C MET C 186 10.27 -75.13 -5.65
N ARG C 187 10.49 -73.84 -5.95
CA ARG C 187 11.63 -73.14 -5.39
C ARG C 187 11.52 -73.06 -3.88
N ASN C 188 10.31 -73.07 -3.33
CA ASN C 188 10.14 -73.19 -1.89
C ASN C 188 10.38 -74.62 -1.43
N SER C 189 10.12 -75.59 -2.30
CA SER C 189 10.36 -76.99 -1.95
C SER C 189 11.84 -77.22 -1.70
N GLU C 190 12.69 -76.84 -2.64
CA GLU C 190 14.12 -76.96 -2.43
C GLU C 190 14.55 -76.11 -1.25
N SER C 191 14.50 -74.79 -1.42
CA SER C 191 15.10 -73.83 -0.51
C SER C 191 14.05 -72.88 0.01
N PRO C 192 14.33 -72.17 1.11
CA PRO C 192 13.30 -71.31 1.70
C PRO C 192 13.13 -69.98 0.98
N TYR C 193 12.27 -69.97 -0.03
CA TYR C 193 12.06 -68.82 -0.88
C TYR C 193 10.97 -67.90 -0.35
N MET C 194 11.11 -66.60 -0.61
CA MET C 194 10.07 -65.64 -0.37
C MET C 194 10.30 -64.46 -1.29
N PRO C 195 9.25 -63.87 -1.90
CA PRO C 195 9.46 -62.68 -2.74
C PRO C 195 9.86 -61.45 -1.96
N ARG C 196 9.92 -60.32 -2.67
CA ARG C 196 10.14 -59.02 -2.05
C ARG C 196 8.84 -58.38 -1.60
N TYR C 197 7.74 -58.61 -2.33
CA TYR C 197 6.44 -58.08 -1.95
C TYR C 197 5.99 -58.57 -0.59
N GLY C 198 6.52 -59.69 -0.10
CA GLY C 198 6.21 -60.19 1.21
C GLY C 198 7.20 -59.69 2.24
N LEU C 199 8.49 -59.79 1.93
CA LEU C 199 9.51 -59.35 2.87
C LEU C 199 9.44 -57.87 3.15
N LEU C 200 8.88 -57.09 2.23
CA LEU C 200 8.63 -55.70 2.50
C LEU C 200 7.50 -55.51 3.50
N ARG C 201 6.68 -56.53 3.73
CA ARG C 201 5.55 -56.46 4.64
C ARG C 201 5.61 -57.51 5.75
N ASN C 202 6.71 -58.25 5.84
CA ASN C 202 7.14 -58.95 7.06
C ASN C 202 6.09 -59.97 7.52
N LEU C 203 5.91 -60.99 6.70
CA LEU C 203 5.17 -62.17 7.13
C LEU C 203 6.06 -63.05 7.99
N ARG C 204 5.45 -63.67 8.99
CA ARG C 204 6.12 -64.65 9.83
C ARG C 204 5.90 -66.08 9.35
N ASP C 205 4.75 -66.35 8.74
CA ASP C 205 4.53 -67.74 8.33
C ASP C 205 5.16 -67.98 6.98
N ARG C 206 6.20 -68.80 7.01
CA ARG C 206 6.91 -69.20 5.80
C ARG C 206 5.99 -69.90 4.80
N GLU C 207 4.86 -70.41 5.27
CA GLU C 207 4.02 -71.28 4.45
C GLU C 207 3.18 -70.52 3.44
N LEU C 208 2.84 -69.26 3.72
CA LEU C 208 1.95 -68.49 2.86
C LEU C 208 2.70 -67.65 1.84
N ALA C 209 3.87 -68.11 1.39
CA ALA C 209 4.51 -67.46 0.25
C ALA C 209 3.69 -67.66 -1.02
N ARG C 210 2.87 -68.72 -1.05
CA ARG C 210 2.02 -69.01 -2.21
C ARG C 210 1.12 -67.84 -2.59
N TYR C 211 0.77 -66.99 -1.62
CA TYR C 211 -0.23 -65.96 -1.82
C TYR C 211 0.38 -64.57 -1.65
N ALA C 212 1.55 -64.36 -2.22
CA ALA C 212 2.26 -63.07 -2.14
C ALA C 212 2.62 -62.63 -3.55
N PHE C 213 1.78 -61.75 -4.11
CA PHE C 213 2.03 -61.13 -5.39
C PHE C 213 1.40 -59.76 -5.40
N ASP C 214 1.82 -58.93 -6.35
CA ASP C 214 0.96 -57.86 -6.80
C ASP C 214 -0.24 -58.43 -7.54
N PHE C 215 0.04 -59.27 -8.55
CA PHE C 215 -0.99 -59.88 -9.37
C PHE C 215 -1.33 -61.24 -8.81
N TYR C 216 -2.56 -61.40 -8.35
CA TYR C 216 -3.08 -62.69 -7.95
C TYR C 216 -4.59 -62.61 -7.96
N GLU C 217 -5.22 -63.54 -8.66
CA GLU C 217 -6.64 -63.47 -8.96
C GLU C 217 -7.40 -64.41 -8.04
N VAL C 218 -8.23 -63.84 -7.19
CA VAL C 218 -9.06 -64.62 -6.29
C VAL C 218 -10.00 -65.48 -7.11
N THR C 219 -10.34 -66.64 -6.58
CA THR C 219 -11.33 -67.52 -7.15
C THR C 219 -12.19 -68.05 -6.01
N SER C 220 -13.15 -68.91 -6.37
CA SER C 220 -13.91 -69.64 -5.37
C SER C 220 -13.17 -70.86 -4.84
N LYS C 221 -11.92 -71.07 -5.25
CA LYS C 221 -11.17 -72.26 -4.88
C LYS C 221 -10.31 -72.08 -3.65
N THR C 222 -9.94 -70.85 -3.31
CA THR C 222 -8.97 -70.63 -2.26
C THR C 222 -9.52 -71.07 -0.90
N PRO C 223 -8.65 -71.36 0.05
CA PRO C 223 -9.11 -71.60 1.42
C PRO C 223 -9.42 -70.30 2.14
N ASN C 224 -10.00 -70.44 3.32
CA ASN C 224 -10.47 -69.33 4.11
C ASN C 224 -9.40 -68.71 4.99
N ARG C 225 -8.13 -69.07 4.78
CA ARG C 225 -7.03 -68.56 5.59
C ARG C 225 -6.28 -67.44 4.86
N ALA C 226 -5.77 -67.74 3.67
CA ALA C 226 -5.03 -66.73 2.92
C ALA C 226 -5.93 -65.59 2.48
N ARG C 227 -7.24 -65.85 2.36
CA ARG C 227 -8.17 -64.81 1.95
C ARG C 227 -8.17 -63.64 2.92
N GLU C 228 -7.87 -63.90 4.19
CA GLU C 228 -7.76 -62.82 5.16
C GLU C 228 -6.45 -62.06 4.98
N ALA C 229 -5.33 -62.79 4.84
CA ALA C 229 -4.03 -62.16 4.83
C ALA C 229 -3.85 -61.23 3.64
N ILE C 230 -4.43 -61.59 2.49
CA ILE C 230 -4.32 -60.75 1.31
C ILE C 230 -4.95 -59.39 1.57
N ALA C 231 -6.15 -59.39 2.11
CA ALA C 231 -6.86 -58.13 2.33
C ALA C 231 -6.13 -57.27 3.35
N GLN C 232 -5.45 -57.89 4.32
CA GLN C 232 -4.66 -57.12 5.26
C GLN C 232 -3.51 -56.42 4.54
N MET C 233 -2.90 -57.08 3.56
CA MET C 233 -1.82 -56.45 2.81
C MET C 233 -2.34 -55.26 2.04
N LYS C 234 -3.42 -55.46 1.27
CA LYS C 234 -3.95 -54.42 0.42
C LYS C 234 -4.36 -53.19 1.23
N ALA C 235 -4.84 -53.40 2.45
CA ALA C 235 -5.25 -52.28 3.29
C ALA C 235 -4.07 -51.65 4.00
N ALA C 236 -3.03 -52.44 4.29
CA ALA C 236 -1.87 -51.89 4.99
C ALA C 236 -1.05 -51.02 4.07
N ALA C 237 -1.02 -51.33 2.79
CA ALA C 237 -0.19 -50.63 1.83
C ALA C 237 -0.87 -49.44 1.18
N LEU C 238 -2.04 -49.04 1.67
CA LEU C 238 -2.75 -47.89 1.15
C LEU C 238 -3.35 -47.12 2.31
N ALA C 239 -2.77 -45.96 2.60
CA ALA C 239 -3.26 -45.10 3.66
C ALA C 239 -2.62 -43.74 3.49
N GLY C 240 -3.44 -42.70 3.61
CA GLY C 240 -2.99 -41.34 3.39
C GLY C 240 -3.07 -40.89 1.94
N ILE C 241 -3.13 -41.81 1.00
CA ILE C 241 -3.24 -41.44 -0.41
C ILE C 241 -4.61 -40.78 -0.60
N ASN C 242 -4.59 -39.48 -0.91
CA ASN C 242 -5.80 -38.71 -1.18
C ASN C 242 -5.98 -38.63 -2.68
N SER C 243 -7.11 -39.13 -3.17
CA SER C 243 -7.31 -39.33 -4.60
C SER C 243 -7.24 -38.02 -5.37
N ARG C 244 -8.18 -37.11 -5.14
CA ARG C 244 -8.14 -35.77 -5.72
C ARG C 244 -8.11 -35.83 -7.25
N LEU C 245 -9.25 -36.24 -7.82
CA LEU C 245 -9.31 -36.60 -9.23
C LEU C 245 -8.83 -35.51 -10.17
N PHE C 246 -8.82 -34.25 -9.74
CA PHE C 246 -8.26 -33.18 -10.54
C PHE C 246 -6.76 -33.04 -10.28
N GLY C 247 -6.05 -32.60 -11.31
CA GLY C 247 -4.64 -32.34 -11.22
C GLY C 247 -4.39 -30.86 -11.06
N LEU C 248 -4.06 -30.20 -12.16
CA LEU C 248 -4.05 -28.74 -12.20
C LEU C 248 -4.58 -28.27 -13.53
N ASP C 249 -5.23 -27.11 -13.50
CA ASP C 249 -5.75 -26.46 -14.69
C ASP C 249 -4.63 -25.75 -15.43
N GLY C 250 -4.74 -25.73 -16.76
CA GLY C 250 -3.75 -25.02 -17.56
C GLY C 250 -4.05 -23.55 -17.72
N ASN C 251 -5.33 -23.18 -17.69
CA ASN C 251 -5.70 -21.78 -17.89
C ASN C 251 -5.28 -20.97 -16.67
N ILE C 252 -4.36 -20.04 -16.89
CA ILE C 252 -3.97 -19.05 -15.90
C ILE C 252 -4.49 -17.71 -16.36
N SER C 253 -4.93 -16.88 -15.40
CA SER C 253 -5.15 -15.46 -15.65
C SER C 253 -4.78 -14.75 -14.35
N THR C 254 -3.52 -14.39 -14.22
CA THR C 254 -3.09 -13.58 -13.09
C THR C 254 -3.44 -12.11 -13.29
N ASN C 255 -3.51 -11.67 -14.55
CA ASN C 255 -3.87 -10.31 -14.88
C ASN C 255 -4.47 -10.30 -16.27
N SER C 256 -5.62 -9.65 -16.41
CA SER C 256 -6.33 -9.64 -17.68
C SER C 256 -5.49 -8.96 -18.77
N GLU C 257 -5.88 -9.21 -20.02
CA GLU C 257 -5.15 -8.67 -21.16
C GLU C 257 -5.42 -7.18 -21.29
N ASN C 258 -4.36 -6.43 -21.63
CA ASN C 258 -4.40 -4.98 -21.51
C ASN C 258 -5.20 -4.35 -22.65
N THR C 259 -4.76 -4.53 -23.89
CA THR C 259 -5.39 -3.95 -25.08
C THR C 259 -5.46 -2.42 -24.98
N GLU C 260 -4.28 -1.80 -24.93
CA GLU C 260 -4.15 -0.36 -25.02
C GLU C 260 -2.87 -0.01 -25.76
N ARG C 261 -2.72 1.27 -26.09
CA ARG C 261 -1.73 1.75 -27.02
C ARG C 261 -0.67 2.61 -26.32
N HIS C 262 0.25 3.14 -27.14
CA HIS C 262 1.22 4.11 -26.69
C HIS C 262 1.52 5.07 -27.84
N THR C 263 1.74 6.34 -27.51
CA THR C 263 2.20 7.33 -28.46
C THR C 263 3.29 8.17 -27.80
N ALA C 264 3.82 9.11 -28.56
CA ALA C 264 4.85 10.00 -28.05
C ALA C 264 4.23 11.09 -27.17
N PRO E 58 6.17 -95.27 -10.50
CA PRO E 58 5.95 -94.31 -11.58
C PRO E 58 6.29 -92.89 -11.18
N ARG E 59 6.85 -92.13 -12.12
CA ARG E 59 7.37 -90.80 -11.85
C ARG E 59 6.97 -89.84 -12.97
N LEU E 60 7.00 -88.55 -12.64
CA LEU E 60 6.70 -87.50 -13.59
C LEU E 60 7.32 -86.21 -13.10
N GLN E 61 7.08 -85.13 -13.84
CA GLN E 61 7.63 -83.82 -13.55
C GLN E 61 6.56 -82.87 -13.04
N LYS E 62 7.00 -81.81 -12.36
CA LYS E 62 6.09 -80.92 -11.64
C LYS E 62 5.10 -80.26 -12.59
N ILE E 63 5.59 -79.43 -13.51
CA ILE E 63 4.71 -78.83 -14.51
C ILE E 63 4.33 -79.90 -15.52
N THR E 64 3.12 -79.74 -16.09
CA THR E 64 2.65 -80.58 -17.17
C THR E 64 2.01 -79.70 -18.23
N LYS E 65 2.10 -80.15 -19.49
CA LYS E 65 1.53 -79.41 -20.60
C LYS E 65 0.02 -79.20 -20.42
N LYS E 66 -0.65 -80.13 -19.75
CA LYS E 66 -2.10 -80.06 -19.60
C LYS E 66 -2.53 -79.07 -18.52
N MET E 67 -1.58 -78.44 -17.82
CA MET E 67 -1.94 -77.36 -16.92
C MET E 67 -2.55 -76.21 -17.72
N ASN E 68 -3.43 -75.45 -17.06
CA ASN E 68 -4.02 -74.29 -17.70
C ASN E 68 -2.97 -73.20 -17.86
N LEU E 69 -2.95 -72.59 -19.05
CA LEU E 69 -1.84 -71.73 -19.46
C LEU E 69 -2.38 -70.72 -20.47
N PRO E 70 -1.56 -69.75 -20.88
CA PRO E 70 -2.02 -68.77 -21.87
C PRO E 70 -2.29 -69.38 -23.24
N THR E 71 -3.25 -68.78 -23.95
CA THR E 71 -3.81 -69.33 -25.18
C THR E 71 -4.04 -68.25 -26.24
N VAL E 72 -2.99 -67.49 -26.58
CA VAL E 72 -3.08 -66.53 -27.70
C VAL E 72 -3.61 -67.22 -28.94
N GLY E 73 -2.85 -68.19 -29.45
CA GLY E 73 -3.34 -69.05 -30.50
C GLY E 73 -3.98 -70.29 -29.91
N GLY E 74 -4.90 -70.87 -30.68
CA GLY E 74 -5.50 -72.12 -30.25
C GLY E 74 -4.49 -73.23 -30.08
N LYS E 75 -3.39 -73.18 -30.84
CA LYS E 75 -2.35 -74.19 -30.79
C LYS E 75 -1.16 -73.76 -29.93
N ILE E 76 -0.52 -72.64 -30.29
CA ILE E 76 0.80 -72.34 -29.77
C ILE E 76 0.68 -71.81 -28.34
N ILE E 77 1.61 -72.25 -27.50
CA ILE E 77 1.71 -71.83 -26.12
C ILE E 77 2.92 -70.92 -25.99
N LEU E 78 2.84 -69.99 -25.05
CA LEU E 78 3.83 -68.93 -24.92
C LEU E 78 4.94 -69.32 -23.95
N SER E 79 4.58 -69.75 -22.76
CA SER E 79 5.55 -70.19 -21.77
C SER E 79 6.10 -71.56 -22.13
N LEU E 80 7.24 -71.60 -22.82
CA LEU E 80 7.83 -72.87 -23.20
C LEU E 80 8.29 -73.65 -21.97
N ASP E 81 7.91 -74.92 -21.90
CA ASP E 81 8.18 -75.75 -20.74
C ASP E 81 9.64 -76.21 -20.78
N HIS E 82 10.52 -75.28 -20.43
CA HIS E 82 11.93 -75.57 -20.16
C HIS E 82 12.36 -74.90 -18.86
N LEU E 83 11.41 -74.70 -17.95
CA LEU E 83 11.64 -74.01 -16.69
C LEU E 83 12.17 -74.92 -15.61
N LEU E 84 12.15 -76.23 -15.83
CA LEU E 84 12.58 -77.18 -14.82
C LEU E 84 14.05 -76.99 -14.46
N GLU E 85 14.85 -76.40 -15.35
CA GLU E 85 16.19 -75.96 -15.04
C GLU E 85 16.25 -74.47 -15.40
N TYR E 86 15.75 -73.65 -14.48
CA TYR E 86 15.94 -72.20 -14.53
C TYR E 86 15.92 -71.74 -13.07
N LYS E 87 17.11 -71.68 -12.48
CA LYS E 87 17.27 -71.44 -11.04
C LYS E 87 18.34 -70.39 -10.82
N PRO E 88 18.08 -69.15 -11.24
CA PRO E 88 19.02 -68.07 -10.93
C PRO E 88 19.01 -67.76 -9.44
N ASN E 89 20.18 -67.37 -8.94
CA ASN E 89 20.26 -66.88 -7.57
C ASN E 89 19.38 -65.66 -7.44
N GLN E 90 18.52 -65.67 -6.42
CA GLN E 90 17.42 -64.73 -6.35
C GLN E 90 17.90 -63.30 -6.24
N VAL E 91 18.89 -63.06 -5.39
CA VAL E 91 19.28 -61.72 -5.04
C VAL E 91 19.87 -60.96 -6.21
N ASP E 92 20.35 -61.67 -7.23
CA ASP E 92 20.94 -61.01 -8.39
C ASP E 92 19.91 -60.31 -9.27
N LEU E 93 18.63 -60.48 -9.00
CA LEU E 93 17.56 -60.07 -9.89
C LEU E 93 16.82 -58.82 -9.44
N PHE E 94 17.05 -58.34 -8.23
CA PHE E 94 16.29 -57.21 -7.70
C PHE E 94 16.62 -55.93 -8.46
N ASN E 95 15.84 -54.90 -8.14
CA ASN E 95 16.08 -53.53 -8.60
C ASN E 95 16.88 -52.72 -7.59
N THR E 96 16.79 -53.04 -6.30
CA THR E 96 17.49 -52.29 -5.27
C THR E 96 18.99 -52.43 -5.32
N ARG E 97 19.51 -53.40 -6.07
CA ARG E 97 20.93 -53.50 -6.32
C ARG E 97 21.25 -52.88 -7.67
N ALA E 98 22.46 -52.35 -7.79
CA ALA E 98 22.94 -51.84 -9.06
C ALA E 98 23.15 -52.99 -10.04
N THR E 99 23.58 -52.64 -11.25
CA THR E 99 23.89 -53.64 -12.26
C THR E 99 25.32 -54.14 -12.11
N LYS E 100 25.63 -55.23 -12.82
CA LYS E 100 27.01 -55.68 -12.91
C LYS E 100 27.87 -54.65 -13.62
N THR E 101 27.28 -53.88 -14.53
CA THR E 101 28.01 -52.88 -15.29
C THR E 101 28.47 -51.74 -14.40
N GLN E 102 27.52 -51.12 -13.69
CA GLN E 102 27.82 -49.91 -12.93
C GLN E 102 28.84 -50.18 -11.83
N PHE E 103 28.77 -51.37 -11.21
CA PHE E 103 29.76 -51.76 -10.23
C PHE E 103 31.15 -51.82 -10.86
N GLU E 104 31.22 -52.30 -12.10
CA GLU E 104 32.50 -52.41 -12.79
C GLU E 104 33.08 -51.04 -13.07
N SER E 105 32.28 -50.16 -13.70
CA SER E 105 32.79 -48.85 -14.06
C SER E 105 33.16 -48.03 -12.84
N TRP E 106 32.41 -48.18 -11.74
CA TRP E 106 32.77 -47.53 -10.49
C TRP E 106 34.16 -47.96 -10.04
N TYR E 107 34.47 -49.25 -10.20
CA TYR E 107 35.77 -49.76 -9.78
C TYR E 107 36.86 -49.29 -10.73
N SER E 108 36.53 -49.04 -12.00
CA SER E 108 37.54 -48.60 -12.95
C SER E 108 37.74 -47.09 -12.88
N ALA E 109 36.65 -46.33 -12.80
CA ALA E 109 36.76 -44.88 -12.80
C ALA E 109 37.46 -44.37 -11.54
N VAL E 110 37.29 -45.07 -10.42
CA VAL E 110 37.91 -44.62 -9.18
C VAL E 110 39.42 -44.74 -9.28
N LYS E 111 39.91 -45.79 -9.93
CA LYS E 111 41.33 -46.10 -9.92
C LYS E 111 42.15 -45.00 -10.60
N VAL E 112 41.57 -44.37 -11.62
CA VAL E 112 42.29 -43.31 -12.33
C VAL E 112 42.46 -42.09 -11.44
N GLU E 113 41.40 -41.71 -10.72
CA GLU E 113 41.43 -40.46 -9.97
C GLU E 113 42.25 -40.54 -8.70
N TYR E 114 42.53 -41.74 -8.20
CA TYR E 114 43.61 -41.93 -7.23
C TYR E 114 44.95 -42.21 -7.91
N ASP E 115 44.92 -42.68 -9.15
CA ASP E 115 46.12 -42.88 -9.96
C ASP E 115 47.05 -43.88 -9.30
N LEU E 116 46.51 -45.06 -8.98
CA LEU E 116 47.28 -46.15 -8.39
C LEU E 116 47.71 -47.17 -9.43
N ASN E 117 46.74 -47.74 -10.17
CA ASN E 117 47.02 -48.76 -11.18
C ASN E 117 47.78 -49.93 -10.56
N ASP E 118 47.37 -50.35 -9.37
CA ASP E 118 48.06 -51.38 -8.62
C ASP E 118 47.08 -52.03 -7.67
N GLU E 119 47.44 -53.22 -7.20
CA GLU E 119 46.55 -54.03 -6.36
C GLU E 119 46.53 -53.59 -4.89
N GLN E 120 47.01 -52.37 -4.59
CA GLN E 120 46.69 -51.76 -3.31
C GLN E 120 45.21 -51.40 -3.20
N MET E 121 44.48 -51.42 -4.33
CA MET E 121 43.06 -51.07 -4.34
C MET E 121 42.27 -51.93 -3.38
N GLY E 122 42.66 -53.20 -3.23
CA GLY E 122 41.97 -54.07 -2.30
C GLY E 122 42.00 -53.54 -0.88
N VAL E 123 43.12 -52.93 -0.48
CA VAL E 123 43.22 -52.36 0.84
C VAL E 123 42.35 -51.12 0.95
N ILE E 124 42.39 -50.26 -0.07
CA ILE E 124 41.65 -49.00 -0.02
C ILE E 124 40.15 -49.28 0.02
N MET E 125 39.69 -50.21 -0.81
CA MET E 125 38.29 -50.63 -0.77
C MET E 125 37.93 -51.11 0.63
N ASN E 126 38.79 -51.96 1.19
CA ASN E 126 38.54 -52.48 2.53
C ASN E 126 38.58 -51.38 3.57
N GLY E 127 39.50 -50.43 3.40
CA GLY E 127 39.56 -49.29 4.30
C GLY E 127 38.35 -48.39 4.22
N PHE E 128 37.53 -48.54 3.19
CA PHE E 128 36.33 -47.72 3.06
C PHE E 128 35.15 -48.33 3.79
N MET E 129 35.00 -49.65 3.72
CA MET E 129 33.76 -50.26 4.19
C MET E 129 33.62 -50.17 5.70
N VAL E 130 34.72 -50.30 6.44
CA VAL E 130 34.64 -50.18 7.90
C VAL E 130 34.21 -48.77 8.27
N TRP E 131 34.80 -47.77 7.63
CA TRP E 131 34.34 -46.40 7.85
C TRP E 131 32.91 -46.22 7.38
N CYS E 132 32.53 -46.94 6.32
CA CYS E 132 31.17 -46.87 5.82
C CYS E 132 30.17 -47.42 6.83
N ILE E 133 30.62 -48.30 7.72
CA ILE E 133 29.76 -48.73 8.82
C ILE E 133 29.61 -47.60 9.83
N ASP E 134 30.73 -47.20 10.42
CA ASP E 134 30.72 -46.40 11.64
C ASP E 134 30.25 -44.97 11.45
N ASN E 135 29.90 -44.58 10.23
CA ASN E 135 29.20 -43.33 10.02
C ASN E 135 28.19 -43.53 8.91
N GLY E 136 27.30 -42.57 8.80
CA GLY E 136 26.19 -42.69 7.88
C GLY E 136 26.65 -42.72 6.44
N THR E 137 25.72 -43.10 5.57
CA THR E 137 25.91 -43.09 4.13
C THR E 137 24.79 -42.28 3.51
N SER E 138 25.13 -41.09 3.03
CA SER E 138 24.17 -40.23 2.36
C SER E 138 24.94 -39.29 1.46
N PRO E 139 24.32 -38.75 0.41
CA PRO E 139 25.04 -37.83 -0.46
C PRO E 139 25.53 -36.57 0.24
N ASP E 140 24.96 -36.21 1.38
CA ASP E 140 25.33 -34.99 2.09
C ASP E 140 26.45 -35.26 3.09
N VAL E 141 27.55 -35.83 2.57
CA VAL E 141 28.80 -35.95 3.32
C VAL E 141 29.82 -35.02 2.69
N ASN E 142 30.67 -34.45 3.54
CA ASN E 142 31.81 -33.67 3.08
C ASN E 142 32.95 -33.89 4.04
N GLY E 143 34.09 -33.34 3.68
CA GLY E 143 35.30 -33.49 4.48
C GLY E 143 36.15 -34.61 3.93
N VAL E 144 36.53 -35.54 4.81
CA VAL E 144 37.49 -36.58 4.50
C VAL E 144 37.04 -37.89 5.12
N TRP E 145 37.83 -38.93 4.87
CA TRP E 145 37.68 -40.20 5.55
C TRP E 145 39.06 -40.79 5.76
N VAL E 146 39.11 -41.89 6.51
CA VAL E 146 40.39 -42.34 7.03
C VAL E 146 40.32 -43.81 7.39
N MET E 147 41.42 -44.51 7.12
CA MET E 147 41.79 -45.74 7.80
C MET E 147 43.11 -45.51 8.50
N MET E 148 43.45 -46.40 9.44
CA MET E 148 44.66 -46.27 10.23
C MET E 148 45.51 -47.52 10.12
N ASP E 149 46.81 -47.34 10.37
CA ASP E 149 47.77 -48.42 10.41
C ASP E 149 48.77 -48.10 11.52
N GLY E 150 48.96 -49.04 12.44
CA GLY E 150 49.80 -48.77 13.59
C GLY E 150 49.11 -47.84 14.56
N GLU E 151 49.52 -46.57 14.60
CA GLU E 151 48.91 -45.59 15.48
C GLU E 151 48.58 -44.26 14.80
N GLU E 152 48.97 -44.05 13.54
CA GLU E 152 48.72 -42.78 12.87
C GLU E 152 47.36 -42.79 12.19
N GLN E 153 47.06 -41.70 11.48
CA GLN E 153 45.71 -41.38 11.00
C GLN E 153 45.80 -40.96 9.52
N VAL E 154 46.39 -41.83 8.70
CA VAL E 154 46.57 -41.57 7.28
C VAL E 154 45.22 -41.39 6.60
N GLU E 155 44.95 -40.16 6.15
CA GLU E 155 43.64 -39.78 5.63
C GLU E 155 43.63 -39.76 4.10
N TYR E 156 42.48 -39.43 3.54
CA TYR E 156 42.25 -39.43 2.11
C TYR E 156 41.15 -38.43 1.80
N PRO E 157 40.93 -38.12 0.53
CA PRO E 157 39.77 -37.31 0.15
C PRO E 157 38.51 -38.16 0.03
N LEU E 158 37.39 -37.48 -0.21
CA LEU E 158 36.06 -38.06 -0.04
C LEU E 158 35.18 -37.88 -1.26
N LYS E 159 35.41 -36.81 -2.03
CA LYS E 159 34.52 -36.46 -3.13
C LYS E 159 34.40 -37.54 -4.20
N PRO E 160 35.49 -37.98 -4.85
CA PRO E 160 35.34 -38.73 -6.10
C PRO E 160 34.64 -40.07 -5.95
N ILE E 161 34.63 -40.67 -4.76
CA ILE E 161 33.85 -41.88 -4.56
C ILE E 161 32.37 -41.59 -4.76
N VAL E 162 31.90 -40.47 -4.22
CA VAL E 162 30.50 -40.14 -4.26
C VAL E 162 30.09 -39.71 -5.66
N GLU E 163 30.71 -38.64 -6.16
CA GLU E 163 30.23 -38.00 -7.38
C GLU E 163 30.36 -38.90 -8.60
N ASN E 164 31.35 -39.79 -8.63
CA ASN E 164 31.43 -40.82 -9.66
C ASN E 164 30.76 -42.10 -9.21
N ALA E 165 29.55 -41.97 -8.69
CA ALA E 165 28.67 -43.10 -8.35
C ALA E 165 27.41 -42.91 -9.16
N LYS E 166 27.15 -43.82 -10.09
CA LYS E 166 26.21 -43.50 -11.17
C LYS E 166 24.78 -43.39 -10.64
N PRO E 167 24.18 -44.44 -10.08
CA PRO E 167 23.07 -44.20 -9.15
C PRO E 167 23.65 -43.82 -7.79
N THR E 168 22.80 -43.70 -6.77
CA THR E 168 23.27 -43.23 -5.47
C THR E 168 24.21 -44.25 -4.84
N LEU E 169 24.72 -43.90 -3.66
CA LEU E 169 25.80 -44.68 -3.05
C LEU E 169 25.29 -46.01 -2.54
N ARG E 170 24.29 -45.99 -1.66
CA ARG E 170 23.77 -47.22 -1.09
C ARG E 170 23.26 -48.16 -2.16
N GLN E 171 22.68 -47.61 -3.22
CA GLN E 171 22.24 -48.38 -4.38
C GLN E 171 23.38 -49.19 -5.00
N ILE E 172 24.63 -48.82 -4.75
CA ILE E 172 25.78 -49.65 -5.09
C ILE E 172 26.12 -50.59 -3.95
N MET E 173 26.14 -50.07 -2.72
CA MET E 173 26.78 -50.75 -1.62
C MET E 173 25.93 -51.85 -1.00
N HIS E 174 24.80 -52.22 -1.59
CA HIS E 174 24.11 -53.41 -1.11
C HIS E 174 24.85 -54.69 -1.42
N HIS E 175 25.87 -54.65 -2.28
CA HIS E 175 26.65 -55.85 -2.56
C HIS E 175 27.31 -56.36 -1.30
N PHE E 176 27.91 -55.46 -0.53
CA PHE E 176 28.55 -55.83 0.73
C PHE E 176 27.49 -56.14 1.77
N SER E 177 27.15 -57.42 1.89
CA SER E 177 26.23 -57.89 2.91
C SER E 177 26.88 -58.92 3.83
N ASP E 178 27.49 -59.96 3.25
CA ASP E 178 28.07 -61.02 4.06
C ASP E 178 29.46 -60.64 4.55
N ALA E 179 30.15 -59.77 3.83
CA ALA E 179 31.50 -59.37 4.22
C ALA E 179 31.49 -58.70 5.59
N ALA E 180 30.81 -57.56 5.66
CA ALA E 180 30.74 -56.83 6.92
C ALA E 180 30.05 -57.65 8.00
N GLU E 181 29.13 -58.54 7.60
CA GLU E 181 28.48 -59.41 8.55
C GLU E 181 29.50 -60.26 9.31
N ALA E 182 30.32 -61.01 8.58
CA ALA E 182 31.34 -61.84 9.21
C ALA E 182 32.34 -60.98 9.97
N TYR E 183 32.58 -59.77 9.49
CA TYR E 183 33.54 -58.89 10.13
C TYR E 183 33.12 -58.56 11.55
N ILE E 184 31.90 -58.04 11.73
CA ILE E 184 31.45 -57.69 13.06
C ILE E 184 31.16 -58.94 13.88
N GLU E 185 30.96 -60.08 13.22
CA GLU E 185 30.75 -61.32 13.96
C GLU E 185 31.96 -61.67 14.80
N MET E 186 33.14 -61.70 14.16
CA MET E 186 34.34 -62.10 14.89
C MET E 186 34.77 -61.05 15.89
N ARG E 187 34.70 -59.77 15.50
CA ARG E 187 35.02 -58.71 16.44
C ARG E 187 34.07 -58.69 17.61
N ASN E 188 32.83 -59.16 17.42
CA ASN E 188 31.92 -59.36 18.54
C ASN E 188 32.29 -60.60 19.33
N SER E 189 32.90 -61.59 18.66
CA SER E 189 33.32 -62.80 19.35
C SER E 189 34.37 -62.49 20.40
N GLU E 190 35.43 -61.78 20.00
CA GLU E 190 36.44 -61.38 20.96
C GLU E 190 35.83 -60.45 21.99
N SER E 191 35.47 -59.25 21.56
CA SER E 191 35.12 -58.14 22.44
C SER E 191 33.72 -57.65 22.12
N PRO E 192 33.08 -56.91 23.03
CA PRO E 192 31.70 -56.50 22.80
C PRO E 192 31.56 -55.31 21.86
N TYR E 193 31.48 -55.61 20.56
CA TYR E 193 31.44 -54.60 19.52
C TYR E 193 30.02 -54.17 19.19
N MET E 194 29.87 -52.91 18.79
CA MET E 194 28.64 -52.40 18.26
C MET E 194 28.97 -51.20 17.37
N PRO E 195 28.33 -51.03 16.20
CA PRO E 195 28.59 -49.84 15.39
C PRO E 195 28.07 -48.56 16.00
N ARG E 196 28.17 -47.47 15.23
CA ARG E 196 27.58 -46.21 15.59
C ARG E 196 26.12 -46.10 15.15
N TYR E 197 25.78 -46.70 14.01
CA TYR E 197 24.41 -46.69 13.52
C TYR E 197 23.44 -47.33 14.50
N GLY E 198 23.93 -48.19 15.40
CA GLY E 198 23.10 -48.78 16.42
C GLY E 198 23.10 -47.98 17.69
N LEU E 199 24.30 -47.59 18.14
CA LEU E 199 24.40 -46.81 19.37
C LEU E 199 23.72 -45.48 19.27
N LEU E 200 23.58 -44.95 18.07
CA LEU E 200 22.80 -43.74 17.88
C LEU E 200 21.31 -44.00 18.06
N ARG E 201 20.88 -45.27 18.02
CA ARG E 201 19.48 -45.63 18.15
C ARG E 201 19.22 -46.60 19.29
N ASN E 202 20.24 -46.88 20.10
CA ASN E 202 20.09 -47.39 21.46
C ASN E 202 19.35 -48.73 21.50
N LEU E 203 20.00 -49.73 20.93
CA LEU E 203 19.57 -51.11 21.12
C LEU E 203 20.03 -51.61 22.48
N ARG E 204 19.18 -52.44 23.10
CA ARG E 204 19.52 -53.12 24.34
C ARG E 204 20.08 -54.50 24.12
N ASP E 205 19.64 -55.18 23.05
CA ASP E 205 20.14 -56.54 22.87
C ASP E 205 21.46 -56.51 22.15
N ARG E 206 22.50 -56.89 22.88
CA ARG E 206 23.84 -56.97 22.34
C ARG E 206 23.93 -57.95 21.19
N GLU E 207 22.96 -58.85 21.06
CA GLU E 207 23.06 -59.96 20.12
C GLU E 207 22.76 -59.54 18.68
N LEU E 208 21.94 -58.51 18.48
CA LEU E 208 21.52 -58.10 17.14
C LEU E 208 22.42 -57.03 16.54
N ALA E 209 23.70 -57.01 16.89
CA ALA E 209 24.64 -56.17 16.16
C ALA E 209 24.79 -56.63 14.72
N ARG E 210 24.51 -57.91 14.46
CA ARG E 210 24.61 -58.48 13.12
C ARG E 210 23.78 -57.73 12.10
N TYR E 211 22.69 -57.08 12.53
CA TYR E 211 21.72 -56.49 11.63
C TYR E 211 21.65 -54.98 11.82
N ALA E 212 22.80 -54.33 11.94
CA ALA E 212 22.89 -52.88 12.12
C ALA E 212 23.82 -52.31 11.06
N PHE E 213 23.23 -51.80 9.99
CA PHE E 213 23.96 -51.11 8.94
C PHE E 213 23.05 -50.07 8.33
N ASP E 214 23.66 -49.13 7.61
CA ASP E 214 22.92 -48.45 6.56
C ASP E 214 22.61 -49.41 5.42
N PHE E 215 23.65 -50.06 4.92
CA PHE E 215 23.54 -50.99 3.80
C PHE E 215 23.38 -52.40 4.36
N TYR E 216 22.22 -53.01 4.11
CA TYR E 216 22.01 -54.41 4.42
C TYR E 216 20.84 -54.90 3.60
N GLU E 217 21.05 -55.98 2.87
CA GLU E 217 20.12 -56.43 1.85
C GLU E 217 19.32 -57.61 2.39
N VAL E 218 18.02 -57.39 2.53
CA VAL E 218 17.13 -58.44 2.98
C VAL E 218 17.15 -59.58 1.97
N THR E 219 16.95 -60.79 2.48
CA THR E 219 16.79 -61.97 1.65
C THR E 219 15.66 -62.80 2.23
N SER E 220 15.40 -63.94 1.60
CA SER E 220 14.49 -64.92 2.16
C SER E 220 15.13 -65.78 3.23
N LYS E 221 16.38 -65.51 3.59
CA LYS E 221 17.11 -66.35 4.54
C LYS E 221 17.02 -65.87 5.97
N THR E 222 16.71 -64.60 6.20
CA THR E 222 16.79 -64.06 7.54
C THR E 222 15.74 -64.69 8.44
N PRO E 223 15.95 -64.65 9.75
CA PRO E 223 14.90 -65.07 10.69
C PRO E 223 13.85 -63.98 10.85
N ASN E 224 12.77 -64.36 11.55
CA ASN E 224 11.62 -63.50 11.72
C ASN E 224 11.75 -62.55 12.90
N ARG E 225 12.94 -62.41 13.48
CA ARG E 225 13.16 -61.53 14.63
C ARG E 225 13.79 -60.22 14.21
N ALA E 226 14.95 -60.27 13.55
CA ALA E 226 15.62 -59.05 13.13
C ALA E 226 14.83 -58.32 12.05
N ARG E 227 13.99 -59.04 11.32
CA ARG E 227 13.18 -58.42 10.27
C ARG E 227 12.26 -57.35 10.84
N GLU E 228 11.85 -57.50 12.10
CA GLU E 228 11.05 -56.47 12.74
C GLU E 228 11.91 -55.28 13.14
N ALA E 229 13.06 -55.55 13.76
CA ALA E 229 13.87 -54.47 14.32
C ALA E 229 14.39 -53.52 13.26
N ILE E 230 14.71 -54.06 12.08
CA ILE E 230 15.20 -53.21 10.99
C ILE E 230 14.15 -52.19 10.62
N ALA E 231 12.92 -52.65 10.41
CA ALA E 231 11.86 -51.75 9.97
C ALA E 231 11.57 -50.69 11.02
N GLN E 232 11.74 -51.03 12.30
CA GLN E 232 11.56 -50.03 13.34
C GLN E 232 12.61 -48.94 13.23
N MET E 233 13.85 -49.32 12.89
CA MET E 233 14.90 -48.32 12.71
C MET E 233 14.58 -47.39 11.56
N LYS E 234 14.24 -47.97 10.41
CA LYS E 234 14.00 -47.18 9.21
C LYS E 234 12.85 -46.21 9.41
N ALA E 235 11.85 -46.61 10.20
CA ALA E 235 10.72 -45.73 10.45
C ALA E 235 11.02 -44.71 11.54
N ALA E 236 11.89 -45.07 12.49
CA ALA E 236 12.20 -44.14 13.56
C ALA E 236 13.09 -43.01 13.09
N ALA E 237 13.92 -43.27 12.10
CA ALA E 237 14.88 -42.30 11.62
C ALA E 237 14.36 -41.44 10.49
N LEU E 238 13.06 -41.51 10.19
CA LEU E 238 12.45 -40.69 9.15
C LEU E 238 11.10 -40.21 9.63
N ALA E 239 11.01 -38.94 9.96
CA ALA E 239 9.76 -38.33 10.40
C ALA E 239 9.92 -36.82 10.33
N GLY E 240 8.91 -36.16 9.79
CA GLY E 240 8.95 -34.74 9.56
C GLY E 240 9.56 -34.31 8.25
N ILE E 241 10.35 -35.18 7.62
CA ILE E 241 10.95 -34.86 6.33
C ILE E 241 9.82 -34.74 5.31
N ASN E 242 9.59 -33.53 4.82
CA ASN E 242 8.58 -33.25 3.80
C ASN E 242 9.27 -33.22 2.45
N SER E 243 8.84 -34.10 1.54
CA SER E 243 9.57 -34.34 0.30
C SER E 243 9.66 -33.08 -0.56
N ARG E 244 8.52 -32.59 -1.06
CA ARG E 244 8.46 -31.32 -1.78
C ARG E 244 9.38 -31.33 -3.01
N LEU E 245 8.95 -32.13 -4.00
CA LEU E 245 9.83 -32.47 -5.12
C LEU E 245 10.38 -31.27 -5.86
N PHE E 246 9.75 -30.10 -5.74
CA PHE E 246 10.30 -28.88 -6.32
C PHE E 246 11.24 -28.21 -5.34
N GLY E 247 12.23 -27.51 -5.89
CA GLY E 247 13.18 -26.75 -5.12
C GLY E 247 12.81 -25.29 -5.14
N LEU E 248 13.48 -24.53 -6.00
CA LEU E 248 13.05 -23.17 -6.31
C LEU E 248 13.25 -22.91 -7.79
N ASP E 249 12.37 -22.08 -8.34
CA ASP E 249 12.46 -21.65 -9.73
C ASP E 249 13.50 -20.56 -9.88
N GLY E 250 14.17 -20.56 -11.03
CA GLY E 250 15.16 -19.52 -11.31
C GLY E 250 14.56 -18.26 -11.89
N ASN E 251 13.46 -18.39 -12.61
CA ASN E 251 12.84 -17.23 -13.26
C ASN E 251 12.21 -16.34 -12.20
N ILE E 252 12.75 -15.13 -12.07
CA ILE E 252 12.18 -14.08 -11.24
C ILE E 252 11.61 -13.02 -12.16
N SER E 253 10.48 -12.44 -11.78
CA SER E 253 10.01 -11.20 -12.38
C SER E 253 9.32 -10.42 -11.25
N THR E 254 10.11 -9.61 -10.54
CA THR E 254 9.54 -8.71 -9.55
C THR E 254 8.93 -7.48 -10.19
N ASN E 255 9.45 -7.07 -11.34
CA ASN E 255 8.93 -5.93 -12.08
C ASN E 255 9.26 -6.13 -13.55
N SER E 256 8.26 -5.96 -14.40
CA SER E 256 8.44 -6.19 -15.83
C SER E 256 9.49 -5.23 -16.41
N GLU E 257 9.97 -5.59 -17.59
CA GLU E 257 11.00 -4.80 -18.25
C GLU E 257 10.42 -3.51 -18.79
N ASN E 258 11.18 -2.42 -18.66
CA ASN E 258 10.63 -1.08 -18.88
C ASN E 258 10.46 -0.78 -20.37
N THR E 259 11.57 -0.75 -21.11
CA THR E 259 11.58 -0.43 -22.54
C THR E 259 10.99 0.96 -22.80
N GLU E 260 11.67 1.96 -22.25
CA GLU E 260 11.35 3.35 -22.54
C GLU E 260 12.65 4.16 -22.55
N ARG E 261 12.54 5.42 -22.98
CA ARG E 261 13.68 6.25 -23.33
C ARG E 261 13.81 7.42 -22.35
N HIS E 262 14.81 8.26 -22.64
CA HIS E 262 15.00 9.54 -21.94
C HIS E 262 15.57 10.54 -22.93
N THR E 263 15.16 11.80 -22.77
CA THR E 263 15.74 12.90 -23.52
C THR E 263 15.93 14.07 -22.56
N ALA E 264 16.47 15.16 -23.09
CA ALA E 264 16.68 16.36 -22.30
C ALA E 264 15.37 17.12 -22.12
N PRO G 58 40.71 -81.20 13.71
CA PRO G 58 40.86 -80.37 12.51
C PRO G 58 40.44 -78.93 12.74
N ARG G 59 41.16 -78.00 12.11
CA ARG G 59 40.99 -76.58 12.36
C ARG G 59 41.02 -75.82 11.03
N LEU G 60 40.46 -74.62 11.07
CA LEU G 60 40.44 -73.73 9.90
C LEU G 60 40.23 -72.31 10.39
N GLN G 61 40.12 -71.39 9.43
CA GLN G 61 39.97 -69.97 9.71
C GLN G 61 38.56 -69.50 9.36
N LYS G 62 38.18 -68.36 9.95
CA LYS G 62 36.81 -67.89 9.88
C LYS G 62 36.38 -67.62 8.44
N ILE G 63 37.02 -66.65 7.79
CA ILE G 63 36.73 -66.40 6.38
C ILE G 63 37.35 -67.52 5.54
N THR G 64 36.71 -67.81 4.41
CA THR G 64 37.22 -68.75 3.43
C THR G 64 37.06 -68.15 2.05
N LYS G 65 37.98 -68.52 1.15
CA LYS G 65 37.95 -68.02 -0.21
C LYS G 65 36.64 -68.39 -0.91
N LYS G 66 36.04 -69.51 -0.54
CA LYS G 66 34.82 -69.99 -1.19
C LYS G 66 33.57 -69.25 -0.73
N MET G 67 33.69 -68.33 0.22
CA MET G 67 32.58 -67.46 0.56
C MET G 67 32.20 -66.62 -0.65
N ASN G 68 30.92 -66.24 -0.72
CA ASN G 68 30.47 -65.37 -1.80
C ASN G 68 31.03 -63.97 -1.60
N LEU G 69 31.52 -63.37 -2.68
CA LEU G 69 32.33 -62.17 -2.60
C LEU G 69 32.18 -61.41 -3.91
N PRO G 70 32.73 -60.19 -4.00
CA PRO G 70 32.64 -59.44 -5.26
C PRO G 70 33.40 -60.09 -6.40
N THR G 71 32.88 -59.88 -7.62
CA THR G 71 33.32 -60.57 -8.83
C THR G 71 33.42 -59.63 -10.03
N VAL G 72 34.18 -58.53 -9.91
CA VAL G 72 34.44 -57.66 -11.06
C VAL G 72 34.95 -58.48 -12.23
N GLY G 73 36.12 -59.08 -12.06
CA GLY G 73 36.63 -60.05 -13.01
C GLY G 73 36.20 -61.44 -12.62
N GLY G 74 36.10 -62.32 -13.63
CA GLY G 74 35.80 -63.70 -13.35
C GLY G 74 36.82 -64.36 -12.46
N LYS G 75 38.07 -63.89 -12.50
CA LYS G 75 39.16 -64.45 -11.69
C LYS G 75 39.43 -63.62 -10.44
N ILE G 76 39.76 -62.35 -10.62
CA ILE G 76 40.38 -61.58 -9.55
C ILE G 76 39.32 -61.15 -8.55
N ILE G 77 39.68 -61.24 -7.27
CA ILE G 77 38.84 -60.83 -6.15
C ILE G 77 39.42 -59.54 -5.59
N LEU G 78 38.53 -58.72 -5.04
CA LEU G 78 38.88 -57.37 -4.62
C LEU G 78 39.29 -57.34 -3.16
N SER G 79 38.46 -57.89 -2.28
CA SER G 79 38.78 -57.95 -0.86
C SER G 79 39.83 -59.02 -0.60
N LEU G 80 41.10 -58.63 -0.55
CA LEU G 80 42.18 -59.58 -0.29
C LEU G 80 42.07 -60.14 1.11
N ASP G 81 42.13 -61.47 1.22
CA ASP G 81 41.94 -62.16 2.49
C ASP G 81 43.22 -62.04 3.32
N HIS G 82 43.40 -60.86 3.89
CA HIS G 82 44.40 -60.61 4.92
C HIS G 82 43.79 -59.86 6.10
N LEU G 83 42.48 -60.04 6.29
CA LEU G 83 41.73 -59.32 7.31
C LEU G 83 41.80 -59.99 8.67
N LEU G 84 42.32 -61.22 8.74
CA LEU G 84 42.38 -61.95 9.98
C LEU G 84 43.22 -61.24 11.03
N GLU G 85 44.15 -60.39 10.60
CA GLU G 85 44.88 -59.48 11.49
C GLU G 85 44.65 -58.07 10.93
N TYR G 86 43.48 -57.51 11.25
CA TYR G 86 43.20 -56.10 11.03
C TYR G 86 42.22 -55.69 12.12
N LYS G 87 42.76 -55.20 13.23
CA LYS G 87 42.00 -54.94 14.45
C LYS G 87 42.36 -53.57 14.99
N PRO G 88 42.02 -52.51 14.27
CA PRO G 88 42.21 -51.17 14.82
C PRO G 88 41.26 -50.90 15.97
N ASN G 89 41.74 -50.12 16.93
CA ASN G 89 40.88 -49.67 18.00
C ASN G 89 39.73 -48.86 17.39
N GLN G 90 38.51 -49.21 17.79
CA GLN G 90 37.34 -48.74 17.06
C GLN G 90 37.20 -47.23 17.13
N VAL G 91 37.40 -46.67 18.31
CA VAL G 91 37.07 -45.27 18.54
C VAL G 91 37.95 -44.33 17.73
N ASP G 92 39.11 -44.79 17.30
CA ASP G 92 40.01 -43.95 16.53
C ASP G 92 39.51 -43.66 15.12
N LEU G 93 38.43 -44.30 14.69
CA LEU G 93 38.01 -44.29 13.30
C LEU G 93 36.78 -43.42 13.03
N PHE G 94 36.12 -42.90 14.06
CA PHE G 94 34.90 -42.15 13.87
C PHE G 94 35.17 -40.83 13.16
N ASN G 95 34.08 -40.16 12.80
CA ASN G 95 34.09 -38.79 12.29
C ASN G 95 33.88 -37.76 13.38
N THR G 96 33.18 -38.11 14.45
CA THR G 96 32.88 -37.17 15.52
C THR G 96 34.10 -36.75 16.31
N ARG G 97 35.23 -37.44 16.17
CA ARG G 97 36.49 -37.00 16.73
C ARG G 97 37.29 -36.29 15.67
N ALA G 98 38.12 -35.35 16.11
CA ALA G 98 39.04 -34.68 15.22
C ALA G 98 40.12 -35.65 14.74
N THR G 99 41.03 -35.15 13.92
CA THR G 99 42.14 -35.94 13.44
C THR G 99 43.30 -35.88 14.44
N LYS G 100 44.28 -36.77 14.23
CA LYS G 100 45.53 -36.67 14.98
C LYS G 100 46.26 -35.38 14.66
N THR G 101 46.09 -34.88 13.43
CA THR G 101 46.76 -33.66 13.00
C THR G 101 46.25 -32.45 13.76
N GLN G 102 44.94 -32.23 13.71
CA GLN G 102 44.35 -31.02 14.26
C GLN G 102 44.59 -30.91 15.75
N PHE G 103 44.55 -32.05 16.46
CA PHE G 103 44.88 -32.05 17.88
C PHE G 103 46.31 -31.59 18.10
N GLU G 104 47.22 -31.99 17.21
CA GLU G 104 48.61 -31.61 17.36
C GLU G 104 48.78 -30.11 17.17
N SER G 105 48.26 -29.58 16.05
CA SER G 105 48.44 -28.16 15.76
C SER G 105 47.77 -27.29 16.80
N TRP G 106 46.63 -27.73 17.34
CA TRP G 106 45.99 -27.00 18.42
C TRP G 106 46.92 -26.90 19.62
N TYR G 107 47.64 -27.98 19.91
CA TYR G 107 48.56 -27.98 21.04
C TYR G 107 49.79 -27.12 20.76
N SER G 108 50.18 -27.00 19.49
CA SER G 108 51.34 -26.19 19.15
C SER G 108 50.98 -24.72 19.02
N ALA G 109 49.88 -24.42 18.36
CA ALA G 109 49.49 -23.03 18.13
C ALA G 109 49.16 -22.32 19.43
N VAL G 110 48.61 -23.04 20.40
CA VAL G 110 48.24 -22.42 21.66
C VAL G 110 49.49 -21.97 22.42
N LYS G 111 50.55 -22.76 22.34
CA LYS G 111 51.73 -22.52 23.16
C LYS G 111 52.39 -21.19 22.83
N VAL G 112 52.33 -20.78 21.56
CA VAL G 112 52.95 -19.54 21.15
C VAL G 112 52.19 -18.35 21.73
N GLU G 113 50.86 -18.40 21.68
CA GLU G 113 50.06 -17.24 22.06
C GLU G 113 49.99 -17.03 23.56
N TYR G 114 50.30 -18.05 24.36
CA TYR G 114 50.63 -17.84 25.77
C TYR G 114 52.11 -17.60 25.98
N ASP G 115 52.94 -18.03 25.03
CA ASP G 115 54.38 -17.74 25.05
C ASP G 115 55.04 -18.35 26.30
N LEU G 116 54.80 -19.64 26.49
CA LEU G 116 55.39 -20.39 27.61
C LEU G 116 56.64 -21.16 27.18
N ASN G 117 56.51 -22.03 26.17
CA ASN G 117 57.61 -22.86 25.70
C ASN G 117 58.20 -23.67 26.84
N ASP G 118 57.34 -24.23 27.68
CA ASP G 118 57.77 -24.95 28.87
C ASP G 118 56.68 -25.93 29.25
N GLU G 119 57.06 -26.91 30.08
CA GLU G 119 56.16 -28.00 30.45
C GLU G 119 55.18 -27.61 31.56
N GLN G 120 54.98 -26.32 31.82
CA GLN G 120 53.82 -25.89 32.59
C GLN G 120 52.53 -26.11 31.81
N MET G 121 52.61 -26.38 30.50
CA MET G 121 51.43 -26.57 29.68
C MET G 121 50.56 -27.69 30.20
N GLY G 122 51.16 -28.73 30.78
CA GLY G 122 50.38 -29.81 31.36
C GLY G 122 49.44 -29.33 32.45
N VAL G 123 49.87 -28.35 33.24
CA VAL G 123 49.02 -27.79 34.28
C VAL G 123 47.90 -26.97 33.65
N ILE G 124 48.24 -26.15 32.66
CA ILE G 124 47.25 -25.25 32.06
C ILE G 124 46.18 -26.06 31.35
N MET G 125 46.58 -27.08 30.60
CA MET G 125 45.63 -27.99 29.98
C MET G 125 44.72 -28.61 31.03
N ASN G 126 45.31 -29.08 32.12
CA ASN G 126 44.53 -29.69 33.19
C ASN G 126 43.62 -28.65 33.85
N GLY G 127 44.12 -27.43 34.02
CA GLY G 127 43.30 -26.36 34.56
C GLY G 127 42.14 -25.97 33.67
N PHE G 128 42.15 -26.40 32.41
CA PHE G 128 41.06 -26.08 31.51
C PHE G 128 39.94 -27.10 31.60
N MET G 129 40.28 -28.39 31.73
CA MET G 129 39.26 -29.42 31.58
C MET G 129 38.26 -29.40 32.73
N VAL G 130 38.72 -29.12 33.95
CA VAL G 130 37.79 -29.07 35.07
C VAL G 130 36.81 -27.93 34.88
N TRP G 131 37.31 -26.76 34.46
CA TRP G 131 36.41 -25.67 34.13
C TRP G 131 35.54 -26.02 32.94
N CYS G 132 36.07 -26.81 32.01
CA CYS G 132 35.29 -27.25 30.86
C CYS G 132 34.13 -28.14 31.27
N ILE G 133 34.24 -28.81 32.42
CA ILE G 133 33.11 -29.54 32.95
C ILE G 133 32.06 -28.58 33.48
N ASP G 134 32.44 -27.79 34.48
CA ASP G 134 31.49 -27.07 35.32
C ASP G 134 30.81 -25.92 34.63
N ASN G 135 31.10 -25.66 33.36
CA ASN G 135 30.31 -24.76 32.57
C ASN G 135 30.23 -25.30 31.15
N GLY G 136 29.30 -24.74 30.40
CA GLY G 136 29.03 -25.25 29.08
C GLY G 136 30.20 -25.08 28.13
N THR G 137 30.11 -25.77 27.02
CA THR G 137 31.08 -25.66 25.92
C THR G 137 30.31 -25.31 24.66
N SER G 138 30.48 -24.08 24.20
CA SER G 138 29.85 -23.61 22.98
C SER G 138 30.65 -22.44 22.46
N PRO G 139 30.60 -22.16 21.16
CA PRO G 139 31.36 -21.02 20.64
C PRO G 139 30.95 -19.68 21.22
N ASP G 140 29.74 -19.58 21.79
CA ASP G 140 29.26 -18.31 22.32
C ASP G 140 29.62 -18.17 23.81
N VAL G 141 30.92 -18.28 24.07
CA VAL G 141 31.49 -17.94 25.38
C VAL G 141 32.33 -16.69 25.22
N ASN G 142 32.32 -15.87 26.26
CA ASN G 142 33.20 -14.71 26.32
C ASN G 142 33.60 -14.52 27.77
N GLY G 143 34.48 -13.56 27.98
CA GLY G 143 35.00 -13.27 29.30
C GLY G 143 36.31 -13.99 29.53
N VAL G 144 36.39 -14.73 30.64
CA VAL G 144 37.64 -15.33 31.10
C VAL G 144 37.34 -16.72 31.64
N TRP G 145 38.40 -17.40 32.04
CA TRP G 145 38.31 -18.65 32.78
C TRP G 145 39.42 -18.68 33.81
N VAL G 146 39.38 -19.69 34.67
CA VAL G 146 40.20 -19.65 35.88
C VAL G 146 40.41 -21.05 36.42
N MET G 147 41.61 -21.28 36.92
CA MET G 147 41.90 -22.30 37.92
C MET G 147 42.43 -21.60 39.16
N MET G 148 42.44 -22.32 40.28
CA MET G 148 42.86 -21.76 41.56
C MET G 148 43.96 -22.62 42.17
N ASP G 149 44.76 -21.96 43.02
CA ASP G 149 45.81 -22.60 43.80
C ASP G 149 45.84 -21.97 45.17
N GLY G 150 45.74 -22.78 46.21
CA GLY G 150 45.65 -22.23 47.55
C GLY G 150 44.28 -21.65 47.80
N GLU G 151 44.17 -20.32 47.80
CA GLU G 151 42.90 -19.64 48.00
C GLU G 151 42.62 -18.52 47.00
N GLU G 152 43.57 -18.17 46.14
CA GLU G 152 43.36 -17.06 45.20
C GLU G 152 42.71 -17.57 43.92
N GLN G 153 42.54 -16.65 42.96
CA GLN G 153 41.70 -16.85 41.78
C GLN G 153 42.47 -16.40 40.53
N VAL G 154 43.65 -16.98 40.35
CA VAL G 154 44.52 -16.65 39.22
C VAL G 154 43.83 -16.97 37.90
N GLU G 155 43.49 -15.92 37.14
CA GLU G 155 42.67 -16.04 35.95
C GLU G 155 43.53 -16.00 34.67
N TYR G 156 42.86 -16.11 33.54
CA TYR G 156 43.50 -16.18 32.24
C TYR G 156 42.53 -15.64 31.20
N PRO G 157 42.98 -15.42 29.97
CA PRO G 157 42.05 -15.09 28.88
C PRO G 157 41.43 -16.35 28.28
N LEU G 158 40.51 -16.13 27.35
CA LEU G 158 39.59 -17.17 26.90
C LEU G 158 39.55 -17.31 25.38
N LYS G 159 39.83 -16.22 24.67
CA LYS G 159 39.66 -16.20 23.22
C LYS G 159 40.52 -17.22 22.48
N PRO G 160 41.85 -17.22 22.62
CA PRO G 160 42.69 -17.95 21.67
C PRO G 160 42.49 -19.46 21.68
N ILE G 161 42.00 -20.04 22.77
CA ILE G 161 41.67 -21.46 22.76
C ILE G 161 40.56 -21.73 21.75
N VAL G 162 39.55 -20.87 21.73
CA VAL G 162 38.40 -21.09 20.88
C VAL G 162 38.75 -20.81 19.42
N GLU G 163 39.17 -19.58 19.13
CA GLU G 163 39.29 -19.16 17.74
C GLU G 163 40.37 -19.92 16.99
N ASN G 164 41.42 -20.37 17.68
CA ASN G 164 42.39 -21.28 17.06
C ASN G 164 42.03 -22.73 17.33
N ALA G 165 40.77 -23.07 17.09
CA ALA G 165 40.27 -24.44 17.13
C ALA G 165 39.70 -24.73 15.75
N LYS G 166 40.32 -25.65 15.03
CA LYS G 166 40.12 -25.69 13.57
C LYS G 166 38.69 -26.13 13.23
N PRO G 167 38.25 -27.34 13.58
CA PRO G 167 36.80 -27.53 13.71
C PRO G 167 36.34 -26.99 15.06
N THR G 168 35.08 -27.21 15.41
CA THR G 168 34.55 -26.62 16.64
C THR G 168 35.24 -27.22 17.86
N LEU G 169 34.84 -26.73 19.04
CA LEU G 169 35.56 -27.06 20.26
C LEU G 169 35.31 -28.50 20.67
N ARG G 170 34.03 -28.86 20.86
CA ARG G 170 33.69 -30.21 21.31
C ARG G 170 34.21 -31.26 20.34
N GLN G 171 34.20 -30.93 19.05
CA GLN G 171 34.77 -31.79 18.01
C GLN G 171 36.23 -32.12 18.26
N ILE G 172 36.93 -31.31 19.06
CA ILE G 172 38.27 -31.65 19.56
C ILE G 172 38.17 -32.41 20.87
N MET G 173 37.32 -31.95 21.78
CA MET G 173 37.40 -32.36 23.16
C MET G 173 36.74 -33.71 23.45
N HIS G 174 36.33 -34.46 22.44
CA HIS G 174 35.90 -35.83 22.70
C HIS G 174 37.05 -36.74 23.09
N HIS G 175 38.30 -36.31 22.91
CA HIS G 175 39.43 -37.13 23.34
C HIS G 175 39.38 -37.38 24.83
N PHE G 176 39.11 -36.34 25.61
CA PHE G 176 39.00 -36.46 27.04
C PHE G 176 37.70 -37.17 27.41
N SER G 177 37.77 -38.48 27.57
CA SER G 177 36.65 -39.28 28.02
C SER G 177 36.94 -39.99 29.32
N ASP G 178 38.05 -40.73 29.38
CA ASP G 178 38.37 -41.50 30.56
C ASP G 178 39.04 -40.66 31.63
N ALA G 179 39.70 -39.58 31.24
CA ALA G 179 40.37 -38.72 32.20
C ALA G 179 39.38 -38.11 33.18
N ALA G 180 38.46 -37.30 32.66
CA ALA G 180 37.46 -36.68 33.52
C ALA G 180 36.57 -37.71 34.19
N GLU G 181 36.38 -38.86 33.55
CA GLU G 181 35.63 -39.95 34.16
C GLU G 181 36.24 -40.36 35.50
N ALA G 182 37.52 -40.74 35.47
CA ALA G 182 38.19 -41.14 36.71
C ALA G 182 38.25 -39.99 37.69
N TYR G 183 38.33 -38.76 37.19
CA TYR G 183 38.42 -37.59 38.05
C TYR G 183 37.18 -37.48 38.94
N ILE G 184 35.99 -37.45 38.33
CA ILE G 184 34.79 -37.32 39.12
C ILE G 184 34.49 -38.59 39.88
N GLU G 185 35.07 -39.72 39.46
CA GLU G 185 34.88 -40.95 40.20
C GLU G 185 35.44 -40.84 41.60
N MET G 186 36.70 -40.42 41.72
CA MET G 186 37.33 -40.37 43.03
C MET G 186 36.75 -39.25 43.88
N ARG G 187 36.52 -38.08 43.27
CA ARG G 187 35.91 -36.99 43.99
C ARG G 187 34.50 -37.34 44.44
N ASN G 188 33.83 -38.24 43.72
CA ASN G 188 32.56 -38.77 44.19
C ASN G 188 32.78 -39.81 45.29
N SER G 189 33.93 -40.49 45.26
CA SER G 189 34.23 -41.47 46.30
C SER G 189 34.34 -40.80 47.65
N GLU G 190 35.16 -39.75 47.76
CA GLU G 190 35.25 -39.02 49.00
C GLU G 190 33.91 -38.39 49.34
N SER G 191 33.51 -37.40 48.56
CA SER G 191 32.40 -36.53 48.87
C SER G 191 31.36 -36.57 47.77
N PRO G 192 30.12 -36.13 48.03
CA PRO G 192 29.07 -36.27 47.02
C PRO G 192 29.13 -35.20 45.94
N TYR G 193 29.89 -35.50 44.89
CA TYR G 193 30.14 -34.55 43.82
C TYR G 193 29.11 -34.67 42.70
N MET G 194 28.83 -33.55 42.04
CA MET G 194 28.03 -33.53 40.83
C MET G 194 28.40 -32.28 40.05
N PRO G 195 28.54 -32.33 38.72
CA PRO G 195 28.83 -31.12 37.96
C PRO G 195 27.68 -30.13 37.92
N ARG G 196 27.86 -29.07 37.12
CA ARG G 196 26.80 -28.12 36.86
C ARG G 196 25.92 -28.56 35.70
N TYR G 197 26.49 -29.22 34.69
CA TYR G 197 25.72 -29.72 33.56
C TYR G 197 24.63 -30.69 33.98
N GLY G 198 24.76 -31.30 35.14
CA GLY G 198 23.73 -32.19 35.66
C GLY G 198 22.75 -31.46 36.56
N LEU G 199 23.29 -30.66 37.48
CA LEU G 199 22.43 -29.93 38.40
C LEU G 199 21.54 -28.93 37.68
N LEU G 200 21.96 -28.47 36.51
CA LEU G 200 21.09 -27.64 35.70
C LEU G 200 19.93 -28.43 35.11
N ARG G 201 20.03 -29.76 35.10
CA ARG G 201 19.00 -30.63 34.53
C ARG G 201 18.47 -31.64 35.53
N ASN G 202 18.87 -31.55 36.80
CA ASN G 202 18.14 -32.09 37.95
C ASN G 202 17.98 -33.61 37.83
N LEU G 203 19.11 -34.30 37.92
CA LEU G 203 19.10 -35.73 38.11
C LEU G 203 18.83 -36.06 39.58
N ARG G 204 18.10 -37.14 39.80
CA ARG G 204 17.86 -37.66 41.14
C ARG G 204 18.85 -38.74 41.52
N ASP G 205 19.34 -39.52 40.55
CA ASP G 205 20.25 -40.60 40.94
C ASP G 205 21.65 -40.06 41.04
N ARG G 206 22.14 -40.05 42.27
CA ARG G 206 23.50 -39.61 42.56
C ARG G 206 24.53 -40.48 41.85
N GLU G 207 24.15 -41.67 41.40
CA GLU G 207 25.10 -42.64 40.89
C GLU G 207 25.56 -42.34 39.48
N LEU G 208 24.73 -41.68 38.66
CA LEU G 208 25.04 -41.44 37.27
C LEU G 208 25.72 -40.10 37.04
N ALA G 209 26.50 -39.62 38.00
CA ALA G 209 27.36 -38.48 37.73
C ALA G 209 28.44 -38.82 36.72
N ARG G 210 28.78 -40.11 36.61
CA ARG G 210 29.80 -40.57 35.68
C ARG G 210 29.51 -40.17 34.24
N TYR G 211 28.23 -39.98 33.89
CA TYR G 211 27.81 -39.78 32.52
C TYR G 211 27.18 -38.40 32.34
N ALA G 212 27.80 -37.38 32.92
CA ALA G 212 27.30 -36.00 32.83
C ALA G 212 28.43 -35.11 32.34
N PHE G 213 28.43 -34.83 31.05
CA PHE G 213 29.36 -33.91 30.43
C PHE G 213 28.69 -33.27 29.23
N ASP G 214 29.26 -32.16 28.78
CA ASP G 214 29.09 -31.78 27.39
C ASP G 214 29.81 -32.77 26.49
N PHE G 215 31.09 -32.99 26.75
CA PHE G 215 31.93 -33.88 25.96
C PHE G 215 31.93 -35.25 26.61
N TYR G 216 31.38 -36.23 25.91
CA TYR G 216 31.48 -37.62 26.33
C TYR G 216 31.22 -38.49 25.13
N GLU G 217 32.13 -39.41 24.85
CA GLU G 217 32.14 -40.16 23.61
C GLU G 217 31.59 -41.56 23.86
N VAL G 218 30.45 -41.84 23.24
CA VAL G 218 29.84 -43.15 23.34
C VAL G 218 30.80 -44.19 22.75
N THR G 219 30.74 -45.40 23.30
CA THR G 219 31.45 -46.53 22.75
C THR G 219 30.53 -47.74 22.80
N SER G 220 31.05 -48.88 22.37
CA SER G 220 30.33 -50.13 22.54
C SER G 220 30.49 -50.72 23.93
N LYS G 221 31.15 -50.00 24.85
CA LYS G 221 31.43 -50.53 26.18
C LYS G 221 30.39 -50.14 27.22
N THR G 222 29.63 -49.08 26.98
CA THR G 222 28.76 -48.56 28.02
C THR G 222 27.65 -49.56 28.34
N PRO G 223 27.05 -49.46 29.52
CA PRO G 223 25.85 -50.26 29.80
C PRO G 223 24.61 -49.64 29.18
N ASN G 224 23.53 -50.40 29.24
CA ASN G 224 22.28 -50.03 28.60
C ASN G 224 21.42 -49.12 29.45
N ARG G 225 21.94 -48.56 30.53
CA ARG G 225 21.18 -47.69 31.42
C ARG G 225 21.48 -46.22 31.15
N ALA G 226 22.76 -45.84 31.24
CA ALA G 226 23.13 -44.45 31.01
C ALA G 226 22.91 -44.04 29.56
N ARG G 227 22.91 -45.01 28.65
CA ARG G 227 22.70 -44.72 27.23
C ARG G 227 21.34 -44.08 27.00
N GLU G 228 20.36 -44.39 27.85
CA GLU G 228 19.06 -43.72 27.75
C GLU G 228 19.11 -42.31 28.29
N ALA G 229 19.72 -42.14 29.47
CA ALA G 229 19.67 -40.85 30.15
C ALA G 229 20.38 -39.77 29.36
N ILE G 230 21.47 -40.12 28.67
CA ILE G 230 22.19 -39.14 27.88
C ILE G 230 21.29 -38.57 26.80
N ALA G 231 20.61 -39.45 26.07
CA ALA G 231 19.78 -39.00 24.96
C ALA G 231 18.63 -38.14 25.46
N GLN G 232 18.13 -38.42 26.67
CA GLN G 232 17.10 -37.57 27.23
C GLN G 232 17.62 -36.17 27.49
N MET G 233 18.87 -36.05 27.94
CA MET G 233 19.44 -34.74 28.16
C MET G 233 19.57 -33.98 26.85
N LYS G 234 20.16 -34.62 25.84
CA LYS G 234 20.40 -33.95 24.57
C LYS G 234 19.11 -33.49 23.93
N ALA G 235 18.02 -34.23 24.12
CA ALA G 235 16.74 -33.84 23.55
C ALA G 235 16.04 -32.80 24.41
N ALA G 236 16.27 -32.83 25.72
CA ALA G 236 15.61 -31.87 26.59
C ALA G 236 16.20 -30.48 26.43
N ALA G 237 17.48 -30.40 26.12
CA ALA G 237 18.17 -29.13 26.05
C ALA G 237 18.14 -28.52 24.67
N LEU G 238 17.35 -29.05 23.75
CA LEU G 238 17.22 -28.50 22.41
C LEU G 238 15.77 -28.57 21.99
N ALA G 239 15.12 -27.41 21.96
CA ALA G 239 13.73 -27.33 21.53
C ALA G 239 13.42 -25.87 21.26
N GLY G 240 12.74 -25.61 20.14
CA GLY G 240 12.46 -24.28 19.70
C GLY G 240 13.54 -23.63 18.87
N ILE G 241 14.76 -24.14 18.94
CA ILE G 241 15.85 -23.60 18.13
C ILE G 241 15.53 -23.90 16.66
N ASN G 242 15.26 -22.84 15.90
CA ASN G 242 14.98 -22.95 14.47
C ASN G 242 16.27 -22.63 13.72
N SER G 243 16.73 -23.59 12.91
CA SER G 243 18.07 -23.52 12.33
C SER G 243 18.23 -22.32 11.42
N ARG G 244 17.49 -22.27 10.31
CA ARG G 244 17.45 -21.10 9.43
C ARG G 244 18.85 -20.76 8.91
N LEU G 245 19.35 -21.64 8.03
CA LEU G 245 20.75 -21.61 7.64
C LEU G 245 21.22 -20.27 7.09
N PHE G 246 20.31 -19.43 6.62
CA PHE G 246 20.67 -18.08 6.20
C PHE G 246 20.62 -17.12 7.37
N GLY G 247 21.47 -16.10 7.30
CA GLY G 247 21.51 -15.05 8.29
C GLY G 247 20.79 -13.83 7.79
N LEU G 248 21.54 -12.86 7.29
CA LEU G 248 20.98 -11.76 6.53
C LEU G 248 21.88 -11.41 5.37
N ASP G 249 21.27 -10.95 4.28
CA ASP G 249 21.99 -10.51 3.11
C ASP G 249 22.53 -9.11 3.31
N GLY G 250 23.68 -8.84 2.72
CA GLY G 250 24.27 -7.52 2.82
C GLY G 250 23.75 -6.55 1.77
N ASN G 251 23.36 -7.07 0.61
CA ASN G 251 22.89 -6.20 -0.48
C ASN G 251 21.54 -5.63 -0.11
N ILE G 252 21.50 -4.32 0.04
CA ILE G 252 20.25 -3.56 0.20
C ILE G 252 20.03 -2.77 -1.07
N SER G 253 18.76 -2.66 -1.46
CA SER G 253 18.35 -1.66 -2.45
C SER G 253 16.95 -1.21 -2.05
N THR G 254 16.89 -0.19 -1.20
CA THR G 254 15.60 0.41 -0.87
C THR G 254 15.12 1.34 -1.96
N ASN G 255 16.05 1.93 -2.71
CA ASN G 255 15.71 2.81 -3.82
C ASN G 255 16.86 2.78 -4.81
N SER G 256 16.53 2.58 -6.09
CA SER G 256 17.56 2.46 -7.12
C SER G 256 18.38 3.74 -7.23
N GLU G 257 19.53 3.62 -7.88
CA GLU G 257 20.44 4.73 -8.02
C GLU G 257 19.90 5.73 -9.04
N ASN G 258 20.06 7.02 -8.73
CA ASN G 258 19.35 8.06 -9.48
C ASN G 258 19.97 8.31 -10.85
N THR G 259 21.23 8.75 -10.87
CA THR G 259 21.94 9.07 -12.11
C THR G 259 21.21 10.15 -12.91
N GLU G 260 21.09 11.33 -12.30
CA GLU G 260 20.59 12.51 -12.99
C GLU G 260 21.32 13.74 -12.46
N ARG G 261 21.10 14.87 -13.12
CA ARG G 261 21.90 16.07 -12.96
C ARG G 261 21.08 17.20 -12.33
N HIS G 262 21.74 18.35 -12.19
CA HIS G 262 21.09 19.58 -11.78
C HIS G 262 21.76 20.75 -12.48
N THR G 263 20.97 21.76 -12.82
CA THR G 263 21.48 23.01 -13.35
C THR G 263 20.72 24.15 -12.69
N ALA G 264 21.09 25.38 -13.05
CA ALA G 264 20.43 26.56 -12.53
C ALA G 264 19.09 26.78 -13.23
N PRO I 58 48.83 -55.72 49.24
CA PRO I 58 49.36 -54.89 48.17
C PRO I 58 48.47 -53.70 47.85
N ARG I 59 49.09 -52.56 47.53
CA ARG I 59 48.37 -51.30 47.35
C ARG I 59 48.90 -50.57 46.14
N LEU I 60 48.08 -49.66 45.62
CA LEU I 60 48.45 -48.83 44.48
C LEU I 60 47.56 -47.59 44.49
N GLN I 61 47.74 -46.76 43.47
CA GLN I 61 47.02 -45.51 43.33
C GLN I 61 45.99 -45.59 42.20
N LYS I 62 45.02 -44.68 42.26
CA LYS I 62 43.87 -44.75 41.38
C LYS I 62 44.27 -44.63 39.91
N ILE I 63 44.82 -43.49 39.52
CA ILE I 63 45.33 -43.34 38.16
C ILE I 63 46.62 -44.14 38.02
N THR I 64 46.87 -44.62 36.80
CA THR I 64 48.11 -45.29 36.46
C THR I 64 48.59 -44.77 35.12
N LYS I 65 49.91 -44.76 34.95
CA LYS I 65 50.50 -44.28 33.69
C LYS I 65 50.03 -45.10 32.50
N LYS I 66 49.71 -46.38 32.71
CA LYS I 66 49.30 -47.25 31.62
C LYS I 66 47.86 -47.03 31.19
N MET I 67 47.12 -46.16 31.85
CA MET I 67 45.81 -45.77 31.36
C MET I 67 45.94 -45.10 30.00
N ASN I 68 44.90 -45.23 29.18
CA ASN I 68 44.89 -44.57 27.89
C ASN I 68 44.75 -43.06 28.07
N LEU I 69 45.56 -42.31 27.33
CA LEU I 69 45.75 -40.89 27.59
C LEU I 69 46.14 -40.22 26.27
N PRO I 70 46.24 -38.89 26.25
CA PRO I 70 46.64 -38.21 25.02
C PRO I 70 48.08 -38.50 24.61
N THR I 71 48.31 -38.48 23.29
CA THR I 71 49.55 -38.94 22.67
C THR I 71 50.02 -38.01 21.55
N VAL I 72 50.17 -36.72 21.84
CA VAL I 72 50.75 -35.78 20.85
C VAL I 72 52.06 -36.34 20.33
N GLY I 73 53.04 -36.47 21.22
CA GLY I 73 54.28 -37.16 20.89
C GLY I 73 54.16 -38.63 21.26
N GLY I 74 54.94 -39.45 20.55
CA GLY I 74 54.99 -40.87 20.88
C GLY I 74 55.46 -41.11 22.30
N LYS I 75 56.29 -40.21 22.84
CA LYS I 75 56.83 -40.34 24.19
C LYS I 75 56.08 -39.48 25.19
N ILE I 76 56.03 -38.17 24.97
CA ILE I 76 55.65 -37.24 26.04
C ILE I 76 54.14 -37.27 26.21
N ILE I 77 53.71 -37.23 27.48
CA ILE I 77 52.32 -37.18 27.87
C ILE I 77 52.02 -35.77 28.37
N LEU I 78 50.77 -35.36 28.19
CA LEU I 78 50.38 -33.98 28.46
C LEU I 78 49.86 -33.82 29.88
N SER I 79 48.90 -34.65 30.26
CA SER I 79 48.36 -34.61 31.61
C SER I 79 49.34 -35.22 32.61
N LEU I 80 50.16 -34.38 33.24
CA LEU I 80 51.13 -34.88 34.21
C LEU I 80 50.41 -35.47 35.42
N ASP I 81 50.83 -36.68 35.81
CA ASP I 81 50.17 -37.41 36.89
C ASP I 81 50.64 -36.84 38.23
N HIS I 82 50.07 -35.68 38.57
CA HIS I 82 50.18 -35.10 39.90
C HIS I 82 48.81 -34.64 40.37
N LEU I 83 47.76 -35.30 39.89
CA LEU I 83 46.39 -34.93 40.19
C LEU I 83 45.88 -35.54 41.47
N LEU I 84 46.62 -36.49 42.04
CA LEU I 84 46.19 -37.18 43.25
C LEU I 84 46.00 -36.21 44.41
N GLU I 85 46.69 -35.06 44.39
CA GLU I 85 46.45 -33.97 45.32
C GLU I 85 46.16 -32.74 44.48
N TYR I 86 44.92 -32.66 44.00
CA TYR I 86 44.38 -31.44 43.38
C TYR I 86 42.89 -31.45 43.68
N LYS I 87 42.51 -30.82 44.79
CA LYS I 87 41.16 -30.88 45.33
C LYS I 87 40.69 -29.48 45.71
N PRO I 88 40.51 -28.61 44.71
CA PRO I 88 39.93 -27.30 44.99
C PRO I 88 38.48 -27.42 45.39
N ASN I 89 38.04 -26.53 46.28
CA ASN I 89 36.63 -26.45 46.61
C ASN I 89 35.86 -26.11 45.35
N GLN I 90 34.82 -26.89 45.08
CA GLN I 90 34.19 -26.88 43.77
C GLN I 90 33.58 -25.53 43.45
N VAL I 91 32.87 -24.95 44.41
CA VAL I 91 32.05 -23.78 44.16
C VAL I 91 32.88 -22.57 43.77
N ASP I 92 34.17 -22.56 44.13
CA ASP I 92 35.02 -21.44 43.80
C ASP I 92 35.35 -21.33 42.33
N LEU I 93 34.97 -22.32 41.52
CA LEU I 93 35.44 -22.45 40.15
C LEU I 93 34.40 -22.08 39.10
N PHE I 94 33.14 -21.87 39.49
CA PHE I 94 32.08 -21.61 38.54
C PHE I 94 32.28 -20.28 37.83
N ASN I 95 31.44 -20.05 36.83
CA ASN I 95 31.31 -18.77 36.14
C ASN I 95 30.21 -17.91 36.71
N THR I 96 29.18 -18.51 37.29
CA THR I 96 28.04 -17.76 37.83
C THR I 96 28.39 -16.93 39.05
N ARG I 97 29.55 -17.16 39.67
CA ARG I 97 30.04 -16.30 40.72
C ARG I 97 31.04 -15.31 40.13
N ALA I 98 31.12 -14.14 40.75
CA ALA I 98 32.12 -13.16 40.37
C ALA I 98 33.51 -13.66 40.75
N THR I 99 34.52 -12.84 40.45
CA THR I 99 35.89 -13.16 40.82
C THR I 99 36.19 -12.69 42.24
N LYS I 100 37.32 -13.15 42.76
CA LYS I 100 37.82 -12.60 44.02
C LYS I 100 38.15 -11.13 43.89
N THR I 101 38.56 -10.71 42.70
CA THR I 101 38.94 -9.32 42.46
C THR I 101 37.74 -8.39 42.56
N GLN I 102 36.70 -8.68 41.79
CA GLN I 102 35.56 -7.78 41.69
C GLN I 102 34.86 -7.62 43.02
N PHE I 103 34.79 -8.69 43.80
CA PHE I 103 34.22 -8.60 45.15
C PHE I 103 35.04 -7.65 46.00
N GLU I 104 36.37 -7.67 45.84
CA GLU I 104 37.22 -6.80 46.63
C GLU I 104 37.00 -5.34 46.26
N SER I 105 37.07 -5.02 44.95
CA SER I 105 36.93 -3.64 44.54
C SER I 105 35.54 -3.09 44.86
N TRP I 106 34.52 -3.93 44.78
CA TRP I 106 33.18 -3.52 45.19
C TRP I 106 33.18 -3.09 46.66
N TYR I 107 33.90 -3.84 47.49
CA TYR I 107 33.96 -3.51 48.91
C TYR I 107 34.78 -2.25 49.16
N SER I 108 35.76 -1.97 48.29
CA SER I 108 36.59 -0.79 48.48
C SER I 108 35.93 0.46 47.89
N ALA I 109 35.36 0.33 46.69
CA ALA I 109 34.77 1.49 46.03
C ALA I 109 33.56 1.99 46.77
N VAL I 110 32.82 1.10 47.42
CA VAL I 110 31.62 1.52 48.15
C VAL I 110 31.99 2.39 49.34
N LYS I 111 33.10 2.06 50.00
CA LYS I 111 33.44 2.71 51.26
C LYS I 111 33.73 4.19 51.07
N VAL I 112 34.28 4.56 49.91
CA VAL I 112 34.59 5.96 49.66
C VAL I 112 33.31 6.77 49.50
N GLU I 113 32.34 6.23 48.76
CA GLU I 113 31.16 7.01 48.41
C GLU I 113 30.19 7.14 49.57
N TYR I 114 30.28 6.30 50.60
CA TYR I 114 29.67 6.60 51.88
C TYR I 114 30.59 7.37 52.80
N ASP I 115 31.91 7.29 52.56
CA ASP I 115 32.90 8.09 53.28
C ASP I 115 32.88 7.74 54.77
N LEU I 116 33.00 6.46 55.07
CA LEU I 116 33.04 5.97 56.44
C LEU I 116 34.48 5.72 56.91
N ASN I 117 35.22 4.88 56.18
CA ASN I 117 36.59 4.52 56.54
C ASN I 117 36.65 3.97 57.96
N ASP I 118 35.69 3.11 58.29
CA ASP I 118 35.56 2.60 59.65
C ASP I 118 34.82 1.27 59.57
N GLU I 119 34.96 0.49 60.65
CA GLU I 119 34.40 -0.86 60.70
C GLU I 119 32.90 -0.89 61.01
N GLN I 120 32.20 0.24 60.87
CA GLN I 120 30.75 0.19 60.79
C GLN I 120 30.27 -0.47 59.51
N MET I 121 31.16 -0.67 58.53
CA MET I 121 30.80 -1.28 57.26
C MET I 121 30.18 -2.66 57.44
N GLY I 122 30.63 -3.40 58.46
CA GLY I 122 30.05 -4.70 58.73
C GLY I 122 28.57 -4.62 59.02
N VAL I 123 28.14 -3.57 59.72
CA VAL I 123 26.73 -3.38 60.00
C VAL I 123 25.97 -3.03 58.73
N ILE I 124 26.54 -2.12 57.93
CA ILE I 124 25.85 -1.64 56.73
C ILE I 124 25.68 -2.78 55.74
N MET I 125 26.74 -3.57 55.55
CA MET I 125 26.65 -4.75 54.71
C MET I 125 25.55 -5.68 55.21
N ASN I 126 25.53 -5.92 56.52
CA ASN I 126 24.52 -6.78 57.09
C ASN I 126 23.13 -6.17 56.95
N GLY I 127 23.04 -4.85 57.11
CA GLY I 127 21.77 -4.17 56.91
C GLY I 127 21.27 -4.23 55.47
N PHE I 128 22.13 -4.60 54.53
CA PHE I 128 21.71 -4.70 53.14
C PHE I 128 21.12 -6.06 52.82
N MET I 129 21.71 -7.12 53.37
CA MET I 129 21.35 -8.46 52.90
C MET I 129 19.92 -8.83 53.31
N VAL I 130 19.50 -8.44 54.52
CA VAL I 130 18.14 -8.74 54.94
C VAL I 130 17.14 -8.04 54.02
N TRP I 131 17.39 -6.77 53.72
CA TRP I 131 16.55 -6.08 52.74
C TRP I 131 16.68 -6.72 51.37
N CYS I 132 17.85 -7.23 51.04
CA CYS I 132 18.05 -7.91 49.77
C CYS I 132 17.23 -9.18 49.66
N ILE I 133 16.86 -9.77 50.80
CA ILE I 133 15.92 -10.88 50.79
C ILE I 133 14.53 -10.38 50.46
N ASP I 134 14.00 -9.53 51.34
CA ASP I 134 12.58 -9.23 51.39
C ASP I 134 12.08 -8.40 50.23
N ASN I 135 12.95 -8.03 49.29
CA ASN I 135 12.51 -7.47 48.03
C ASN I 135 13.42 -7.97 46.93
N GLY I 136 12.98 -7.78 45.70
CA GLY I 136 13.68 -8.34 44.57
C GLY I 136 15.05 -7.73 44.39
N THR I 137 15.84 -8.39 43.55
CA THR I 137 17.15 -7.92 43.15
C THR I 137 17.19 -7.85 41.63
N SER I 138 17.18 -6.64 41.10
CA SER I 138 17.25 -6.43 39.67
C SER I 138 17.80 -5.02 39.43
N PRO I 139 18.41 -4.76 38.28
CA PRO I 139 18.92 -3.41 38.04
C PRO I 139 17.85 -2.34 38.03
N ASP I 140 16.59 -2.69 37.83
CA ASP I 140 15.51 -1.71 37.76
C ASP I 140 14.90 -1.46 39.15
N VAL I 141 15.78 -1.08 40.09
CA VAL I 141 15.36 -0.58 41.39
C VAL I 141 15.70 0.89 41.46
N ASN I 142 14.84 1.64 42.15
CA ASN I 142 15.10 3.03 42.44
C ASN I 142 14.52 3.34 43.80
N GLY I 143 14.80 4.55 44.25
CA GLY I 143 14.34 4.99 45.57
C GLY I 143 15.42 4.81 46.59
N VAL I 144 15.09 4.14 47.70
CA VAL I 144 15.96 4.03 48.85
C VAL I 144 15.87 2.62 49.41
N TRP I 145 16.67 2.37 50.45
CA TRP I 145 16.55 1.18 51.25
C TRP I 145 16.83 1.53 52.70
N VAL I 146 16.64 0.57 53.59
CA VAL I 146 16.56 0.89 55.00
C VAL I 146 16.85 -0.34 55.84
N MET I 147 17.54 -0.12 56.95
CA MET I 147 17.52 -0.97 58.12
C MET I 147 17.00 -0.15 59.29
N MET I 148 16.60 -0.83 60.36
CA MET I 148 16.02 -0.18 61.52
C MET I 148 16.77 -0.58 62.78
N ASP I 149 16.69 0.32 63.77
CA ASP I 149 17.25 0.09 65.09
C ASP I 149 16.29 0.68 66.12
N GLY I 150 15.89 -0.13 67.09
CA GLY I 150 14.89 0.33 68.03
C GLY I 150 13.51 0.35 67.39
N GLU I 151 13.02 1.54 67.06
CA GLU I 151 11.72 1.70 66.42
C GLU I 151 11.73 2.65 65.23
N GLU I 152 12.82 3.35 64.95
CA GLU I 152 12.85 4.31 63.86
C GLU I 152 13.24 3.62 62.55
N GLN I 153 13.37 4.43 61.49
CA GLN I 153 13.46 3.96 60.11
C GLN I 153 14.62 4.67 59.40
N VAL I 154 15.81 4.58 59.99
CA VAL I 154 17.01 5.23 59.46
C VAL I 154 17.33 4.69 58.07
N GLU I 155 17.18 5.55 57.06
CA GLU I 155 17.26 5.15 55.67
C GLU I 155 18.63 5.53 55.07
N TYR I 156 18.80 5.20 53.79
CA TYR I 156 20.05 5.39 53.08
C TYR I 156 19.73 5.55 51.60
N PRO I 157 20.71 5.94 50.79
CA PRO I 157 20.52 5.92 49.34
C PRO I 157 20.78 4.53 48.77
N LEU I 158 20.53 4.40 47.46
CA LEU I 158 20.41 3.12 46.80
C LEU I 158 21.28 2.99 45.57
N LYS I 159 21.56 4.12 44.91
CA LYS I 159 22.25 4.09 43.62
C LYS I 159 23.65 3.48 43.68
N PRO I 160 24.58 3.97 44.50
CA PRO I 160 25.99 3.61 44.30
C PRO I 160 26.31 2.14 44.51
N ILE I 161 25.50 1.40 45.26
CA ILE I 161 25.70 -0.04 45.35
C ILE I 161 25.51 -0.68 43.99
N VAL I 162 24.48 -0.26 43.26
CA VAL I 162 24.16 -0.88 41.99
C VAL I 162 25.17 -0.47 40.93
N GLU I 163 25.27 0.84 40.67
CA GLU I 163 26.02 1.31 39.50
C GLU I 163 27.51 1.01 39.61
N ASN I 164 28.05 0.96 40.82
CA ASN I 164 29.42 0.49 41.01
C ASN I 164 29.45 -1.00 41.33
N ALA I 165 28.73 -1.77 40.53
CA ALA I 165 28.76 -3.23 40.56
C ALA I 165 29.20 -3.68 39.19
N LYS I 166 30.38 -4.30 39.10
CA LYS I 166 31.06 -4.38 37.81
C LYS I 166 30.30 -5.32 36.86
N PRO I 167 30.15 -6.61 37.14
CA PRO I 167 29.03 -7.34 36.53
C PRO I 167 27.75 -7.02 37.28
N THR I 168 26.66 -7.69 36.94
CA THR I 168 25.37 -7.37 37.55
C THR I 168 25.39 -7.69 39.04
N LEU I 169 24.27 -7.40 39.70
CA LEU I 169 24.21 -7.46 41.16
C LEU I 169 24.24 -8.89 41.65
N ARG I 170 23.28 -9.71 41.19
CA ARG I 170 23.20 -11.09 41.66
C ARG I 170 24.46 -11.86 41.33
N GLN I 171 25.09 -11.54 40.20
CA GLN I 171 26.38 -12.11 39.82
C GLN I 171 27.45 -11.87 40.88
N ILE I 172 27.28 -10.87 41.74
CA ILE I 172 28.11 -10.70 42.93
C ILE I 172 27.53 -11.47 44.11
N MET I 173 26.23 -11.38 44.31
CA MET I 173 25.63 -11.76 45.58
C MET I 173 25.39 -13.24 45.72
N HIS I 174 25.90 -14.08 44.82
CA HIS I 174 25.85 -15.52 45.08
C HIS I 174 26.79 -15.94 46.19
N HIS I 175 27.70 -15.07 46.63
CA HIS I 175 28.57 -15.42 47.75
C HIS I 175 27.76 -15.71 48.99
N PHE I 176 26.79 -14.84 49.28
CA PHE I 176 25.93 -15.02 50.43
C PHE I 176 24.96 -16.17 50.19
N SER I 177 25.33 -17.36 50.62
CA SER I 177 24.47 -18.53 50.54
C SER I 177 24.18 -19.10 51.91
N ASP I 178 25.21 -19.38 52.70
CA ASP I 178 25.03 -20.00 54.00
C ASP I 178 24.67 -18.98 55.06
N ALA I 179 25.06 -17.73 54.87
CA ALA I 179 24.75 -16.70 55.86
C ALA I 179 23.25 -16.52 56.01
N ALA I 180 22.59 -16.10 54.93
CA ALA I 180 21.15 -15.91 54.98
C ALA I 180 20.42 -17.20 55.27
N GLU I 181 21.00 -18.33 54.87
CA GLU I 181 20.41 -19.63 55.18
C GLU I 181 20.25 -19.81 56.69
N ALA I 182 21.36 -19.69 57.42
CA ALA I 182 21.29 -19.83 58.87
C ALA I 182 20.42 -18.76 59.49
N TYR I 183 20.38 -17.57 58.88
CA TYR I 183 19.59 -16.48 59.40
C TYR I 183 18.11 -16.84 59.45
N ILE I 184 17.55 -17.23 58.31
CA ILE I 184 16.13 -17.58 58.30
C ILE I 184 15.88 -18.89 59.01
N GLU I 185 16.91 -19.71 59.21
CA GLU I 185 16.73 -20.94 59.95
C GLU I 185 16.32 -20.65 61.38
N MET I 186 17.09 -19.80 62.07
CA MET I 186 16.80 -19.53 63.48
C MET I 186 15.54 -18.71 63.63
N ARG I 187 15.33 -17.71 62.78
CA ARG I 187 14.11 -16.93 62.84
C ARG I 187 12.90 -17.79 62.53
N ASN I 188 13.08 -18.86 61.74
CA ASN I 188 12.01 -19.84 61.58
C ASN I 188 11.88 -20.74 62.79
N SER I 189 12.98 -20.94 63.52
CA SER I 189 12.94 -21.75 64.73
C SER I 189 12.04 -21.12 65.77
N GLU I 190 12.27 -19.85 66.07
CA GLU I 190 11.40 -19.15 67.01
C GLU I 190 10.00 -19.06 66.45
N SER I 191 9.82 -18.29 65.39
CA SER I 191 8.52 -17.88 64.88
C SER I 191 8.38 -18.30 63.44
N PRO I 192 7.15 -18.36 62.91
CA PRO I 192 6.96 -18.85 61.54
C PRO I 192 7.30 -17.82 60.47
N TYR I 193 8.55 -17.79 60.07
CA TYR I 193 9.06 -16.80 59.13
C TYR I 193 8.95 -17.28 57.68
N MET I 194 8.76 -16.33 56.78
CA MET I 194 8.83 -16.58 55.35
C MET I 194 9.17 -15.27 54.67
N PRO I 195 10.05 -15.26 53.65
CA PRO I 195 10.32 -14.01 52.93
C PRO I 195 9.15 -13.51 52.09
N ARG I 196 9.41 -12.46 51.32
CA ARG I 196 8.45 -11.95 50.35
C ARG I 196 8.58 -12.67 49.01
N TYR I 197 9.80 -13.06 48.63
CA TYR I 197 10.01 -13.78 47.38
C TYR I 197 9.24 -15.10 47.34
N GLY I 198 8.87 -15.66 48.49
CA GLY I 198 8.09 -16.85 48.55
C GLY I 198 6.60 -16.55 48.61
N LEU I 199 6.23 -15.63 49.50
CA LEU I 199 4.83 -15.28 49.66
C LEU I 199 4.25 -14.68 48.39
N LEU I 200 5.08 -14.07 47.56
CA LEU I 200 4.62 -13.61 46.27
C LEU I 200 4.32 -14.77 45.33
N ARG I 201 4.82 -15.97 45.63
CA ARG I 201 4.63 -17.14 44.79
C ARG I 201 3.97 -18.30 45.52
N ASN I 202 3.53 -18.08 46.76
CA ASN I 202 2.50 -18.87 47.42
C ASN I 202 2.91 -20.34 47.55
N LEU I 203 3.95 -20.56 48.35
CA LEU I 203 4.27 -21.91 48.79
C LEU I 203 3.33 -22.32 49.92
N ARG I 204 3.00 -23.60 49.93
CA ARG I 204 2.22 -24.19 51.01
C ARG I 204 3.10 -24.84 52.07
N ASP I 205 4.25 -25.37 51.68
CA ASP I 205 5.06 -26.04 52.69
C ASP I 205 5.91 -25.01 53.42
N ARG I 206 5.57 -24.84 54.68
CA ARG I 206 6.31 -23.95 55.57
C ARG I 206 7.77 -24.36 55.70
N GLU I 207 8.11 -25.59 55.37
CA GLU I 207 9.43 -26.14 55.66
C GLU I 207 10.48 -25.66 54.67
N LEU I 208 10.11 -25.35 53.43
CA LEU I 208 11.05 -24.98 52.39
C LEU I 208 11.29 -23.48 52.30
N ALA I 209 11.19 -22.76 53.41
CA ALA I 209 11.64 -21.38 53.42
C ALA I 209 13.14 -21.29 53.24
N ARG I 210 13.85 -22.36 53.58
CA ARG I 210 15.31 -22.39 53.44
C ARG I 210 15.79 -22.10 52.03
N TYR I 211 14.95 -22.39 51.03
CA TYR I 211 15.35 -22.33 49.63
C TYR I 211 14.54 -21.29 48.87
N ALA I 212 14.35 -20.12 49.48
CA ALA I 212 13.60 -19.03 48.88
C ALA I 212 14.46 -17.77 48.89
N PHE I 213 15.11 -17.50 47.78
CA PHE I 213 15.87 -16.29 47.58
C PHE I 213 15.84 -15.92 46.11
N ASP I 214 16.20 -14.67 45.82
CA ASP I 214 16.74 -14.36 44.50
C ASP I 214 18.10 -15.01 44.34
N PHE I 215 18.99 -14.73 45.29
CA PHE I 215 20.36 -15.23 45.26
C PHE I 215 20.42 -16.51 46.07
N TYR I 216 20.71 -17.62 45.40
CA TYR I 216 20.98 -18.88 46.07
C TYR I 216 21.74 -19.77 45.11
N GLU I 217 22.87 -20.27 45.55
CA GLU I 217 23.83 -20.95 44.69
C GLU I 217 23.70 -22.45 44.88
N VAL I 218 23.27 -23.12 43.81
CA VAL I 218 23.17 -24.57 43.83
C VAL I 218 24.55 -25.17 44.06
N THR I 219 24.58 -26.32 44.72
CA THR I 219 25.79 -27.11 44.89
C THR I 219 25.42 -28.57 44.67
N SER I 220 26.42 -29.42 44.81
CA SER I 220 26.18 -30.85 44.82
C SER I 220 25.70 -31.36 46.17
N LYS I 221 25.45 -30.48 47.13
CA LYS I 221 25.08 -30.88 48.48
C LYS I 221 23.57 -30.92 48.70
N THR I 222 22.79 -30.21 47.90
CA THR I 222 21.38 -30.07 48.18
C THR I 222 20.66 -31.42 48.05
N PRO I 223 19.50 -31.57 48.68
CA PRO I 223 18.68 -32.75 48.44
C PRO I 223 17.90 -32.63 47.13
N ASN I 224 17.28 -33.74 46.77
CA ASN I 224 16.57 -33.85 45.50
C ASN I 224 15.15 -33.33 45.55
N ARG I 225 14.76 -32.64 46.62
CA ARG I 225 13.41 -32.12 46.77
C ARG I 225 13.33 -30.64 46.41
N ALA I 226 14.13 -29.81 47.09
CA ALA I 226 14.11 -28.39 46.82
C ALA I 226 14.64 -28.07 45.43
N ARG I 227 15.46 -28.95 44.87
CA ARG I 227 16.00 -28.73 43.54
C ARG I 227 14.90 -28.64 42.50
N GLU I 228 13.77 -29.31 42.73
CA GLU I 228 12.64 -29.17 41.82
C GLU I 228 11.92 -27.85 42.03
N ALA I 229 11.66 -27.48 43.28
CA ALA I 229 10.84 -26.31 43.57
C ALA I 229 11.49 -25.04 43.08
N ILE I 230 12.82 -24.95 43.17
CA ILE I 230 13.52 -23.75 42.70
C ILE I 230 13.26 -23.55 41.21
N ALA I 231 13.44 -24.60 40.42
CA ALA I 231 13.28 -24.47 38.99
C ALA I 231 11.86 -24.11 38.60
N GLN I 232 10.88 -24.57 39.39
CA GLN I 232 9.51 -24.18 39.14
C GLN I 232 9.32 -22.68 39.35
N MET I 233 9.98 -22.13 40.36
CA MET I 233 9.88 -20.68 40.59
C MET I 233 10.48 -19.91 39.43
N LYS I 234 11.70 -20.27 39.04
CA LYS I 234 12.41 -19.54 37.99
C LYS I 234 11.63 -19.58 36.68
N ALA I 235 10.93 -20.68 36.42
CA ALA I 235 10.16 -20.79 35.19
C ALA I 235 8.81 -20.10 35.31
N ALA I 236 8.25 -20.05 36.51
CA ALA I 236 6.95 -19.42 36.69
C ALA I 236 7.05 -17.91 36.60
N ALA I 237 8.17 -17.36 37.01
CA ALA I 237 8.35 -15.92 37.06
C ALA I 237 8.92 -15.33 35.79
N LEU I 238 9.00 -16.11 34.72
CA LEU I 238 9.50 -15.63 33.44
C LEU I 238 8.65 -16.22 32.33
N ALA I 239 7.80 -15.39 31.73
CA ALA I 239 6.98 -15.81 30.62
C ALA I 239 6.43 -14.57 29.95
N GLY I 240 6.47 -14.57 28.62
CA GLY I 240 6.08 -13.42 27.84
C GLY I 240 7.19 -12.41 27.59
N ILE I 241 8.24 -12.43 28.41
CA ILE I 241 9.35 -11.50 28.21
C ILE I 241 10.03 -11.88 26.89
N ASN I 242 9.94 -10.99 25.91
CA ASN I 242 10.57 -11.16 24.62
C ASN I 242 11.88 -10.39 24.62
N SER I 243 12.98 -11.09 24.40
CA SER I 243 14.31 -10.52 24.61
C SER I 243 14.57 -9.33 23.71
N ARG I 244 14.62 -9.54 22.39
CA ARG I 244 14.72 -8.46 21.42
C ARG I 244 15.98 -7.61 21.67
N LEU I 245 17.14 -8.22 21.38
CA LEU I 245 18.42 -7.68 21.81
C LEU I 245 18.66 -6.25 21.33
N PHE I 246 17.98 -5.80 20.30
CA PHE I 246 18.07 -4.41 19.87
C PHE I 246 17.06 -3.55 20.62
N GLY I 247 17.43 -2.29 20.82
CA GLY I 247 16.57 -1.32 21.45
C GLY I 247 15.92 -0.44 20.40
N LEU I 248 16.48 0.75 20.19
CA LEU I 248 16.13 1.56 19.06
C LEU I 248 17.37 2.25 18.52
N ASP I 249 17.37 2.46 17.20
CA ASP I 249 18.45 3.16 16.53
C ASP I 249 18.31 4.66 16.72
N GLY I 250 19.44 5.35 16.79
CA GLY I 250 19.41 6.79 16.92
C GLY I 250 19.31 7.51 15.58
N ASN I 251 19.84 6.91 14.53
CA ASN I 251 19.83 7.55 13.21
C ASN I 251 18.40 7.58 12.68
N ILE I 252 17.87 8.78 12.52
CA ILE I 252 16.61 9.02 11.85
C ILE I 252 16.91 9.69 10.52
N SER I 253 16.13 9.34 9.50
CA SER I 253 16.06 10.11 8.26
C SER I 253 14.63 10.00 7.76
N THR I 254 13.78 10.93 8.22
CA THR I 254 12.43 11.01 7.70
C THR I 254 12.39 11.71 6.35
N ASN I 255 13.34 12.61 6.11
CA ASN I 255 13.43 13.32 4.85
C ASN I 255 14.89 13.73 4.64
N SER I 256 15.42 13.45 3.47
CA SER I 256 16.82 13.72 3.18
C SER I 256 17.11 15.22 3.27
N GLU I 257 18.40 15.54 3.39
CA GLU I 257 18.82 16.93 3.53
C GLU I 257 18.67 17.66 2.21
N ASN I 258 18.21 18.92 2.29
CA ASN I 258 17.77 19.63 1.09
C ASN I 258 18.95 20.11 0.25
N THR I 259 19.78 20.98 0.80
CA THR I 259 20.93 21.57 0.10
C THR I 259 20.48 22.32 -1.16
N GLU I 260 19.68 23.36 -0.96
CA GLU I 260 19.32 24.28 -2.01
C GLU I 260 19.19 25.68 -1.43
N ARG I 261 19.04 26.66 -2.33
CA ARG I 261 19.18 28.07 -2.00
C ARG I 261 17.85 28.80 -2.14
N HIS I 262 17.90 30.12 -1.91
CA HIS I 262 16.79 31.01 -2.15
C HIS I 262 17.33 32.36 -2.61
N THR I 263 16.61 33.01 -3.51
CA THR I 263 16.91 34.37 -3.92
C THR I 263 15.60 35.14 -4.01
N ALA I 264 15.70 36.41 -4.35
CA ALA I 264 14.53 37.25 -4.51
C ALA I 264 13.84 36.97 -5.84
N PRO K 58 26.84 -29.63 77.76
CA PRO K 58 27.59 -28.64 76.99
C PRO K 58 26.72 -27.86 76.01
N ARG K 59 27.00 -26.57 75.85
CA ARG K 59 26.17 -25.66 75.08
C ARG K 59 27.05 -24.77 74.21
N LEU K 60 26.42 -24.22 73.17
CA LEU K 60 27.09 -23.30 72.26
C LEU K 60 26.02 -22.47 71.55
N GLN K 61 26.48 -21.62 70.65
CA GLN K 61 25.62 -20.71 69.89
C GLN K 61 25.51 -21.15 68.44
N LYS K 62 24.44 -20.67 67.78
CA LYS K 62 24.08 -21.15 66.46
C LYS K 62 25.20 -20.87 65.44
N ILE K 63 25.48 -19.60 65.19
CA ILE K 63 26.58 -19.24 64.31
C ILE K 63 27.90 -19.51 65.04
N THR K 64 28.93 -19.85 64.27
CA THR K 64 30.28 -20.00 64.79
C THR K 64 31.25 -19.32 63.83
N LYS K 65 32.35 -18.82 64.39
CA LYS K 65 33.36 -18.14 63.59
C LYS K 65 33.93 -19.06 62.52
N LYS K 66 33.96 -20.35 62.77
CA LYS K 66 34.55 -21.31 61.82
C LYS K 66 33.63 -21.63 60.66
N MET K 67 32.41 -21.09 60.64
CA MET K 67 31.57 -21.22 59.46
C MET K 67 32.24 -20.53 58.27
N ASN K 68 31.95 -21.02 57.07
CA ASN K 68 32.48 -20.39 55.87
C ASN K 68 31.79 -19.04 55.65
N LEU K 69 32.59 -18.04 55.32
CA LEU K 69 32.15 -16.65 55.35
C LEU K 69 32.98 -15.86 54.35
N PRO K 70 32.65 -14.58 54.12
CA PRO K 70 33.45 -13.77 53.18
C PRO K 70 34.86 -13.52 53.67
N THR K 71 35.78 -13.39 52.70
CA THR K 71 37.22 -13.34 52.95
C THR K 71 37.93 -12.30 52.08
N VAL K 72 37.48 -11.04 52.15
CA VAL K 72 38.18 -9.94 51.47
C VAL K 72 39.65 -9.96 51.84
N GLY K 73 39.93 -9.74 53.12
CA GLY K 73 41.27 -9.92 53.64
C GLY K 73 41.44 -11.32 54.18
N GLY K 74 42.68 -11.80 54.17
CA GLY K 74 42.97 -13.08 54.76
C GLY K 74 42.60 -13.17 56.23
N LYS K 75 42.65 -12.03 56.93
CA LYS K 75 42.34 -11.98 58.35
C LYS K 75 40.92 -11.48 58.61
N ILE K 76 40.60 -10.27 58.14
CA ILE K 76 39.42 -9.58 58.62
C ILE K 76 38.17 -10.14 57.97
N ILE K 77 37.13 -10.29 58.78
CA ILE K 77 35.82 -10.78 58.34
C ILE K 77 34.87 -9.59 58.32
N LEU K 78 33.90 -9.65 57.43
CA LEU K 78 33.01 -8.53 57.17
C LEU K 78 31.75 -8.59 58.02
N SER K 79 31.06 -9.73 58.00
CA SER K 79 29.88 -9.92 58.81
C SER K 79 30.26 -10.13 60.27
N LEU K 80 30.25 -9.06 61.06
CA LEU K 80 30.59 -9.18 62.48
C LEU K 80 29.55 -10.00 63.21
N ASP K 81 30.02 -10.99 63.99
CA ASP K 81 29.14 -11.92 64.68
C ASP K 81 28.55 -11.24 65.90
N HIS K 82 27.56 -10.38 65.66
CA HIS K 82 26.71 -9.82 66.70
C HIS K 82 25.25 -9.92 66.27
N LEU K 83 24.94 -10.91 65.44
CA LEU K 83 23.60 -11.08 64.87
C LEU K 83 22.68 -11.86 65.78
N LEU K 84 23.21 -12.48 66.84
CA LEU K 84 22.42 -13.29 67.73
C LEU K 84 21.32 -12.48 68.41
N GLU K 85 21.49 -11.16 68.53
CA GLU K 85 20.43 -10.25 68.95
C GLU K 85 20.31 -9.20 67.85
N TYR K 86 19.61 -9.57 66.78
CA TYR K 86 19.17 -8.63 65.75
C TYR K 86 17.86 -9.21 65.20
N LYS K 87 16.75 -8.77 65.79
CA LYS K 87 15.43 -9.34 65.52
C LYS K 87 14.43 -8.21 65.30
N PRO K 88 14.59 -7.46 64.22
CA PRO K 88 13.57 -6.46 63.88
C PRO K 88 12.28 -7.12 63.46
N ASN K 89 11.17 -6.46 63.78
CA ASN K 89 9.88 -6.92 63.28
C ASN K 89 9.90 -6.87 61.76
N GLN K 90 9.50 -7.97 61.14
CA GLN K 90 9.76 -8.18 59.74
C GLN K 90 9.06 -7.15 58.87
N VAL K 91 7.79 -6.88 59.18
CA VAL K 91 6.95 -6.10 58.29
C VAL K 91 7.43 -4.67 58.18
N ASP K 92 8.20 -4.18 59.16
CA ASP K 92 8.68 -2.81 59.13
C ASP K 92 9.74 -2.57 58.06
N LEU K 93 10.21 -3.61 57.40
CA LEU K 93 11.39 -3.54 56.54
C LEU K 93 11.07 -3.57 55.05
N PHE K 94 9.83 -3.84 54.66
CA PHE K 94 9.49 -3.98 53.26
C PHE K 94 9.62 -2.66 52.52
N ASN K 95 9.48 -2.74 51.20
CA ASN K 95 9.37 -1.59 50.31
C ASN K 95 7.93 -1.21 50.02
N THR K 96 7.01 -2.16 50.08
CA THR K 96 5.61 -1.90 49.77
C THR K 96 4.91 -1.02 50.79
N ARG K 97 5.52 -0.80 51.95
CA ARG K 97 5.03 0.17 52.91
C ARG K 97 5.81 1.46 52.77
N ALA K 98 5.15 2.57 53.09
CA ALA K 98 5.82 3.85 53.11
C ALA K 98 6.82 3.89 54.27
N THR K 99 7.49 5.04 54.39
CA THR K 99 8.43 5.24 55.48
C THR K 99 7.70 5.76 56.73
N LYS K 100 8.42 5.75 57.85
CA LYS K 100 7.91 6.41 59.05
C LYS K 100 7.78 7.92 58.83
N THR K 101 8.64 8.48 57.98
CA THR K 101 8.62 9.91 57.70
C THR K 101 7.36 10.32 56.97
N GLN K 102 7.10 9.68 55.83
CA GLN K 102 6.01 10.10 54.96
C GLN K 102 4.66 9.97 55.66
N PHE K 103 4.50 8.93 56.47
CA PHE K 103 3.28 8.79 57.26
C PHE K 103 3.11 9.96 58.21
N GLU K 104 4.23 10.43 58.79
CA GLU K 104 4.15 11.55 59.71
C GLU K 104 3.74 12.82 59.00
N SER K 105 4.44 13.17 57.91
CA SER K 105 4.12 14.40 57.21
C SER K 105 2.72 14.40 56.64
N TRP K 106 2.25 13.23 56.19
CA TRP K 106 0.87 13.13 55.73
C TRP K 106 -0.09 13.50 56.85
N TYR K 107 0.21 13.06 58.08
CA TYR K 107 -0.65 13.37 59.21
C TYR K 107 -0.56 14.82 59.60
N SER K 108 0.58 15.46 59.35
CA SER K 108 0.73 16.87 59.71
C SER K 108 0.18 17.79 58.64
N ALA K 109 0.47 17.47 57.37
CA ALA K 109 0.04 18.34 56.28
C ALA K 109 -1.47 18.35 56.14
N VAL K 110 -2.13 17.24 56.46
CA VAL K 110 -3.57 17.17 56.33
C VAL K 110 -4.24 18.09 57.34
N LYS K 111 -3.67 18.19 58.55
CA LYS K 111 -4.33 18.91 59.64
C LYS K 111 -4.47 20.38 59.33
N VAL K 112 -3.51 20.96 58.60
CA VAL K 112 -3.57 22.37 58.28
C VAL K 112 -4.70 22.65 57.31
N GLU K 113 -4.86 21.81 56.29
CA GLU K 113 -5.79 22.09 55.23
C GLU K 113 -7.25 21.85 55.62
N TYR K 114 -7.49 21.07 56.68
CA TYR K 114 -8.78 21.10 57.36
C TYR K 114 -8.83 22.15 58.46
N ASP K 115 -7.67 22.58 58.97
CA ASP K 115 -7.58 23.66 59.94
C ASP K 115 -8.33 23.32 61.22
N LEU K 116 -8.01 22.17 61.79
CA LEU K 116 -8.60 21.70 63.04
C LEU K 116 -7.69 21.99 64.23
N ASN K 117 -6.45 21.50 64.20
CA ASN K 117 -5.50 21.66 65.29
C ASN K 117 -6.10 21.15 66.61
N ASP K 118 -6.75 20.00 66.54
CA ASP K 118 -7.45 19.45 67.69
C ASP K 118 -7.55 17.94 67.50
N GLU K 119 -7.82 17.24 68.60
CA GLU K 119 -7.85 15.79 68.62
C GLU K 119 -9.15 15.21 68.09
N GLN K 120 -9.96 15.99 67.37
CA GLN K 120 -11.01 15.41 66.54
C GLN K 120 -10.43 14.64 65.35
N MET K 121 -9.14 14.80 65.08
CA MET K 121 -8.51 14.12 63.95
C MET K 121 -8.65 12.62 64.05
N GLY K 122 -8.64 12.07 65.27
CA GLY K 122 -8.83 10.64 65.44
C GLY K 122 -10.16 10.16 64.87
N VAL K 123 -11.20 10.97 65.01
CA VAL K 123 -12.50 10.61 64.45
C VAL K 123 -12.46 10.68 62.93
N ILE K 124 -11.86 11.76 62.40
CA ILE K 124 -11.86 11.96 60.95
C ILE K 124 -11.06 10.86 60.27
N MET K 125 -9.90 10.52 60.84
CA MET K 125 -9.12 9.40 60.33
C MET K 125 -9.94 8.13 60.34
N ASN K 126 -10.63 7.88 61.46
CA ASN K 126 -11.46 6.69 61.56
C ASN K 126 -12.62 6.75 60.58
N GLY K 127 -13.21 7.93 60.40
CA GLY K 127 -14.27 8.09 59.42
C GLY K 127 -13.82 7.88 58.00
N PHE K 128 -12.52 7.87 57.74
CA PHE K 128 -12.01 7.65 56.39
C PHE K 128 -11.85 6.17 56.10
N MET K 129 -11.38 5.39 57.07
CA MET K 129 -10.97 4.02 56.75
C MET K 129 -12.16 3.14 56.41
N VAL K 130 -13.29 3.33 57.09
CA VAL K 130 -14.48 2.54 56.78
C VAL K 130 -14.94 2.84 55.35
N TRP K 131 -14.98 4.12 54.98
CA TRP K 131 -15.27 4.46 53.60
C TRP K 131 -14.20 3.94 52.66
N CYS K 132 -12.96 3.90 53.13
CA CYS K 132 -11.87 3.36 52.32
C CYS K 132 -12.04 1.89 52.04
N ILE K 133 -12.77 1.17 52.90
CA ILE K 133 -13.13 -0.20 52.60
C ILE K 133 -14.17 -0.24 51.49
N ASP K 134 -15.33 0.33 51.76
CA ASP K 134 -16.54 0.09 50.99
C ASP K 134 -16.51 0.70 49.61
N ASN K 135 -15.43 1.37 49.22
CA ASN K 135 -15.23 1.75 47.84
C ASN K 135 -13.76 1.64 47.53
N GLY K 136 -13.46 1.67 46.24
CA GLY K 136 -12.11 1.43 45.79
C GLY K 136 -11.16 2.51 46.25
N THR K 137 -9.87 2.20 46.11
CA THR K 137 -8.78 3.13 46.38
C THR K 137 -7.93 3.23 45.14
N SER K 138 -8.00 4.36 44.46
CA SER K 138 -7.20 4.62 43.28
C SER K 138 -7.10 6.11 43.10
N PRO K 139 -6.05 6.60 42.43
CA PRO K 139 -5.95 8.06 42.23
C PRO K 139 -7.09 8.66 41.44
N ASP K 140 -7.84 7.86 40.68
CA ASP K 140 -8.92 8.38 39.85
C ASP K 140 -10.25 8.35 40.62
N VAL K 141 -10.24 9.02 41.77
CA VAL K 141 -11.45 9.30 42.54
C VAL K 141 -11.69 10.80 42.48
N ASN K 142 -12.97 11.17 42.43
CA ASN K 142 -13.37 12.55 42.55
C ASN K 142 -14.69 12.60 43.29
N GLY K 143 -15.12 13.82 43.56
CA GLY K 143 -16.34 14.03 44.32
C GLY K 143 -16.04 14.26 45.78
N VAL K 144 -16.71 13.49 46.64
CA VAL K 144 -16.67 13.69 48.09
C VAL K 144 -16.63 12.34 48.77
N TRP K 145 -16.54 12.39 50.10
CA TRP K 145 -16.70 11.22 50.93
C TRP K 145 -17.43 11.63 52.20
N VAL K 146 -17.78 10.65 53.02
CA VAL K 146 -18.74 10.90 54.08
C VAL K 146 -18.60 9.84 55.16
N MET K 147 -18.78 10.30 56.40
CA MET K 147 -19.19 9.48 57.53
C MET K 147 -20.51 10.03 58.05
N MET K 148 -21.20 9.22 58.85
CA MET K 148 -22.51 9.60 59.37
C MET K 148 -22.53 9.49 60.89
N ASP K 149 -23.44 10.27 61.48
CA ASP K 149 -23.69 10.25 62.91
C ASP K 149 -25.18 10.42 63.12
N GLY K 150 -25.79 9.50 63.86
CA GLY K 150 -27.23 9.54 64.02
C GLY K 150 -27.92 9.07 62.76
N GLU K 151 -28.48 9.99 61.99
CA GLU K 151 -29.15 9.68 60.73
C GLU K 151 -28.77 10.58 59.57
N GLU K 152 -28.00 11.64 59.79
CA GLU K 152 -27.66 12.55 58.71
C GLU K 152 -26.40 12.09 57.98
N GLN K 153 -25.95 12.90 57.02
CA GLN K 153 -24.96 12.51 56.03
C GLN K 153 -23.90 13.61 55.92
N VAL K 154 -23.30 13.96 57.05
CA VAL K 154 -22.28 15.02 57.13
C VAL K 154 -21.09 14.66 56.26
N GLU K 155 -20.90 15.41 55.17
CA GLU K 155 -19.91 15.11 54.16
C GLU K 155 -18.66 15.98 54.32
N TYR K 156 -17.70 15.75 53.42
CA TYR K 156 -16.39 16.40 53.47
C TYR K 156 -15.86 16.45 52.05
N PRO K 157 -14.76 17.19 51.82
CA PRO K 157 -14.08 17.13 50.53
C PRO K 157 -13.12 15.95 50.47
N LEU K 158 -12.53 15.76 49.29
CA LEU K 158 -11.84 14.52 48.94
C LEU K 158 -10.44 14.76 48.42
N LYS K 159 -10.20 15.92 47.80
CA LYS K 159 -8.94 16.16 47.11
C LYS K 159 -7.72 16.12 48.03
N PRO K 160 -7.64 16.90 49.10
CA PRO K 160 -6.34 17.09 49.76
C PRO K 160 -5.75 15.84 50.39
N ILE K 161 -6.56 14.84 50.72
CA ILE K 161 -6.01 13.58 51.19
C ILE K 161 -5.17 12.94 50.10
N VAL K 162 -5.68 12.96 48.87
CA VAL K 162 -5.00 12.28 47.77
C VAL K 162 -3.77 13.06 47.36
N GLU K 163 -3.95 14.31 46.93
CA GLU K 163 -2.87 15.04 46.29
C GLU K 163 -1.69 15.32 47.22
N ASN K 164 -1.95 15.46 48.52
CA ASN K 164 -0.87 15.52 49.50
C ASN K 164 -0.56 14.15 50.08
N ALA K 165 -0.41 13.17 49.18
CA ALA K 165 0.04 11.82 49.52
C ALA K 165 1.30 11.59 48.70
N LYS K 166 2.44 11.45 49.38
CA LYS K 166 3.72 11.64 48.70
C LYS K 166 3.98 10.53 47.70
N PRO K 167 4.11 9.25 48.11
CA PRO K 167 3.83 8.18 47.15
C PRO K 167 2.34 7.98 47.02
N THR K 168 1.90 6.95 46.30
CA THR K 168 0.47 6.77 46.05
C THR K 168 -0.27 6.46 47.36
N LEU K 169 -1.58 6.30 47.24
CA LEU K 169 -2.42 6.21 48.42
C LEU K 169 -2.24 4.86 49.13
N ARG K 170 -2.45 3.77 48.40
CA ARG K 170 -2.35 2.44 49.01
C ARG K 170 -0.96 2.21 49.57
N GLN K 171 0.06 2.75 48.91
CA GLN K 171 1.44 2.70 49.40
C GLN K 171 1.58 3.31 50.80
N ILE K 172 0.64 4.15 51.22
CA ILE K 172 0.55 4.60 52.60
C ILE K 172 -0.32 3.66 53.42
N MET K 173 -1.46 3.27 52.87
CA MET K 173 -2.52 2.67 53.66
C MET K 173 -2.32 1.19 53.96
N HIS K 174 -1.16 0.61 53.65
CA HIS K 174 -0.89 -0.73 54.12
C HIS K 174 -0.67 -0.81 55.62
N HIS K 175 -0.50 0.33 56.30
CA HIS K 175 -0.35 0.32 57.74
C HIS K 175 -1.60 -0.27 58.40
N PHE K 176 -2.76 0.17 57.94
CA PHE K 176 -4.02 -0.34 58.46
C PHE K 176 -4.26 -1.75 57.97
N SER K 177 -3.85 -2.73 58.76
CA SER K 177 -4.10 -4.13 58.47
C SER K 177 -4.92 -4.80 59.56
N ASP K 178 -4.48 -4.68 60.81
CA ASP K 178 -5.17 -5.35 61.91
C ASP K 178 -6.36 -4.55 62.38
N ALA K 179 -6.36 -3.24 62.18
CA ALA K 179 -7.48 -2.42 62.64
C ALA K 179 -8.75 -2.81 61.91
N ALA K 180 -8.78 -2.64 60.61
CA ALA K 180 -9.96 -3.00 59.83
C ALA K 180 -10.28 -4.48 59.94
N GLU K 181 -9.26 -5.30 60.14
CA GLU K 181 -9.48 -6.73 60.35
C GLU K 181 -10.40 -6.98 61.54
N ALA K 182 -10.01 -6.47 62.70
CA ALA K 182 -10.84 -6.66 63.89
C ALA K 182 -12.20 -5.99 63.72
N TYR K 183 -12.24 -4.90 62.96
CA TYR K 183 -13.49 -4.18 62.75
C TYR K 183 -14.53 -5.06 62.08
N ILE K 184 -14.18 -5.63 60.92
CA ILE K 184 -15.15 -6.46 60.22
C ILE K 184 -15.34 -7.78 60.93
N GLU K 185 -14.40 -8.17 61.80
CA GLU K 185 -14.57 -9.40 62.57
C GLU K 185 -15.79 -9.29 63.48
N MET K 186 -15.86 -8.23 64.27
CA MET K 186 -16.96 -8.12 65.23
C MET K 186 -18.28 -7.83 64.52
N ARG K 187 -18.25 -6.95 63.51
CA ARG K 187 -19.46 -6.69 62.75
C ARG K 187 -19.94 -7.93 62.03
N ASN K 188 -19.03 -8.84 61.69
CA ASN K 188 -19.44 -10.14 61.17
C ASN K 188 -19.95 -11.04 62.28
N SER K 189 -19.46 -10.84 63.51
CA SER K 189 -19.92 -11.63 64.63
C SER K 189 -21.40 -11.39 64.89
N GLU K 190 -21.79 -10.13 65.02
CA GLU K 190 -23.20 -9.82 65.18
C GLU K 190 -23.98 -10.25 63.96
N SER K 191 -23.76 -9.57 62.85
CA SER K 191 -24.58 -9.67 61.65
C SER K 191 -23.74 -10.09 60.46
N PRO K 192 -24.35 -10.58 59.39
CA PRO K 192 -23.57 -11.10 58.25
C PRO K 192 -23.03 -10.00 57.35
N TYR K 193 -21.85 -9.50 57.69
CA TYR K 193 -21.24 -8.38 56.99
C TYR K 193 -20.35 -8.84 55.84
N MET K 194 -20.28 -8.01 54.80
CA MET K 194 -19.34 -8.20 53.72
C MET K 194 -19.10 -6.85 53.07
N PRO K 195 -17.86 -6.49 52.70
CA PRO K 195 -17.65 -5.21 52.00
C PRO K 195 -18.20 -5.18 50.60
N ARG K 196 -17.90 -4.08 49.89
CA ARG K 196 -18.23 -3.96 48.48
C ARG K 196 -17.16 -4.56 47.59
N TYR K 197 -15.89 -4.47 48.00
CA TYR K 197 -14.79 -5.04 47.24
C TYR K 197 -14.93 -6.54 47.05
N GLY K 198 -15.70 -7.21 47.91
CA GLY K 198 -15.96 -8.62 47.77
C GLY K 198 -17.21 -8.88 46.98
N LEU K 199 -18.30 -8.18 47.33
CA LEU K 199 -19.56 -8.39 46.63
C LEU K 199 -19.48 -8.01 45.17
N LEU K 200 -18.55 -7.13 44.81
CA LEU K 200 -18.32 -6.85 43.41
C LEU K 200 -17.64 -8.01 42.70
N ARG K 201 -17.05 -8.96 43.46
CA ARG K 201 -16.36 -10.10 42.89
C ARG K 201 -16.91 -11.43 43.38
N ASN K 202 -18.02 -11.41 44.11
CA ASN K 202 -18.93 -12.54 44.27
C ASN K 202 -18.23 -13.75 44.88
N LEU K 203 -17.83 -13.59 46.13
CA LEU K 203 -17.42 -14.72 46.94
C LEU K 203 -18.63 -15.48 47.45
N ARG K 204 -18.49 -16.79 47.53
CA ARG K 204 -19.51 -17.65 48.12
C ARG K 204 -19.24 -17.94 49.59
N ASP K 205 -17.98 -17.99 49.99
CA ASP K 205 -17.73 -18.33 51.40
C ASP K 205 -17.82 -17.08 52.24
N ARG K 206 -18.85 -17.06 53.06
CA ARG K 206 -19.07 -15.98 54.00
C ARG K 206 -17.91 -15.81 54.98
N GLU K 207 -17.08 -16.83 55.12
CA GLU K 207 -16.06 -16.86 56.17
C GLU K 207 -14.84 -16.00 55.83
N LEU K 208 -14.53 -15.84 54.54
CA LEU K 208 -13.33 -15.12 54.13
C LEU K 208 -13.56 -13.65 53.88
N ALA K 209 -14.51 -13.04 54.60
CA ALA K 209 -14.61 -11.58 54.56
C ALA K 209 -13.39 -10.94 55.20
N ARG K 210 -12.70 -11.67 56.08
CA ARG K 210 -11.50 -11.16 56.75
C ARG K 210 -10.43 -10.70 55.77
N TYR K 211 -10.41 -11.26 54.57
CA TYR K 211 -9.32 -11.03 53.62
C TYR K 211 -9.84 -10.35 52.36
N ALA K 212 -10.69 -9.35 52.53
CA ALA K 212 -11.26 -8.59 51.41
C ALA K 212 -11.02 -7.11 51.63
N PHE K 213 -9.97 -6.60 51.00
CA PHE K 213 -9.66 -5.18 51.01
C PHE K 213 -8.95 -4.83 49.71
N ASP K 214 -8.93 -3.54 49.41
CA ASP K 214 -7.86 -3.03 48.56
C ASP K 214 -6.53 -3.12 49.28
N PHE K 215 -6.47 -2.55 50.47
CA PHE K 215 -5.25 -2.51 51.28
C PHE K 215 -5.27 -3.69 52.24
N TYR K 216 -4.32 -4.60 52.05
CA TYR K 216 -4.10 -5.68 53.00
C TYR K 216 -2.70 -6.21 52.79
N GLU K 217 -1.93 -6.27 53.87
CA GLU K 217 -0.50 -6.52 53.79
C GLU K 217 -0.23 -7.97 54.18
N VAL K 218 0.25 -8.74 53.21
CA VAL K 218 0.62 -10.13 53.46
C VAL K 218 1.73 -10.16 54.49
N THR K 219 1.73 -11.24 55.28
CA THR K 219 2.81 -11.52 56.22
C THR K 219 3.12 -13.00 56.13
N SER K 220 4.06 -13.44 56.96
CA SER K 220 4.33 -14.86 57.12
C SER K 220 3.34 -15.53 58.07
N LYS K 221 2.34 -14.81 58.56
CA LYS K 221 1.41 -15.35 59.54
C LYS K 221 0.15 -15.95 58.94
N THR K 222 -0.20 -15.57 57.71
CA THR K 222 -1.49 -15.97 57.17
C THR K 222 -1.54 -17.47 56.94
N PRO K 223 -2.72 -18.05 56.88
CA PRO K 223 -2.85 -19.45 56.47
C PRO K 223 -2.73 -19.61 54.97
N ASN K 224 -2.66 -20.86 54.55
CA ASN K 224 -2.43 -21.20 53.16
C ASN K 224 -3.70 -21.26 52.33
N ARG K 225 -4.83 -20.78 52.87
CA ARG K 225 -6.10 -20.80 52.17
C ARG K 225 -6.43 -19.44 51.55
N ALA K 226 -6.47 -18.39 52.36
CA ALA K 226 -6.77 -17.07 51.85
C ALA K 226 -5.68 -16.55 50.92
N ARG K 227 -4.47 -17.06 51.07
CA ARG K 227 -3.37 -16.63 50.22
C ARG K 227 -3.63 -16.94 48.76
N GLU K 228 -4.42 -17.98 48.48
CA GLU K 228 -4.81 -18.26 47.11
C GLU K 228 -5.88 -17.30 46.63
N ALA K 229 -6.91 -17.08 47.46
CA ALA K 229 -8.06 -16.31 47.01
C ALA K 229 -7.69 -14.87 46.71
N ILE K 230 -6.75 -14.29 47.47
CA ILE K 230 -6.34 -12.92 47.21
C ILE K 230 -5.76 -12.79 45.82
N ALA K 231 -4.84 -13.70 45.47
CA ALA K 231 -4.17 -13.61 44.19
C ALA K 231 -5.16 -13.80 43.04
N GLN K 232 -6.21 -14.60 43.26
CA GLN K 232 -7.23 -14.74 42.24
C GLN K 232 -7.96 -13.43 42.02
N MET K 233 -8.21 -12.67 43.09
CA MET K 233 -8.86 -11.38 42.95
C MET K 233 -8.00 -10.42 42.15
N LYS K 234 -6.73 -10.30 42.55
CA LYS K 234 -5.82 -9.35 41.92
C LYS K 234 -5.66 -9.64 40.44
N ALA K 235 -5.70 -10.92 40.06
CA ALA K 235 -5.55 -11.28 38.66
C ALA K 235 -6.86 -11.15 37.91
N ALA K 236 -7.99 -11.33 38.59
CA ALA K 236 -9.28 -11.23 37.92
C ALA K 236 -9.63 -9.79 37.60
N ALA K 237 -9.18 -8.86 38.43
CA ALA K 237 -9.53 -7.46 38.28
C ALA K 237 -8.55 -6.69 37.42
N LEU K 238 -7.63 -7.36 36.73
CA LEU K 238 -6.68 -6.70 35.85
C LEU K 238 -6.51 -7.56 34.60
N ALA K 239 -7.07 -7.09 33.50
CA ALA K 239 -6.94 -7.77 32.23
C ALA K 239 -7.36 -6.82 31.13
N GLY K 240 -6.57 -6.76 30.07
CA GLY K 240 -6.79 -5.84 28.99
C GLY K 240 -6.13 -4.49 29.17
N ILE K 241 -5.79 -4.12 30.41
CA ILE K 241 -5.11 -2.85 30.66
C ILE K 241 -3.74 -2.93 30.01
N ASN K 242 -3.53 -2.12 28.97
CA ASN K 242 -2.25 -2.03 28.27
C ASN K 242 -1.50 -0.83 28.82
N SER K 243 -0.31 -1.06 29.37
CA SER K 243 0.40 -0.05 30.14
C SER K 243 0.73 1.17 29.30
N ARG K 244 1.59 1.02 28.29
CA ARG K 244 1.88 2.08 27.33
C ARG K 244 2.43 3.32 28.03
N LEU K 245 3.66 3.18 28.53
CA LEU K 245 4.23 4.17 29.46
C LEU K 245 4.23 5.59 28.91
N PHE K 246 4.16 5.77 27.61
CA PHE K 246 4.04 7.10 27.02
C PHE K 246 2.58 7.51 26.94
N GLY K 247 2.35 8.81 27.05
CA GLY K 247 1.03 9.39 26.91
C GLY K 247 0.85 9.98 25.54
N LEU K 248 1.02 11.30 25.42
CA LEU K 248 1.15 11.95 24.13
C LEU K 248 2.18 13.05 24.22
N ASP K 249 2.87 13.27 23.10
CA ASP K 249 3.85 14.33 22.98
C ASP K 249 3.17 15.66 22.76
N GLY K 250 3.77 16.72 23.29
CA GLY K 250 3.23 18.05 23.09
C GLY K 250 3.68 18.70 21.80
N ASN K 251 4.87 18.35 21.32
CA ASN K 251 5.41 18.97 20.12
C ASN K 251 4.62 18.47 18.91
N ILE K 252 3.93 19.39 18.26
CA ILE K 252 3.28 19.16 16.98
C ILE K 252 4.04 19.92 15.92
N SER K 253 4.14 19.32 14.74
CA SER K 253 4.55 20.04 13.54
C SER K 253 3.78 19.41 12.38
N THR K 254 2.59 19.94 12.12
CA THR K 254 1.83 19.52 10.95
C THR K 254 2.35 20.18 9.69
N ASN K 255 2.91 21.38 9.81
CA ASN K 255 3.49 22.09 8.68
C ASN K 255 4.58 23.01 9.21
N SER K 256 5.74 22.98 8.58
CA SER K 256 6.88 23.75 9.04
C SER K 256 6.58 25.25 8.97
N GLU K 257 7.39 26.02 9.69
CA GLU K 257 7.21 27.45 9.76
C GLU K 257 7.62 28.11 8.44
N ASN K 258 6.83 29.11 8.02
CA ASN K 258 6.94 29.62 6.65
C ASN K 258 8.16 30.52 6.49
N THR K 259 8.21 31.63 7.22
CA THR K 259 9.30 32.61 7.13
C THR K 259 9.44 33.16 5.72
N GLU K 260 8.39 33.82 5.25
CA GLU K 260 8.42 34.56 4.00
C GLU K 260 7.56 35.80 4.12
N ARG K 261 7.65 36.68 3.12
CA ARG K 261 7.12 38.03 3.18
C ARG K 261 5.95 38.22 2.23
N HIS K 262 5.46 39.46 2.18
CA HIS K 262 4.47 39.88 1.20
C HIS K 262 4.72 41.34 0.85
N THR K 263 4.48 41.69 -0.40
CA THR K 263 4.51 43.07 -0.85
C THR K 263 3.33 43.30 -1.78
N ALA K 264 3.19 44.53 -2.26
CA ALA K 264 2.13 44.88 -3.18
C ALA K 264 2.46 44.38 -4.58
N PRO M 58 -14.27 -14.00 84.32
CA PRO M 58 -13.57 -12.79 83.90
C PRO M 58 -13.93 -12.38 82.48
N ARG M 59 -14.02 -11.07 82.24
CA ARG M 59 -14.50 -10.53 80.98
C ARG M 59 -13.63 -9.36 80.55
N LEU M 60 -13.68 -9.06 79.26
CA LEU M 60 -12.95 -7.94 78.69
C LEU M 60 -13.61 -7.56 77.37
N GLN M 61 -13.01 -6.58 76.69
CA GLN M 61 -13.53 -6.05 75.44
C GLN M 61 -12.65 -6.48 74.27
N LYS M 62 -13.24 -6.41 73.07
CA LYS M 62 -12.61 -6.97 71.88
C LYS M 62 -11.28 -6.28 71.58
N ILE M 63 -11.31 -4.98 71.27
CA ILE M 63 -10.08 -4.23 71.08
C ILE M 63 -9.41 -4.00 72.43
N THR M 64 -8.08 -3.93 72.40
CA THR M 64 -7.31 -3.58 73.57
C THR M 64 -6.24 -2.58 73.17
N LYS M 65 -5.88 -1.70 74.12
CA LYS M 65 -4.86 -0.68 73.87
C LYS M 65 -3.53 -1.31 73.46
N LYS M 66 -3.25 -2.51 73.95
CA LYS M 66 -1.97 -3.16 73.68
C LYS M 66 -1.90 -3.78 72.30
N MET M 67 -2.98 -3.73 71.52
CA MET M 67 -2.91 -4.14 70.13
C MET M 67 -1.95 -3.24 69.38
N ASN M 68 -1.34 -3.78 68.32
CA ASN M 68 -0.45 -2.98 67.49
C ASN M 68 -1.26 -1.97 66.68
N LEU M 69 -0.78 -0.74 66.63
CA LEU M 69 -1.58 0.39 66.15
C LEU M 69 -0.62 1.44 65.60
N PRO M 70 -1.15 2.50 64.99
CA PRO M 70 -0.25 3.56 64.49
C PRO M 70 0.46 4.32 65.59
N THR M 71 1.67 4.79 65.25
CA THR M 71 2.62 5.37 66.22
C THR M 71 3.31 6.61 65.67
N VAL M 72 2.54 7.61 65.24
CA VAL M 72 3.12 8.90 64.83
C VAL M 72 4.03 9.42 65.93
N GLY M 73 3.46 9.72 67.08
CA GLY M 73 4.22 10.04 68.26
C GLY M 73 4.49 8.79 69.07
N GLY M 74 5.59 8.81 69.83
CA GLY M 74 5.89 7.70 70.72
C GLY M 74 4.79 7.47 71.75
N LYS M 75 4.08 8.53 72.12
CA LYS M 75 3.01 8.45 73.12
C LYS M 75 1.63 8.38 72.47
N ILE M 76 1.27 9.39 71.68
CA ILE M 76 -0.12 9.59 71.31
C ILE M 76 -0.51 8.60 70.22
N ILE M 77 -1.73 8.07 70.36
CA ILE M 77 -2.32 7.15 69.40
C ILE M 77 -3.40 7.90 68.65
N LEU M 78 -3.62 7.49 67.40
CA LEU M 78 -4.50 8.21 66.49
C LEU M 78 -5.92 7.67 66.54
N SER M 79 -6.07 6.36 66.37
CA SER M 79 -7.38 5.73 66.44
C SER M 79 -7.85 5.64 67.89
N LEU M 80 -8.64 6.63 68.33
CA LEU M 80 -9.15 6.62 69.69
C LEU M 80 -10.10 5.46 69.91
N ASP M 81 -9.88 4.71 71.00
CA ASP M 81 -10.65 3.50 71.28
C ASP M 81 -12.01 3.89 71.85
N HIS M 82 -12.88 4.34 70.94
CA HIS M 82 -14.30 4.52 71.23
C HIS M 82 -15.13 3.91 70.12
N LEU M 83 -14.60 2.87 69.47
CA LEU M 83 -15.23 2.23 68.33
C LEU M 83 -16.20 1.15 68.74
N LEU M 84 -16.20 0.77 70.01
CA LEU M 84 -17.07 -0.30 70.49
C LEU M 84 -18.55 0.03 70.29
N GLU M 85 -18.89 1.32 70.23
CA GLU M 85 -20.22 1.77 69.83
C GLU M 85 -20.02 2.71 68.65
N TYR M 86 -19.83 2.13 67.47
CA TYR M 86 -19.87 2.84 66.20
C TYR M 86 -20.38 1.84 65.16
N LYS M 87 -21.69 1.83 64.97
CA LYS M 87 -22.37 0.82 64.16
C LYS M 87 -23.36 1.49 63.22
N PRO M 88 -22.86 2.26 62.26
CA PRO M 88 -23.75 2.81 61.25
C PRO M 88 -24.29 1.73 60.34
N ASN M 89 -25.52 1.93 59.89
CA ASN M 89 -26.07 1.04 58.87
C ASN M 89 -25.21 1.11 57.63
N GLN M 90 -24.82 -0.05 57.13
CA GLN M 90 -23.75 -0.12 56.15
C GLN M 90 -24.12 0.59 54.87
N VAL M 91 -25.34 0.36 54.39
CA VAL M 91 -25.73 0.79 53.05
C VAL M 91 -25.75 2.30 52.93
N ASP M 92 -25.87 3.02 54.05
CA ASP M 92 -25.92 4.48 54.01
C ASP M 92 -24.58 5.11 53.65
N LEU M 93 -23.51 4.32 53.56
CA LEU M 93 -22.16 4.84 53.47
C LEU M 93 -21.55 4.72 52.08
N PHE M 94 -22.18 4.01 51.15
CA PHE M 94 -21.60 3.78 49.85
C PHE M 94 -21.50 5.07 49.04
N ASN M 95 -20.82 4.96 47.90
CA ASN M 95 -20.77 6.01 46.88
C ASN M 95 -21.81 5.84 45.80
N THR M 96 -22.25 4.60 45.54
CA THR M 96 -23.22 4.34 44.48
C THR M 96 -24.60 4.89 44.79
N ARG M 97 -24.87 5.28 46.03
CA ARG M 97 -26.10 5.98 46.36
C ARG M 97 -25.82 7.48 46.41
N ALA M 98 -26.85 8.26 46.10
CA ALA M 98 -26.75 9.70 46.22
C ALA M 98 -26.67 10.09 47.69
N THR M 99 -26.58 11.39 47.93
CA THR M 99 -26.56 11.91 49.28
C THR M 99 -27.97 12.12 49.81
N LYS M 100 -28.08 12.36 51.13
CA LYS M 100 -29.35 12.76 51.70
C LYS M 100 -29.79 14.11 51.15
N THR M 101 -28.83 14.96 50.80
CA THR M 101 -29.14 16.29 50.29
C THR M 101 -29.81 16.21 48.93
N GLN M 102 -29.16 15.55 47.97
CA GLN M 102 -29.63 15.54 46.60
C GLN M 102 -31.00 14.91 46.48
N PHE M 103 -31.27 13.88 47.27
CA PHE M 103 -32.60 13.28 47.30
C PHE M 103 -33.63 14.29 47.76
N GLU M 104 -33.27 15.13 48.73
CA GLU M 104 -34.19 16.13 49.24
C GLU M 104 -34.50 17.17 48.17
N SER M 105 -33.46 17.76 47.58
CA SER M 105 -33.69 18.82 46.60
C SER M 105 -34.43 18.28 45.37
N TRP M 106 -34.17 17.05 44.98
CA TRP M 106 -34.92 16.43 43.89
C TRP M 106 -36.41 16.40 44.24
N TYR M 107 -36.73 16.09 45.49
CA TYR M 107 -38.13 16.03 45.90
C TYR M 107 -38.74 17.43 45.98
N SER M 108 -37.93 18.44 46.26
CA SER M 108 -38.46 19.80 46.36
C SER M 108 -38.55 20.46 44.99
N ALA M 109 -37.52 20.31 44.17
CA ALA M 109 -37.50 20.95 42.87
C ALA M 109 -38.57 20.42 41.95
N VAL M 110 -38.90 19.13 42.08
CA VAL M 110 -39.91 18.54 41.22
C VAL M 110 -41.28 19.13 41.52
N LYS M 111 -41.57 19.41 42.79
CA LYS M 111 -42.91 19.81 43.19
C LYS M 111 -43.31 21.14 42.58
N VAL M 112 -42.34 22.03 42.38
CA VAL M 112 -42.64 23.34 41.80
C VAL M 112 -43.05 23.20 40.34
N GLU M 113 -42.31 22.37 39.59
CA GLU M 113 -42.52 22.29 38.15
C GLU M 113 -43.78 21.52 37.76
N TYR M 114 -44.32 20.71 38.66
CA TYR M 114 -45.69 20.24 38.52
C TYR M 114 -46.69 21.18 39.19
N ASP M 115 -46.22 21.99 40.14
CA ASP M 115 -47.04 23.02 40.77
C ASP M 115 -48.24 22.40 41.48
N LEU M 116 -47.95 21.44 42.36
CA LEU M 116 -48.97 20.78 43.17
C LEU M 116 -49.05 21.36 44.58
N ASN M 117 -47.93 21.36 45.30
CA ASN M 117 -47.88 21.86 46.68
C ASN M 117 -48.92 21.13 47.55
N ASP M 118 -49.02 19.82 47.37
CA ASP M 118 -50.02 19.03 48.05
C ASP M 118 -49.53 17.60 48.14
N GLU M 119 -50.14 16.84 49.04
CA GLU M 119 -49.71 15.47 49.33
C GLU M 119 -50.22 14.46 48.31
N GLN M 120 -50.67 14.90 47.14
CA GLN M 120 -50.81 13.99 46.01
C GLN M 120 -49.47 13.50 45.50
N MET M 121 -48.37 14.13 45.92
CA MET M 121 -47.04 13.76 45.47
C MET M 121 -46.74 12.30 45.77
N GLY M 122 -47.25 11.78 46.88
CA GLY M 122 -47.05 10.38 47.21
C GLY M 122 -47.58 9.45 46.14
N VAL M 123 -48.70 9.82 45.52
CA VAL M 123 -49.26 9.01 44.45
C VAL M 123 -48.39 9.12 43.21
N ILE M 124 -47.97 10.34 42.87
CA ILE M 124 -47.21 10.56 41.64
C ILE M 124 -45.87 9.84 41.73
N MET M 125 -45.20 9.95 42.88
CA MET M 125 -43.97 9.21 43.09
C MET M 125 -44.21 7.71 42.92
N ASN M 126 -45.27 7.21 43.51
CA ASN M 126 -45.60 5.80 43.40
C ASN M 126 -45.95 5.43 41.96
N GLY M 127 -46.65 6.32 41.27
CA GLY M 127 -46.96 6.09 39.88
C GLY M 127 -45.75 6.08 38.98
N PHE M 128 -44.60 6.56 39.46
CA PHE M 128 -43.39 6.57 38.66
C PHE M 128 -42.62 5.26 38.80
N MET M 129 -42.57 4.69 40.01
CA MET M 129 -41.66 3.57 40.24
C MET M 129 -42.10 2.33 39.49
N VAL M 130 -43.40 2.08 39.41
CA VAL M 130 -43.88 0.90 38.68
C VAL M 130 -43.51 1.03 37.20
N TRP M 131 -43.72 2.21 36.62
CA TRP M 131 -43.27 2.44 35.26
C TRP M 131 -41.76 2.37 35.16
N CYS M 132 -41.07 2.78 36.22
CA CYS M 132 -39.61 2.71 36.24
C CYS M 132 -39.12 1.28 36.21
N ILE M 133 -39.95 0.33 36.67
CA ILE M 133 -39.62 -1.08 36.51
C ILE M 133 -39.77 -1.48 35.05
N ASP M 134 -40.99 -1.38 34.54
CA ASP M 134 -41.39 -2.05 33.31
C ASP M 134 -40.77 -1.45 32.06
N ASN M 135 -39.95 -0.42 32.18
CA ASN M 135 -39.13 0.03 31.07
C ASN M 135 -37.79 0.48 31.63
N GLY M 136 -36.84 0.64 30.73
CA GLY M 136 -35.49 0.92 31.12
C GLY M 136 -35.36 2.27 31.80
N THR M 137 -34.20 2.46 32.42
CA THR M 137 -33.83 3.73 33.05
C THR M 137 -32.50 4.15 32.46
N SER M 138 -32.52 5.19 31.64
CA SER M 138 -31.32 5.74 31.04
C SER M 138 -31.61 7.18 30.64
N PRO M 139 -30.59 8.02 30.55
CA PRO M 139 -30.85 9.42 30.16
C PRO M 139 -31.47 9.56 28.78
N ASP M 140 -31.34 8.57 27.92
CA ASP M 140 -31.87 8.65 26.55
C ASP M 140 -33.30 8.13 26.48
N VAL M 141 -34.16 8.73 27.32
CA VAL M 141 -35.60 8.53 27.23
C VAL M 141 -36.23 9.83 26.76
N ASN M 142 -37.29 9.71 25.97
CA ASN M 142 -38.09 10.84 25.57
C ASN M 142 -39.53 10.39 25.48
N GLY M 143 -40.39 11.35 25.23
CA GLY M 143 -41.83 11.09 25.15
C GLY M 143 -42.50 11.38 26.47
N VAL M 144 -43.25 10.41 26.98
CA VAL M 144 -44.10 10.58 28.15
C VAL M 144 -44.04 9.34 29.01
N TRP M 145 -44.74 9.40 30.13
CA TRP M 145 -44.97 8.24 30.98
C TRP M 145 -46.37 8.34 31.54
N VAL M 146 -46.79 7.28 32.23
CA VAL M 146 -48.21 7.13 32.53
C VAL M 146 -48.39 6.18 33.70
N MET M 147 -49.36 6.52 34.55
CA MET M 147 -50.06 5.59 35.41
C MET M 147 -51.53 5.60 35.03
N MET M 148 -52.26 4.58 35.47
CA MET M 148 -53.67 4.44 35.13
C MET M 148 -54.52 4.30 36.38
N ASP M 149 -55.78 4.69 36.25
CA ASP M 149 -56.78 4.55 37.30
C ASP M 149 -58.10 4.15 36.63
N GLY M 150 -58.70 3.06 37.10
CA GLY M 150 -59.89 2.57 36.46
C GLY M 150 -59.55 1.89 35.15
N GLU M 151 -59.84 2.56 34.03
CA GLU M 151 -59.53 2.03 32.71
C GLU M 151 -58.86 3.02 31.77
N GLU M 152 -58.73 4.30 32.15
CA GLU M 152 -58.14 5.29 31.27
C GLU M 152 -56.62 5.33 31.42
N GLN M 153 -55.99 6.27 30.71
CA GLN M 153 -54.55 6.30 30.51
C GLN M 153 -54.03 7.71 30.76
N VAL M 154 -54.32 8.24 31.94
CA VAL M 154 -53.93 9.59 32.34
C VAL M 154 -52.42 9.72 32.33
N GLU M 155 -51.89 10.51 31.39
CA GLU M 155 -50.46 10.60 31.14
C GLU M 155 -49.87 11.87 31.76
N TYR M 156 -48.56 12.03 31.59
CA TYR M 156 -47.81 13.12 32.19
C TYR M 156 -46.59 13.39 31.30
N PRO M 157 -45.88 14.48 31.55
CA PRO M 157 -44.60 14.70 30.86
C PRO M 157 -43.46 13.95 31.55
N LEU M 158 -42.29 14.02 30.94
CA LEU M 158 -41.18 13.13 31.26
C LEU M 158 -39.88 13.88 31.53
N LYS M 159 -39.72 15.04 30.92
CA LYS M 159 -38.45 15.77 30.98
C LYS M 159 -38.02 16.15 32.39
N PRO M 160 -38.81 16.90 33.17
CA PRO M 160 -38.25 17.55 34.36
C PRO M 160 -37.77 16.59 35.43
N ILE M 161 -38.27 15.36 35.47
CA ILE M 161 -37.72 14.38 36.40
C ILE M 161 -36.27 14.11 36.08
N VAL M 162 -35.95 13.97 34.80
CA VAL M 162 -34.60 13.61 34.38
C VAL M 162 -33.67 14.79 34.55
N GLU M 163 -33.96 15.90 33.86
CA GLU M 163 -32.99 16.98 33.75
C GLU M 163 -32.73 17.65 35.09
N ASN M 164 -33.70 17.66 36.00
CA ASN M 164 -33.45 18.12 37.37
C ASN M 164 -33.12 16.94 38.28
N ALA M 165 -32.19 16.11 37.82
CA ALA M 165 -31.61 15.03 38.60
C ALA M 165 -30.12 15.29 38.65
N LYS M 166 -29.60 15.56 39.85
CA LYS M 166 -28.30 16.23 39.92
C LYS M 166 -27.18 15.29 39.46
N PRO M 167 -26.92 14.16 40.11
CA PRO M 167 -26.24 13.08 39.39
C PRO M 167 -27.25 12.34 38.53
N THR M 168 -26.85 11.24 37.90
CA THR M 168 -27.74 10.55 36.98
C THR M 168 -28.94 9.96 37.73
N LEU M 169 -29.82 9.33 36.96
CA LEU M 169 -31.11 8.91 37.50
C LEU M 169 -30.95 7.73 38.45
N ARG M 170 -30.36 6.63 37.95
CA ARG M 170 -30.20 5.43 38.77
C ARG M 170 -29.39 5.72 40.02
N GLN M 171 -28.41 6.61 39.91
CA GLN M 171 -27.63 7.07 41.05
C GLN M 171 -28.49 7.66 42.16
N ILE M 172 -29.71 8.09 41.83
CA ILE M 172 -30.71 8.45 42.84
C ILE M 172 -31.54 7.24 43.24
N MET M 173 -31.98 6.46 42.25
CA MET M 173 -33.05 5.50 42.46
C MET M 173 -32.60 4.21 43.10
N HIS M 174 -31.36 4.10 43.59
CA HIS M 174 -31.00 2.94 44.37
C HIS M 174 -31.66 2.94 45.74
N HIS M 175 -32.28 4.04 46.16
CA HIS M 175 -32.99 4.06 47.44
C HIS M 175 -34.12 3.05 47.43
N PHE M 176 -34.88 3.02 46.35
CA PHE M 176 -35.98 2.08 46.21
C PHE M 176 -35.44 0.68 45.95
N SER M 177 -35.26 -0.09 47.02
CA SER M 177 -34.85 -1.48 46.92
C SER M 177 -35.88 -2.42 47.51
N ASP M 178 -36.30 -2.17 48.75
CA ASP M 178 -37.23 -3.05 49.41
C ASP M 178 -38.68 -2.77 49.02
N ALA M 179 -38.96 -1.54 48.59
CA ALA M 179 -40.33 -1.20 48.21
C ALA M 179 -40.76 -2.03 47.02
N ALA M 180 -40.09 -1.86 45.89
CA ALA M 180 -40.45 -2.62 44.69
C ALA M 180 -40.28 -4.10 44.91
N GLU M 181 -39.36 -4.51 45.79
CA GLU M 181 -39.19 -5.91 46.12
C GLU M 181 -40.49 -6.50 46.66
N ALA M 182 -41.02 -5.91 47.72
CA ALA M 182 -42.27 -6.41 48.29
C ALA M 182 -43.41 -6.28 47.30
N TYR M 183 -43.35 -5.28 46.43
CA TYR M 183 -44.41 -5.07 45.46
C TYR M 183 -44.54 -6.26 44.52
N ILE M 184 -43.44 -6.64 43.86
CA ILE M 184 -43.52 -7.76 42.94
C ILE M 184 -43.65 -9.07 43.69
N GLU M 185 -43.31 -9.09 44.98
CA GLU M 185 -43.49 -10.31 45.76
C GLU M 185 -44.97 -10.68 45.84
N MET M 186 -45.82 -9.73 46.24
CA MET M 186 -47.23 -10.05 46.42
C MET M 186 -47.92 -10.25 45.08
N ARG M 187 -47.60 -9.42 44.10
CA ARG M 187 -48.18 -9.61 42.78
C ARG M 187 -47.74 -10.93 42.17
N ASN M 188 -46.56 -11.43 42.56
CA ASN M 188 -46.17 -12.78 42.16
C ASN M 188 -46.91 -13.82 42.98
N SER M 189 -47.29 -13.47 44.22
CA SER M 189 -48.04 -14.40 45.06
C SER M 189 -49.39 -14.73 44.44
N GLU M 190 -50.15 -13.70 44.07
CA GLU M 190 -51.42 -13.93 43.40
C GLU M 190 -51.18 -14.61 42.06
N SER M 191 -50.59 -13.88 41.13
CA SER M 191 -50.50 -14.26 39.73
C SER M 191 -49.06 -14.31 39.29
N PRO M 192 -48.76 -14.99 38.17
CA PRO M 192 -47.36 -15.15 37.76
C PRO M 192 -46.78 -13.92 37.09
N TYR M 193 -46.23 -13.02 37.89
CA TYR M 193 -45.72 -11.75 37.42
C TYR M 193 -44.24 -11.83 37.03
N MET M 194 -43.86 -11.02 36.05
CA MET M 194 -42.47 -10.82 35.70
C MET M 194 -42.34 -9.47 35.02
N PRO M 195 -41.31 -8.67 35.32
CA PRO M 195 -41.14 -7.39 34.61
C PRO M 195 -40.79 -7.54 33.14
N ARG M 196 -40.50 -6.41 32.50
CA ARG M 196 -39.98 -6.39 31.14
C ARG M 196 -38.47 -6.53 31.11
N TYR M 197 -37.77 -5.99 32.09
CA TYR M 197 -36.32 -6.09 32.17
C TYR M 197 -35.85 -7.54 32.23
N GLY M 198 -36.71 -8.46 32.66
CA GLY M 198 -36.38 -9.86 32.69
C GLY M 198 -36.81 -10.57 31.43
N LEU M 199 -38.04 -10.32 31.00
CA LEU M 199 -38.56 -10.96 29.79
C LEU M 199 -37.77 -10.56 28.56
N LEU M 200 -37.15 -9.39 28.58
CA LEU M 200 -36.26 -9.02 27.50
C LEU M 200 -34.98 -9.85 27.51
N ARG M 201 -34.67 -10.51 28.62
CA ARG M 201 -33.46 -11.31 28.76
C ARG M 201 -33.74 -12.75 29.13
N ASN M 202 -35.01 -13.16 29.14
CA ASN M 202 -35.43 -14.55 29.00
C ASN M 202 -34.86 -15.43 30.13
N LEU M 203 -35.32 -15.15 31.34
CA LEU M 203 -35.11 -16.07 32.44
C LEU M 203 -36.09 -17.21 32.37
N ARG M 204 -35.62 -18.39 32.78
CA ARG M 204 -36.46 -19.58 32.89
C ARG M 204 -37.00 -19.77 34.29
N ASP M 205 -36.25 -19.36 35.30
CA ASP M 205 -36.75 -19.60 36.65
C ASP M 205 -37.69 -18.49 37.06
N ARG M 206 -38.95 -18.87 37.19
CA ARG M 206 -39.99 -17.95 37.62
C ARG M 206 -39.71 -17.38 39.01
N GLU M 207 -38.84 -18.03 39.78
CA GLU M 207 -38.66 -17.69 41.18
C GLU M 207 -37.81 -16.44 41.38
N LEU M 208 -36.89 -16.14 40.46
CA LEU M 208 -35.95 -15.04 40.62
C LEU M 208 -36.46 -13.74 40.00
N ALA M 209 -37.78 -13.53 39.96
CA ALA M 209 -38.30 -12.23 39.59
C ALA M 209 -37.93 -11.19 40.64
N ARG M 210 -37.67 -11.63 41.87
CA ARG M 210 -37.30 -10.72 42.95
C ARG M 210 -36.07 -9.87 42.63
N TYR M 211 -35.20 -10.36 41.77
CA TYR M 211 -33.91 -9.75 41.51
C TYR M 211 -33.79 -9.29 40.07
N ALA M 212 -34.85 -8.66 39.55
CA ALA M 212 -34.88 -8.16 38.18
C ALA M 212 -35.30 -6.69 38.20
N PHE M 213 -34.30 -5.82 38.14
CA PHE M 213 -34.51 -4.39 38.04
C PHE M 213 -33.35 -3.79 37.27
N ASP M 214 -33.56 -2.57 36.79
CA ASP M 214 -32.43 -1.69 36.55
C ASP M 214 -31.80 -1.29 37.87
N PHE M 215 -32.61 -0.75 38.77
CA PHE M 215 -32.15 -0.28 40.07
C PHE M 215 -32.34 -1.40 41.08
N TYR M 216 -31.23 -1.89 41.63
CA TYR M 216 -31.26 -2.83 42.73
C TYR M 216 -29.91 -2.79 43.41
N GLU M 217 -29.92 -2.59 44.71
CA GLU M 217 -28.70 -2.30 45.46
C GLU M 217 -28.26 -3.53 46.21
N VAL M 218 -27.11 -4.05 45.84
CA VAL M 218 -26.54 -5.21 46.50
C VAL M 218 -26.26 -4.86 47.95
N THR M 219 -26.38 -5.86 48.82
CA THR M 219 -25.99 -5.74 50.22
C THR M 219 -25.25 -7.01 50.60
N SER M 220 -24.87 -7.06 51.87
CA SER M 220 -24.31 -8.29 52.42
C SER M 220 -25.39 -9.29 52.82
N LYS M 221 -26.66 -9.01 52.55
CA LYS M 221 -27.75 -9.87 52.96
C LYS M 221 -28.17 -10.88 51.92
N THR M 222 -27.88 -10.64 50.65
CA THR M 222 -28.42 -11.48 49.59
C THR M 222 -27.85 -12.89 49.68
N PRO M 223 -28.53 -13.87 49.11
CA PRO M 223 -27.96 -15.21 48.99
C PRO M 223 -26.97 -15.29 47.83
N ASN M 224 -26.27 -16.41 47.78
CA ASN M 224 -25.21 -16.64 46.82
C ASN M 224 -25.70 -17.14 45.48
N ARG M 225 -27.00 -17.11 45.22
CA ARG M 225 -27.58 -17.60 43.97
C ARG M 225 -27.90 -16.45 43.01
N ALA M 226 -28.71 -15.50 43.46
CA ALA M 226 -29.07 -14.37 42.61
C ALA M 226 -27.88 -13.47 42.33
N ARG M 227 -26.88 -13.50 43.20
CA ARG M 227 -25.69 -12.69 43.01
C ARG M 227 -24.96 -13.04 41.72
N GLU M 228 -25.08 -14.29 41.28
CA GLU M 228 -24.51 -14.68 40.00
C GLU M 228 -25.35 -14.17 38.84
N ALA M 229 -26.67 -14.36 38.93
CA ALA M 229 -27.54 -14.07 37.80
C ALA M 229 -27.54 -12.59 37.46
N ILE M 230 -27.43 -11.72 38.47
CA ILE M 230 -27.41 -10.29 38.21
C ILE M 230 -26.21 -9.93 37.35
N ALA M 231 -25.03 -10.42 37.73
CA ALA M 231 -23.82 -10.07 37.00
C ALA M 231 -23.86 -10.60 35.57
N GLN M 232 -24.53 -11.73 35.36
CA GLN M 232 -24.69 -12.23 34.00
C GLN M 232 -25.53 -11.27 33.17
N MET M 233 -26.57 -10.68 33.77
CA MET M 233 -27.38 -9.72 33.05
C MET M 233 -26.57 -8.50 32.67
N LYS M 234 -25.88 -7.92 33.65
CA LYS M 234 -25.12 -6.69 33.42
C LYS M 234 -24.07 -6.88 32.35
N ALA M 235 -23.48 -8.07 32.27
CA ALA M 235 -22.46 -8.34 31.27
C ALA M 235 -23.07 -8.68 29.93
N ALA M 236 -24.26 -9.28 29.93
CA ALA M 236 -24.89 -9.66 28.66
C ALA M 236 -25.42 -8.44 27.93
N ALA M 237 -25.84 -7.43 28.67
CA ALA M 237 -26.47 -6.26 28.08
C ALA M 237 -25.47 -5.16 27.74
N LEU M 238 -24.18 -5.43 27.80
CA LEU M 238 -23.15 -4.45 27.44
C LEU M 238 -22.05 -5.17 26.67
N ALA M 239 -22.00 -4.92 25.38
CA ALA M 239 -20.97 -5.49 24.54
C ALA M 239 -20.97 -4.73 23.23
N GLY M 240 -19.77 -4.38 22.76
CA GLY M 240 -19.61 -3.59 21.57
C GLY M 240 -19.64 -2.09 21.81
N ILE M 241 -20.19 -1.64 22.93
CA ILE M 241 -20.22 -0.22 23.25
C ILE M 241 -18.78 0.24 23.46
N ASN M 242 -18.29 1.08 22.56
CA ASN M 242 -16.95 1.64 22.65
C ASN M 242 -17.07 3.04 23.26
N SER M 243 -16.39 3.24 24.39
CA SER M 243 -16.61 4.44 25.20
C SER M 243 -16.27 5.72 24.44
N ARG M 244 -14.98 5.90 24.10
CA ARG M 244 -14.55 7.01 23.25
C ARG M 244 -14.93 8.35 23.88
N LEU M 245 -14.23 8.68 24.97
CA LEU M 245 -14.64 9.78 25.84
C LEU M 245 -14.76 11.11 25.12
N PHE M 246 -14.13 11.28 23.96
CA PHE M 246 -14.31 12.47 23.16
C PHE M 246 -15.51 12.31 22.23
N GLY M 247 -16.15 13.44 21.93
CA GLY M 247 -17.26 13.49 21.01
C GLY M 247 -16.79 14.00 19.66
N LEU M 248 -17.02 15.28 19.41
CA LEU M 248 -16.39 15.95 18.28
C LEU M 248 -15.99 17.36 18.69
N ASP M 249 -14.91 17.83 18.08
CA ASP M 249 -14.43 19.19 18.31
C ASP M 249 -15.24 20.17 17.48
N GLY M 250 -15.41 21.37 18.04
CA GLY M 250 -16.13 22.41 17.32
C GLY M 250 -15.25 23.20 16.37
N ASN M 251 -13.97 23.33 16.68
CA ASN M 251 -13.07 24.12 15.85
C ASN M 251 -12.83 23.39 14.54
N ILE M 252 -13.27 24.00 13.46
CA ILE M 252 -12.98 23.55 12.10
C ILE M 252 -12.01 24.55 11.48
N SER M 253 -11.09 24.06 10.68
CA SER M 253 -10.32 24.90 9.77
C SER M 253 -10.05 24.04 8.53
N THR M 254 -10.97 24.11 7.58
CA THR M 254 -10.76 23.45 6.29
C THR M 254 -9.85 24.28 5.40
N ASN M 255 -9.86 25.60 5.57
CA ASN M 255 -9.01 26.50 4.80
C ASN M 255 -8.77 27.74 5.64
N SER M 256 -7.51 28.15 5.75
CA SER M 256 -7.15 29.28 6.58
C SER M 256 -7.81 30.56 6.06
N GLU M 257 -7.84 31.57 6.93
CA GLU M 257 -8.48 32.84 6.60
C GLU M 257 -7.62 33.61 5.61
N ASN M 258 -8.29 34.25 4.64
CA ASN M 258 -7.58 34.79 3.48
C ASN M 258 -6.84 36.08 3.82
N THR M 259 -7.58 37.12 4.22
CA THR M 259 -7.01 38.44 4.54
C THR M 259 -6.26 39.03 3.34
N GLU M 260 -7.02 39.25 2.26
CA GLU M 260 -6.50 39.98 1.11
C GLU M 260 -7.62 40.81 0.51
N ARG M 261 -7.26 41.66 -0.45
CA ARG M 261 -8.12 42.73 -0.95
C ARG M 261 -8.51 42.49 -2.40
N HIS M 262 -9.25 43.45 -2.94
CA HIS M 262 -9.60 43.50 -4.36
C HIS M 262 -9.66 44.95 -4.79
N THR M 263 -9.24 45.21 -6.03
CA THR M 263 -9.39 46.51 -6.65
C THR M 263 -9.84 46.30 -8.09
N ALA M 264 -10.05 47.40 -8.80
CA ALA M 264 -10.44 47.35 -10.20
C ALA M 264 -9.24 47.02 -11.07
N PRO O 58 -54.19 -14.84 64.73
CA PRO O 58 -53.80 -13.44 64.51
C PRO O 58 -53.38 -13.17 63.07
N ARG O 59 -53.74 -11.98 62.57
CA ARG O 59 -53.55 -11.64 61.17
C ARG O 59 -53.01 -10.22 61.06
N LEU O 60 -52.41 -9.94 59.90
CA LEU O 60 -51.88 -8.62 59.60
C LEU O 60 -51.75 -8.49 58.09
N GLN O 61 -51.22 -7.35 57.65
CA GLN O 61 -51.07 -7.02 56.25
C GLN O 61 -49.60 -7.08 55.83
N LYS O 62 -49.39 -7.21 54.52
CA LYS O 62 -48.05 -7.48 53.99
C LYS O 62 -47.09 -6.34 54.31
N ILE O 63 -47.35 -5.15 53.79
CA ILE O 63 -46.54 -3.99 54.13
C ILE O 63 -46.86 -3.55 55.55
N THR O 64 -45.87 -2.99 56.23
CA THR O 64 -46.04 -2.39 57.53
C THR O 64 -45.32 -1.06 57.57
N LYS O 65 -45.86 -0.13 58.37
CA LYS O 65 -45.26 1.19 58.49
C LYS O 65 -43.82 1.12 59.00
N LYS O 66 -43.50 0.09 59.80
CA LYS O 66 -42.17 -0.02 60.38
C LYS O 66 -41.14 -0.56 59.40
N MET O 67 -41.54 -0.90 58.18
CA MET O 67 -40.57 -1.23 57.15
C MET O 67 -39.69 -0.02 56.86
N ASN O 68 -38.45 -0.28 56.43
CA ASN O 68 -37.56 0.80 56.07
C ASN O 68 -38.02 1.44 54.76
N LEU O 69 -38.02 2.77 54.73
CA LEU O 69 -38.71 3.53 53.69
C LEU O 69 -38.01 4.87 53.54
N PRO O 70 -38.38 5.68 52.55
CA PRO O 70 -37.75 6.99 52.40
C PRO O 70 -38.07 7.96 53.54
N THR O 71 -37.11 8.84 53.81
CA THR O 71 -37.11 9.70 54.99
C THR O 71 -36.67 11.14 54.66
N VAL O 72 -37.33 11.79 53.70
CA VAL O 72 -37.05 13.20 53.42
C VAL O 72 -37.15 14.01 54.71
N GLY O 73 -38.34 14.05 55.29
CA GLY O 73 -38.53 14.61 56.61
C GLY O 73 -38.38 13.53 57.67
N GLY O 74 -37.98 13.95 58.86
CA GLY O 74 -37.92 13.01 59.97
C GLY O 74 -39.26 12.38 60.29
N LYS O 75 -40.36 13.09 60.01
CA LYS O 75 -41.70 12.60 60.26
C LYS O 75 -42.37 12.04 59.01
N ILE O 76 -42.50 12.86 57.97
CA ILE O 76 -43.42 12.53 56.89
C ILE O 76 -42.79 11.49 55.98
N ILE O 77 -43.63 10.54 55.54
CA ILE O 77 -43.24 9.48 54.63
C ILE O 77 -43.87 9.79 53.27
N LEU O 78 -43.20 9.35 52.22
CA LEU O 78 -43.58 9.71 50.86
C LEU O 78 -44.51 8.68 50.25
N SER O 79 -44.13 7.41 50.30
CA SER O 79 -44.97 6.34 49.78
C SER O 79 -46.13 6.06 50.74
N LEU O 80 -47.28 6.67 50.48
CA LEU O 80 -48.45 6.46 51.34
C LEU O 80 -48.92 5.02 51.24
N ASP O 81 -49.14 4.39 52.40
CA ASP O 81 -49.50 2.98 52.46
C ASP O 81 -50.98 2.84 52.13
N HIS O 82 -51.28 2.93 50.83
CA HIS O 82 -52.57 2.58 50.27
C HIS O 82 -52.39 1.70 49.04
N LEU O 83 -51.28 0.97 48.99
CA LEU O 83 -50.92 0.16 47.84
C LEU O 83 -51.55 -1.21 47.87
N LEU O 84 -52.15 -1.60 49.00
CA LEU O 84 -52.74 -2.92 49.14
C LEU O 84 -53.86 -3.16 48.14
N GLU O 85 -54.49 -2.08 47.63
CA GLU O 85 -55.41 -2.15 46.51
C GLU O 85 -54.89 -1.18 45.46
N TYR O 86 -53.88 -1.64 44.71
CA TYR O 86 -53.42 -0.96 43.51
C TYR O 86 -52.91 -2.07 42.58
N LYS O 87 -53.80 -2.56 41.72
CA LYS O 87 -53.53 -3.73 40.90
C LYS O 87 -53.96 -3.47 39.47
N PRO O 88 -53.28 -2.55 38.78
CA PRO O 88 -53.56 -2.35 37.37
C PRO O 88 -53.11 -3.54 36.55
N ASN O 89 -53.85 -3.81 35.48
CA ASN O 89 -53.43 -4.82 34.53
C ASN O 89 -52.08 -4.41 33.95
N GLN O 90 -51.13 -5.34 33.97
CA GLN O 90 -49.74 -4.99 33.75
C GLN O 90 -49.52 -4.45 32.36
N VAL O 91 -50.11 -5.10 31.36
CA VAL O 91 -49.77 -4.83 29.97
C VAL O 91 -50.19 -3.44 29.56
N ASP O 92 -51.14 -2.82 30.27
CA ASP O 92 -51.61 -1.49 29.92
C ASP O 92 -50.59 -0.40 30.22
N LEU O 93 -49.48 -0.73 30.86
CA LEU O 93 -48.55 0.24 31.41
C LEU O 93 -47.27 0.39 30.61
N PHE O 94 -47.00 -0.49 29.65
CA PHE O 94 -45.74 -0.47 28.93
C PHE O 94 -45.61 0.78 28.07
N ASN O 95 -44.42 0.94 27.52
CA ASN O 95 -44.13 1.95 26.51
C ASN O 95 -44.26 1.42 25.09
N THR O 96 -44.06 0.12 24.89
CA THR O 96 -44.11 -0.47 23.56
C THR O 96 -45.51 -0.48 22.96
N ARG O 97 -46.53 -0.23 23.75
CA ARG O 97 -47.88 -0.03 23.24
C ARG O 97 -48.17 1.45 23.13
N ALA O 98 -49.02 1.81 22.17
CA ALA O 98 -49.47 3.17 22.03
C ALA O 98 -50.36 3.55 23.22
N THR O 99 -50.84 4.79 23.20
CA THR O 99 -51.76 5.25 24.22
C THR O 99 -53.20 4.91 23.86
N LYS O 100 -54.09 5.07 24.84
CA LYS O 100 -55.51 4.97 24.56
C LYS O 100 -55.96 6.07 23.61
N THR O 101 -55.29 7.22 23.65
CA THR O 101 -55.66 8.35 22.81
C THR O 101 -55.37 8.05 21.34
N GLN O 102 -54.13 7.68 21.04
CA GLN O 102 -53.70 7.54 19.66
C GLN O 102 -54.48 6.43 18.95
N PHE O 103 -54.80 5.36 19.67
CA PHE O 103 -55.65 4.31 19.11
C PHE O 103 -57.01 4.86 18.74
N GLU O 104 -57.55 5.76 19.56
CA GLU O 104 -58.86 6.33 19.28
C GLU O 104 -58.81 7.21 18.04
N SER O 105 -57.87 8.15 17.99
CA SER O 105 -57.81 9.06 16.84
C SER O 105 -57.51 8.32 15.55
N TRP O 106 -56.70 7.26 15.61
CA TRP O 106 -56.47 6.43 14.44
C TRP O 106 -57.78 5.86 13.93
N TYR O 107 -58.64 5.42 14.85
CA TYR O 107 -59.91 4.85 14.46
C TYR O 107 -60.87 5.92 13.93
N SER O 108 -60.73 7.15 14.38
CA SER O 108 -61.61 8.22 13.91
C SER O 108 -61.11 8.82 12.60
N ALA O 109 -59.81 9.07 12.51
CA ALA O 109 -59.26 9.70 11.33
C ALA O 109 -59.40 8.82 10.10
N VAL O 110 -59.32 7.50 10.29
CA VAL O 110 -59.42 6.59 9.15
C VAL O 110 -60.80 6.62 8.55
N LYS O 111 -61.83 6.76 9.40
CA LYS O 111 -63.21 6.63 8.94
C LYS O 111 -63.57 7.72 7.95
N VAL O 112 -63.00 8.92 8.12
CA VAL O 112 -63.32 10.02 7.23
C VAL O 112 -62.75 9.77 5.85
N GLU O 113 -61.51 9.28 5.77
CA GLU O 113 -60.82 9.16 4.50
C GLU O 113 -61.32 7.99 3.66
N TYR O 114 -61.98 7.01 4.27
CA TYR O 114 -62.80 6.08 3.52
C TYR O 114 -64.23 6.56 3.36
N ASP O 115 -64.68 7.47 4.23
CA ASP O 115 -65.98 8.12 4.10
C ASP O 115 -67.11 7.09 4.18
N LEU O 116 -67.08 6.28 5.25
CA LEU O 116 -68.10 5.28 5.50
C LEU O 116 -69.15 5.77 6.49
N ASN O 117 -68.71 6.18 7.69
CA ASN O 117 -69.61 6.62 8.75
C ASN O 117 -70.67 5.56 9.05
N ASP O 118 -70.22 4.30 9.12
CA ASP O 118 -71.14 3.19 9.29
C ASP O 118 -70.36 2.04 9.92
N GLU O 119 -71.10 1.09 10.49
CA GLU O 119 -70.51 -0.02 11.21
C GLU O 119 -70.00 -1.15 10.31
N GLN O 120 -69.81 -0.87 9.02
CA GLN O 120 -68.99 -1.75 8.19
C GLN O 120 -67.52 -1.71 8.59
N MET O 121 -67.13 -0.71 9.40
CA MET O 121 -65.74 -0.56 9.81
C MET O 121 -65.22 -1.81 10.51
N GLY O 122 -66.09 -2.50 11.25
CA GLY O 122 -65.68 -3.72 11.90
C GLY O 122 -65.18 -4.77 10.93
N VAL O 123 -65.81 -4.84 9.75
CA VAL O 123 -65.37 -5.77 8.73
C VAL O 123 -64.04 -5.34 8.14
N ILE O 124 -63.90 -4.04 7.85
CA ILE O 124 -62.70 -3.54 7.20
C ILE O 124 -61.50 -3.70 8.13
N MET O 125 -61.68 -3.38 9.41
CA MET O 125 -60.63 -3.62 10.39
C MET O 125 -60.25 -5.08 10.42
N ASN O 126 -61.25 -5.95 10.44
CA ASN O 126 -60.98 -7.39 10.45
C ASN O 126 -60.31 -7.83 9.16
N GLY O 127 -60.74 -7.26 8.03
CA GLY O 127 -60.10 -7.56 6.77
C GLY O 127 -58.67 -7.10 6.68
N PHE O 128 -58.23 -6.25 7.60
CA PHE O 128 -56.85 -5.78 7.58
C PHE O 128 -55.93 -6.71 8.36
N MET O 129 -56.41 -7.24 9.49
CA MET O 129 -55.48 -7.94 10.39
C MET O 129 -55.00 -9.25 9.78
N VAL O 130 -55.87 -9.96 9.07
CA VAL O 130 -55.45 -11.22 8.45
C VAL O 130 -54.38 -10.94 7.41
N TRP O 131 -54.58 -9.92 6.58
CA TRP O 131 -53.54 -9.51 5.66
C TRP O 131 -52.31 -9.02 6.40
N CYS O 132 -52.51 -8.38 7.55
CA CYS O 132 -51.39 -7.92 8.35
C CYS O 132 -50.55 -9.07 8.88
N ILE O 133 -51.13 -10.26 9.01
CA ILE O 133 -50.36 -11.44 9.32
C ILE O 133 -49.51 -11.85 8.13
N ASP O 134 -50.19 -12.21 7.04
CA ASP O 134 -49.58 -12.95 5.94
C ASP O 134 -48.58 -12.14 5.12
N ASN O 135 -48.36 -10.88 5.47
CA ASN O 135 -47.25 -10.14 4.90
C ASN O 135 -46.69 -9.24 5.98
N GLY O 136 -45.50 -8.73 5.71
CA GLY O 136 -44.78 -7.97 6.70
C GLY O 136 -45.48 -6.68 7.05
N THR O 137 -45.03 -6.09 8.15
CA THR O 137 -45.49 -4.78 8.61
C THR O 137 -44.27 -3.88 8.76
N SER O 138 -44.15 -2.92 7.85
CA SER O 138 -43.07 -1.95 7.89
C SER O 138 -43.52 -0.72 7.13
N PRO O 139 -42.96 0.45 7.43
CA PRO O 139 -43.37 1.66 6.69
C PRO O 139 -43.09 1.59 5.21
N ASP O 140 -42.20 0.71 4.75
CA ASP O 140 -41.86 0.62 3.34
C ASP O 140 -42.74 -0.39 2.62
N VAL O 141 -44.05 -0.17 2.72
CA VAL O 141 -45.04 -0.88 1.92
C VAL O 141 -45.65 0.10 0.96
N ASN O 142 -45.98 -0.40 -0.24
CA ASN O 142 -46.71 0.36 -1.22
C ASN O 142 -47.62 -0.59 -1.97
N GLY O 143 -48.44 -0.01 -2.83
CA GLY O 143 -49.40 -0.79 -3.60
C GLY O 143 -50.75 -0.78 -2.92
N VAL O 144 -51.31 -1.97 -2.73
CA VAL O 144 -52.67 -2.14 -2.25
C VAL O 144 -52.72 -3.29 -1.26
N TRP O 145 -53.91 -3.51 -0.71
CA TRP O 145 -54.20 -4.68 0.08
C TRP O 145 -55.62 -5.12 -0.22
N VAL O 146 -56.00 -6.27 0.33
CA VAL O 146 -57.20 -6.94 -0.14
C VAL O 146 -57.71 -7.90 0.91
N MET O 147 -59.04 -7.97 1.02
CA MET O 147 -59.76 -9.11 1.54
C MET O 147 -60.68 -9.63 0.44
N MET O 148 -61.16 -10.86 0.61
CA MET O 148 -62.00 -11.51 -0.38
C MET O 148 -63.31 -11.96 0.22
N ASP O 149 -64.31 -12.08 -0.64
CA ASP O 149 -65.63 -12.59 -0.29
C ASP O 149 -66.13 -13.44 -1.44
N GLY O 150 -66.52 -14.67 -1.17
CA GLY O 150 -66.89 -15.57 -2.23
C GLY O 150 -65.68 -16.06 -2.99
N GLU O 151 -65.47 -15.52 -4.20
CA GLU O 151 -64.32 -15.87 -5.03
C GLU O 151 -63.60 -14.68 -5.64
N GLU O 152 -64.11 -13.47 -5.50
CA GLU O 152 -63.47 -12.31 -6.11
C GLU O 152 -62.42 -11.72 -5.18
N GLN O 153 -61.83 -10.60 -5.62
CA GLN O 153 -60.62 -10.04 -5.03
C GLN O 153 -60.81 -8.52 -4.82
N VAL O 154 -61.87 -8.17 -4.11
CA VAL O 154 -62.22 -6.77 -3.84
C VAL O 154 -61.10 -6.09 -3.07
N GLU O 155 -60.42 -5.15 -3.72
CA GLU O 155 -59.21 -4.52 -3.18
C GLU O 155 -59.52 -3.14 -2.60
N TYR O 156 -58.48 -2.51 -2.07
CA TYR O 156 -58.58 -1.23 -1.40
C TYR O 156 -57.25 -0.51 -1.53
N PRO O 157 -57.17 0.77 -1.17
CA PRO O 157 -55.89 1.45 -1.10
C PRO O 157 -55.19 1.17 0.23
N LEU O 158 -53.96 1.68 0.33
CA LEU O 158 -53.01 1.26 1.36
C LEU O 158 -52.41 2.43 2.13
N LYS O 159 -52.31 3.59 1.48
CA LYS O 159 -51.61 4.72 2.06
C LYS O 159 -52.20 5.21 3.38
N PRO O 160 -53.48 5.61 3.44
CA PRO O 160 -53.94 6.39 4.60
C PRO O 160 -53.88 5.66 5.92
N ILE O 161 -53.90 4.33 5.95
CA ILE O 161 -53.70 3.62 7.19
C ILE O 161 -52.32 3.91 7.75
N VAL O 162 -51.31 3.91 6.89
CA VAL O 162 -49.94 4.08 7.34
C VAL O 162 -49.69 5.53 7.74
N GLU O 163 -49.87 6.46 6.79
CA GLU O 163 -49.41 7.83 7.01
C GLU O 163 -50.18 8.52 8.12
N ASN O 164 -51.44 8.17 8.35
CA ASN O 164 -52.18 8.65 9.52
C ASN O 164 -52.06 7.66 10.67
N ALA O 165 -50.83 7.25 10.96
CA ALA O 165 -50.51 6.44 12.13
C ALA O 165 -49.47 7.24 12.91
N LYS O 166 -49.85 7.67 14.11
CA LYS O 166 -49.11 8.77 14.73
C LYS O 166 -47.71 8.32 15.14
N PRO O 167 -47.52 7.35 16.04
CA PRO O 167 -46.26 6.61 16.02
C PRO O 167 -46.30 5.57 14.93
N THR O 168 -45.29 4.70 14.83
CA THR O 168 -45.23 3.75 13.74
C THR O 168 -46.37 2.75 13.83
N LEU O 169 -46.42 1.84 12.85
CA LEU O 169 -47.57 0.96 12.70
C LEU O 169 -47.62 -0.09 13.80
N ARG O 170 -46.54 -0.87 13.92
CA ARG O 170 -46.52 -1.95 14.91
C ARG O 170 -46.70 -1.40 16.32
N GLN O 171 -46.17 -0.21 16.58
CA GLN O 171 -46.36 0.49 17.84
C GLN O 171 -47.84 0.70 18.17
N ILE O 172 -48.73 0.66 17.17
CA ILE O 172 -50.17 0.60 17.39
C ILE O 172 -50.65 -0.83 17.52
N MET O 173 -50.17 -1.70 16.63
CA MET O 173 -50.81 -3.00 16.42
C MET O 173 -50.41 -4.05 17.44
N HIS O 174 -49.71 -3.69 18.53
CA HIS O 174 -49.52 -4.66 19.60
C HIS O 174 -50.81 -4.93 20.37
N HIS O 175 -51.86 -4.13 20.17
CA HIS O 175 -53.13 -4.40 20.84
C HIS O 175 -53.66 -5.76 20.43
N PHE O 176 -53.63 -6.04 19.14
CA PHE O 176 -54.09 -7.32 18.62
C PHE O 176 -53.10 -8.41 18.97
N SER O 177 -53.33 -9.08 20.10
CA SER O 177 -52.52 -10.22 20.52
C SER O 177 -53.34 -11.48 20.64
N ASP O 178 -54.45 -11.43 21.38
CA ASP O 178 -55.26 -12.61 21.61
C ASP O 178 -56.22 -12.86 20.46
N ALA O 179 -56.58 -11.83 19.72
CA ALA O 179 -57.50 -12.01 18.61
C ALA O 179 -56.90 -12.93 17.55
N ALA O 180 -55.80 -12.49 16.95
CA ALA O 180 -55.16 -13.31 15.92
C ALA O 180 -54.69 -14.64 16.49
N GLU O 181 -54.36 -14.68 17.77
CA GLU O 181 -53.98 -15.93 18.42
C GLU O 181 -55.09 -16.98 18.29
N ALA O 182 -56.28 -16.64 18.76
CA ALA O 182 -57.40 -17.57 18.67
C ALA O 182 -57.74 -17.87 17.22
N TYR O 183 -57.52 -16.90 16.34
CA TYR O 183 -57.84 -17.07 14.93
C TYR O 183 -57.04 -18.22 14.33
N ILE O 184 -55.71 -18.14 14.45
CA ILE O 184 -54.88 -19.20 13.87
C ILE O 184 -55.00 -20.48 14.67
N GLU O 185 -55.47 -20.40 15.92
CA GLU O 185 -55.67 -21.61 16.71
C GLU O 185 -56.72 -22.50 16.05
N MET O 186 -57.89 -21.93 15.75
CA MET O 186 -58.97 -22.76 15.21
C MET O 186 -58.67 -23.18 13.79
N ARG O 187 -58.12 -22.27 12.97
CA ARG O 187 -57.75 -22.64 11.61
C ARG O 187 -56.66 -23.69 11.62
N ASN O 188 -55.83 -23.74 12.66
CA ASN O 188 -54.89 -24.83 12.81
C ASN O 188 -55.59 -26.09 13.30
N SER O 189 -56.69 -25.92 14.04
CA SER O 189 -57.45 -27.07 14.52
C SER O 189 -58.02 -27.87 13.35
N GLU O 190 -58.72 -27.19 12.44
CA GLU O 190 -59.22 -27.87 11.26
C GLU O 190 -58.07 -28.39 10.42
N SER O 191 -57.31 -27.47 9.82
CA SER O 191 -56.34 -27.78 8.79
C SER O 191 -54.97 -27.28 9.21
N PRO O 192 -53.90 -27.77 8.58
CA PRO O 192 -52.55 -27.40 9.02
C PRO O 192 -52.10 -26.03 8.53
N TYR O 193 -52.42 -25.01 9.31
CA TYR O 193 -52.17 -23.63 8.94
C TYR O 193 -50.81 -23.16 9.43
N MET O 194 -50.21 -22.24 8.66
CA MET O 194 -49.01 -21.54 9.08
C MET O 194 -48.96 -20.21 8.32
N PRO O 195 -48.58 -19.10 8.96
CA PRO O 195 -48.45 -17.85 8.20
C PRO O 195 -47.30 -17.83 7.22
N ARG O 196 -47.08 -16.66 6.62
CA ARG O 196 -45.92 -16.42 5.77
C ARG O 196 -44.70 -15.99 6.58
N TYR O 197 -44.91 -15.24 7.65
CA TYR O 197 -43.80 -14.81 8.51
C TYR O 197 -43.03 -15.98 9.10
N GLY O 198 -43.64 -17.15 9.18
CA GLY O 198 -42.98 -18.35 9.65
C GLY O 198 -42.36 -19.13 8.52
N LEU O 199 -43.13 -19.35 7.46
CA LEU O 199 -42.64 -20.12 6.33
C LEU O 199 -41.47 -19.44 5.65
N LEU O 200 -41.36 -18.12 5.77
CA LEU O 200 -40.19 -17.44 5.28
C LEU O 200 -38.97 -17.72 6.13
N ARG O 201 -39.16 -18.24 7.35
CA ARG O 201 -38.06 -18.54 8.27
C ARG O 201 -38.03 -20.00 8.70
N ASN O 202 -38.88 -20.84 8.12
CA ASN O 202 -38.68 -22.29 8.06
C ASN O 202 -38.61 -22.91 9.45
N LEU O 203 -39.75 -22.83 10.15
CA LEU O 203 -39.92 -23.62 11.35
C LEU O 203 -40.27 -25.06 11.00
N ARG O 204 -39.76 -25.98 11.81
CA ARG O 204 -40.10 -27.39 11.69
C ARG O 204 -41.24 -27.80 12.60
N ASP O 205 -41.38 -27.15 13.74
CA ASP O 205 -42.45 -27.59 14.65
C ASP O 205 -43.74 -26.90 14.26
N ARG O 206 -44.66 -27.73 13.76
CA ARG O 206 -45.98 -27.27 13.39
C ARG O 206 -46.74 -26.66 14.57
N GLU O 207 -46.31 -26.95 15.79
CA GLU O 207 -47.08 -26.59 16.98
C GLU O 207 -46.93 -25.12 17.34
N LEU O 208 -45.80 -24.49 17.01
CA LEU O 208 -45.53 -23.12 17.42
C LEU O 208 -45.97 -22.10 16.38
N ALA O 209 -47.02 -22.39 15.62
CA ALA O 209 -47.61 -21.36 14.78
C ALA O 209 -48.26 -20.27 15.63
N ARG O 210 -48.62 -20.61 16.86
CA ARG O 210 -49.24 -19.65 17.78
C ARG O 210 -48.39 -18.41 18.00
N TYR O 211 -47.07 -18.52 17.85
CA TYR O 211 -46.14 -17.46 18.21
C TYR O 211 -45.38 -16.96 16.99
N ALA O 212 -46.08 -16.77 15.87
CA ALA O 212 -45.49 -16.30 14.63
C ALA O 212 -46.27 -15.09 14.13
N PHE O 213 -45.75 -13.91 14.44
CA PHE O 213 -46.30 -12.65 13.96
C PHE O 213 -45.17 -11.65 13.83
N ASP O 214 -45.43 -10.59 13.08
CA ASP O 214 -44.72 -9.35 13.31
C ASP O 214 -45.11 -8.77 14.65
N PHE O 215 -46.40 -8.58 14.85
CA PHE O 215 -46.95 -7.99 16.07
C PHE O 215 -47.31 -9.12 17.04
N TYR O 216 -46.63 -9.17 18.17
CA TYR O 216 -46.99 -10.07 19.25
C TYR O 216 -46.35 -9.55 20.51
N GLU O 217 -47.16 -9.38 21.55
CA GLU O 217 -46.76 -8.67 22.75
C GLU O 217 -46.46 -9.68 23.84
N VAL O 218 -45.20 -9.72 24.25
CA VAL O 218 -44.79 -10.60 25.34
C VAL O 218 -45.51 -10.19 26.61
N THR O 219 -45.78 -11.18 27.46
CA THR O 219 -46.32 -10.95 28.78
C THR O 219 -45.58 -11.85 29.75
N SER O 220 -45.98 -11.79 31.01
CA SER O 220 -45.49 -12.73 32.00
C SER O 220 -46.22 -14.07 31.96
N LYS O 221 -47.11 -14.27 31.00
CA LYS O 221 -47.93 -15.48 30.93
C LYS O 221 -47.33 -16.56 30.04
N THR O 222 -46.46 -16.21 29.11
CA THR O 222 -46.01 -17.16 28.11
C THR O 222 -45.19 -18.27 28.78
N PRO O 223 -45.08 -19.42 28.13
CA PRO O 223 -44.14 -20.45 28.61
C PRO O 223 -42.72 -20.14 28.20
N ASN O 224 -41.80 -20.93 28.75
CA ASN O 224 -40.37 -20.71 28.58
C ASN O 224 -39.83 -21.35 27.31
N ARG O 225 -40.69 -21.80 26.40
CA ARG O 225 -40.25 -22.44 25.16
C ARG O 225 -40.32 -21.48 23.98
N ALA O 226 -41.49 -20.91 23.72
CA ALA O 226 -41.63 -19.98 22.61
C ALA O 226 -40.85 -18.70 22.83
N ARG O 227 -40.57 -18.37 24.09
CA ARG O 227 -39.81 -17.16 24.40
C ARG O 227 -38.43 -17.21 23.79
N GLU O 228 -37.86 -18.41 23.62
CA GLU O 228 -36.58 -18.54 22.95
C GLU O 228 -36.73 -18.36 21.44
N ALA O 229 -37.72 -19.02 20.85
CA ALA O 229 -37.83 -19.06 19.40
C ALA O 229 -38.10 -17.68 18.82
N ILE O 230 -38.86 -16.84 19.54
CA ILE O 230 -39.15 -15.50 19.06
C ILE O 230 -37.85 -14.71 18.91
N ALA O 231 -37.02 -14.74 19.95
CA ALA O 231 -35.80 -13.95 19.93
C ALA O 231 -34.85 -14.43 18.84
N GLN O 232 -34.88 -15.73 18.53
CA GLN O 232 -34.08 -16.23 17.43
C GLN O 232 -34.54 -15.64 16.10
N MET O 233 -35.86 -15.48 15.93
CA MET O 233 -36.37 -14.89 14.71
C MET O 233 -35.93 -13.44 14.59
N LYS O 234 -36.13 -12.66 15.65
CA LYS O 234 -35.81 -11.24 15.62
C LYS O 234 -34.34 -11.01 15.34
N ALA O 235 -33.48 -11.90 15.83
CA ALA O 235 -32.05 -11.75 15.59
C ALA O 235 -31.64 -12.27 14.23
N ALA O 236 -32.35 -13.27 13.72
CA ALA O 236 -32.00 -13.84 12.42
C ALA O 236 -32.37 -12.89 11.29
N ALA O 237 -33.43 -12.11 11.47
CA ALA O 237 -33.94 -11.24 10.43
C ALA O 237 -33.34 -9.85 10.46
N LEU O 238 -32.29 -9.63 11.25
CA LEU O 238 -31.62 -8.33 11.31
C LEU O 238 -30.12 -8.58 11.41
N ALA O 239 -29.42 -8.30 10.32
CA ALA O 239 -27.99 -8.44 10.29
C ALA O 239 -27.47 -7.71 9.06
N GLY O 240 -26.40 -6.94 9.24
CA GLY O 240 -25.86 -6.11 8.19
C GLY O 240 -26.49 -4.75 8.08
N ILE O 241 -27.69 -4.55 8.62
CA ILE O 241 -28.33 -3.24 8.58
C ILE O 241 -27.50 -2.30 9.43
N ASN O 242 -26.88 -1.31 8.79
CA ASN O 242 -26.09 -0.29 9.46
C ASN O 242 -26.96 0.94 9.62
N SER O 243 -27.16 1.37 10.87
CA SER O 243 -28.16 2.39 11.18
C SER O 243 -27.86 3.71 10.49
N ARG O 244 -26.75 4.36 10.86
CA ARG O 244 -26.30 5.56 10.17
C ARG O 244 -27.36 6.66 10.22
N LEU O 245 -27.54 7.21 11.43
CA LEU O 245 -28.69 8.07 11.70
C LEU O 245 -28.80 9.27 10.78
N PHE O 246 -27.71 9.68 10.13
CA PHE O 246 -27.77 10.73 9.14
C PHE O 246 -28.10 10.16 7.77
N GLY O 247 -28.77 10.97 6.96
CA GLY O 247 -29.10 10.62 5.60
C GLY O 247 -28.15 11.28 4.65
N LEU O 248 -28.57 12.40 4.06
CA LEU O 248 -27.67 13.27 3.32
C LEU O 248 -28.03 14.72 3.60
N ASP O 249 -27.01 15.57 3.58
CA ASP O 249 -27.20 17.00 3.75
C ASP O 249 -27.66 17.63 2.45
N GLY O 250 -28.48 18.67 2.57
CA GLY O 250 -28.95 19.38 1.40
C GLY O 250 -27.99 20.45 0.93
N ASN O 251 -27.23 21.04 1.84
CA ASN O 251 -26.32 22.12 1.48
C ASN O 251 -25.16 21.56 0.68
N ILE O 252 -25.07 21.97 -0.58
CA ILE O 252 -23.94 21.70 -1.45
C ILE O 252 -23.17 23.00 -1.64
N SER O 253 -21.85 22.89 -1.71
CA SER O 253 -21.01 23.97 -2.21
C SER O 253 -19.84 23.30 -2.93
N THR O 254 -20.02 23.03 -4.21
CA THR O 254 -18.92 22.52 -5.03
C THR O 254 -17.98 23.64 -5.44
N ASN O 255 -18.50 24.85 -5.56
CA ASN O 255 -17.69 26.02 -5.92
C ASN O 255 -18.38 27.25 -5.35
N SER O 256 -17.61 28.09 -4.67
CA SER O 256 -18.16 29.26 -4.02
C SER O 256 -18.77 30.21 -5.05
N GLU O 257 -19.60 31.12 -4.55
CA GLU O 257 -20.30 32.07 -5.41
C GLU O 257 -19.33 33.12 -5.93
N ASN O 258 -19.49 33.48 -7.20
CA ASN O 258 -18.46 34.27 -7.90
C ASN O 258 -18.50 35.74 -7.47
N THR O 259 -19.61 36.43 -7.74
CA THR O 259 -19.76 37.85 -7.43
C THR O 259 -18.69 38.69 -8.14
N GLU O 260 -18.72 38.64 -9.47
CA GLU O 260 -17.91 39.53 -10.30
C GLU O 260 -18.69 39.89 -11.55
N ARG O 261 -18.13 40.83 -12.31
CA ARG O 261 -18.84 41.52 -13.39
C ARG O 261 -18.24 41.17 -14.74
N HIS O 262 -18.80 41.80 -15.78
CA HIS O 262 -18.27 41.74 -17.14
C HIS O 262 -18.52 43.07 -17.82
N THR O 263 -17.58 43.49 -18.66
CA THR O 263 -17.75 44.64 -19.52
C THR O 263 -17.21 44.30 -20.90
N ALA O 264 -17.32 45.26 -21.81
CA ALA O 264 -16.81 45.09 -23.16
C ALA O 264 -15.29 45.25 -23.18
N PRO Q 58 -73.16 -30.07 27.51
CA PRO Q 58 -73.18 -28.63 27.27
C PRO Q 58 -72.13 -28.20 26.25
N ARG Q 59 -72.49 -27.22 25.41
CA ARG Q 59 -71.66 -26.80 24.29
C ARG Q 59 -71.63 -25.29 24.20
N LEU Q 60 -70.60 -24.79 23.52
CA LEU Q 60 -70.44 -23.36 23.29
C LEU Q 60 -69.52 -23.18 22.09
N GLN Q 61 -69.23 -21.91 21.79
CA GLN Q 61 -68.42 -21.53 20.65
C GLN Q 61 -67.05 -21.02 21.10
N LYS Q 62 -66.10 -21.06 20.16
CA LYS Q 62 -64.71 -20.80 20.48
C LYS Q 62 -64.51 -19.39 21.04
N ILE Q 63 -64.78 -18.37 20.24
CA ILE Q 63 -64.71 -17.00 20.72
C ILE Q 63 -65.91 -16.73 21.63
N THR Q 64 -65.72 -15.85 22.60
CA THR Q 64 -66.78 -15.38 23.47
C THR Q 64 -66.67 -13.88 23.62
N LYS Q 65 -67.82 -13.23 23.80
CA LYS Q 65 -67.85 -11.78 23.97
C LYS Q 65 -67.03 -11.33 25.16
N LYS Q 66 -66.92 -12.17 26.19
CA LYS Q 66 -66.20 -11.80 27.40
C LYS Q 66 -64.68 -11.90 27.25
N MET Q 67 -64.18 -12.34 26.10
CA MET Q 67 -62.76 -12.28 25.84
C MET Q 67 -62.30 -10.81 25.83
N ASN Q 68 -61.04 -10.60 26.18
CA ASN Q 68 -60.49 -9.25 26.14
C ASN Q 68 -60.31 -8.81 24.69
N LEU Q 69 -60.71 -7.57 24.41
CA LEU Q 69 -60.87 -7.10 23.04
C LEU Q 69 -60.68 -5.59 23.03
N PRO Q 70 -60.65 -4.98 21.84
CA PRO Q 70 -60.49 -3.51 21.79
C PRO Q 70 -61.69 -2.76 22.38
N THR Q 71 -61.39 -1.58 22.93
CA THR Q 71 -62.33 -0.80 23.73
C THR Q 71 -62.26 0.70 23.42
N VAL Q 72 -62.41 1.08 22.14
CA VAL Q 72 -62.49 2.49 21.78
C VAL Q 72 -63.54 3.19 22.63
N GLY Q 73 -64.79 2.77 22.47
CA GLY Q 73 -65.86 3.20 23.34
C GLY Q 73 -66.01 2.24 24.50
N GLY Q 74 -66.53 2.76 25.62
CA GLY Q 74 -66.81 1.90 26.74
C GLY Q 74 -67.81 0.80 26.42
N LYS Q 75 -68.70 1.07 25.46
CA LYS Q 75 -69.74 0.11 25.05
C LYS Q 75 -69.35 -0.64 23.79
N ILE Q 76 -69.12 0.08 22.69
CA ILE Q 76 -69.09 -0.55 21.37
C ILE Q 76 -67.77 -1.26 21.16
N ILE Q 77 -67.86 -2.45 20.56
CA ILE Q 77 -66.72 -3.27 20.21
C ILE Q 77 -66.53 -3.20 18.70
N LEU Q 78 -65.28 -3.34 18.28
CA LEU Q 78 -64.91 -3.13 16.89
C LEU Q 78 -64.95 -4.42 16.10
N SER Q 79 -64.29 -5.45 16.59
CA SER Q 79 -64.30 -6.75 15.93
C SER Q 79 -65.63 -7.45 16.15
N LEU Q 80 -66.55 -7.31 15.21
CA LEU Q 80 -67.86 -7.95 15.33
C LEU Q 80 -67.72 -9.46 15.28
N ASP Q 81 -68.34 -10.14 16.25
CA ASP Q 81 -68.21 -11.59 16.38
C ASP Q 81 -69.10 -12.28 15.35
N HIS Q 82 -68.62 -12.26 14.11
CA HIS Q 82 -69.18 -13.07 13.03
C HIS Q 82 -68.06 -13.79 12.28
N LEU Q 83 -66.97 -14.07 12.99
CA LEU Q 83 -65.78 -14.67 12.39
C LEU Q 83 -65.86 -16.18 12.35
N LEU Q 84 -66.83 -16.78 13.03
CA LEU Q 84 -66.95 -18.22 13.10
C LEU Q 84 -67.15 -18.84 11.72
N GLU Q 85 -67.68 -18.07 10.76
CA GLU Q 85 -67.72 -18.46 9.36
C GLU Q 85 -67.03 -17.34 8.58
N TYR Q 86 -65.70 -17.38 8.59
CA TYR Q 86 -64.87 -16.57 7.70
C TYR Q 86 -63.61 -17.39 7.44
N LYS Q 87 -63.64 -18.16 6.36
CA LYS Q 87 -62.60 -19.14 6.06
C LYS Q 87 -62.21 -19.02 4.59
N PRO Q 88 -61.59 -17.91 4.21
CA PRO Q 88 -61.06 -17.80 2.86
C PRO Q 88 -59.87 -18.73 2.66
N ASN Q 89 -59.75 -19.24 1.44
CA ASN Q 89 -58.57 -20.01 1.09
C ASN Q 89 -57.34 -19.12 1.24
N GLN Q 90 -56.34 -19.63 1.96
CA GLN Q 90 -55.26 -18.78 2.45
C GLN Q 90 -54.47 -18.18 1.30
N VAL Q 91 -54.15 -18.99 0.31
CA VAL Q 91 -53.20 -18.59 -0.72
C VAL Q 91 -53.72 -17.44 -1.56
N ASP Q 92 -55.03 -17.24 -1.60
CA ASP Q 92 -55.61 -16.17 -2.40
C ASP Q 92 -55.34 -14.78 -1.83
N LEU Q 93 -54.76 -14.68 -0.64
CA LEU Q 93 -54.68 -13.45 0.11
C LEU Q 93 -53.28 -12.82 0.11
N PHE Q 94 -52.27 -13.53 -0.36
CA PHE Q 94 -50.90 -13.03 -0.29
C PHE Q 94 -50.71 -11.81 -1.17
N ASN Q 95 -49.53 -11.20 -1.03
CA ASN Q 95 -49.05 -10.13 -1.90
C ASN Q 95 -48.18 -10.66 -3.03
N THR Q 96 -47.51 -11.79 -2.83
CA THR Q 96 -46.61 -12.34 -3.84
C THR Q 96 -47.32 -12.85 -5.08
N ARG Q 97 -48.64 -13.01 -5.02
CA ARG Q 97 -49.43 -13.33 -6.19
C ARG Q 97 -50.05 -12.04 -6.74
N ALA Q 98 -50.26 -12.02 -8.04
CA ALA Q 98 -50.96 -10.92 -8.67
C ALA Q 98 -52.43 -10.91 -8.25
N THR Q 99 -53.17 -9.94 -8.77
CA THR Q 99 -54.59 -9.86 -8.50
C THR Q 99 -55.38 -10.71 -9.50
N LYS Q 100 -56.66 -10.91 -9.19
CA LYS Q 100 -57.56 -11.52 -10.17
C LYS Q 100 -57.69 -10.65 -11.41
N THR Q 101 -57.58 -9.34 -11.24
CA THR Q 101 -57.73 -8.41 -12.36
C THR Q 101 -56.59 -8.56 -13.35
N GLN Q 102 -55.36 -8.43 -12.86
CA GLN Q 102 -54.19 -8.39 -13.74
C GLN Q 102 -54.05 -9.69 -14.53
N PHE Q 103 -54.36 -10.82 -13.89
CA PHE Q 103 -54.36 -12.10 -14.60
C PHE Q 103 -55.36 -12.09 -15.74
N GLU Q 104 -56.52 -11.46 -15.53
CA GLU Q 104 -57.53 -11.40 -16.56
C GLU Q 104 -57.06 -10.56 -17.74
N SER Q 105 -56.61 -9.33 -17.46
CA SER Q 105 -56.20 -8.46 -18.54
C SER Q 105 -55.02 -9.01 -19.32
N TRP Q 106 -54.10 -9.69 -18.62
CA TRP Q 106 -53.00 -10.35 -19.30
C TRP Q 106 -53.52 -11.37 -20.29
N TYR Q 107 -54.57 -12.10 -19.91
CA TYR Q 107 -55.14 -13.11 -20.80
C TYR Q 107 -55.89 -12.47 -21.96
N SER Q 108 -56.43 -11.26 -21.76
CA SER Q 108 -57.17 -10.60 -22.83
C SER Q 108 -56.24 -9.83 -23.75
N ALA Q 109 -55.27 -9.12 -23.18
CA ALA Q 109 -54.38 -8.30 -24.00
C ALA Q 109 -53.50 -9.16 -24.90
N VAL Q 110 -53.15 -10.36 -24.44
CA VAL Q 110 -52.28 -11.22 -25.24
C VAL Q 110 -53.01 -11.69 -26.48
N LYS Q 111 -54.31 -11.96 -26.37
CA LYS Q 111 -55.06 -12.58 -27.44
C LYS Q 111 -55.12 -11.68 -28.68
N VAL Q 112 -55.15 -10.37 -28.46
CA VAL Q 112 -55.24 -9.45 -29.59
C VAL Q 112 -53.93 -9.45 -30.37
N GLU Q 113 -52.80 -9.44 -29.67
CA GLU Q 113 -51.51 -9.27 -30.33
C GLU Q 113 -51.05 -10.53 -31.05
N TYR Q 114 -51.59 -11.70 -30.71
CA TYR Q 114 -51.49 -12.86 -31.58
C TYR Q 114 -52.64 -12.93 -32.58
N ASP Q 115 -53.76 -12.27 -32.28
CA ASP Q 115 -54.89 -12.15 -33.20
C ASP Q 115 -55.47 -13.52 -33.53
N LEU Q 116 -55.80 -14.28 -32.49
CA LEU Q 116 -56.40 -15.59 -32.62
C LEU Q 116 -57.92 -15.54 -32.46
N ASN Q 117 -58.39 -15.03 -31.32
CA ASN Q 117 -59.82 -14.95 -31.01
C ASN Q 117 -60.46 -16.34 -31.11
N ASP Q 118 -59.77 -17.34 -30.58
CA ASP Q 118 -60.22 -18.72 -30.70
C ASP Q 118 -59.62 -19.51 -29.54
N GLU Q 119 -60.20 -20.68 -29.28
CA GLU Q 119 -59.82 -21.50 -28.15
C GLU Q 119 -58.57 -22.34 -28.39
N GLN Q 120 -57.78 -22.00 -29.41
CA GLN Q 120 -56.41 -22.50 -29.48
C GLN Q 120 -55.54 -21.91 -28.38
N MET Q 121 -56.00 -20.86 -27.71
CA MET Q 121 -55.23 -20.21 -26.66
C MET Q 121 -54.84 -21.20 -25.56
N GLY Q 122 -55.71 -22.16 -25.27
CA GLY Q 122 -55.37 -23.16 -24.27
C GLY Q 122 -54.12 -23.93 -24.60
N VAL Q 123 -53.91 -24.21 -25.89
CA VAL Q 123 -52.70 -24.90 -26.32
C VAL Q 123 -51.49 -23.99 -26.17
N ILE Q 124 -51.63 -22.73 -26.60
CA ILE Q 124 -50.51 -21.81 -26.59
C ILE Q 124 -50.06 -21.53 -25.15
N MET Q 125 -51.02 -21.32 -24.26
CA MET Q 125 -50.72 -21.17 -22.85
C MET Q 125 -49.97 -22.38 -22.33
N ASN Q 126 -50.47 -23.57 -22.67
CA ASN Q 126 -49.83 -24.80 -22.24
C ASN Q 126 -48.45 -24.94 -22.86
N GLY Q 127 -48.31 -24.55 -24.12
CA GLY Q 127 -47.01 -24.57 -24.77
C GLY Q 127 -46.01 -23.61 -24.17
N PHE Q 128 -46.47 -22.67 -23.35
CA PHE Q 128 -45.56 -21.72 -22.72
C PHE Q 128 -45.01 -22.26 -21.41
N MET Q 129 -45.85 -22.95 -20.62
CA MET Q 129 -45.44 -23.28 -19.26
C MET Q 129 -44.32 -24.31 -19.24
N VAL Q 130 -44.35 -25.28 -20.14
CA VAL Q 130 -43.28 -26.28 -20.18
C VAL Q 130 -41.96 -25.60 -20.52
N TRP Q 131 -41.98 -24.71 -21.51
CA TRP Q 131 -40.78 -23.93 -21.80
C TRP Q 131 -40.41 -23.04 -20.63
N CYS Q 132 -41.43 -22.54 -19.91
CA CYS Q 132 -41.17 -21.71 -18.76
C CYS Q 132 -40.47 -22.48 -17.65
N ILE Q 133 -40.62 -23.80 -17.62
CA ILE Q 133 -39.83 -24.61 -16.70
C ILE Q 133 -38.39 -24.66 -17.16
N ASP Q 134 -38.17 -25.22 -18.34
CA ASP Q 134 -36.85 -25.67 -18.77
C ASP Q 134 -35.89 -24.53 -19.08
N ASN Q 135 -36.30 -23.29 -18.93
CA ASN Q 135 -35.36 -22.18 -18.94
C ASN Q 135 -35.83 -21.15 -17.93
N GLY Q 136 -34.94 -20.23 -17.63
CA GLY Q 136 -35.19 -19.28 -16.59
C GLY Q 136 -36.33 -18.34 -16.92
N THR Q 137 -36.79 -17.64 -15.90
CA THR Q 137 -37.81 -16.61 -16.02
C THR Q 137 -37.25 -15.32 -15.43
N SER Q 138 -36.95 -14.37 -16.30
CA SER Q 138 -36.46 -13.07 -15.88
C SER Q 138 -36.75 -12.08 -16.99
N PRO Q 139 -36.86 -10.79 -16.68
CA PRO Q 139 -37.13 -9.82 -17.75
C PRO Q 139 -36.05 -9.75 -18.81
N ASP Q 140 -34.84 -10.23 -18.53
CA ASP Q 140 -33.74 -10.15 -19.49
C ASP Q 140 -33.70 -11.41 -20.36
N VAL Q 141 -34.82 -11.69 -21.01
CA VAL Q 141 -34.90 -12.71 -22.05
C VAL Q 141 -35.12 -12.01 -23.37
N ASN Q 142 -34.54 -12.58 -24.42
CA ASN Q 142 -34.78 -12.12 -25.78
C ASN Q 142 -34.74 -13.33 -26.69
N GLY Q 143 -35.06 -13.09 -27.95
CA GLY Q 143 -35.11 -14.14 -28.93
C GLY Q 143 -36.51 -14.66 -29.11
N VAL Q 144 -36.68 -15.98 -29.01
CA VAL Q 144 -37.94 -16.64 -29.31
C VAL Q 144 -38.18 -17.74 -28.29
N TRP Q 145 -39.32 -18.39 -28.43
CA TRP Q 145 -39.62 -19.61 -27.70
C TRP Q 145 -40.41 -20.54 -28.61
N VAL Q 146 -40.64 -21.76 -28.13
CA VAL Q 146 -41.08 -22.81 -29.04
C VAL Q 146 -41.76 -23.92 -28.25
N MET Q 147 -42.81 -24.47 -28.85
CA MET Q 147 -43.31 -25.81 -28.58
C MET Q 147 -43.21 -26.60 -29.87
N MET Q 148 -43.29 -27.93 -29.74
CA MET Q 148 -43.15 -28.82 -30.88
C MET Q 148 -44.36 -29.75 -30.99
N ASP Q 149 -44.60 -30.21 -32.22
CA ASP Q 149 -45.64 -31.19 -32.52
C ASP Q 149 -45.09 -32.13 -33.57
N GLY Q 150 -45.16 -33.43 -33.30
CA GLY Q 150 -44.56 -34.38 -34.20
C GLY Q 150 -43.05 -34.37 -34.09
N GLU Q 151 -42.37 -33.78 -35.08
CA GLU Q 151 -40.92 -33.67 -35.07
C GLU Q 151 -40.40 -32.28 -35.41
N GLU Q 152 -41.24 -31.34 -35.83
CA GLU Q 152 -40.77 -30.02 -36.22
C GLU Q 152 -40.68 -29.09 -35.01
N GLN Q 153 -40.34 -27.83 -35.28
CA GLN Q 153 -39.93 -26.87 -34.26
C GLN Q 153 -40.68 -25.54 -34.49
N VAL Q 154 -42.00 -25.62 -34.54
CA VAL Q 154 -42.85 -24.45 -34.78
C VAL Q 154 -42.65 -23.42 -33.69
N GLU Q 155 -42.06 -22.28 -34.04
CA GLU Q 155 -41.64 -21.26 -33.09
C GLU Q 155 -42.64 -20.11 -33.04
N TYR Q 156 -42.34 -19.14 -32.18
CA TYR Q 156 -43.20 -17.99 -31.93
C TYR Q 156 -42.33 -16.84 -31.47
N PRO Q 157 -42.89 -15.64 -31.39
CA PRO Q 157 -42.16 -14.52 -30.78
C PRO Q 157 -42.29 -14.54 -29.26
N LEU Q 158 -41.58 -13.61 -28.62
CA LEU Q 158 -41.32 -13.67 -27.19
C LEU Q 158 -41.67 -12.37 -26.47
N LYS Q 159 -41.58 -11.25 -27.18
CA LYS Q 159 -41.72 -9.94 -26.55
C LYS Q 159 -43.08 -9.73 -25.89
N PRO Q 160 -44.22 -9.84 -26.58
CA PRO Q 160 -45.47 -9.30 -26.04
C PRO Q 160 -45.96 -9.97 -24.77
N ILE Q 161 -45.55 -11.21 -24.50
CA ILE Q 161 -45.89 -11.83 -23.23
C ILE Q 161 -45.25 -11.06 -22.09
N VAL Q 162 -43.99 -10.66 -22.26
CA VAL Q 162 -43.25 -10.00 -21.19
C VAL Q 162 -43.75 -8.58 -21.01
N GLU Q 163 -43.64 -7.77 -22.07
CA GLU Q 163 -43.84 -6.34 -21.92
C GLU Q 163 -45.28 -5.98 -21.56
N ASN Q 164 -46.25 -6.79 -21.97
CA ASN Q 164 -47.62 -6.63 -21.50
C ASN Q 164 -47.89 -7.52 -20.29
N ALA Q 165 -46.99 -7.45 -19.32
CA ALA Q 165 -47.14 -8.10 -18.02
C ALA Q 165 -47.05 -7.00 -16.99
N LYS Q 166 -48.15 -6.75 -16.29
CA LYS Q 166 -48.29 -5.47 -15.60
C LYS Q 166 -47.32 -5.36 -14.42
N PRO Q 167 -47.38 -6.21 -13.38
CA PRO Q 167 -46.17 -6.43 -12.59
C PRO Q 167 -45.26 -7.40 -13.31
N THR Q 168 -44.18 -7.83 -12.67
CA THR Q 168 -43.21 -8.68 -13.35
C THR Q 168 -43.81 -10.03 -13.69
N LEU Q 169 -43.01 -10.87 -14.34
CA LEU Q 169 -43.53 -12.11 -14.90
C LEU Q 169 -43.85 -13.12 -13.82
N ARG Q 170 -42.86 -13.46 -12.99
CA ARG Q 170 -43.06 -14.47 -11.95
C ARG Q 170 -44.17 -14.05 -10.99
N GLN Q 171 -44.29 -12.75 -10.74
CA GLN Q 171 -45.38 -12.19 -9.93
C GLN Q 171 -46.75 -12.54 -10.50
N ILE Q 172 -46.84 -12.89 -11.78
CA ILE Q 172 -48.05 -13.48 -12.35
C ILE Q 172 -48.03 -14.99 -12.22
N MET Q 173 -46.90 -15.62 -12.52
CA MET Q 173 -46.86 -17.05 -12.78
C MET Q 173 -46.81 -17.90 -11.52
N HIS Q 174 -47.00 -17.32 -10.33
CA HIS Q 174 -47.17 -18.16 -9.16
C HIS Q 174 -48.50 -18.90 -9.15
N HIS Q 175 -49.44 -18.55 -10.03
CA HIS Q 175 -50.69 -19.28 -10.10
C HIS Q 175 -50.44 -20.74 -10.46
N PHE Q 176 -49.59 -20.96 -11.45
CA PHE Q 176 -49.25 -22.31 -11.86
C PHE Q 176 -48.35 -22.97 -10.83
N SER Q 177 -48.95 -23.69 -9.89
CA SER Q 177 -48.22 -24.45 -8.90
C SER Q 177 -48.52 -25.93 -8.98
N ASP Q 178 -49.81 -26.30 -8.97
CA ASP Q 178 -50.19 -27.71 -8.97
C ASP Q 178 -50.18 -28.29 -10.38
N ALA Q 179 -50.36 -27.44 -11.40
CA ALA Q 179 -50.37 -27.94 -12.77
C ALA Q 179 -49.03 -28.55 -13.13
N ALA Q 180 -47.98 -27.73 -13.12
CA ALA Q 180 -46.65 -28.23 -13.45
C ALA Q 180 -46.20 -29.30 -12.48
N GLU Q 181 -46.66 -29.24 -11.24
CA GLU Q 181 -46.36 -30.27 -10.25
C GLU Q 181 -46.80 -31.64 -10.76
N ALA Q 182 -48.08 -31.77 -11.06
CA ALA Q 182 -48.58 -33.06 -11.55
C ALA Q 182 -47.93 -33.43 -12.87
N TYR Q 183 -47.56 -32.44 -13.67
CA TYR Q 183 -46.95 -32.70 -14.97
C TYR Q 183 -45.64 -33.45 -14.80
N ILE Q 184 -44.71 -32.90 -14.02
CA ILE Q 184 -43.43 -33.56 -13.84
C ILE Q 184 -43.58 -34.81 -12.98
N GLU Q 185 -44.66 -34.93 -12.22
CA GLU Q 185 -44.88 -36.14 -11.45
C GLU Q 185 -45.04 -37.35 -12.36
N MET Q 186 -45.93 -37.25 -13.35
CA MET Q 186 -46.18 -38.40 -14.21
C MET Q 186 -45.01 -38.66 -15.13
N ARG Q 187 -44.42 -37.61 -15.70
CA ARG Q 187 -43.26 -37.79 -16.53
C ARG Q 187 -42.09 -38.36 -15.75
N ASN Q 188 -42.05 -38.11 -14.44
CA ASN Q 188 -41.07 -38.78 -13.59
C ASN Q 188 -41.49 -40.22 -13.32
N SER Q 189 -42.80 -40.48 -13.33
CA SER Q 189 -43.28 -41.84 -13.12
C SER Q 189 -42.80 -42.77 -14.21
N GLU Q 190 -43.03 -42.39 -15.47
CA GLU Q 190 -42.53 -43.18 -16.58
C GLU Q 190 -41.02 -43.22 -16.55
N SER Q 191 -40.39 -42.08 -16.82
CA SER Q 191 -38.97 -41.98 -17.09
C SER Q 191 -38.31 -41.02 -16.11
N PRO Q 192 -36.99 -41.08 -15.96
CA PRO Q 192 -36.32 -40.24 -14.96
C PRO Q 192 -36.15 -38.79 -15.40
N TYR Q 193 -37.15 -37.97 -15.14
CA TYR Q 193 -37.18 -36.59 -15.58
C TYR Q 193 -36.56 -35.65 -14.54
N MET Q 194 -35.96 -34.57 -15.03
CA MET Q 194 -35.51 -33.49 -14.20
C MET Q 194 -35.45 -32.23 -15.04
N PRO Q 195 -35.87 -31.06 -14.54
CA PRO Q 195 -35.75 -29.84 -15.34
C PRO Q 195 -34.31 -29.37 -15.54
N ARG Q 196 -34.17 -28.20 -16.14
CA ARG Q 196 -32.88 -27.54 -16.27
C ARG Q 196 -32.54 -26.70 -15.06
N TYR Q 197 -33.55 -26.09 -14.42
CA TYR Q 197 -33.33 -25.30 -13.21
C TYR Q 197 -32.71 -26.10 -12.09
N GLY Q 198 -32.85 -27.43 -12.11
CA GLY Q 198 -32.25 -28.29 -11.14
C GLY Q 198 -30.89 -28.77 -11.57
N LEU Q 199 -30.81 -29.26 -12.82
CA LEU Q 199 -29.54 -29.76 -13.34
C LEU Q 199 -28.47 -28.68 -13.40
N LEU Q 200 -28.89 -27.43 -13.52
CA LEU Q 200 -27.92 -26.34 -13.43
C LEU Q 200 -27.39 -26.17 -12.02
N ARG Q 201 -28.06 -26.74 -11.01
CA ARG Q 201 -27.66 -26.63 -9.62
C ARG Q 201 -27.42 -27.98 -8.96
N ASN Q 202 -27.47 -29.06 -9.72
CA ASN Q 202 -26.83 -30.34 -9.38
C ASN Q 202 -27.38 -30.92 -8.07
N LEU Q 203 -28.66 -31.27 -8.12
CA LEU Q 203 -29.24 -32.09 -7.07
C LEU Q 203 -28.83 -33.55 -7.25
N ARG Q 204 -28.64 -34.23 -6.13
CA ARG Q 204 -28.37 -35.66 -6.13
C ARG Q 204 -29.63 -36.48 -5.91
N ASP Q 205 -30.60 -35.94 -5.16
CA ASP Q 205 -31.79 -36.76 -4.92
C ASP Q 205 -32.76 -36.60 -6.06
N ARG Q 206 -32.92 -37.70 -6.78
CA ARG Q 206 -33.86 -37.76 -7.90
C ARG Q 206 -35.29 -37.49 -7.45
N GLU Q 207 -35.57 -37.62 -6.16
CA GLU Q 207 -36.94 -37.59 -5.66
C GLU Q 207 -37.50 -36.17 -5.58
N LEU Q 208 -36.65 -35.17 -5.36
CA LEU Q 208 -37.10 -33.80 -5.16
C LEU Q 208 -37.16 -32.99 -6.45
N ALA Q 209 -37.44 -33.63 -7.58
CA ALA Q 209 -37.74 -32.88 -8.78
C ALA Q 209 -39.05 -32.13 -8.65
N ARG Q 210 -39.93 -32.60 -7.75
CA ARG Q 210 -41.22 -31.96 -7.53
C ARG Q 210 -41.09 -30.49 -7.14
N TYR Q 211 -39.96 -30.10 -6.54
CA TYR Q 211 -39.79 -28.78 -5.96
C TYR Q 211 -38.68 -28.01 -6.65
N ALA Q 212 -38.64 -28.09 -7.98
CA ALA Q 212 -37.62 -27.40 -8.79
C ALA Q 212 -38.32 -26.56 -9.84
N PHE Q 213 -38.47 -25.27 -9.55
CA PHE Q 213 -39.00 -24.31 -10.49
C PHE Q 213 -38.39 -22.95 -10.19
N ASP Q 214 -38.50 -22.05 -11.17
CA ASP Q 214 -38.46 -20.64 -10.84
C ASP Q 214 -39.71 -20.26 -10.05
N PHE Q 215 -40.87 -20.58 -10.62
CA PHE Q 215 -42.16 -20.25 -10.02
C PHE Q 215 -42.64 -21.45 -9.20
N TYR Q 216 -42.73 -21.26 -7.89
CA TYR Q 216 -43.33 -22.25 -7.02
C TYR Q 216 -43.74 -21.55 -5.74
N GLU Q 217 -44.99 -21.71 -5.36
CA GLU Q 217 -45.59 -20.92 -4.29
C GLU Q 217 -45.68 -21.77 -3.03
N VAL Q 218 -44.93 -21.34 -2.01
CA VAL Q 218 -44.96 -22.02 -0.73
C VAL Q 218 -46.37 -21.93 -0.15
N THR Q 219 -46.73 -22.96 0.61
CA THR Q 219 -47.97 -22.97 1.36
C THR Q 219 -47.68 -23.55 2.73
N SER Q 220 -48.73 -23.67 3.54
CA SER Q 220 -48.61 -24.37 4.81
C SER Q 220 -48.72 -25.88 4.65
N LYS Q 221 -48.80 -26.39 3.41
CA LYS Q 221 -48.99 -27.80 3.17
C LYS Q 221 -47.70 -28.57 2.97
N THR Q 222 -46.61 -27.90 2.59
CA THR Q 222 -45.41 -28.62 2.21
C THR Q 222 -44.81 -29.35 3.41
N PRO Q 223 -44.00 -30.37 3.17
CA PRO Q 223 -43.25 -30.98 4.25
C PRO Q 223 -42.02 -30.16 4.62
N ASN Q 224 -41.39 -30.56 5.71
CA ASN Q 224 -40.27 -29.84 6.29
C ASN Q 224 -38.94 -30.20 5.66
N ARG Q 225 -38.93 -30.92 4.54
CA ARG Q 225 -37.69 -31.33 3.88
C ARG Q 225 -37.38 -30.45 2.69
N ALA Q 226 -38.30 -30.35 1.74
CA ALA Q 226 -38.06 -29.52 0.56
C ALA Q 226 -38.00 -28.05 0.92
N ARG Q 227 -38.61 -27.66 2.03
CA ARG Q 227 -38.58 -26.26 2.45
C ARG Q 227 -37.17 -25.78 2.70
N GLU Q 228 -36.27 -26.68 3.09
CA GLU Q 228 -34.87 -26.31 3.24
C GLU Q 228 -34.18 -26.18 1.90
N ALA Q 229 -34.39 -27.16 1.02
CA ALA Q 229 -33.64 -27.20 -0.23
C ALA Q 229 -33.95 -26.00 -1.12
N ILE Q 230 -35.20 -25.54 -1.10
CA ILE Q 230 -35.57 -24.38 -1.92
C ILE Q 230 -34.75 -23.17 -1.50
N ALA Q 231 -34.70 -22.90 -0.20
CA ALA Q 231 -34.00 -21.72 0.27
C ALA Q 231 -32.51 -21.80 -0.02
N GLN Q 232 -31.95 -23.01 -0.04
CA GLN Q 232 -30.55 -23.15 -0.42
C GLN Q 232 -30.35 -22.76 -1.87
N MET Q 233 -31.29 -23.10 -2.75
CA MET Q 233 -31.18 -22.71 -4.14
C MET Q 233 -31.22 -21.21 -4.29
N LYS Q 234 -32.23 -20.58 -3.68
CA LYS Q 234 -32.40 -19.14 -3.82
C LYS Q 234 -31.20 -18.37 -3.31
N ALA Q 235 -30.55 -18.89 -2.28
CA ALA Q 235 -29.37 -18.21 -1.73
C ALA Q 235 -28.12 -18.52 -2.53
N ALA Q 236 -28.07 -19.71 -3.14
CA ALA Q 236 -26.89 -20.08 -3.91
C ALA Q 236 -26.82 -19.32 -5.21
N ALA Q 237 -27.97 -18.99 -5.79
CA ALA Q 237 -28.03 -18.36 -7.09
C ALA Q 237 -28.03 -16.85 -7.02
N LEU Q 238 -27.75 -16.26 -5.86
CA LEU Q 238 -27.69 -14.82 -5.70
C LEU Q 238 -26.53 -14.48 -4.78
N ALA Q 239 -25.46 -13.95 -5.36
CA ALA Q 239 -24.29 -13.55 -4.59
C ALA Q 239 -23.44 -12.66 -5.47
N GLY Q 240 -22.98 -11.55 -4.90
CA GLY Q 240 -22.22 -10.57 -5.65
C GLY Q 240 -23.07 -9.53 -6.35
N ILE Q 241 -24.34 -9.80 -6.58
CA ILE Q 241 -25.22 -8.82 -7.21
C ILE Q 241 -25.38 -7.65 -6.25
N ASN Q 242 -24.84 -6.50 -6.65
CA ASN Q 242 -24.94 -5.27 -5.88
C ASN Q 242 -26.08 -4.44 -6.45
N SER Q 243 -27.07 -4.14 -5.62
CA SER Q 243 -28.32 -3.57 -6.09
C SER Q 243 -28.13 -2.23 -6.76
N ARG Q 244 -27.70 -1.22 -6.00
CA ARG Q 244 -27.34 0.09 -6.56
C ARG Q 244 -28.52 0.71 -7.31
N LEU Q 245 -29.51 1.13 -6.52
CA LEU Q 245 -30.82 1.50 -7.07
C LEU Q 245 -30.75 2.59 -8.12
N PHE Q 246 -29.69 3.38 -8.16
CA PHE Q 246 -29.49 4.35 -9.22
C PHE Q 246 -28.78 3.72 -10.41
N GLY Q 247 -29.10 4.24 -11.59
CA GLY Q 247 -28.46 3.81 -12.82
C GLY Q 247 -27.39 4.80 -13.24
N LEU Q 248 -27.74 5.69 -14.16
CA LEU Q 248 -26.91 6.85 -14.45
C LEU Q 248 -27.79 8.05 -14.72
N ASP Q 249 -27.28 9.22 -14.35
CA ASP Q 249 -27.96 10.48 -14.58
C ASP Q 249 -27.78 10.91 -16.03
N GLY Q 250 -28.79 11.57 -16.57
CA GLY Q 250 -28.70 12.08 -17.93
C GLY Q 250 -28.04 13.43 -18.02
N ASN Q 251 -28.17 14.25 -16.98
CA ASN Q 251 -27.60 15.60 -17.01
C ASN Q 251 -26.09 15.51 -16.94
N ILE Q 252 -25.45 15.95 -18.01
CA ILE Q 252 -24.01 16.13 -18.06
C ILE Q 252 -23.71 17.62 -18.07
N SER Q 253 -22.64 18.01 -17.40
CA SER Q 253 -22.05 19.33 -17.58
C SER Q 253 -20.54 19.15 -17.41
N THR Q 254 -19.87 18.85 -18.51
CA THR Q 254 -18.41 18.80 -18.49
C THR Q 254 -17.81 20.20 -18.56
N ASN Q 255 -18.51 21.14 -19.18
CA ASN Q 255 -18.06 22.52 -19.28
C ASN Q 255 -19.29 23.41 -19.41
N SER Q 256 -19.35 24.46 -18.60
CA SER Q 256 -20.51 25.34 -18.61
C SER Q 256 -20.69 26.01 -19.96
N GLU Q 257 -21.89 26.54 -20.18
CA GLU Q 257 -22.22 27.17 -21.44
C GLU Q 257 -21.53 28.52 -21.56
N ASN Q 258 -21.03 28.82 -22.77
CA ASN Q 258 -20.11 29.94 -22.94
C ASN Q 258 -20.84 31.28 -22.90
N THR Q 259 -21.74 31.51 -23.85
CA THR Q 259 -22.49 32.77 -23.97
C THR Q 259 -21.54 33.96 -24.16
N GLU Q 260 -20.79 33.93 -25.25
CA GLU Q 260 -19.97 35.06 -25.66
C GLU Q 260 -19.97 35.13 -27.18
N ARG Q 261 -19.41 36.23 -27.70
CA ARG Q 261 -19.55 36.62 -29.11
C ARG Q 261 -18.21 36.53 -29.83
N HIS Q 262 -18.24 36.93 -31.10
CA HIS Q 262 -17.05 37.09 -31.92
C HIS Q 262 -17.28 38.24 -32.88
N THR Q 263 -16.21 38.99 -33.16
CA THR Q 263 -16.22 40.03 -34.19
C THR Q 263 -14.91 39.94 -34.96
N ALA Q 264 -14.77 40.79 -35.95
CA ALA Q 264 -13.57 40.85 -36.76
C ALA Q 264 -12.45 41.56 -36.00
N PRO S 58 -61.69 -50.66 -10.19
CA PRO S 58 -62.01 -49.32 -10.69
C PRO S 58 -60.77 -48.51 -11.06
N ARG S 59 -60.88 -47.72 -12.12
CA ARG S 59 -59.73 -47.02 -12.69
C ARG S 59 -60.14 -45.59 -13.05
N LEU S 60 -59.12 -44.74 -13.17
CA LEU S 60 -59.32 -43.35 -13.55
C LEU S 60 -58.00 -42.81 -14.09
N GLN S 61 -58.00 -41.53 -14.42
CA GLN S 61 -56.85 -40.86 -15.01
C GLN S 61 -56.22 -39.89 -14.01
N LYS S 62 -54.96 -39.55 -14.27
CA LYS S 62 -54.16 -38.80 -13.31
C LYS S 62 -54.77 -37.42 -13.03
N ILE S 63 -54.84 -36.55 -14.03
CA ILE S 63 -55.50 -35.27 -13.87
C ILE S 63 -57.00 -35.49 -13.81
N THR S 64 -57.68 -34.61 -13.09
CA THR S 64 -59.14 -34.59 -13.03
C THR S 64 -59.61 -33.14 -13.15
N LYS S 65 -60.79 -32.98 -13.73
CA LYS S 65 -61.36 -31.65 -13.91
C LYS S 65 -61.55 -30.94 -12.57
N LYS S 66 -61.79 -31.69 -11.50
CA LYS S 66 -62.05 -31.10 -10.20
C LYS S 66 -60.78 -30.63 -9.50
N MET S 67 -59.61 -30.85 -10.09
CA MET S 67 -58.39 -30.24 -9.56
C MET S 67 -58.49 -28.72 -9.61
N ASN S 68 -57.81 -28.06 -8.69
CA ASN S 68 -57.79 -26.60 -8.70
C ASN S 68 -56.97 -26.10 -9.89
N LEU S 69 -57.49 -25.10 -10.57
CA LEU S 69 -56.98 -24.70 -11.88
C LEU S 69 -57.30 -23.23 -12.09
N PRO S 70 -56.80 -22.62 -13.17
CA PRO S 70 -57.11 -21.21 -13.41
C PRO S 70 -58.59 -20.95 -13.72
N THR S 71 -59.05 -19.76 -13.33
CA THR S 71 -60.47 -19.40 -13.34
C THR S 71 -60.70 -17.97 -13.85
N VAL S 72 -60.21 -17.66 -15.06
CA VAL S 72 -60.51 -16.37 -15.68
C VAL S 72 -62.02 -16.12 -15.69
N GLY S 73 -62.74 -16.97 -16.40
CA GLY S 73 -64.19 -16.98 -16.33
C GLY S 73 -64.66 -17.95 -15.27
N GLY S 74 -65.85 -17.68 -14.73
CA GLY S 74 -66.43 -18.60 -13.78
C GLY S 74 -66.67 -19.98 -14.37
N LYS S 75 -66.89 -20.06 -15.68
CA LYS S 75 -67.13 -21.32 -16.37
C LYS S 75 -65.88 -21.85 -17.06
N ILE S 76 -65.31 -21.08 -17.99
CA ILE S 76 -64.35 -21.62 -18.93
C ILE S 76 -63.01 -21.81 -18.25
N ILE S 77 -62.36 -22.92 -18.57
CA ILE S 77 -61.04 -23.26 -18.08
C ILE S 77 -60.06 -23.10 -19.24
N LEU S 78 -58.82 -22.76 -18.89
CA LEU S 78 -57.82 -22.40 -19.87
C LEU S 78 -56.99 -23.60 -20.31
N SER S 79 -56.44 -24.32 -19.33
CA SER S 79 -55.67 -25.53 -19.63
C SER S 79 -56.59 -26.67 -20.01
N LEU S 80 -56.81 -26.87 -21.31
CA LEU S 80 -57.66 -27.95 -21.78
C LEU S 80 -57.05 -29.31 -21.44
N ASP S 81 -57.86 -30.18 -20.84
CA ASP S 81 -57.39 -31.48 -20.38
C ASP S 81 -57.26 -32.42 -21.57
N HIS S 82 -56.20 -32.22 -22.33
CA HIS S 82 -55.75 -33.16 -23.36
C HIS S 82 -54.26 -33.40 -23.23
N LEU S 83 -53.73 -33.26 -22.02
CA LEU S 83 -52.31 -33.37 -21.75
C LEU S 83 -51.86 -34.80 -21.53
N LEU S 84 -52.80 -35.72 -21.37
CA LEU S 84 -52.48 -37.12 -21.10
C LEU S 84 -51.66 -37.74 -22.22
N GLU S 85 -51.76 -37.21 -23.44
CA GLU S 85 -50.86 -37.56 -24.53
C GLU S 85 -50.25 -36.25 -25.02
N TYR S 86 -49.23 -35.80 -24.31
CA TYR S 86 -48.35 -34.73 -24.75
C TYR S 86 -46.98 -35.01 -24.14
N LYS S 87 -46.16 -35.72 -24.89
CA LYS S 87 -44.88 -36.25 -24.39
C LYS S 87 -43.78 -35.97 -25.40
N PRO S 88 -43.45 -34.70 -25.61
CA PRO S 88 -42.31 -34.37 -26.46
C PRO S 88 -41.00 -34.79 -25.81
N ASN S 89 -40.06 -35.21 -26.65
CA ASN S 89 -38.71 -35.47 -26.16
C ASN S 89 -38.16 -34.20 -25.56
N GLN S 90 -37.64 -34.32 -24.33
CA GLN S 90 -37.36 -33.14 -23.52
C GLN S 90 -36.30 -32.26 -24.16
N VAL S 91 -35.23 -32.88 -24.64
CA VAL S 91 -34.06 -32.14 -25.05
C VAL S 91 -34.33 -31.25 -26.27
N ASP S 92 -35.37 -31.55 -27.04
CA ASP S 92 -35.69 -30.76 -28.21
C ASP S 92 -36.24 -29.38 -27.87
N LEU S 93 -36.52 -29.09 -26.60
CA LEU S 93 -37.26 -27.92 -26.19
C LEU S 93 -36.41 -26.83 -25.56
N PHE S 94 -35.14 -27.10 -25.28
CA PHE S 94 -34.29 -26.13 -24.59
C PHE S 94 -34.03 -24.91 -25.46
N ASN S 95 -33.41 -23.91 -24.84
CA ASN S 95 -32.88 -22.74 -25.50
C ASN S 95 -31.40 -22.88 -25.87
N THR S 96 -30.65 -23.68 -25.11
CA THR S 96 -29.22 -23.84 -25.36
C THR S 96 -28.91 -24.56 -26.65
N ARG S 97 -29.89 -25.20 -27.28
CA ARG S 97 -29.73 -25.76 -28.61
C ARG S 97 -30.29 -24.80 -29.64
N ALA S 98 -29.72 -24.83 -30.83
CA ALA S 98 -30.24 -24.05 -31.93
C ALA S 98 -31.59 -24.60 -32.37
N THR S 99 -32.17 -23.97 -33.38
CA THR S 99 -33.43 -24.43 -33.94
C THR S 99 -33.20 -25.49 -35.01
N LYS S 100 -34.27 -26.15 -35.41
CA LYS S 100 -34.22 -27.04 -36.57
C LYS S 100 -33.88 -26.26 -37.83
N THR S 101 -34.31 -25.01 -37.90
CA THR S 101 -34.08 -24.17 -39.07
C THR S 101 -32.60 -23.87 -39.25
N GLN S 102 -31.98 -23.31 -38.22
CA GLN S 102 -30.61 -22.83 -38.33
C GLN S 102 -29.64 -23.97 -38.64
N PHE S 103 -29.89 -25.14 -38.06
CA PHE S 103 -29.08 -26.31 -38.39
C PHE S 103 -29.19 -26.65 -39.86
N GLU S 104 -30.40 -26.50 -40.42
CA GLU S 104 -30.60 -26.81 -41.83
C GLU S 104 -29.84 -25.85 -42.72
N SER S 105 -30.03 -24.55 -42.50
CA SER S 105 -29.39 -23.55 -43.34
C SER S 105 -27.88 -23.61 -43.23
N TRP S 106 -27.36 -23.92 -42.03
CA TRP S 106 -25.93 -24.11 -41.87
C TRP S 106 -25.44 -25.24 -42.78
N TYR S 107 -26.22 -26.32 -42.87
CA TYR S 107 -25.83 -27.44 -43.71
C TYR S 107 -25.95 -27.11 -45.19
N SER S 108 -26.85 -26.20 -45.54
CA SER S 108 -27.02 -25.84 -46.95
C SER S 108 -26.02 -24.76 -47.37
N ALA S 109 -25.83 -23.75 -46.53
CA ALA S 109 -24.95 -22.65 -46.89
C ALA S 109 -23.51 -23.11 -46.99
N VAL S 110 -23.11 -24.08 -46.18
CA VAL S 110 -21.73 -24.56 -46.21
C VAL S 110 -21.43 -25.24 -47.54
N LYS S 111 -22.41 -25.97 -48.07
CA LYS S 111 -22.17 -26.81 -49.24
C LYS S 111 -21.80 -25.99 -50.46
N VAL S 112 -22.36 -24.78 -50.57
CA VAL S 112 -22.07 -23.94 -51.72
C VAL S 112 -20.63 -23.45 -51.66
N GLU S 113 -20.17 -23.03 -50.49
CA GLU S 113 -18.87 -22.39 -50.39
C GLU S 113 -17.71 -23.36 -50.47
N TYR S 114 -17.95 -24.66 -50.25
CA TYR S 114 -17.02 -25.69 -50.68
C TYR S 114 -17.31 -26.16 -52.11
N ASP S 115 -18.54 -25.96 -52.58
CA ASP S 115 -18.90 -26.26 -53.96
C ASP S 115 -18.73 -27.75 -54.28
N LEU S 116 -19.34 -28.59 -53.44
CA LEU S 116 -19.31 -30.03 -53.61
C LEU S 116 -20.57 -30.54 -54.29
N ASN S 117 -21.74 -30.25 -53.72
CA ASN S 117 -23.02 -30.72 -54.24
C ASN S 117 -23.01 -32.25 -54.39
N ASP S 118 -22.49 -32.93 -53.38
CA ASP S 118 -22.32 -34.38 -53.45
C ASP S 118 -22.27 -34.90 -52.02
N GLU S 119 -22.51 -36.21 -51.89
CA GLU S 119 -22.59 -36.86 -50.58
C GLU S 119 -21.24 -37.16 -49.95
N GLN S 120 -20.16 -36.54 -50.44
CA GLN S 120 -18.94 -36.50 -49.67
C GLN S 120 -19.07 -35.65 -48.41
N MET S 121 -20.14 -34.85 -48.31
CA MET S 121 -20.35 -33.99 -47.17
C MET S 121 -20.37 -34.76 -45.86
N GLY S 122 -20.90 -35.99 -45.89
CA GLY S 122 -20.90 -36.82 -44.70
C GLY S 122 -19.50 -37.05 -44.15
N VAL S 123 -18.52 -37.21 -45.04
CA VAL S 123 -17.15 -37.40 -44.61
C VAL S 123 -16.60 -36.11 -44.02
N ILE S 124 -16.86 -34.98 -44.69
CA ILE S 124 -16.29 -33.71 -44.27
C ILE S 124 -16.85 -33.32 -42.91
N MET S 125 -18.17 -33.48 -42.74
CA MET S 125 -18.78 -33.26 -41.44
C MET S 125 -18.13 -34.12 -40.38
N ASN S 126 -17.94 -35.40 -40.69
CA ASN S 126 -17.32 -36.31 -39.74
C ASN S 126 -15.87 -35.92 -39.49
N GLY S 127 -15.16 -35.48 -40.54
CA GLY S 127 -13.80 -35.01 -40.38
C GLY S 127 -13.69 -33.76 -39.54
N PHE S 128 -14.80 -33.07 -39.29
CA PHE S 128 -14.76 -31.86 -38.48
C PHE S 128 -14.92 -32.19 -37.00
N MET S 129 -15.78 -33.14 -36.66
CA MET S 129 -16.15 -33.31 -35.26
C MET S 129 -14.98 -33.86 -34.44
N VAL S 130 -14.19 -34.76 -35.01
CA VAL S 130 -13.04 -35.29 -34.27
C VAL S 130 -12.06 -34.17 -33.98
N TRP S 131 -11.78 -33.33 -34.98
CA TRP S 131 -10.95 -32.16 -34.73
C TRP S 131 -11.62 -31.20 -33.76
N CYS S 132 -12.95 -31.13 -33.81
CA CYS S 132 -13.67 -30.29 -32.87
C CYS S 132 -13.54 -30.76 -31.44
N ILE S 133 -13.25 -32.04 -31.24
CA ILE S 133 -12.91 -32.53 -29.90
C ILE S 133 -11.54 -32.03 -29.50
N ASP S 134 -10.52 -32.44 -30.24
CA ASP S 134 -9.14 -32.37 -29.81
C ASP S 134 -8.58 -30.95 -29.77
N ASN S 135 -9.37 -29.95 -30.11
CA ASN S 135 -9.00 -28.57 -29.85
C ASN S 135 -10.25 -27.81 -29.47
N GLY S 136 -10.04 -26.62 -28.92
CA GLY S 136 -11.12 -25.85 -28.39
C GLY S 136 -12.09 -25.40 -29.46
N THR S 137 -13.25 -24.94 -29.00
CA THR S 137 -14.28 -24.36 -29.85
C THR S 137 -14.59 -22.96 -29.32
N SER S 138 -14.17 -21.95 -30.06
CA SER S 138 -14.43 -20.57 -29.71
C SER S 138 -14.34 -19.74 -30.98
N PRO S 139 -15.00 -18.59 -31.03
CA PRO S 139 -14.90 -17.77 -32.25
C PRO S 139 -13.50 -17.29 -32.57
N ASP S 140 -12.59 -17.29 -31.60
CA ASP S 140 -11.23 -16.79 -31.82
C ASP S 140 -10.31 -17.93 -32.26
N VAL S 141 -10.70 -18.60 -33.34
CA VAL S 141 -9.85 -19.56 -34.04
C VAL S 141 -9.48 -18.97 -35.38
N ASN S 142 -8.27 -19.25 -35.81
CA ASN S 142 -7.82 -18.91 -37.15
C ASN S 142 -6.90 -20.00 -37.64
N GLY S 143 -6.50 -19.87 -38.90
CA GLY S 143 -5.64 -20.85 -39.53
C GLY S 143 -6.46 -21.85 -40.31
N VAL S 144 -6.24 -23.13 -40.06
CA VAL S 144 -6.81 -24.22 -40.84
C VAL S 144 -7.22 -25.34 -39.91
N TRP S 145 -7.81 -26.37 -40.51
CA TRP S 145 -8.07 -27.62 -39.83
C TRP S 145 -7.86 -28.76 -40.81
N VAL S 146 -7.92 -29.98 -40.31
CA VAL S 146 -7.41 -31.11 -41.07
C VAL S 146 -8.04 -32.41 -40.57
N MET S 147 -8.32 -33.29 -41.51
CA MET S 147 -8.43 -34.72 -41.29
C MET S 147 -7.38 -35.41 -42.14
N MET S 148 -7.10 -36.68 -41.82
CA MET S 148 -6.07 -37.43 -42.50
C MET S 148 -6.64 -38.74 -43.06
N ASP S 149 -5.97 -39.24 -44.09
CA ASP S 149 -6.28 -40.51 -44.71
C ASP S 149 -4.98 -41.18 -45.09
N GLY S 150 -4.77 -42.41 -44.64
CA GLY S 150 -3.50 -43.07 -44.88
C GLY S 150 -2.43 -42.50 -43.99
N GLU S 151 -1.54 -41.68 -44.56
CA GLU S 151 -0.47 -41.04 -43.80
C GLU S 151 -0.30 -39.55 -44.08
N GLU S 152 -1.01 -38.98 -45.05
CA GLU S 152 -0.84 -37.58 -45.40
C GLU S 152 -1.76 -36.70 -44.53
N GLN S 153 -1.73 -35.40 -44.82
CA GLN S 153 -2.31 -34.37 -43.95
C GLN S 153 -3.16 -33.41 -44.79
N VAL S 154 -4.11 -33.97 -45.53
CA VAL S 154 -4.98 -33.20 -46.41
C VAL S 154 -5.79 -32.19 -45.61
N GLU S 155 -5.48 -30.90 -45.82
CA GLU S 155 -6.04 -29.82 -45.01
C GLU S 155 -7.17 -29.10 -45.73
N TYR S 156 -7.74 -28.11 -45.05
CA TYR S 156 -8.90 -27.37 -45.54
C TYR S 156 -8.86 -25.98 -44.93
N PRO S 157 -9.71 -25.08 -45.40
CA PRO S 157 -9.86 -23.78 -44.72
C PRO S 157 -10.81 -23.87 -43.54
N LEU S 158 -10.91 -22.76 -42.82
CA LEU S 158 -11.51 -22.74 -41.49
C LEU S 158 -12.59 -21.68 -41.34
N LYS S 159 -12.48 -20.59 -42.09
CA LYS S 159 -13.36 -19.44 -41.92
C LYS S 159 -14.84 -19.76 -42.13
N PRO S 160 -15.26 -20.26 -43.29
CA PRO S 160 -16.70 -20.23 -43.62
C PRO S 160 -17.57 -21.06 -42.70
N ILE S 161 -17.03 -22.07 -42.02
CA ILE S 161 -17.83 -22.79 -41.03
C ILE S 161 -18.23 -21.85 -39.90
N VAL S 162 -17.29 -21.01 -39.46
CA VAL S 162 -17.55 -20.15 -38.31
C VAL S 162 -18.47 -19.01 -38.72
N GLU S 163 -18.04 -18.20 -39.68
CA GLU S 163 -18.73 -16.95 -39.96
C GLU S 163 -20.14 -17.15 -40.49
N ASN S 164 -20.39 -18.26 -41.20
CA ASN S 164 -21.75 -18.63 -41.56
C ASN S 164 -22.37 -19.57 -40.53
N ALA S 165 -22.25 -19.20 -39.27
CA ALA S 165 -22.90 -19.87 -38.15
C ALA S 165 -23.77 -18.83 -37.47
N LYS S 166 -25.08 -19.03 -37.53
CA LYS S 166 -25.98 -17.89 -37.29
C LYS S 166 -25.94 -17.46 -35.83
N PRO S 167 -26.31 -18.28 -34.85
CA PRO S 167 -25.77 -18.05 -33.50
C PRO S 167 -24.37 -18.60 -33.41
N THR S 168 -23.77 -18.62 -32.22
CA THR S 168 -22.39 -19.03 -32.10
C THR S 168 -22.22 -20.50 -32.44
N LEU S 169 -20.99 -20.98 -32.37
CA LEU S 169 -20.66 -22.31 -32.86
C LEU S 169 -21.22 -23.39 -31.95
N ARG S 170 -20.83 -23.35 -30.67
CA ARG S 170 -21.26 -24.37 -29.72
C ARG S 170 -22.78 -24.41 -29.61
N GLN S 171 -23.42 -23.24 -29.73
CA GLN S 171 -24.87 -23.15 -29.75
C GLN S 171 -25.49 -23.97 -30.87
N ILE S 172 -24.72 -24.31 -31.91
CA ILE S 172 -25.13 -25.30 -32.91
C ILE S 172 -24.72 -26.70 -32.49
N MET S 173 -23.48 -26.85 -32.00
CA MET S 173 -22.86 -28.16 -31.92
C MET S 173 -23.27 -28.96 -30.68
N HIS S 174 -24.28 -28.50 -29.92
CA HIS S 174 -24.81 -29.37 -28.88
C HIS S 174 -25.59 -30.55 -29.43
N HIS S 175 -25.91 -30.56 -30.73
CA HIS S 175 -26.60 -31.70 -31.31
C HIS S 175 -25.75 -32.95 -31.19
N PHE S 176 -24.47 -32.84 -31.50
CA PHE S 176 -23.55 -33.95 -31.39
C PHE S 176 -23.25 -34.24 -29.92
N SER S 177 -24.01 -35.16 -29.34
CA SER S 177 -23.79 -35.60 -27.97
C SER S 177 -23.51 -37.09 -27.92
N ASP S 178 -24.37 -37.91 -28.51
CA ASP S 178 -24.21 -39.35 -28.44
C ASP S 178 -23.23 -39.87 -29.48
N ALA S 179 -23.05 -39.13 -30.57
CA ALA S 179 -22.12 -39.57 -31.61
C ALA S 179 -20.71 -39.65 -31.08
N ALA S 180 -20.17 -38.50 -30.68
CA ALA S 180 -18.82 -38.46 -30.15
C ALA S 180 -18.69 -39.30 -28.89
N GLU S 181 -19.77 -39.44 -28.13
CA GLU S 181 -19.77 -40.30 -26.95
C GLU S 181 -19.38 -41.72 -27.32
N ALA S 182 -20.15 -42.33 -28.24
CA ALA S 182 -19.86 -43.69 -28.66
C ALA S 182 -18.48 -43.78 -29.31
N TYR S 183 -18.07 -42.70 -29.98
CA TYR S 183 -16.78 -42.70 -30.66
C TYR S 183 -15.64 -42.92 -29.68
N ILE S 184 -15.56 -42.07 -28.64
CA ILE S 184 -14.48 -42.21 -27.69
C ILE S 184 -14.68 -43.44 -26.82
N GLU S 185 -15.90 -43.96 -26.75
CA GLU S 185 -16.13 -45.18 -25.98
C GLU S 185 -15.35 -46.34 -26.58
N MET S 186 -15.50 -46.57 -27.89
CA MET S 186 -14.85 -47.72 -28.50
C MET S 186 -13.33 -47.52 -28.58
N ARG S 187 -12.91 -46.31 -28.94
CA ARG S 187 -11.47 -46.02 -28.98
C ARG S 187 -10.86 -46.15 -27.60
N ASN S 188 -11.65 -45.90 -26.54
CA ASN S 188 -11.18 -46.19 -25.19
C ASN S 188 -11.21 -47.68 -24.90
N SER S 189 -12.11 -48.42 -25.56
CA SER S 189 -12.18 -49.86 -25.37
C SER S 189 -10.89 -50.53 -25.83
N GLU S 190 -10.48 -50.23 -27.06
CA GLU S 190 -9.22 -50.77 -27.55
C GLU S 190 -8.07 -50.25 -26.72
N SER S 191 -7.80 -48.95 -26.84
CA SER S 191 -6.59 -48.33 -26.32
C SER S 191 -6.95 -47.21 -25.36
N PRO S 192 -6.00 -46.78 -24.51
CA PRO S 192 -6.34 -45.76 -23.51
C PRO S 192 -6.40 -44.35 -24.05
N TYR S 193 -7.58 -43.97 -24.52
CA TYR S 193 -7.78 -42.68 -25.19
C TYR S 193 -8.19 -41.60 -24.20
N MET S 194 -7.79 -40.37 -24.49
CA MET S 194 -8.27 -39.20 -23.77
C MET S 194 -8.13 -38.00 -24.70
N PRO S 195 -9.11 -37.08 -24.74
CA PRO S 195 -8.94 -35.88 -25.57
C PRO S 195 -7.88 -34.91 -25.07
N ARG S 196 -7.80 -33.76 -25.72
CA ARG S 196 -6.95 -32.67 -25.27
C ARG S 196 -7.65 -31.79 -24.25
N TYR S 197 -8.96 -31.60 -24.38
CA TYR S 197 -9.73 -30.81 -23.44
C TYR S 197 -9.64 -31.34 -22.02
N GLY S 198 -9.32 -32.63 -21.85
CA GLY S 198 -9.15 -33.21 -20.55
C GLY S 198 -7.71 -33.15 -20.09
N LEU S 199 -6.78 -33.55 -20.98
CA LEU S 199 -5.38 -33.54 -20.63
C LEU S 199 -4.87 -32.16 -20.33
N LEU S 200 -5.52 -31.13 -20.89
CA LEU S 200 -5.16 -29.77 -20.52
C LEU S 200 -5.61 -29.44 -19.10
N ARG S 201 -6.51 -30.23 -18.52
CA ARG S 201 -7.04 -29.99 -17.19
C ARG S 201 -6.82 -31.17 -16.25
N ASN S 202 -6.07 -32.19 -16.69
CA ASN S 202 -5.39 -33.14 -15.82
C ASN S 202 -6.37 -33.90 -14.92
N LEU S 203 -7.20 -34.71 -15.56
CA LEU S 203 -7.98 -35.69 -14.84
C LEU S 203 -7.12 -36.89 -14.50
N ARG S 204 -7.39 -37.48 -13.33
CA ARG S 204 -6.74 -38.71 -12.91
C ARG S 204 -7.57 -39.94 -13.24
N ASP S 205 -8.89 -39.82 -13.24
CA ASP S 205 -9.68 -41.01 -13.50
C ASP S 205 -9.82 -41.21 -15.00
N ARG S 206 -9.19 -42.27 -15.46
CA ARG S 206 -9.25 -42.66 -16.87
C ARG S 206 -10.68 -42.95 -17.31
N GLU S 207 -11.59 -43.19 -16.38
CA GLU S 207 -12.92 -43.68 -16.70
C GLU S 207 -13.84 -42.58 -17.21
N LEU S 208 -13.63 -41.33 -16.78
CA LEU S 208 -14.52 -40.23 -17.12
C LEU S 208 -14.09 -39.48 -18.38
N ALA S 209 -13.45 -40.16 -19.33
CA ALA S 209 -13.22 -39.56 -20.63
C ALA S 209 -14.54 -39.35 -21.36
N ARG S 210 -15.57 -40.11 -21.01
CA ARG S 210 -16.88 -40.00 -21.63
C ARG S 210 -17.46 -38.60 -21.54
N TYR S 211 -17.07 -37.83 -20.52
CA TYR S 211 -17.68 -36.55 -20.21
C TYR S 211 -16.67 -35.42 -20.34
N ALA S 212 -15.87 -35.44 -21.40
CA ALA S 212 -14.86 -34.42 -21.66
C ALA S 212 -15.05 -33.88 -23.07
N PHE S 213 -15.73 -32.75 -23.16
CA PHE S 213 -15.91 -32.04 -24.41
C PHE S 213 -16.03 -30.55 -24.10
N ASP S 214 -15.84 -29.74 -25.14
CA ASP S 214 -16.45 -28.42 -25.14
C ASP S 214 -17.96 -28.54 -25.23
N PHE S 215 -18.42 -29.27 -26.25
CA PHE S 215 -19.85 -29.44 -26.51
C PHE S 215 -20.30 -30.74 -25.85
N TYR S 216 -21.17 -30.63 -24.86
CA TYR S 216 -21.82 -31.78 -24.27
C TYR S 216 -23.07 -31.30 -23.57
N GLU S 217 -24.20 -31.92 -23.89
CA GLU S 217 -25.51 -31.44 -23.49
C GLU S 217 -26.01 -32.26 -22.33
N VAL S 218 -26.16 -31.61 -21.18
CA VAL S 218 -26.71 -32.27 -20.01
C VAL S 218 -28.12 -32.72 -20.29
N THR S 219 -28.52 -33.82 -19.66
CA THR S 219 -29.89 -34.31 -19.70
C THR S 219 -30.26 -34.76 -18.30
N SER S 220 -31.47 -35.26 -18.17
CA SER S 220 -31.90 -35.90 -16.94
C SER S 220 -31.40 -37.33 -16.82
N LYS S 221 -30.60 -37.81 -17.78
CA LYS S 221 -30.17 -39.21 -17.80
C LYS S 221 -28.83 -39.43 -17.12
N THR S 222 -28.00 -38.41 -16.99
CA THR S 222 -26.64 -38.61 -16.52
C THR S 222 -26.65 -39.09 -15.07
N PRO S 223 -25.57 -39.73 -14.64
CA PRO S 223 -25.41 -40.04 -13.21
C PRO S 223 -24.96 -38.83 -12.42
N ASN S 224 -24.97 -38.99 -11.11
CA ASN S 224 -24.67 -37.91 -10.19
C ASN S 224 -23.19 -37.74 -9.92
N ARG S 225 -22.32 -38.39 -10.69
CA ARG S 225 -20.87 -38.31 -10.50
C ARG S 225 -20.24 -37.34 -11.48
N ALA S 226 -20.43 -37.58 -12.78
CA ALA S 226 -19.84 -36.71 -13.78
C ALA S 226 -20.45 -35.31 -13.75
N ARG S 227 -21.67 -35.20 -13.24
CA ARG S 227 -22.33 -33.90 -13.15
C ARG S 227 -21.54 -32.93 -12.29
N GLU S 228 -20.79 -33.44 -11.31
CA GLU S 228 -19.94 -32.58 -10.51
C GLU S 228 -18.68 -32.18 -11.28
N ALA S 229 -18.04 -33.15 -11.93
CA ALA S 229 -16.75 -32.90 -12.55
C ALA S 229 -16.85 -31.89 -13.68
N ILE S 230 -17.96 -31.91 -14.42
CA ILE S 230 -18.13 -30.97 -15.51
C ILE S 230 -18.12 -29.54 -14.97
N ALA S 231 -18.92 -29.29 -13.93
CA ALA S 231 -19.03 -27.95 -13.40
C ALA S 231 -17.70 -27.47 -12.83
N GLN S 232 -16.88 -28.38 -12.31
CA GLN S 232 -15.56 -27.99 -11.85
C GLN S 232 -14.69 -27.53 -13.01
N MET S 233 -14.82 -28.18 -14.17
CA MET S 233 -14.06 -27.76 -15.33
C MET S 233 -14.48 -26.37 -15.77
N LYS S 234 -15.78 -26.16 -15.93
CA LYS S 234 -16.31 -24.90 -16.43
C LYS S 234 -15.91 -23.74 -15.52
N ALA S 235 -15.84 -23.99 -14.22
CA ALA S 235 -15.47 -22.94 -13.28
C ALA S 235 -13.96 -22.76 -13.22
N ALA S 236 -13.20 -23.82 -13.45
CA ALA S 236 -11.75 -23.72 -13.37
C ALA S 236 -11.19 -22.97 -14.56
N ALA S 237 -11.85 -23.08 -15.72
CA ALA S 237 -11.36 -22.50 -16.95
C ALA S 237 -11.86 -21.09 -17.18
N LEU S 238 -12.50 -20.47 -16.20
CA LEU S 238 -12.99 -19.11 -16.32
C LEU S 238 -12.73 -18.38 -15.01
N ALA S 239 -11.76 -17.48 -15.02
CA ALA S 239 -11.45 -16.68 -13.85
C ALA S 239 -10.56 -15.53 -14.29
N GLY S 240 -10.88 -14.34 -13.80
CA GLY S 240 -10.20 -13.13 -14.21
C GLY S 240 -10.77 -12.46 -15.44
N ILE S 241 -11.52 -13.19 -16.26
CA ILE S 241 -12.14 -12.60 -17.44
C ILE S 241 -13.17 -11.58 -16.97
N ASN S 242 -12.90 -10.31 -17.24
CA ASN S 242 -13.79 -9.21 -16.90
C ASN S 242 -14.60 -8.86 -18.14
N SER S 243 -15.92 -8.96 -18.04
CA SER S 243 -16.78 -8.90 -19.21
C SER S 243 -16.67 -7.55 -19.93
N ARG S 244 -17.09 -6.47 -19.28
CA ARG S 244 -16.91 -5.12 -19.79
C ARG S 244 -17.58 -4.96 -21.16
N LEU S 245 -18.92 -4.95 -21.13
CA LEU S 245 -19.71 -5.08 -22.35
C LEU S 245 -19.39 -4.03 -23.40
N PHE S 246 -18.82 -2.90 -23.02
CA PHE S 246 -18.37 -1.91 -23.98
C PHE S 246 -16.96 -2.22 -24.45
N GLY S 247 -16.69 -1.83 -25.69
CA GLY S 247 -15.37 -1.97 -26.29
C GLY S 247 -14.64 -0.65 -26.25
N LEU S 248 -14.65 0.05 -27.37
CA LEU S 248 -14.22 1.44 -27.40
C LEU S 248 -15.12 2.24 -28.33
N ASP S 249 -15.31 3.51 -27.98
CA ASP S 249 -16.08 4.43 -28.79
C ASP S 249 -15.25 4.93 -29.96
N GLY S 250 -15.93 5.17 -31.09
CA GLY S 250 -15.25 5.69 -32.25
C GLY S 250 -15.12 7.20 -32.24
N ASN S 251 -16.05 7.90 -31.62
CA ASN S 251 -16.04 9.35 -31.61
C ASN S 251 -14.90 9.84 -30.73
N ILE S 252 -13.94 10.51 -31.35
CA ILE S 252 -12.86 11.20 -30.66
C ILE S 252 -13.10 12.69 -30.82
N SER S 253 -12.80 13.44 -29.76
CA SER S 253 -12.65 14.90 -29.86
C SER S 253 -11.55 15.28 -28.88
N THR S 254 -10.32 15.27 -29.37
CA THR S 254 -9.20 15.77 -28.57
C THR S 254 -9.14 17.28 -28.58
N ASN S 255 -9.63 17.91 -29.65
CA ASN S 255 -9.66 19.36 -29.76
C ASN S 255 -10.79 19.73 -30.71
N SER S 256 -11.63 20.67 -30.29
CA SER S 256 -12.78 21.05 -31.08
C SER S 256 -12.37 21.63 -32.43
N GLU S 257 -13.32 21.68 -33.34
CA GLU S 257 -13.06 22.17 -34.69
C GLU S 257 -12.88 23.69 -34.68
N ASN S 258 -11.92 24.16 -35.47
CA ASN S 258 -11.46 25.55 -35.35
C ASN S 258 -12.46 26.52 -35.96
N THR S 259 -12.68 26.42 -37.28
CA THR S 259 -13.56 27.32 -38.01
C THR S 259 -13.12 28.77 -37.90
N GLU S 260 -11.92 29.03 -38.40
CA GLU S 260 -11.42 30.40 -38.53
C GLU S 260 -10.57 30.50 -39.79
N ARG S 261 -10.19 31.72 -40.13
CA ARG S 261 -9.62 32.06 -41.43
C ARG S 261 -8.17 32.49 -41.30
N HIS S 262 -7.60 32.87 -42.45
CA HIS S 262 -6.28 33.47 -42.51
C HIS S 262 -6.26 34.48 -43.66
N THR S 263 -5.52 35.56 -43.46
CA THR S 263 -5.27 36.54 -44.52
C THR S 263 -3.81 36.95 -44.45
N ALA S 264 -3.41 37.81 -45.36
CA ALA S 264 -2.05 38.32 -45.39
C ALA S 264 -1.85 39.38 -44.31
N PRO U 58 -25.08 -64.91 -31.02
CA PRO U 58 -25.46 -63.78 -31.88
C PRO U 58 -24.56 -62.57 -31.68
N ARG U 59 -24.28 -61.85 -32.76
CA ARG U 59 -23.32 -60.77 -32.76
C ARG U 59 -23.86 -59.59 -33.55
N LEU U 60 -23.30 -58.42 -33.27
CA LEU U 60 -23.65 -57.18 -33.97
C LEU U 60 -22.51 -56.19 -33.82
N GLN U 61 -22.74 -54.99 -34.36
CA GLN U 61 -21.73 -53.93 -34.35
C GLN U 61 -22.12 -52.82 -33.39
N LYS U 62 -21.13 -52.04 -33.00
CA LYS U 62 -21.29 -51.06 -31.93
C LYS U 62 -22.36 -50.01 -32.29
N ILE U 63 -22.10 -49.22 -33.33
CA ILE U 63 -23.10 -48.26 -33.81
C ILE U 63 -24.21 -49.02 -34.52
N THR U 64 -25.41 -48.48 -34.45
CA THR U 64 -26.56 -49.00 -35.19
C THR U 64 -27.30 -47.83 -35.82
N LYS U 65 -27.92 -48.10 -36.97
CA LYS U 65 -28.68 -47.08 -37.68
C LYS U 65 -29.81 -46.51 -36.82
N LYS U 66 -30.35 -47.31 -35.92
CA LYS U 66 -31.47 -46.88 -35.09
C LYS U 66 -31.05 -45.98 -33.93
N MET U 67 -29.76 -45.74 -33.75
CA MET U 67 -29.33 -44.74 -32.79
C MET U 67 -29.86 -43.37 -33.19
N ASN U 68 -30.07 -42.51 -32.21
CA ASN U 68 -30.50 -41.15 -32.49
C ASN U 68 -29.36 -40.36 -33.12
N LEU U 69 -29.68 -39.61 -34.18
CA LEU U 69 -28.67 -39.03 -35.06
C LEU U 69 -29.27 -37.78 -35.69
N PRO U 70 -28.47 -37.01 -36.42
CA PRO U 70 -29.00 -35.81 -37.08
C PRO U 70 -30.03 -36.13 -38.17
N THR U 71 -30.97 -35.19 -38.33
CA THR U 71 -32.17 -35.38 -39.16
C THR U 71 -32.50 -34.13 -40.00
N VAL U 72 -31.54 -33.64 -40.78
CA VAL U 72 -31.81 -32.53 -41.71
C VAL U 72 -33.03 -32.87 -42.56
N GLY U 73 -32.91 -33.92 -43.37
CA GLY U 73 -34.05 -34.46 -44.08
C GLY U 73 -34.71 -35.56 -43.27
N GLY U 74 -36.00 -35.74 -43.51
CA GLY U 74 -36.70 -36.84 -42.87
C GLY U 74 -36.10 -38.19 -43.19
N LYS U 75 -35.51 -38.33 -44.38
CA LYS U 75 -34.90 -39.58 -44.83
C LYS U 75 -33.40 -39.60 -44.62
N ILE U 76 -32.69 -38.66 -45.23
CA ILE U 76 -31.24 -38.80 -45.39
C ILE U 76 -30.54 -38.47 -44.08
N ILE U 77 -29.52 -39.26 -43.78
CA ILE U 77 -28.68 -39.10 -42.60
C ILE U 77 -27.34 -38.57 -43.05
N LEU U 78 -26.70 -37.80 -42.18
CA LEU U 78 -25.49 -37.08 -42.54
C LEU U 78 -24.24 -37.88 -42.20
N SER U 79 -24.14 -38.37 -40.97
CA SER U 79 -23.01 -39.19 -40.57
C SER U 79 -23.14 -40.59 -41.14
N LEU U 80 -22.50 -40.83 -42.28
CA LEU U 80 -22.56 -42.14 -42.92
C LEU U 80 -21.85 -43.18 -42.05
N ASP U 81 -22.54 -44.30 -41.81
CA ASP U 81 -22.03 -45.35 -40.91
C ASP U 81 -20.96 -46.16 -41.64
N HIS U 82 -19.78 -45.56 -41.74
CA HIS U 82 -18.57 -46.25 -42.17
C HIS U 82 -17.42 -45.92 -41.21
N LEU U 83 -17.75 -45.62 -39.97
CA LEU U 83 -16.79 -45.20 -38.97
C LEU U 83 -16.13 -46.36 -38.26
N LEU U 84 -16.65 -47.57 -38.45
CA LEU U 84 -16.11 -48.75 -37.77
C LEU U 84 -14.66 -49.00 -38.13
N GLU U 85 -14.22 -48.52 -39.30
CA GLU U 85 -12.81 -48.50 -39.66
C GLU U 85 -12.46 -47.06 -40.00
N TYR U 86 -12.24 -46.27 -38.94
CA TYR U 86 -11.66 -44.94 -39.06
C TYR U 86 -10.87 -44.71 -37.77
N LYS U 87 -9.59 -45.05 -37.80
CA LYS U 87 -8.74 -45.07 -36.62
C LYS U 87 -7.42 -44.39 -36.91
N PRO U 88 -7.44 -43.08 -37.17
CA PRO U 88 -6.19 -42.35 -37.31
C PRO U 88 -5.44 -42.27 -36.01
N ASN U 89 -4.12 -42.28 -36.11
CA ASN U 89 -3.29 -42.04 -34.93
C ASN U 89 -3.61 -40.66 -34.39
N GLN U 90 -3.87 -40.60 -33.09
CA GLN U 90 -4.48 -39.41 -32.51
C GLN U 90 -3.59 -38.19 -32.64
N VAL U 91 -2.31 -38.36 -32.35
CA VAL U 91 -1.41 -37.23 -32.21
C VAL U 91 -1.21 -36.49 -33.52
N ASP U 92 -1.48 -37.15 -34.65
CA ASP U 92 -1.29 -36.51 -35.95
C ASP U 92 -2.34 -35.44 -36.24
N LEU U 93 -3.36 -35.30 -35.39
CA LEU U 93 -4.53 -34.49 -35.68
C LEU U 93 -4.57 -33.17 -34.93
N PHE U 94 -3.69 -32.95 -33.96
CA PHE U 94 -3.75 -31.75 -33.14
C PHE U 94 -3.43 -30.50 -33.95
N ASN U 95 -3.62 -29.36 -33.31
CA ASN U 95 -3.20 -28.06 -33.81
C ASN U 95 -1.84 -27.64 -33.30
N THR U 96 -1.44 -28.12 -32.12
CA THR U 96 -0.16 -27.74 -31.53
C THR U 96 1.04 -28.26 -32.29
N ARG U 97 0.85 -29.21 -33.19
CA ARG U 97 1.90 -29.66 -34.08
C ARG U 97 1.75 -28.95 -35.43
N ALA U 98 2.88 -28.75 -36.09
CA ALA U 98 2.87 -28.20 -37.43
C ALA U 98 2.26 -29.21 -38.41
N THR U 99 2.19 -28.82 -39.67
CA THR U 99 1.69 -29.69 -40.71
C THR U 99 2.81 -30.59 -41.26
N LYS U 100 2.42 -31.59 -42.03
CA LYS U 100 3.41 -32.38 -42.77
C LYS U 100 4.13 -31.52 -43.79
N THR U 101 3.45 -30.50 -44.32
CA THR U 101 4.04 -29.63 -45.33
C THR U 101 5.17 -28.80 -44.75
N GLN U 102 4.88 -28.06 -43.67
CA GLN U 102 5.83 -27.10 -43.14
C GLN U 102 7.10 -27.80 -42.65
N PHE U 103 6.95 -28.99 -42.08
CA PHE U 103 8.12 -29.77 -41.68
C PHE U 103 8.98 -30.10 -42.89
N GLU U 104 8.34 -30.40 -44.02
CA GLU U 104 9.08 -30.74 -45.23
C GLU U 104 9.86 -29.54 -45.74
N SER U 105 9.17 -28.40 -45.92
CA SER U 105 9.84 -27.24 -46.47
C SER U 105 10.95 -26.74 -45.56
N TRP U 106 10.76 -26.85 -44.24
CA TRP U 106 11.82 -26.50 -43.31
C TRP U 106 13.05 -27.35 -43.56
N TYR U 107 12.84 -28.64 -43.84
CA TYR U 107 13.97 -29.52 -44.11
C TYR U 107 14.61 -29.24 -45.45
N SER U 108 13.85 -28.72 -46.40
CA SER U 108 14.40 -28.42 -47.72
C SER U 108 15.06 -27.05 -47.74
N ALA U 109 14.41 -26.06 -47.16
CA ALA U 109 14.94 -24.69 -47.19
C ALA U 109 16.24 -24.58 -46.42
N VAL U 110 16.39 -25.37 -45.35
CA VAL U 110 17.61 -25.29 -44.56
C VAL U 110 18.81 -25.80 -45.35
N LYS U 111 18.60 -26.83 -46.16
CA LYS U 111 19.70 -27.50 -46.82
C LYS U 111 20.42 -26.57 -47.80
N VAL U 112 19.68 -25.66 -48.42
CA VAL U 112 20.28 -24.75 -49.38
C VAL U 112 21.20 -23.76 -48.68
N GLU U 113 20.75 -23.22 -47.55
CA GLU U 113 21.47 -22.15 -46.89
C GLU U 113 22.72 -22.63 -46.15
N TYR U 114 22.82 -23.92 -45.84
CA TYR U 114 24.09 -24.52 -45.50
C TYR U 114 24.82 -25.05 -46.73
N ASP U 115 24.10 -25.31 -47.81
CA ASP U 115 24.70 -25.70 -49.09
C ASP U 115 25.48 -27.01 -48.95
N LEU U 116 24.80 -28.03 -48.42
CA LEU U 116 25.38 -29.36 -48.26
C LEU U 116 24.96 -30.29 -49.40
N ASN U 117 23.65 -30.46 -49.60
CA ASN U 117 23.12 -31.36 -50.61
C ASN U 117 23.68 -32.77 -50.44
N ASP U 118 23.74 -33.23 -49.19
CA ASP U 118 24.34 -34.51 -48.86
C ASP U 118 23.74 -35.00 -47.57
N GLU U 119 23.90 -36.30 -47.32
CA GLU U 119 23.29 -36.96 -46.17
C GLU U 119 24.05 -36.75 -44.87
N GLN U 120 24.95 -35.77 -44.82
CA GLN U 120 25.44 -35.29 -43.54
C GLN U 120 24.36 -34.57 -42.74
N MET U 121 23.24 -34.23 -43.39
CA MET U 121 22.16 -33.52 -42.73
C MET U 121 21.64 -34.27 -41.52
N GLY U 122 21.65 -35.60 -41.58
CA GLY U 122 21.22 -36.39 -40.43
C GLY U 122 22.05 -36.10 -39.19
N VAL U 123 23.35 -35.87 -39.37
CA VAL U 123 24.21 -35.55 -38.25
C VAL U 123 23.89 -34.15 -37.73
N ILE U 124 23.72 -33.19 -38.64
CA ILE U 124 23.51 -31.80 -38.24
C ILE U 124 22.19 -31.67 -37.50
N MET U 125 21.14 -32.31 -38.03
CA MET U 125 19.86 -32.34 -37.33
C MET U 125 20.04 -32.93 -35.93
N ASN U 126 20.75 -34.03 -35.84
CA ASN U 126 20.98 -34.67 -34.54
C ASN U 126 21.82 -33.77 -33.64
N GLY U 127 22.81 -33.09 -34.22
CA GLY U 127 23.60 -32.16 -33.45
C GLY U 127 22.82 -30.96 -32.95
N PHE U 128 21.62 -30.73 -33.48
CA PHE U 128 20.81 -29.61 -33.02
C PHE U 128 19.95 -30.00 -31.83
N MET U 129 19.40 -31.21 -31.82
CA MET U 129 18.38 -31.53 -30.83
C MET U 129 18.97 -31.61 -29.43
N VAL U 130 20.18 -32.14 -29.29
CA VAL U 130 20.79 -32.23 -27.97
C VAL U 130 21.03 -30.83 -27.43
N TRP U 131 21.54 -29.93 -28.27
CA TRP U 131 21.68 -28.54 -27.85
C TRP U 131 20.32 -27.92 -27.60
N CYS U 132 19.31 -28.34 -28.36
CA CYS U 132 17.95 -27.84 -28.15
C CYS U 132 17.40 -28.24 -26.80
N ILE U 133 17.90 -29.33 -26.22
CA ILE U 133 17.55 -29.68 -24.85
C ILE U 133 18.21 -28.72 -23.89
N ASP U 134 19.54 -28.72 -23.88
CA ASP U 134 20.31 -28.14 -22.80
C ASP U 134 20.28 -26.62 -22.75
N ASN U 135 19.56 -25.98 -23.66
CA ASN U 135 19.26 -24.57 -23.51
C ASN U 135 17.85 -24.32 -24.01
N GLY U 136 17.34 -23.15 -23.69
CA GLY U 136 15.96 -22.85 -23.98
C GLY U 136 15.69 -22.77 -25.46
N THR U 137 14.40 -22.78 -25.79
CA THR U 137 13.92 -22.60 -27.16
C THR U 137 12.95 -21.43 -27.17
N SER U 138 13.38 -20.33 -27.75
CA SER U 138 12.54 -19.14 -27.88
C SER U 138 13.07 -18.32 -29.03
N PRO U 139 12.24 -17.49 -29.66
CA PRO U 139 12.75 -16.67 -30.78
C PRO U 139 13.85 -15.71 -30.38
N ASP U 140 13.98 -15.38 -29.10
CA ASP U 140 14.99 -14.42 -28.65
C ASP U 140 16.29 -15.13 -28.29
N VAL U 141 16.82 -15.88 -29.27
CA VAL U 141 18.16 -16.44 -29.19
C VAL U 141 19.02 -15.73 -30.23
N ASN U 142 20.28 -15.55 -29.88
CA ASN U 142 21.27 -15.03 -30.81
C ASN U 142 22.60 -15.70 -30.51
N GLY U 143 23.58 -15.41 -31.35
CA GLY U 143 24.88 -15.99 -31.21
C GLY U 143 25.02 -17.21 -32.10
N VAL U 144 25.46 -18.33 -31.51
CA VAL U 144 25.81 -19.53 -32.26
C VAL U 144 25.32 -20.75 -31.49
N TRP U 145 25.53 -21.91 -32.09
CA TRP U 145 25.34 -23.18 -31.42
C TRP U 145 26.41 -24.14 -31.89
N VAL U 146 26.46 -25.31 -31.26
CA VAL U 146 27.64 -26.16 -31.40
C VAL U 146 27.28 -27.59 -31.06
N MET U 147 27.88 -28.51 -31.81
CA MET U 147 28.12 -29.88 -31.40
C MET U 147 29.62 -30.12 -31.40
N MET U 148 30.04 -31.19 -30.74
CA MET U 148 31.45 -31.51 -30.60
C MET U 148 31.75 -32.91 -31.10
N ASP U 149 32.99 -33.12 -31.50
CA ASP U 149 33.51 -34.41 -31.92
C ASP U 149 34.93 -34.54 -31.41
N GLY U 150 35.22 -35.61 -30.69
CA GLY U 150 36.52 -35.74 -30.08
C GLY U 150 36.66 -34.83 -28.88
N GLU U 151 37.40 -33.73 -29.04
CA GLU U 151 37.58 -32.75 -27.97
C GLU U 151 37.40 -31.31 -28.41
N GLU U 152 37.24 -31.03 -29.70
CA GLU U 152 37.12 -29.66 -30.16
C GLU U 152 35.66 -29.20 -30.12
N GLN U 153 35.42 -27.98 -30.60
CA GLN U 153 34.17 -27.24 -30.40
C GLN U 153 33.71 -26.65 -31.74
N VAL U 154 33.57 -27.51 -32.74
CA VAL U 154 33.17 -27.11 -34.08
C VAL U 154 31.80 -26.47 -34.05
N GLU U 155 31.73 -25.17 -34.31
CA GLU U 155 30.52 -24.38 -34.16
C GLU U 155 29.83 -24.13 -35.50
N TYR U 156 28.71 -23.43 -35.44
CA TYR U 156 27.88 -23.16 -36.60
C TYR U 156 27.12 -21.87 -36.36
N PRO U 157 26.46 -21.32 -37.37
CA PRO U 157 25.55 -20.19 -37.16
C PRO U 157 24.19 -20.66 -36.67
N LEU U 158 23.34 -19.67 -36.36
CA LEU U 158 22.13 -19.89 -35.59
C LEU U 158 20.89 -19.31 -36.25
N LYS U 159 21.07 -18.24 -37.02
CA LYS U 159 19.93 -17.50 -37.57
C LYS U 159 19.04 -18.34 -38.48
N PRO U 160 19.52 -18.95 -39.55
CA PRO U 160 18.61 -19.45 -40.59
C PRO U 160 17.68 -20.56 -40.14
N ILE U 161 18.02 -21.31 -39.09
CA ILE U 161 17.08 -22.28 -38.55
C ILE U 161 15.84 -21.58 -38.03
N VAL U 162 16.04 -20.47 -37.33
CA VAL U 162 14.92 -19.77 -36.70
C VAL U 162 14.09 -19.05 -37.74
N GLU U 163 14.72 -18.12 -38.47
CA GLU U 163 13.96 -17.21 -39.32
C GLU U 163 13.26 -17.92 -40.47
N ASN U 164 13.80 -19.02 -40.95
CA ASN U 164 13.10 -19.87 -41.91
C ASN U 164 12.34 -20.98 -41.20
N ALA U 165 11.60 -20.61 -40.17
CA ALA U 165 10.67 -21.50 -39.47
C ALA U 165 9.30 -20.86 -39.58
N LYS U 166 8.39 -21.53 -40.29
CA LYS U 166 7.22 -20.82 -40.79
C LYS U 166 6.28 -20.42 -39.66
N PRO U 167 5.70 -21.34 -38.88
CA PRO U 167 5.27 -20.95 -37.53
C PRO U 167 6.46 -20.94 -36.61
N THR U 168 6.25 -20.75 -35.31
CA THR U 168 7.36 -20.62 -34.38
C THR U 168 8.13 -21.93 -34.28
N LEU U 169 9.19 -21.91 -33.48
CA LEU U 169 10.13 -23.02 -33.44
C LEU U 169 9.53 -24.23 -32.77
N ARG U 170 9.08 -24.08 -31.52
CA ARG U 170 8.54 -25.20 -30.76
C ARG U 170 7.33 -25.80 -31.48
N GLN U 171 6.55 -24.96 -32.14
CA GLN U 171 5.43 -25.40 -32.96
C GLN U 171 5.85 -26.38 -34.04
N ILE U 172 7.13 -26.40 -34.41
CA ILE U 172 7.70 -27.45 -35.26
C ILE U 172 8.21 -28.61 -34.43
N MET U 173 8.92 -28.30 -33.34
CA MET U 173 9.76 -29.28 -32.67
C MET U 173 8.99 -30.20 -31.73
N HIS U 174 7.66 -30.16 -31.72
CA HIS U 174 6.93 -31.18 -30.97
C HIS U 174 7.02 -32.55 -31.61
N HIS U 175 7.51 -32.66 -32.85
CA HIS U 175 7.68 -33.97 -33.47
C HIS U 175 8.65 -34.82 -32.67
N PHE U 176 9.77 -34.23 -32.26
CA PHE U 176 10.74 -34.93 -31.46
C PHE U 176 10.24 -35.11 -30.04
N SER U 177 9.61 -36.25 -29.78
CA SER U 177 9.15 -36.61 -28.46
C SER U 177 9.80 -37.89 -27.95
N ASP U 178 9.73 -38.96 -28.75
CA ASP U 178 10.26 -40.24 -28.32
C ASP U 178 11.77 -40.33 -28.54
N ALA U 179 12.29 -39.57 -29.49
CA ALA U 179 13.72 -39.61 -29.77
C ALA U 179 14.52 -39.16 -28.57
N ALA U 180 14.34 -37.91 -28.18
CA ALA U 180 15.06 -37.38 -27.03
C ALA U 180 14.71 -38.14 -25.75
N GLU U 181 13.49 -38.68 -25.68
CA GLU U 181 13.10 -39.48 -24.54
C GLU U 181 14.04 -40.67 -24.35
N ALA U 182 14.17 -41.49 -25.40
CA ALA U 182 15.06 -42.64 -25.31
C ALA U 182 16.51 -42.21 -25.11
N TYR U 183 16.87 -41.04 -25.64
CA TYR U 183 18.22 -40.55 -25.52
C TYR U 183 18.60 -40.35 -24.06
N ILE U 184 17.81 -39.55 -23.33
CA ILE U 184 18.14 -39.30 -21.95
C ILE U 184 17.87 -40.52 -21.09
N GLU U 185 17.07 -41.46 -21.58
CA GLU U 185 16.85 -42.70 -20.84
C GLU U 185 18.14 -43.47 -20.69
N MET U 186 18.84 -43.72 -21.79
CA MET U 186 20.05 -44.53 -21.71
C MET U 186 21.17 -43.78 -21.03
N ARG U 187 21.33 -42.50 -21.33
CA ARG U 187 22.35 -41.71 -20.65
C ARG U 187 22.06 -41.60 -19.16
N ASN U 188 20.79 -41.70 -18.76
CA ASN U 188 20.48 -41.81 -17.35
C ASN U 188 20.75 -43.21 -16.83
N SER U 189 20.67 -44.21 -17.71
CA SER U 189 20.97 -45.58 -17.30
C SER U 189 22.42 -45.72 -16.87
N GLU U 190 23.34 -45.28 -17.71
CA GLU U 190 24.75 -45.30 -17.34
C GLU U 190 24.98 -44.40 -16.15
N SER U 191 24.84 -43.09 -16.35
CA SER U 191 25.28 -42.08 -15.40
C SER U 191 24.11 -41.18 -15.02
N PRO U 192 24.20 -40.44 -13.92
CA PRO U 192 23.07 -39.65 -13.47
C PRO U 192 22.89 -38.35 -14.24
N TYR U 193 22.15 -38.42 -15.33
CA TYR U 193 21.96 -37.29 -16.22
C TYR U 193 20.74 -36.46 -15.85
N MET U 194 20.83 -35.15 -16.13
CA MET U 194 19.69 -34.25 -16.02
C MET U 194 19.94 -33.08 -16.94
N PRO U 195 18.94 -32.58 -17.68
CA PRO U 195 19.17 -31.40 -18.50
C PRO U 195 19.39 -30.11 -17.72
N ARG U 196 19.45 -29.00 -18.44
CA ARG U 196 19.50 -27.68 -17.84
C ARG U 196 18.11 -27.14 -17.54
N TYR U 197 17.13 -27.46 -18.39
CA TYR U 197 15.75 -27.01 -18.18
C TYR U 197 15.19 -27.51 -16.86
N GLY U 198 15.74 -28.58 -16.30
CA GLY U 198 15.32 -29.08 -15.02
C GLY U 198 16.14 -28.50 -13.89
N LEU U 199 17.46 -28.51 -14.05
CA LEU U 199 18.33 -27.98 -13.01
C LEU U 199 18.11 -26.51 -12.77
N LEU U 200 17.62 -25.79 -13.77
CA LEU U 200 17.25 -24.41 -13.56
C LEU U 200 15.99 -24.28 -12.70
N ARG U 201 15.23 -25.37 -12.54
CA ARG U 201 14.01 -25.36 -11.76
C ARG U 201 14.00 -26.39 -10.65
N ASN U 202 15.14 -27.05 -10.41
CA ASN U 202 15.47 -27.70 -9.13
C ASN U 202 14.45 -28.78 -8.77
N LEU U 203 14.44 -29.83 -9.57
CA LEU U 203 13.74 -31.04 -9.21
C LEU U 203 14.58 -31.84 -8.23
N ARG U 204 13.89 -32.50 -7.29
CA ARG U 204 14.53 -33.42 -6.36
C ARG U 204 14.47 -34.86 -6.83
N ASP U 205 13.43 -35.23 -7.56
CA ASP U 205 13.35 -36.64 -7.96
C ASP U 205 14.15 -36.84 -9.23
N ARG U 206 15.24 -37.59 -9.06
CA ARG U 206 16.10 -37.95 -10.18
C ARG U 206 15.36 -38.74 -11.24
N GLU U 207 14.21 -39.31 -10.90
CA GLU U 207 13.54 -40.26 -11.78
C GLU U 207 12.78 -39.57 -12.91
N LEU U 208 12.31 -38.33 -12.70
CA LEU U 208 11.48 -37.64 -13.68
C LEU U 208 12.29 -36.77 -14.62
N ALA U 209 13.53 -37.15 -14.93
CA ALA U 209 14.25 -36.48 -15.99
C ALA U 209 13.60 -36.75 -17.34
N ARG U 210 12.86 -37.86 -17.45
CA ARG U 210 12.18 -38.23 -18.68
C ARG U 210 11.25 -37.14 -19.19
N TYR U 211 10.73 -36.31 -18.29
CA TYR U 211 9.67 -35.34 -18.63
C TYR U 211 10.16 -33.91 -18.42
N ALA U 212 11.39 -33.63 -18.86
CA ALA U 212 11.98 -32.30 -18.73
C ALA U 212 12.47 -31.84 -20.10
N PHE U 213 11.64 -31.04 -20.76
CA PHE U 213 11.99 -30.42 -22.03
C PHE U 213 11.26 -29.10 -22.14
N ASP U 214 11.74 -28.26 -23.05
CA ASP U 214 10.86 -27.26 -23.63
C ASP U 214 9.80 -27.94 -24.49
N PHE U 215 10.25 -28.76 -25.43
CA PHE U 215 9.37 -29.45 -26.36
C PHE U 215 9.07 -30.84 -25.80
N TYR U 216 7.80 -31.06 -25.48
CA TYR U 216 7.34 -32.39 -25.11
C TYR U 216 5.83 -32.41 -25.30
N GLU U 217 5.36 -33.40 -26.04
CA GLU U 217 3.98 -33.44 -26.50
C GLU U 217 3.20 -34.42 -25.66
N VAL U 218 2.23 -33.89 -24.91
CA VAL U 218 1.35 -34.71 -24.11
C VAL U 218 0.57 -35.66 -25.01
N THR U 219 0.26 -36.84 -24.48
CA THR U 219 -0.60 -37.79 -25.15
C THR U 219 -1.54 -38.37 -24.11
N SER U 220 -2.38 -39.29 -24.54
CA SER U 220 -3.20 -40.06 -23.63
C SER U 220 -2.45 -41.22 -22.99
N LYS U 221 -1.14 -41.35 -23.26
CA LYS U 221 -0.37 -42.48 -22.77
C LYS U 221 0.34 -42.21 -21.45
N THR U 222 0.57 -40.95 -21.10
CA THR U 222 1.40 -40.64 -19.95
C THR U 222 0.73 -41.11 -18.66
N PRO U 223 1.50 -41.31 -17.61
CA PRO U 223 0.91 -41.57 -16.30
C PRO U 223 0.43 -40.28 -15.64
N ASN U 224 -0.27 -40.45 -14.53
CA ASN U 224 -0.92 -39.36 -13.83
C ASN U 224 0.01 -38.65 -12.85
N ARG U 225 1.32 -38.93 -12.89
CA ARG U 225 2.27 -38.32 -11.98
C ARG U 225 3.02 -37.16 -12.64
N ALA U 226 3.69 -37.44 -13.77
CA ALA U 226 4.43 -36.40 -14.45
C ALA U 226 3.52 -35.33 -15.02
N ARG U 227 2.26 -35.68 -15.28
CA ARG U 227 1.30 -34.72 -15.82
C ARG U 227 1.11 -33.54 -14.88
N GLU U 228 1.27 -33.76 -13.58
CA GLU U 228 1.20 -32.66 -12.63
C GLU U 228 2.46 -31.81 -12.68
N ALA U 229 3.63 -32.45 -12.67
CA ALA U 229 4.88 -31.73 -12.54
C ALA U 229 5.13 -30.82 -13.73
N ILE U 230 4.72 -31.24 -14.92
CA ILE U 230 4.91 -30.40 -16.10
C ILE U 230 4.16 -29.09 -15.94
N ALA U 231 2.89 -29.16 -15.55
CA ALA U 231 2.09 -27.96 -15.44
C ALA U 231 2.62 -27.03 -14.36
N GLN U 232 3.23 -27.59 -13.32
CA GLN U 232 3.86 -26.75 -12.31
C GLN U 232 5.03 -25.97 -12.90
N MET U 233 5.80 -26.61 -13.79
CA MET U 233 6.90 -25.91 -14.42
C MET U 233 6.40 -24.77 -15.28
N LYS U 234 5.43 -25.07 -16.15
CA LYS U 234 4.92 -24.07 -17.09
C LYS U 234 4.35 -22.87 -16.36
N ALA U 235 3.74 -23.09 -15.21
CA ALA U 235 3.17 -22.00 -14.44
C ALA U 235 4.21 -21.27 -13.62
N ALA U 236 5.25 -21.98 -13.19
CA ALA U 236 6.28 -21.34 -12.38
C ALA U 236 7.15 -20.42 -13.22
N ALA U 237 7.34 -20.75 -14.48
CA ALA U 237 8.23 -20.00 -15.35
C ALA U 237 7.54 -18.88 -16.10
N LEU U 238 6.30 -18.56 -15.75
CA LEU U 238 5.57 -17.47 -16.38
C LEU U 238 4.79 -16.72 -15.31
N ALA U 239 5.26 -15.53 -14.98
CA ALA U 239 4.59 -14.69 -14.01
C ALA U 239 5.15 -13.28 -14.13
N GLY U 240 4.25 -12.30 -14.13
CA GLY U 240 4.62 -10.93 -14.34
C GLY U 240 4.68 -10.49 -15.79
N ILE U 241 4.79 -11.43 -16.72
CA ILE U 241 4.82 -11.10 -18.14
C ILE U 241 3.44 -10.53 -18.50
N ASN U 242 3.40 -9.25 -18.83
CA ASN U 242 2.19 -8.57 -19.25
C ASN U 242 2.18 -8.52 -20.76
N SER U 243 1.13 -9.11 -21.37
CA SER U 243 1.13 -9.35 -22.81
C SER U 243 1.19 -8.04 -23.60
N ARG U 244 0.16 -7.21 -23.50
CA ARG U 244 0.17 -5.88 -24.10
C ARG U 244 0.39 -5.95 -25.61
N LEU U 245 -0.64 -6.45 -26.30
CA LEU U 245 -0.52 -6.84 -27.70
C LEU U 245 -0.01 -5.73 -28.61
N PHE U 246 -0.14 -4.47 -28.20
CA PHE U 246 0.43 -3.37 -28.96
C PHE U 246 1.87 -3.12 -28.54
N GLY U 247 2.67 -2.65 -29.48
CA GLY U 247 4.04 -2.28 -29.25
C GLY U 247 4.17 -0.79 -29.09
N LEU U 248 4.58 -0.11 -30.15
CA LEU U 248 4.49 1.34 -30.22
C LEU U 248 4.08 1.75 -31.63
N ASP U 249 3.34 2.86 -31.69
CA ASP U 249 2.93 3.44 -32.95
C ASP U 249 4.07 4.23 -33.58
N GLY U 250 4.11 4.23 -34.90
CA GLY U 250 5.13 4.98 -35.61
C GLY U 250 4.75 6.42 -35.83
N ASN U 251 3.46 6.72 -35.95
CA ASN U 251 3.02 8.07 -36.22
C ASN U 251 3.23 8.93 -34.99
N ILE U 252 4.11 9.92 -35.12
CA ILE U 252 4.31 10.95 -34.12
C ILE U 252 3.75 12.25 -34.66
N SER U 253 3.15 13.05 -33.79
CA SER U 253 2.86 14.45 -34.09
C SER U 253 3.02 15.20 -32.77
N THR U 254 4.24 15.66 -32.50
CA THR U 254 4.48 16.51 -31.35
C THR U 254 4.05 17.95 -31.63
N ASN U 255 4.10 18.36 -32.90
CA ASN U 255 3.68 19.70 -33.29
C ASN U 255 3.25 19.64 -34.74
N SER U 256 2.07 20.20 -35.03
CA SER U 256 1.53 20.14 -36.38
C SER U 256 2.43 20.86 -37.37
N GLU U 257 2.20 20.57 -38.65
CA GLU U 257 3.01 21.13 -39.71
C GLU U 257 2.67 22.60 -39.91
N ASN U 258 3.70 23.42 -40.14
CA ASN U 258 3.55 24.87 -40.07
C ASN U 258 2.83 25.42 -41.30
N THR U 259 3.44 25.26 -42.48
CA THR U 259 2.91 25.77 -43.74
C THR U 259 2.72 27.29 -43.68
N GLU U 260 3.84 28.00 -43.51
CA GLU U 260 3.87 29.45 -43.62
C GLU U 260 5.20 29.87 -44.23
N ARG U 261 5.30 31.16 -44.56
CA ARG U 261 6.36 31.69 -45.39
C ARG U 261 7.27 32.63 -44.59
N HIS U 262 8.23 33.22 -45.31
CA HIS U 262 9.09 34.27 -44.77
C HIS U 262 9.43 35.23 -45.91
N THR U 263 9.53 36.51 -45.57
CA THR U 263 10.02 37.52 -46.50
C THR U 263 10.97 38.45 -45.74
N ALA U 264 11.52 39.41 -46.46
CA ALA U 264 12.41 40.39 -45.85
C ALA U 264 11.61 41.43 -45.08
N PRO W 58 19.08 -64.25 -25.84
CA PRO W 58 18.91 -63.32 -26.97
C PRO W 58 19.11 -61.87 -26.57
N ARG W 59 19.72 -61.08 -27.45
CA ARG W 59 20.11 -59.72 -27.15
C ARG W 59 19.78 -58.81 -28.33
N LEU W 60 19.68 -57.52 -28.02
CA LEU W 60 19.41 -56.50 -29.04
C LEU W 60 19.89 -55.16 -28.50
N GLN W 61 19.65 -54.12 -29.30
CA GLN W 61 20.07 -52.76 -28.97
C GLN W 61 18.88 -51.89 -28.61
N LYS W 62 19.18 -50.80 -27.91
CA LYS W 62 18.13 -49.97 -27.32
C LYS W 62 17.21 -49.39 -28.38
N ILE W 63 17.74 -48.53 -29.26
CA ILE W 63 16.95 -48.01 -30.37
C ILE W 63 16.75 -49.12 -31.40
N THR W 64 15.62 -49.06 -32.09
CA THR W 64 15.33 -49.95 -33.21
C THR W 64 14.76 -49.13 -34.36
N LYS W 65 15.03 -49.60 -35.58
CA LYS W 65 14.53 -48.91 -36.77
C LYS W 65 13.01 -48.82 -36.78
N LYS W 66 12.33 -49.78 -36.16
CA LYS W 66 10.87 -49.81 -36.17
C LYS W 66 10.25 -48.84 -35.17
N MET W 67 11.06 -48.13 -34.38
CA MET W 67 10.53 -47.07 -33.56
C MET W 67 9.93 -45.98 -34.44
N ASN W 68 8.93 -45.27 -33.90
CA ASN W 68 8.33 -44.17 -34.64
C ASN W 68 9.33 -43.00 -34.71
N LEU W 69 9.44 -42.40 -35.89
CA LEU W 69 10.52 -41.49 -36.20
C LEU W 69 10.04 -40.53 -37.29
N PRO W 70 10.83 -39.51 -37.62
CA PRO W 70 10.42 -38.58 -38.68
C PRO W 70 10.35 -39.24 -40.06
N THR W 71 9.43 -38.71 -40.88
CA THR W 71 9.06 -39.32 -42.16
C THR W 71 8.88 -38.27 -43.27
N VAL W 72 9.92 -37.44 -43.50
CA VAL W 72 9.88 -36.50 -44.64
C VAL W 72 9.54 -37.26 -45.92
N GLY W 73 10.42 -38.17 -46.31
CA GLY W 73 10.13 -39.08 -47.40
C GLY W 73 9.52 -40.36 -46.86
N GLY W 74 8.72 -41.01 -47.71
CA GLY W 74 8.17 -42.30 -47.33
C GLY W 74 9.23 -43.33 -47.02
N LYS W 75 10.41 -43.21 -47.65
CA LYS W 75 11.50 -44.14 -47.45
C LYS W 75 12.55 -43.61 -46.48
N ILE W 76 13.14 -42.46 -46.79
CA ILE W 76 14.37 -42.05 -46.12
C ILE W 76 14.06 -41.51 -44.73
N ILE W 77 14.90 -41.87 -43.78
CA ILE W 77 14.82 -41.42 -42.40
C ILE W 77 15.94 -40.42 -42.16
N LEU W 78 15.69 -39.49 -41.26
CA LEU W 78 16.58 -38.37 -41.04
C LEU W 78 17.60 -38.65 -39.95
N SER W 79 17.12 -39.09 -38.79
CA SER W 79 18.01 -39.44 -37.69
C SER W 79 18.68 -40.78 -37.95
N LEU W 80 19.89 -40.75 -38.51
CA LEU W 80 20.62 -41.98 -38.79
C LEU W 80 20.99 -42.70 -37.50
N ASP W 81 20.68 -43.99 -37.44
CA ASP W 81 20.89 -44.79 -36.24
C ASP W 81 22.37 -45.14 -36.10
N HIS W 82 23.14 -44.14 -35.67
CA HIS W 82 24.52 -44.32 -35.24
C HIS W 82 24.74 -43.61 -33.91
N LEU W 83 23.68 -43.48 -33.12
CA LEU W 83 23.73 -42.74 -31.87
C LEU W 83 24.18 -43.60 -30.70
N LEU W 84 24.28 -44.91 -30.89
CA LEU W 84 24.67 -45.81 -29.83
C LEU W 84 26.06 -45.51 -29.30
N GLU W 85 26.91 -44.88 -30.11
CA GLU W 85 28.18 -44.33 -29.65
C GLU W 85 28.18 -42.85 -30.03
N TYR W 86 27.51 -42.05 -29.21
CA TYR W 86 27.60 -40.60 -29.25
C TYR W 86 27.39 -40.11 -27.83
N LYS W 87 28.49 -39.95 -27.10
CA LYS W 87 28.47 -39.69 -25.67
C LYS W 87 29.43 -38.55 -25.35
N PRO W 88 29.14 -37.35 -25.82
CA PRO W 88 29.95 -36.20 -25.42
C PRO W 88 29.75 -35.86 -23.97
N ASN W 89 30.83 -35.39 -23.34
CA ASN W 89 30.72 -34.88 -21.98
C ASN W 89 29.73 -33.71 -21.98
N GLN W 90 28.77 -33.78 -21.06
CA GLN W 90 27.61 -32.91 -21.14
C GLN W 90 27.97 -31.45 -21.03
N VAL W 91 28.84 -31.14 -20.06
CA VAL W 91 29.09 -29.76 -19.69
C VAL W 91 29.75 -28.97 -20.82
N ASP W 92 30.40 -29.67 -21.76
CA ASP W 92 31.07 -28.98 -22.85
C ASP W 92 30.10 -28.37 -23.86
N LEU W 93 28.81 -28.62 -23.73
CA LEU W 93 27.83 -28.31 -24.76
C LEU W 93 26.95 -27.11 -24.43
N PHE W 94 27.01 -26.60 -23.19
CA PHE W 94 26.12 -25.52 -22.79
C PHE W 94 26.43 -24.23 -23.53
N ASN W 95 25.56 -23.25 -23.33
CA ASN W 95 25.76 -21.87 -23.78
C ASN W 95 26.38 -20.99 -22.72
N THR W 96 26.16 -21.31 -21.43
CA THR W 96 26.67 -20.48 -20.35
C THR W 96 28.19 -20.52 -20.22
N ARG W 97 28.86 -21.46 -20.89
CA ARG W 97 30.30 -21.46 -20.97
C ARG W 97 30.72 -20.84 -22.29
N ALA W 98 31.90 -20.23 -22.28
CA ALA W 98 32.48 -19.70 -23.51
C ALA W 98 32.88 -20.85 -24.43
N THR W 99 33.43 -20.49 -25.58
CA THR W 99 33.92 -21.47 -26.53
C THR W 99 35.35 -21.87 -26.20
N LYS W 100 35.82 -22.94 -26.85
CA LYS W 100 37.23 -23.29 -26.78
C LYS W 100 38.09 -22.20 -27.41
N THR W 101 37.55 -21.50 -28.40
CA THR W 101 38.31 -20.46 -29.09
C THR W 101 38.57 -19.28 -28.18
N GLN W 102 37.51 -18.72 -27.59
CA GLN W 102 37.63 -17.49 -26.83
C GLN W 102 38.54 -17.67 -25.63
N PHE W 103 38.48 -18.84 -24.99
CA PHE W 103 39.38 -19.14 -23.89
C PHE W 103 40.82 -19.12 -24.36
N GLU W 104 41.07 -19.61 -25.57
CA GLU W 104 42.43 -19.63 -26.10
C GLU W 104 42.94 -18.22 -26.35
N SER W 105 42.16 -17.42 -27.09
CA SER W 105 42.62 -16.07 -27.42
C SER W 105 42.78 -15.22 -26.17
N TRP W 106 41.92 -15.41 -25.17
CA TRP W 106 42.09 -14.71 -23.90
C TRP W 106 43.44 -15.04 -23.29
N TYR W 107 43.85 -16.30 -23.37
CA TYR W 107 45.13 -16.71 -22.82
C TYR W 107 46.30 -16.18 -23.64
N SER W 108 46.10 -15.97 -24.94
CA SER W 108 47.17 -15.46 -25.78
C SER W 108 47.26 -13.95 -25.72
N ALA W 109 46.11 -13.27 -25.78
CA ALA W 109 46.12 -11.81 -25.80
C ALA W 109 46.63 -11.24 -24.49
N VAL W 110 46.38 -11.93 -23.38
CA VAL W 110 46.82 -11.42 -22.08
C VAL W 110 48.34 -11.43 -22.00
N LYS W 111 48.98 -12.45 -22.58
CA LYS W 111 50.41 -12.65 -22.40
C LYS W 111 51.21 -11.52 -23.00
N VAL W 112 50.72 -10.94 -24.09
CA VAL W 112 51.44 -9.85 -24.75
C VAL W 112 51.42 -8.60 -23.86
N GLU W 113 50.27 -8.29 -23.28
CA GLU W 113 50.12 -7.03 -22.57
C GLU W 113 50.79 -7.03 -21.21
N TYR W 114 51.09 -8.20 -20.65
CA TYR W 114 52.06 -8.29 -19.56
C TYR W 114 53.48 -8.49 -20.07
N ASP W 115 53.63 -8.98 -21.30
CA ASP W 115 54.93 -9.10 -21.97
C ASP W 115 55.85 -10.03 -21.17
N LEU W 116 55.36 -11.24 -20.89
CA LEU W 116 56.12 -12.26 -20.20
C LEU W 116 56.74 -13.26 -21.16
N ASN W 117 55.92 -13.91 -21.99
CA ASN W 117 56.37 -14.92 -22.94
C ASN W 117 57.14 -16.02 -22.21
N ASP W 118 56.61 -16.45 -21.06
CA ASP W 118 57.30 -17.42 -20.22
C ASP W 118 56.25 -18.13 -19.38
N GLU W 119 56.64 -19.28 -18.83
CA GLU W 119 55.72 -20.13 -18.08
C GLU W 119 55.51 -19.67 -16.64
N GLN W 120 55.85 -18.42 -16.32
CA GLN W 120 55.35 -17.82 -15.09
C GLN W 120 53.85 -17.56 -15.16
N MET W 121 53.26 -17.65 -16.36
CA MET W 121 51.83 -17.40 -16.54
C MET W 121 50.99 -18.32 -15.66
N GLY W 122 51.45 -19.54 -15.44
CA GLY W 122 50.72 -20.45 -14.57
C GLY W 122 50.55 -19.91 -13.17
N VAL W 123 51.57 -19.20 -12.67
CA VAL W 123 51.48 -18.60 -11.34
C VAL W 123 50.51 -17.43 -11.36
N ILE W 124 50.61 -16.59 -12.39
CA ILE W 124 49.78 -15.38 -12.45
C ILE W 124 48.32 -15.76 -12.58
N MET W 125 48.02 -16.74 -13.44
CA MET W 125 46.66 -17.26 -13.54
C MET W 125 46.17 -17.75 -12.19
N ASN W 126 47.02 -18.52 -11.51
CA ASN W 126 46.65 -19.04 -10.20
C ASN W 126 46.50 -17.92 -9.19
N GLY W 127 47.36 -16.91 -9.27
CA GLY W 127 47.24 -15.76 -8.40
C GLY W 127 45.98 -14.95 -8.63
N PHE W 128 45.29 -15.17 -9.75
CA PHE W 128 44.07 -14.44 -10.03
C PHE W 128 42.85 -15.13 -9.44
N MET W 129 42.81 -16.46 -9.48
CA MET W 129 41.58 -17.15 -9.14
C MET W 129 41.25 -17.04 -7.67
N VAL W 130 42.27 -17.09 -6.80
CA VAL W 130 42.00 -16.95 -5.37
C VAL W 130 41.44 -15.57 -5.07
N TRP W 131 42.02 -14.53 -5.67
CA TRP W 131 41.45 -13.20 -5.54
C TRP W 131 40.08 -13.13 -6.18
N CYS W 132 39.88 -13.89 -7.25
CA CYS W 132 38.58 -13.93 -7.90
C CYS W 132 37.51 -14.53 -7.01
N ILE W 133 37.91 -15.36 -6.04
CA ILE W 133 36.98 -15.84 -5.03
C ILE W 133 36.62 -14.71 -4.08
N ASP W 134 37.62 -14.22 -3.37
CA ASP W 134 37.43 -13.41 -2.18
C ASP W 134 36.89 -12.03 -2.46
N ASN W 135 36.65 -11.67 -3.72
CA ASN W 135 35.90 -10.48 -4.04
C ASN W 135 35.04 -10.77 -5.25
N GLY W 136 34.10 -9.87 -5.49
CA GLY W 136 33.12 -10.09 -6.52
C GLY W 136 33.74 -10.10 -7.90
N THR W 137 32.95 -10.57 -8.85
CA THR W 137 33.30 -10.57 -10.27
C THR W 137 32.20 -9.85 -11.02
N SER W 138 32.50 -8.65 -11.50
CA SER W 138 31.57 -7.87 -12.28
C SER W 138 32.38 -6.88 -13.12
N PRO W 139 31.84 -6.40 -14.24
CA PRO W 139 32.60 -5.44 -15.05
C PRO W 139 32.91 -4.15 -14.33
N ASP W 140 32.18 -3.81 -13.27
CA ASP W 140 32.39 -2.55 -12.55
C ASP W 140 33.41 -2.74 -11.41
N VAL W 141 34.59 -3.22 -11.80
CA VAL W 141 35.75 -3.25 -10.90
C VAL W 141 36.77 -2.25 -11.44
N ASN W 142 37.47 -1.61 -10.52
CA ASN W 142 38.59 -0.76 -10.86
C ASN W 142 39.63 -0.88 -9.76
N GLY W 143 40.77 -0.25 -10.01
CA GLY W 143 41.88 -0.31 -9.07
C GLY W 143 42.87 -1.36 -9.49
N VAL W 144 43.21 -2.26 -8.56
CA VAL W 144 44.27 -3.23 -8.74
C VAL W 144 43.84 -4.56 -8.12
N TRP W 145 44.72 -5.55 -8.28
CA TRP W 145 44.59 -6.82 -7.58
C TRP W 145 45.97 -7.29 -7.20
N VAL W 146 46.02 -8.37 -6.44
CA VAL W 146 47.25 -8.72 -5.75
C VAL W 146 47.24 -10.19 -5.37
N MET W 147 48.41 -10.81 -5.50
CA MET W 147 48.80 -12.01 -4.76
C MET W 147 50.01 -11.67 -3.91
N MET W 148 50.29 -12.52 -2.93
CA MET W 148 51.39 -12.29 -1.99
C MET W 148 52.34 -13.48 -1.98
N ASP W 149 53.58 -13.20 -1.59
CA ASP W 149 54.61 -14.20 -1.41
C ASP W 149 55.44 -13.80 -0.21
N GLY W 150 55.59 -14.71 0.75
CA GLY W 150 56.28 -14.35 1.97
C GLY W 150 55.41 -13.47 2.85
N GLU W 151 55.72 -12.18 2.90
CA GLU W 151 54.95 -11.22 3.68
C GLU W 151 54.61 -9.94 2.93
N GLU W 152 55.12 -9.72 1.73
CA GLU W 152 54.87 -8.49 1.01
C GLU W 152 53.59 -8.60 0.18
N GLN W 153 53.31 -7.54 -0.59
CA GLN W 153 52.01 -7.32 -1.23
C GLN W 153 52.23 -6.92 -2.69
N VAL W 154 52.96 -7.76 -3.42
CA VAL W 154 53.29 -7.51 -4.81
C VAL W 154 52.03 -7.43 -5.66
N GLU W 155 51.71 -6.24 -6.16
CA GLU W 155 50.46 -5.96 -6.83
C GLU W 155 50.63 -5.96 -8.35
N TYR W 156 49.52 -5.72 -9.04
CA TYR W 156 49.46 -5.77 -10.49
C TYR W 156 48.34 -4.85 -10.95
N PRO W 157 48.23 -4.58 -12.25
CA PRO W 157 47.07 -3.86 -12.78
C PRO W 157 45.91 -4.81 -13.02
N LEU W 158 44.78 -4.21 -13.39
CA LEU W 158 43.48 -4.88 -13.37
C LEU W 158 42.73 -4.78 -14.68
N LYS W 159 42.97 -3.71 -15.45
CA LYS W 159 42.19 -3.44 -16.65
C LYS W 159 42.28 -4.53 -17.71
N PRO W 160 43.46 -4.91 -18.20
CA PRO W 160 43.51 -5.69 -19.45
C PRO W 160 42.89 -7.07 -19.36
N ILE W 161 42.79 -7.66 -18.16
CA ILE W 161 42.07 -8.92 -18.03
C ILE W 161 40.61 -8.73 -18.39
N VAL W 162 40.02 -7.64 -17.93
CA VAL W 162 38.59 -7.42 -18.14
C VAL W 162 38.33 -7.04 -19.59
N GLU W 163 38.93 -5.93 -20.04
CA GLU W 163 38.54 -5.35 -21.32
C GLU W 163 38.88 -6.25 -22.50
N ASN W 164 39.93 -7.06 -22.39
CA ASN W 164 40.19 -8.10 -23.40
C ASN W 164 39.57 -9.43 -22.99
N ALA W 165 38.30 -9.38 -22.61
CA ALA W 165 37.48 -10.56 -22.35
C ALA W 165 36.30 -10.47 -23.29
N LYS W 166 36.21 -11.41 -24.23
CA LYS W 166 35.39 -11.18 -25.41
C LYS W 166 33.90 -11.17 -25.05
N PRO W 167 33.30 -12.26 -24.55
CA PRO W 167 32.10 -12.08 -23.74
C PRO W 167 32.47 -11.64 -22.34
N THR W 168 31.51 -11.56 -21.43
CA THR W 168 31.79 -11.04 -20.09
C THR W 168 32.73 -11.98 -19.34
N LEU W 169 33.07 -11.57 -18.12
CA LEU W 169 34.12 -12.26 -17.38
C LEU W 169 33.66 -13.63 -16.90
N ARG W 170 32.56 -13.66 -16.14
CA ARG W 170 32.07 -14.92 -15.59
C ARG W 170 31.74 -15.91 -16.70
N GLN W 171 31.26 -15.41 -17.83
CA GLN W 171 31.01 -16.22 -19.01
C GLN W 171 32.26 -16.96 -19.49
N ILE W 172 33.45 -16.49 -19.10
CA ILE W 172 34.69 -17.24 -19.29
C ILE W 172 34.96 -18.14 -18.10
N MET W 173 34.80 -17.61 -16.89
CA MET W 173 35.36 -18.23 -15.70
C MET W 173 34.52 -19.37 -15.15
N HIS W 174 33.49 -19.83 -15.86
CA HIS W 174 32.84 -21.06 -15.43
C HIS W 174 33.70 -22.30 -15.64
N HIS W 175 34.80 -22.19 -16.38
CA HIS W 175 35.69 -23.34 -16.53
C HIS W 175 36.24 -23.78 -15.19
N PHE W 176 36.68 -22.83 -14.38
CA PHE W 176 37.19 -23.13 -13.06
C PHE W 176 36.05 -23.51 -12.13
N SER W 177 35.78 -24.80 -12.02
CA SER W 177 34.79 -25.33 -11.10
C SER W 177 35.40 -26.28 -10.10
N ASP W 178 36.14 -27.28 -10.56
CA ASP W 178 36.70 -28.28 -9.68
C ASP W 178 38.00 -27.82 -9.05
N ALA W 179 38.70 -26.90 -9.70
CA ALA W 179 39.97 -26.40 -9.16
C ALA W 179 39.75 -25.70 -7.83
N ALA W 180 38.99 -24.60 -7.85
CA ALA W 180 38.71 -23.88 -6.62
C ALA W 180 37.97 -24.73 -5.61
N GLU W 181 37.16 -25.68 -6.09
CA GLU W 181 36.47 -26.60 -5.20
C GLU W 181 37.46 -27.35 -4.32
N ALA W 182 38.40 -28.05 -4.94
CA ALA W 182 39.40 -28.79 -4.17
C ALA W 182 40.24 -27.86 -3.32
N TYR W 183 40.45 -26.63 -3.80
CA TYR W 183 41.27 -25.67 -3.07
C TYR W 183 40.66 -25.37 -1.72
N ILE W 184 39.40 -24.93 -1.70
CA ILE W 184 38.78 -24.60 -0.42
C ILE W 184 38.48 -25.85 0.37
N GLU W 185 38.44 -27.01 -0.27
CA GLU W 185 38.23 -28.25 0.48
C GLU W 185 39.37 -28.49 1.44
N MET W 186 40.61 -28.45 0.96
CA MET W 186 41.74 -28.75 1.82
C MET W 186 41.97 -27.66 2.84
N ARG W 187 41.86 -26.39 2.42
CA ARG W 187 42.00 -25.30 3.35
C ARG W 187 40.92 -25.34 4.41
N ASN W 188 39.75 -25.90 4.08
CA ASN W 188 38.73 -26.14 5.09
C ASN W 188 39.09 -27.34 5.95
N SER W 189 39.83 -28.29 5.38
CA SER W 189 40.26 -29.46 6.14
C SER W 189 41.16 -29.05 7.30
N GLU W 190 42.20 -28.29 7.01
CA GLU W 190 43.07 -27.79 8.07
C GLU W 190 42.29 -26.89 9.00
N SER W 191 41.89 -25.73 8.50
CA SER W 191 41.36 -24.64 9.31
C SER W 191 39.98 -24.26 8.82
N PRO W 192 39.20 -23.55 9.64
CA PRO W 192 37.82 -23.23 9.25
C PRO W 192 37.71 -22.08 8.26
N TYR W 193 37.79 -22.40 6.98
CA TYR W 193 37.80 -21.42 5.91
C TYR W 193 36.40 -21.10 5.42
N MET W 194 36.22 -19.85 4.97
CA MET W 194 35.01 -19.44 4.28
C MET W 194 35.36 -18.23 3.42
N PRO W 195 34.86 -18.13 2.19
CA PRO W 195 35.13 -16.93 1.38
C PRO W 195 34.44 -15.68 1.89
N ARG W 196 34.56 -14.61 1.11
CA ARG W 196 33.84 -13.38 1.38
C ARG W 196 32.45 -13.38 0.77
N TYR W 197 32.28 -14.03 -0.38
CA TYR W 197 30.97 -14.13 -1.03
C TYR W 197 29.95 -14.82 -0.15
N GLY W 198 30.39 -15.62 0.81
CA GLY W 198 29.49 -16.27 1.75
C GLY W 198 29.29 -15.44 2.99
N LEU W 199 30.40 -14.96 3.57
CA LEU W 199 30.31 -14.17 4.79
C LEU W 199 29.54 -12.88 4.57
N LEU W 200 29.51 -12.37 3.35
CA LEU W 200 28.67 -11.23 3.05
C LEU W 200 27.19 -11.60 3.06
N ARG W 201 26.86 -12.89 3.00
CA ARG W 201 25.49 -13.35 2.98
C ARG W 201 25.17 -14.33 4.12
N ASN W 202 26.10 -14.52 5.05
CA ASN W 202 25.83 -15.02 6.39
C ASN W 202 25.19 -16.41 6.36
N LEU W 203 25.97 -17.37 5.90
CA LEU W 203 25.60 -18.77 6.08
C LEU W 203 25.95 -19.22 7.49
N ARG W 204 25.10 -20.10 8.02
CA ARG W 204 25.34 -20.72 9.31
C ARG W 204 26.01 -22.07 9.18
N ASP W 205 25.75 -22.79 8.10
CA ASP W 205 26.36 -24.12 8.00
C ASP W 205 27.75 -23.99 7.44
N ARG W 206 28.72 -24.28 8.29
CA ARG W 206 30.12 -24.29 7.91
C ARG W 206 30.41 -25.27 6.79
N GLU W 207 29.53 -26.25 6.58
CA GLU W 207 29.81 -27.35 5.68
C GLU W 207 29.66 -26.97 4.21
N LEU W 208 28.79 -26.02 3.89
CA LEU W 208 28.49 -25.66 2.51
C LEU W 208 29.38 -24.53 1.98
N ALA W 209 30.61 -24.43 2.47
CA ALA W 209 31.56 -23.52 1.84
C ALA W 209 31.92 -23.99 0.44
N ARG W 210 31.76 -25.29 0.18
CA ARG W 210 32.06 -25.86 -1.13
C ARG W 210 31.29 -25.19 -2.26
N TYR W 211 30.12 -24.62 -1.97
CA TYR W 211 29.22 -24.11 -2.99
C TYR W 211 29.02 -22.61 -2.84
N ALA W 212 30.11 -21.88 -2.61
CA ALA W 212 30.07 -20.43 -2.45
C ALA W 212 31.08 -19.80 -3.41
N PHE W 213 30.58 -19.36 -4.55
CA PHE W 213 31.37 -18.64 -5.53
C PHE W 213 30.46 -17.67 -6.27
N ASP W 214 31.08 -16.71 -6.93
CA ASP W 214 30.43 -16.08 -8.08
C ASP W 214 30.32 -17.09 -9.21
N PHE W 215 31.46 -17.67 -9.59
CA PHE W 215 31.53 -18.63 -10.68
C PHE W 215 31.42 -20.04 -10.11
N TYR W 216 30.35 -20.72 -10.48
CA TYR W 216 30.19 -22.13 -10.15
C TYR W 216 29.17 -22.71 -11.10
N GLU W 217 29.53 -23.79 -11.77
CA GLU W 217 28.76 -24.32 -12.88
C GLU W 217 27.98 -25.54 -12.41
N VAL W 218 26.66 -25.42 -12.42
CA VAL W 218 25.80 -26.53 -12.05
C VAL W 218 26.02 -27.67 -13.03
N THR W 219 25.85 -28.89 -12.53
CA THR W 219 25.87 -30.09 -13.34
C THR W 219 24.74 -30.99 -12.87
N SER W 220 24.64 -32.15 -13.50
CA SER W 220 23.74 -33.18 -13.03
C SER W 220 24.31 -33.99 -11.87
N LYS W 221 25.49 -33.62 -11.36
CA LYS W 221 26.16 -34.39 -10.33
C LYS W 221 25.87 -33.90 -8.92
N THR W 222 25.44 -32.65 -8.76
CA THR W 222 25.34 -32.08 -7.43
C THR W 222 24.24 -32.78 -6.64
N PRO W 223 24.29 -32.70 -5.32
CA PRO W 223 23.18 -33.18 -4.50
C PRO W 223 22.03 -32.17 -4.47
N ASN W 224 20.92 -32.61 -3.90
CA ASN W 224 19.69 -31.84 -3.89
C ASN W 224 19.61 -30.87 -2.73
N ARG W 225 20.72 -30.63 -2.01
CA ARG W 225 20.74 -29.73 -0.87
C ARG W 225 21.33 -28.37 -1.24
N ALA W 226 22.55 -28.36 -1.76
CA ALA W 226 23.18 -27.10 -2.13
C ALA W 226 22.47 -26.44 -3.30
N ARG W 227 21.76 -27.23 -4.12
CA ARG W 227 21.05 -26.69 -5.26
C ARG W 227 19.99 -25.68 -4.83
N GLU W 228 19.45 -25.84 -3.62
CA GLU W 228 18.51 -24.86 -3.09
C GLU W 228 19.23 -23.60 -2.63
N ALA W 229 20.33 -23.77 -1.88
CA ALA W 229 20.98 -22.64 -1.24
C ALA W 229 21.55 -21.67 -2.27
N ILE W 230 22.06 -22.19 -3.40
CA ILE W 230 22.61 -21.34 -4.43
C ILE W 230 21.54 -20.39 -4.95
N ALA W 231 20.37 -20.94 -5.29
CA ALA W 231 19.31 -20.13 -5.87
C ALA W 231 18.82 -19.08 -4.89
N GLN W 232 18.86 -19.39 -3.58
CA GLN W 232 18.50 -18.39 -2.59
C GLN W 232 19.49 -17.23 -2.61
N MET W 233 20.77 -17.52 -2.80
CA MET W 233 21.76 -16.45 -2.87
C MET W 233 21.50 -15.57 -4.07
N LYS W 234 21.36 -16.18 -5.25
CA LYS W 234 21.19 -15.42 -6.49
C LYS W 234 19.96 -14.54 -6.44
N ALA W 235 18.91 -15.00 -5.76
CA ALA W 235 17.70 -14.20 -5.66
C ALA W 235 17.80 -13.15 -4.57
N ALA W 236 18.57 -13.43 -3.52
CA ALA W 236 18.70 -12.47 -2.43
C ALA W 236 19.54 -11.28 -2.83
N ALA W 237 20.51 -11.50 -3.71
CA ALA W 237 21.45 -10.46 -4.10
C ALA W 237 21.00 -9.66 -5.31
N LEU W 238 19.75 -9.82 -5.75
CA LEU W 238 19.21 -9.07 -6.87
C LEU W 238 17.78 -8.69 -6.55
N ALA W 239 17.56 -7.41 -6.27
CA ALA W 239 16.24 -6.89 -5.99
C ALA W 239 16.30 -5.38 -6.08
N GLY W 240 15.31 -4.80 -6.75
CA GLY W 240 15.27 -3.38 -6.99
C GLY W 240 16.00 -2.93 -8.23
N ILE W 241 16.92 -3.75 -8.76
CA ILE W 241 17.64 -3.40 -9.98
C ILE W 241 16.62 -3.38 -11.12
N ASN W 242 16.38 -2.19 -11.66
CA ASN W 242 15.47 -2.01 -12.79
C ASN W 242 16.31 -1.95 -14.06
N SER W 243 16.05 -2.87 -14.99
CA SER W 243 16.93 -3.07 -16.14
C SER W 243 17.03 -1.82 -17.01
N ARG W 244 15.92 -1.43 -17.64
CA ARG W 244 15.86 -0.17 -18.39
C ARG W 244 16.91 -0.15 -19.51
N LEU W 245 16.67 -0.98 -20.53
CA LEU W 245 17.68 -1.28 -21.53
C LEU W 245 18.23 -0.04 -22.23
N PHE W 246 17.52 1.07 -22.21
CA PHE W 246 18.03 2.32 -22.75
C PHE W 246 18.81 3.07 -21.68
N GLY W 247 19.80 3.83 -22.14
CA GLY W 247 20.60 4.67 -21.28
C GLY W 247 20.15 6.11 -21.38
N LEU W 248 20.85 6.90 -22.17
CA LEU W 248 20.36 8.22 -22.56
C LEU W 248 20.72 8.47 -24.02
N ASP W 249 19.84 9.23 -24.67
CA ASP W 249 20.06 9.64 -26.05
C ASP W 249 21.04 10.80 -26.12
N GLY W 250 21.83 10.84 -27.19
CA GLY W 250 22.76 11.93 -27.37
C GLY W 250 22.15 13.13 -28.04
N ASN W 251 21.15 12.92 -28.89
CA ASN W 251 20.53 14.03 -29.61
C ASN W 251 19.73 14.88 -28.66
N ILE W 252 20.16 16.13 -28.50
CA ILE W 252 19.43 17.14 -27.77
C ILE W 252 18.90 18.15 -28.78
N SER W 253 17.70 18.65 -28.53
CA SER W 253 17.20 19.85 -29.21
C SER W 253 16.34 20.59 -28.19
N THR W 254 16.98 21.46 -27.41
CA THR W 254 16.24 22.32 -26.50
C THR W 254 15.62 23.50 -27.24
N ASN W 255 16.24 23.93 -28.34
CA ASN W 255 15.73 25.02 -29.15
C ASN W 255 16.25 24.82 -30.57
N SER W 256 15.34 24.91 -31.54
CA SER W 256 15.70 24.68 -32.94
C SER W 256 16.74 25.70 -33.41
N GLU W 257 17.38 25.36 -34.52
CA GLU W 257 18.43 26.21 -35.08
C GLU W 257 17.81 27.45 -35.71
N ASN W 258 18.47 28.60 -35.51
CA ASN W 258 17.87 29.88 -35.83
C ASN W 258 17.85 30.15 -37.33
N THR W 259 19.03 30.24 -37.94
CA THR W 259 19.17 30.54 -39.37
C THR W 259 18.53 31.89 -39.73
N GLU W 260 19.06 32.95 -39.12
CA GLU W 260 18.69 34.31 -39.49
C GLU W 260 19.91 35.21 -39.36
N ARG W 261 19.78 36.44 -39.84
CA ARG W 261 20.89 37.35 -40.06
C ARG W 261 20.83 38.54 -39.11
N HIS W 262 21.78 39.45 -39.31
CA HIS W 262 21.80 40.73 -38.61
C HIS W 262 22.42 41.77 -39.55
N THR W 263 21.89 42.99 -39.47
CA THR W 263 22.47 44.13 -40.18
C THR W 263 22.47 45.33 -39.24
N ALA W 264 23.00 46.44 -39.72
CA ALA W 264 23.03 47.67 -38.95
C ALA W 264 21.65 48.33 -38.93
N PRO Y 58 49.53 -47.36 1.82
CA PRO Y 58 49.75 -46.54 0.62
C PRO Y 58 49.22 -45.13 0.77
N ARG Y 59 49.94 -44.16 0.20
CA ARG Y 59 49.63 -42.74 0.39
C ARG Y 59 49.77 -42.01 -0.94
N LEU Y 60 49.12 -40.85 -1.00
CA LEU Y 60 49.17 -39.99 -2.17
C LEU Y 60 48.81 -38.58 -1.74
N GLN Y 61 48.75 -37.68 -2.72
CA GLN Y 61 48.46 -36.28 -2.51
C GLN Y 61 47.08 -35.91 -3.01
N LYS Y 62 46.57 -34.79 -2.51
CA LYS Y 62 45.16 -34.42 -2.74
C LYS Y 62 44.89 -34.21 -4.22
N ILE Y 63 45.53 -33.21 -4.82
CA ILE Y 63 45.40 -33.00 -6.26
C ILE Y 63 46.18 -34.08 -7.00
N THR Y 64 45.69 -34.44 -8.18
CA THR Y 64 46.38 -35.34 -9.07
C THR Y 64 46.34 -34.79 -10.48
N LYS Y 65 47.39 -35.10 -11.26
CA LYS Y 65 47.47 -34.63 -12.64
C LYS Y 65 46.29 -35.10 -13.47
N LYS Y 66 45.73 -36.26 -13.14
CA LYS Y 66 44.63 -36.82 -13.91
C LYS Y 66 43.29 -36.17 -13.62
N MET Y 67 43.23 -35.22 -12.68
CA MET Y 67 42.02 -34.44 -12.49
C MET Y 67 41.73 -33.65 -13.75
N ASN Y 68 40.44 -33.36 -13.98
CA ASN Y 68 40.06 -32.55 -15.12
C ASN Y 68 40.48 -31.09 -14.89
N LEU Y 69 41.06 -30.48 -15.92
CA LEU Y 69 41.77 -29.22 -15.78
C LEU Y 69 41.72 -28.49 -17.11
N PRO Y 70 42.19 -27.25 -17.17
CA PRO Y 70 42.19 -26.52 -18.45
C PRO Y 70 43.12 -27.13 -19.50
N THR Y 71 42.73 -26.98 -20.76
CA THR Y 71 43.36 -27.66 -21.89
C THR Y 71 43.53 -26.73 -23.10
N VAL Y 72 44.19 -25.58 -22.91
CA VAL Y 72 44.52 -24.70 -24.05
C VAL Y 72 45.22 -25.50 -25.13
N GLY Y 73 46.39 -26.02 -24.81
CA GLY Y 73 47.07 -26.95 -25.68
C GLY Y 73 46.70 -28.38 -25.31
N GLY Y 74 46.79 -29.26 -26.30
CA GLY Y 74 46.56 -30.67 -26.03
C GLY Y 74 47.51 -31.23 -25.00
N LYS Y 75 48.72 -30.68 -24.92
CA LYS Y 75 49.74 -31.15 -23.98
C LYS Y 75 49.81 -30.27 -22.73
N ILE Y 76 50.08 -28.99 -22.90
CA ILE Y 76 50.51 -28.15 -21.78
C ILE Y 76 49.31 -27.79 -20.91
N ILE Y 77 49.53 -27.83 -19.60
CA ILE Y 77 48.54 -27.48 -18.60
C ILE Y 77 48.94 -26.13 -18.01
N LEU Y 78 47.94 -25.37 -17.58
CA LEU Y 78 48.15 -24.00 -17.15
C LEU Y 78 48.39 -23.92 -15.65
N SER Y 79 47.51 -24.51 -14.86
CA SER Y 79 47.66 -24.52 -13.42
C SER Y 79 48.75 -25.52 -13.01
N LEU Y 80 49.98 -25.03 -12.83
CA LEU Y 80 51.08 -25.89 -12.43
C LEU Y 80 50.84 -26.45 -11.03
N ASP Y 81 50.99 -27.77 -10.89
CA ASP Y 81 50.71 -28.45 -9.63
C ASP Y 81 51.86 -28.23 -8.66
N HIS Y 82 51.90 -27.02 -8.10
CA HIS Y 82 52.76 -26.69 -6.96
C HIS Y 82 51.95 -25.96 -5.90
N LEU Y 83 50.65 -26.24 -5.84
CA LEU Y 83 49.74 -25.56 -4.93
C LEU Y 83 49.70 -26.20 -3.56
N LEU Y 84 50.29 -27.38 -3.41
CA LEU Y 84 50.26 -28.10 -2.14
C LEU Y 84 50.92 -27.31 -1.02
N GLU Y 85 51.84 -26.40 -1.36
CA GLU Y 85 52.39 -25.42 -0.41
C GLU Y 85 52.13 -24.05 -1.03
N TYR Y 86 50.90 -23.57 -0.86
CA TYR Y 86 50.55 -22.18 -1.14
C TYR Y 86 49.42 -21.83 -0.18
N LYS Y 87 49.80 -21.29 0.97
CA LYS Y 87 48.87 -21.07 2.09
C LYS Y 87 49.07 -19.67 2.64
N PRO Y 88 48.74 -18.64 1.86
CA PRO Y 88 48.78 -17.29 2.39
C PRO Y 88 47.69 -17.07 3.43
N ASN Y 89 48.00 -16.24 4.42
CA ASN Y 89 46.99 -15.83 5.36
C ASN Y 89 45.87 -15.12 4.62
N GLN Y 90 44.64 -15.54 4.87
CA GLN Y 90 43.52 -15.18 4.01
C GLN Y 90 43.28 -13.69 4.02
N VAL Y 91 43.29 -13.08 5.21
CA VAL Y 91 42.84 -11.72 5.38
C VAL Y 91 43.74 -10.73 4.65
N ASP Y 92 44.98 -11.11 4.34
CA ASP Y 92 45.90 -10.22 3.68
C ASP Y 92 45.55 -9.99 2.21
N LEU Y 93 44.57 -10.71 1.67
CA LEU Y 93 44.30 -10.76 0.25
C LEU Y 93 43.07 -9.98 -0.18
N PHE Y 94 42.26 -9.50 0.75
CA PHE Y 94 41.01 -8.83 0.40
C PHE Y 94 41.27 -7.50 -0.30
N ASN Y 95 40.19 -6.92 -0.79
CA ASN Y 95 40.16 -5.57 -1.33
C ASN Y 95 39.75 -4.53 -0.30
N THR Y 96 38.96 -4.93 0.70
CA THR Y 96 38.47 -3.98 1.70
C THR Y 96 39.56 -3.46 2.62
N ARG Y 97 40.74 -4.08 2.62
CA ARG Y 97 41.89 -3.54 3.32
C ARG Y 97 42.77 -2.79 2.33
N ALA Y 98 43.47 -1.78 2.84
CA ALA Y 98 44.44 -1.06 2.05
C ALA Y 98 45.63 -1.96 1.73
N THR Y 99 46.58 -1.40 1.00
CA THR Y 99 47.80 -2.12 0.68
C THR Y 99 48.83 -1.97 1.79
N LYS Y 100 49.89 -2.78 1.72
CA LYS Y 100 51.04 -2.58 2.59
C LYS Y 100 51.70 -1.24 2.32
N THR Y 101 51.64 -0.77 1.08
CA THR Y 101 52.28 0.48 0.70
C THR Y 101 51.59 1.67 1.36
N GLN Y 102 50.28 1.78 1.17
CA GLN Y 102 49.55 2.96 1.61
C GLN Y 102 49.61 3.10 3.13
N PHE Y 103 49.57 1.99 3.84
CA PHE Y 103 49.73 2.02 5.30
C PHE Y 103 51.09 2.59 5.67
N GLU Y 104 52.11 2.24 4.90
CA GLU Y 104 53.46 2.73 5.20
C GLU Y 104 53.54 4.23 4.98
N SER Y 105 53.12 4.70 3.80
CA SER Y 105 53.23 6.12 3.51
C SER Y 105 52.39 6.96 4.44
N TRP Y 106 51.23 6.45 4.85
CA TRP Y 106 50.41 7.14 5.85
C TRP Y 106 51.20 7.32 7.14
N TYR Y 107 51.95 6.31 7.54
CA TYR Y 107 52.73 6.39 8.76
C TYR Y 107 53.92 7.33 8.60
N SER Y 108 54.44 7.47 7.37
CA SER Y 108 55.58 8.35 7.16
C SER Y 108 55.14 9.80 6.95
N ALA Y 109 54.08 10.00 6.16
CA ALA Y 109 53.64 11.36 5.86
C ALA Y 109 53.11 12.06 7.09
N VAL Y 110 52.50 11.31 8.01
CA VAL Y 110 51.95 11.92 9.21
C VAL Y 110 53.06 12.47 10.10
N LYS Y 111 54.19 11.76 10.17
CA LYS Y 111 55.24 12.10 11.11
C LYS Y 111 55.84 13.47 10.81
N VAL Y 112 55.90 13.85 9.54
CA VAL Y 112 56.48 15.13 9.17
C VAL Y 112 55.58 16.27 9.64
N GLU Y 113 54.26 16.13 9.44
CA GLU Y 113 53.35 17.22 9.70
C GLU Y 113 53.09 17.45 11.18
N TYR Y 114 53.37 16.47 12.03
CA TYR Y 114 53.51 16.73 13.46
C TYR Y 114 54.95 17.08 13.83
N ASP Y 115 55.92 16.69 13.00
CA ASP Y 115 57.32 17.08 13.17
C ASP Y 115 57.87 16.54 14.50
N LEU Y 116 57.71 15.24 14.70
CA LEU Y 116 58.21 14.56 15.89
C LEU Y 116 59.54 13.87 15.62
N ASN Y 117 59.59 12.98 14.63
CA ASN Y 117 60.79 12.22 14.30
C ASN Y 117 61.31 11.47 15.52
N ASP Y 118 60.39 10.86 16.26
CA ASP Y 118 60.74 10.20 17.52
C ASP Y 118 59.68 9.14 17.79
N GLU Y 119 60.03 8.21 18.68
CA GLU Y 119 59.18 7.06 18.98
C GLU Y 119 58.05 7.39 19.95
N GLN Y 120 57.74 8.67 20.16
CA GLN Y 120 56.47 9.03 20.78
C GLN Y 120 55.28 8.70 19.87
N MET Y 121 55.54 8.42 18.59
CA MET Y 121 54.48 8.13 17.63
C MET Y 121 53.63 6.96 18.08
N GLY Y 122 54.23 5.98 18.76
CA GLY Y 122 53.47 4.85 19.26
C GLY Y 122 52.38 5.27 20.22
N VAL Y 123 52.65 6.30 21.04
CA VAL Y 123 51.64 6.81 21.96
C VAL Y 123 50.55 7.53 21.18
N ILE Y 124 50.94 8.37 20.22
CA ILE Y 124 49.97 9.18 19.49
C ILE Y 124 49.04 8.28 18.69
N MET Y 125 49.61 7.28 18.01
CA MET Y 125 48.80 6.30 17.31
C MET Y 125 47.82 5.64 18.26
N ASN Y 126 48.31 5.22 19.42
CA ASN Y 126 47.45 4.59 20.41
C ASN Y 126 46.41 5.56 20.94
N GLY Y 127 46.79 6.81 21.14
CA GLY Y 127 45.84 7.82 21.55
C GLY Y 127 44.77 8.12 20.53
N PHE Y 128 44.95 7.67 19.29
CA PHE Y 128 43.95 7.90 18.25
C PHE Y 128 42.90 6.80 18.25
N MET Y 129 43.31 5.55 18.45
CA MET Y 129 42.40 4.44 18.20
C MET Y 129 41.27 4.41 19.23
N VAL Y 130 41.57 4.73 20.48
CA VAL Y 130 40.52 4.73 21.50
C VAL Y 130 39.49 5.80 21.17
N TRP Y 131 39.95 6.99 20.79
CA TRP Y 131 39.02 8.01 20.33
C TRP Y 131 38.31 7.57 19.05
N CYS Y 132 39.00 6.81 18.21
CA CYS Y 132 38.40 6.31 16.99
C CYS Y 132 37.27 5.33 17.28
N ILE Y 133 37.29 4.70 18.45
CA ILE Y 133 36.15 3.89 18.87
C ILE Y 133 34.99 4.79 19.24
N ASP Y 134 35.20 5.61 20.27
CA ASP Y 134 34.11 6.27 20.98
C ASP Y 134 33.43 7.36 20.19
N ASN Y 135 33.85 7.62 18.96
CA ASN Y 135 33.08 8.46 18.05
C ASN Y 135 33.22 7.89 16.66
N GLY Y 136 32.34 8.38 15.78
CA GLY Y 136 32.26 7.83 14.46
C GLY Y 136 33.52 8.07 13.65
N THR Y 137 33.60 7.35 12.54
CA THR Y 137 34.68 7.51 11.56
C THR Y 137 34.05 7.79 10.21
N SER Y 138 34.17 9.02 9.75
CA SER Y 138 33.66 9.41 8.45
C SER Y 138 34.43 10.65 8.00
N PRO Y 139 34.52 10.90 6.70
CA PRO Y 139 35.25 12.08 6.25
C PRO Y 139 34.68 13.39 6.75
N ASP Y 140 33.41 13.42 7.16
CA ASP Y 140 32.77 14.66 7.62
C ASP Y 140 32.96 14.85 9.12
N VAL Y 141 34.23 14.84 9.54
CA VAL Y 141 34.61 15.23 10.89
C VAL Y 141 35.38 16.54 10.79
N ASN Y 142 35.19 17.38 11.81
CA ASN Y 142 35.97 18.59 11.95
C ASN Y 142 36.18 18.84 13.43
N GLY Y 143 36.97 19.86 13.71
CA GLY Y 143 37.31 20.20 15.09
C GLY Y 143 38.63 19.59 15.48
N VAL Y 144 38.63 18.88 16.60
CA VAL Y 144 39.86 18.37 17.22
C VAL Y 144 39.60 16.97 17.75
N TRP Y 145 40.66 16.37 18.29
CA TRP Y 145 40.56 15.14 19.04
C TRP Y 145 41.55 15.20 20.19
N VAL Y 146 41.48 14.20 21.06
CA VAL Y 146 42.15 14.32 22.35
C VAL Y 146 42.39 12.94 22.94
N MET Y 147 43.54 12.81 23.59
CA MET Y 147 43.78 11.82 24.63
C MET Y 147 44.12 12.58 25.92
N MET Y 148 44.04 11.88 27.04
CA MET Y 148 44.28 12.48 28.34
C MET Y 148 45.37 11.73 29.10
N ASP Y 149 46.00 12.44 30.02
CA ASP Y 149 47.00 11.89 30.92
C ASP Y 149 46.82 12.54 32.27
N GLY Y 150 46.68 11.75 33.32
CA GLY Y 150 46.39 12.31 34.63
C GLY Y 150 44.96 12.79 34.71
N GLU Y 151 44.76 14.11 34.66
CA GLU Y 151 43.44 14.70 34.70
C GLU Y 151 43.19 15.78 33.65
N GLU Y 152 44.20 16.20 32.89
CA GLU Y 152 44.03 17.26 31.92
C GLU Y 152 43.56 16.69 30.58
N GLN Y 153 43.45 17.58 29.59
CA GLN Y 153 42.76 17.31 28.32
C GLN Y 153 43.63 17.79 27.16
N VAL Y 154 44.87 17.30 27.12
CA VAL Y 154 45.84 17.68 26.09
C VAL Y 154 45.32 17.28 24.71
N GLU Y 155 45.00 18.29 23.90
CA GLU Y 155 44.34 18.09 22.62
C GLU Y 155 45.33 18.18 21.46
N TYR Y 156 44.81 18.00 20.24
CA TYR Y 156 45.60 17.96 19.04
C TYR Y 156 44.72 18.41 17.88
N PRO Y 157 45.29 18.64 16.71
CA PRO Y 157 44.48 18.88 15.51
C PRO Y 157 44.02 17.58 14.88
N LEU Y 158 43.19 17.72 13.84
CA LEU Y 158 42.40 16.62 13.31
C LEU Y 158 42.55 16.46 11.80
N LYS Y 159 42.83 17.54 11.10
CA LYS Y 159 42.83 17.53 9.65
C LYS Y 159 43.85 16.56 9.03
N PRO Y 160 45.15 16.67 9.32
CA PRO Y 160 46.13 15.97 8.48
C PRO Y 160 46.04 14.46 8.50
N ILE Y 161 45.47 13.86 9.55
CA ILE Y 161 45.25 12.42 9.53
C ILE Y 161 44.29 12.06 8.42
N VAL Y 162 43.23 12.85 8.25
CA VAL Y 162 42.19 12.53 7.28
C VAL Y 162 42.70 12.81 5.87
N GLU Y 163 43.06 14.06 5.60
CA GLU Y 163 43.31 14.48 4.23
C GLU Y 163 44.52 13.78 3.62
N ASN Y 164 45.51 13.42 4.43
CA ASN Y 164 46.61 12.57 3.95
C ASN Y 164 46.32 11.10 4.21
N ALA Y 165 45.12 10.68 3.84
CA ALA Y 165 44.72 9.26 3.85
C ALA Y 165 44.33 8.92 2.42
N LYS Y 166 45.09 8.03 1.80
CA LYS Y 166 45.06 7.97 0.33
C LYS Y 166 43.73 7.42 -0.16
N PRO Y 167 43.32 6.18 0.15
CA PRO Y 167 41.89 5.88 0.13
C PRO Y 167 41.24 6.41 1.40
N THR Y 168 39.96 6.11 1.62
CA THR Y 168 39.26 6.67 2.77
C THR Y 168 39.85 6.14 4.07
N LEU Y 169 39.28 6.61 5.18
CA LEU Y 169 39.87 6.36 6.48
C LEU Y 169 39.67 4.91 6.90
N ARG Y 170 38.41 4.46 6.95
CA ARG Y 170 38.13 3.10 7.39
C ARG Y 170 38.83 2.08 6.50
N GLN Y 171 38.94 2.37 5.21
CA GLN Y 171 39.67 1.55 4.27
C GLN Y 171 41.12 1.33 4.69
N ILE Y 172 41.67 2.20 5.54
CA ILE Y 172 42.96 1.97 6.20
C ILE Y 172 42.77 1.22 7.51
N MET Y 173 41.78 1.63 8.31
CA MET Y 173 41.73 1.25 9.71
C MET Y 173 41.14 -0.14 9.95
N HIS Y 174 40.91 -0.94 8.90
CA HIS Y 174 40.55 -2.33 9.15
C HIS Y 174 41.70 -3.15 9.68
N HIS Y 175 42.94 -2.63 9.64
CA HIS Y 175 44.06 -3.35 10.22
C HIS Y 175 43.86 -3.59 11.70
N PHE Y 176 43.43 -2.55 12.40
CA PHE Y 176 43.16 -2.66 13.83
C PHE Y 176 41.89 -3.45 14.07
N SER Y 177 42.03 -4.76 14.26
CA SER Y 177 40.91 -5.63 14.59
C SER Y 177 41.10 -6.30 15.94
N ASP Y 178 42.25 -6.95 16.14
CA ASP Y 178 42.48 -7.69 17.37
C ASP Y 178 42.97 -6.78 18.50
N ALA Y 179 43.59 -5.65 18.15
CA ALA Y 179 44.08 -4.74 19.16
C ALA Y 179 42.94 -4.20 20.01
N ALA Y 180 42.03 -3.46 19.37
CA ALA Y 180 40.90 -2.89 20.08
C ALA Y 180 40.03 -3.99 20.68
N GLU Y 181 39.98 -5.15 20.05
CA GLU Y 181 39.24 -6.29 20.60
C GLU Y 181 39.72 -6.63 22.00
N ALA Y 182 41.02 -6.92 22.13
CA ALA Y 182 41.56 -7.25 23.45
C ALA Y 182 41.43 -6.08 24.41
N TYR Y 183 41.48 -4.86 23.88
CA TYR Y 183 41.39 -3.68 24.73
C TYR Y 183 40.05 -3.64 25.46
N ILE Y 184 38.95 -3.70 24.71
CA ILE Y 184 37.65 -3.64 25.36
C ILE Y 184 37.35 -4.93 26.11
N GLU Y 185 38.06 -6.02 25.79
CA GLU Y 185 37.87 -7.26 26.52
C GLU Y 185 38.27 -7.08 27.99
N MET Y 186 39.47 -6.56 28.23
CA MET Y 186 39.93 -6.45 29.61
C MET Y 186 39.18 -5.35 30.35
N ARG Y 187 38.95 -4.22 29.70
CA ARG Y 187 38.18 -3.16 30.33
C ARG Y 187 36.76 -3.61 30.63
N ASN Y 188 36.23 -4.56 29.84
CA ASN Y 188 34.96 -5.19 30.19
C ASN Y 188 35.13 -6.19 31.32
N SER Y 189 36.32 -6.78 31.44
CA SER Y 189 36.57 -7.72 32.52
C SER Y 189 36.47 -7.03 33.87
N GLU Y 190 37.20 -5.92 34.04
CA GLU Y 190 37.09 -5.17 35.27
C GLU Y 190 35.68 -4.62 35.44
N SER Y 191 35.31 -3.68 34.60
CA SER Y 191 34.10 -2.89 34.76
C SER Y 191 33.21 -3.03 33.54
N PRO Y 192 31.92 -2.68 33.66
CA PRO Y 192 30.99 -2.89 32.54
C PRO Y 192 31.12 -1.85 31.44
N TYR Y 193 32.00 -2.09 30.49
CA TYR Y 193 32.31 -1.15 29.43
C TYR Y 193 31.43 -1.37 28.21
N MET Y 194 31.15 -0.27 27.50
CA MET Y 194 30.49 -0.32 26.20
C MET Y 194 30.87 0.94 25.45
N PRO Y 195 31.16 0.86 24.14
CA PRO Y 195 31.45 2.08 23.39
C PRO Y 195 30.24 2.99 23.19
N ARG Y 196 30.44 4.04 22.40
CA ARG Y 196 29.35 4.91 21.99
C ARG Y 196 28.65 4.40 20.75
N TYR Y 197 29.37 3.76 19.84
CA TYR Y 197 28.78 3.19 18.64
C TYR Y 197 27.71 2.16 18.94
N GLY Y 198 27.75 1.56 20.13
CA GLY Y 198 26.74 0.62 20.55
C GLY Y 198 25.61 1.29 21.31
N LEU Y 199 25.98 2.13 22.28
CA LEU Y 199 24.98 2.82 23.07
C LEU Y 199 24.10 3.73 22.23
N LEU Y 200 24.62 4.21 21.11
CA LEU Y 200 23.79 4.96 20.19
C LEU Y 200 22.78 4.09 19.49
N ARG Y 201 22.96 2.76 19.51
CA ARG Y 201 22.07 1.82 18.85
C ARG Y 201 21.50 0.77 19.81
N ASN Y 202 21.74 0.93 21.11
CA ASN Y 202 20.92 0.34 22.17
C ASN Y 202 20.88 -1.18 22.09
N LEU Y 203 22.04 -1.78 22.31
CA LEU Y 203 22.11 -3.22 22.54
C LEU Y 203 21.70 -3.54 23.97
N ARG Y 204 21.03 -4.66 24.13
CA ARG Y 204 20.68 -5.18 25.44
C ARG Y 204 21.69 -6.19 25.97
N ASP Y 205 22.33 -6.93 25.08
CA ASP Y 205 23.27 -7.94 25.59
C ASP Y 205 24.61 -7.30 25.83
N ARG Y 206 24.94 -7.23 27.11
CA ARG Y 206 26.23 -6.70 27.55
C ARG Y 206 27.40 -7.49 26.98
N GLU Y 207 27.16 -8.72 26.52
CA GLU Y 207 28.23 -9.63 26.15
C GLU Y 207 28.82 -9.31 24.78
N LEU Y 208 28.04 -8.73 23.88
CA LEU Y 208 28.49 -8.49 22.51
C LEU Y 208 29.11 -7.10 22.32
N ALA Y 209 29.74 -6.56 23.36
CA ALA Y 209 30.53 -5.35 23.16
C ALA Y 209 31.75 -5.64 22.30
N ARG Y 210 32.18 -6.91 22.25
CA ARG Y 210 33.33 -7.30 21.45
C ARG Y 210 33.19 -6.94 19.98
N TYR Y 211 31.95 -6.85 19.49
CA TYR Y 211 31.67 -6.69 18.06
C TYR Y 211 30.97 -5.37 17.78
N ALA Y 212 31.44 -4.30 18.40
CA ALA Y 212 30.87 -2.97 18.24
C ALA Y 212 31.98 -2.00 17.85
N PHE Y 213 32.10 -1.75 16.57
CA PHE Y 213 33.04 -0.77 16.04
C PHE Y 213 32.47 -0.20 14.75
N ASP Y 214 33.01 0.94 14.35
CA ASP Y 214 32.97 1.29 12.93
C ASP Y 214 33.85 0.33 12.14
N PHE Y 215 35.11 0.22 12.56
CA PHE Y 215 36.09 -0.61 11.88
C PHE Y 215 36.12 -1.98 12.57
N TYR Y 216 35.73 -3.01 11.83
CA TYR Y 216 35.87 -4.38 12.29
C TYR Y 216 35.81 -5.28 11.08
N GLU Y 217 36.80 -6.14 10.94
CA GLU Y 217 37.01 -6.91 9.72
C GLU Y 217 36.55 -8.32 9.94
N VAL Y 218 35.50 -8.71 9.21
CA VAL Y 218 34.99 -10.06 9.27
C VAL Y 218 36.06 -11.03 8.80
N THR Y 219 36.03 -12.23 9.38
CA THR Y 219 36.88 -13.32 8.95
C THR Y 219 36.04 -14.58 8.91
N SER Y 220 36.69 -15.69 8.57
CA SER Y 220 36.05 -16.99 8.68
C SER Y 220 36.09 -17.55 10.10
N LYS Y 221 36.58 -16.78 11.07
CA LYS Y 221 36.75 -17.26 12.43
C LYS Y 221 35.56 -16.93 13.34
N THR Y 222 34.76 -15.93 13.00
CA THR Y 222 33.75 -15.46 13.92
C THR Y 222 32.68 -16.54 14.12
N PRO Y 223 31.94 -16.46 15.23
CA PRO Y 223 30.78 -17.34 15.39
C PRO Y 223 29.58 -16.82 14.61
N ASN Y 224 28.55 -17.65 14.58
CA ASN Y 224 27.36 -17.39 13.78
C ASN Y 224 26.34 -16.52 14.50
N ARG Y 225 26.70 -15.92 15.63
CA ARG Y 225 25.79 -15.08 16.40
C ARG Y 225 26.01 -13.61 16.14
N ALA Y 226 27.24 -13.12 16.36
CA ALA Y 226 27.54 -11.71 16.15
C ALA Y 226 27.46 -11.35 14.67
N ARG Y 227 27.63 -12.33 13.79
CA ARG Y 227 27.56 -12.07 12.35
C ARG Y 227 26.20 -11.53 11.95
N GLU Y 228 25.15 -11.90 12.69
CA GLU Y 228 23.83 -11.35 12.42
C GLU Y 228 23.72 -9.92 12.95
N ALA Y 229 24.17 -9.69 14.18
CA ALA Y 229 23.96 -8.41 14.82
C ALA Y 229 24.68 -7.28 14.09
N ILE Y 230 25.86 -7.57 13.53
CA ILE Y 230 26.60 -6.54 12.80
C ILE Y 230 25.78 -6.06 11.62
N ALA Y 231 25.26 -7.00 10.83
CA ALA Y 231 24.53 -6.61 9.63
C ALA Y 231 23.27 -5.85 9.97
N GLN Y 232 22.67 -6.14 11.12
CA GLN Y 232 21.50 -5.36 11.55
C GLN Y 232 21.91 -3.92 11.83
N MET Y 233 23.08 -3.70 12.41
CA MET Y 233 23.54 -2.34 12.67
C MET Y 233 23.75 -1.60 11.37
N LYS Y 234 24.49 -2.21 10.45
CA LYS Y 234 24.84 -1.55 9.19
C LYS Y 234 23.60 -1.18 8.40
N ALA Y 235 22.56 -2.00 8.49
CA ALA Y 235 21.32 -1.71 7.77
C ALA Y 235 20.45 -0.72 8.52
N ALA Y 236 20.53 -0.71 9.84
CA ALA Y 236 19.70 0.21 10.61
C ALA Y 236 20.21 1.63 10.50
N ALA Y 237 21.51 1.81 10.33
CA ALA Y 237 22.12 3.12 10.30
C ALA Y 237 22.21 3.71 8.90
N LEU Y 238 21.56 3.11 7.92
CA LEU Y 238 21.56 3.63 6.56
C LEU Y 238 20.16 3.45 5.98
N ALA Y 239 19.44 4.56 5.85
CA ALA Y 239 18.12 4.54 5.27
C ALA Y 239 17.73 5.97 4.93
N GLY Y 240 17.18 6.14 3.73
CA GLY Y 240 16.85 7.46 3.24
C GLY Y 240 17.97 8.17 2.51
N ILE Y 241 19.21 7.75 2.73
CA ILE Y 241 20.34 8.36 2.04
C ILE Y 241 20.22 8.02 0.56
N ASN Y 242 19.97 9.04 -0.26
CA ASN Y 242 19.87 8.89 -1.70
C ASN Y 242 21.20 9.28 -2.31
N SER Y 243 21.83 8.35 -3.03
CA SER Y 243 23.21 8.51 -3.46
C SER Y 243 23.39 9.71 -4.38
N ARG Y 244 22.78 9.68 -5.56
CA ARG Y 244 22.77 10.83 -6.47
C ARG Y 244 24.19 11.26 -6.84
N LEU Y 245 24.84 10.42 -7.64
CA LEU Y 245 26.28 10.54 -7.86
C LEU Y 245 26.71 11.90 -8.39
N PHE Y 246 25.80 12.67 -8.99
CA PHE Y 246 26.11 14.03 -9.39
C PHE Y 246 25.85 15.00 -8.25
N GLY Y 247 26.64 16.07 -8.24
CA GLY Y 247 26.49 17.14 -7.28
C GLY Y 247 25.75 18.30 -7.89
N LEU Y 248 26.48 19.32 -8.33
CA LEU Y 248 25.93 20.36 -9.17
C LEU Y 248 26.94 20.76 -10.23
N ASP Y 249 26.42 21.15 -11.38
CA ASP Y 249 27.24 21.63 -12.48
C ASP Y 249 27.66 23.07 -12.24
N GLY Y 250 28.86 23.42 -12.71
CA GLY Y 250 29.33 24.77 -12.58
C GLY Y 250 28.86 25.68 -13.70
N ASN Y 251 28.65 25.13 -14.89
CA ASN Y 251 28.25 25.93 -16.03
C ASN Y 251 26.82 26.42 -15.84
N ILE Y 252 26.67 27.73 -15.73
CA ILE Y 252 25.38 28.39 -15.72
C ILE Y 252 25.23 29.14 -17.02
N SER Y 253 24.02 29.16 -17.56
CA SER Y 253 23.65 30.11 -18.62
C SER Y 253 22.19 30.45 -18.39
N THR Y 254 21.96 31.49 -17.58
CA THR Y 254 20.61 32.00 -17.40
C THR Y 254 20.19 32.88 -18.58
N ASN Y 255 21.15 33.52 -19.24
CA ASN Y 255 20.88 34.36 -20.39
C ASN Y 255 22.14 34.39 -21.24
N SER Y 256 21.98 34.16 -22.54
CA SER Y 256 23.12 34.09 -23.44
C SER Y 256 23.86 35.42 -23.48
N GLU Y 257 25.08 35.37 -23.99
CA GLU Y 257 25.92 36.55 -24.06
C GLU Y 257 25.44 37.49 -25.17
N ASN Y 258 25.46 38.80 -24.86
CA ASN Y 258 24.77 39.78 -25.71
C ASN Y 258 25.54 40.04 -27.00
N THR Y 259 26.75 40.58 -26.90
CA THR Y 259 27.58 40.92 -28.05
C THR Y 259 26.86 41.94 -28.96
N GLU Y 260 26.60 43.11 -28.39
CA GLU Y 260 26.10 44.25 -29.16
C GLU Y 260 26.68 45.53 -28.57
N ARG Y 261 26.45 46.63 -29.29
CA ARG Y 261 27.14 47.89 -29.06
C ARG Y 261 26.18 48.97 -28.55
N HIS Y 262 26.73 50.17 -28.37
CA HIS Y 262 25.96 51.36 -28.05
C HIS Y 262 26.63 52.56 -28.71
N THR Y 263 25.80 53.50 -29.16
CA THR Y 263 26.29 54.78 -29.65
C THR Y 263 25.38 55.88 -29.11
N ALA Y 264 25.70 57.11 -29.45
CA ALA Y 264 24.90 58.26 -29.05
C ALA Y 264 23.64 58.35 -29.89
N PRO AA 58 51.69 -20.84 37.44
CA PRO AA 58 52.28 -19.98 36.42
C PRO AA 58 51.35 -18.86 35.98
N ARG AA 59 51.92 -17.69 35.70
CA ARG AA 59 51.14 -16.49 35.42
C ARG AA 59 51.76 -15.74 34.24
N LEU AA 60 50.94 -14.90 33.62
CA LEU AA 60 51.37 -14.06 32.52
C LEU AA 60 50.42 -12.89 32.39
N GLN AA 61 50.64 -12.07 31.38
CA GLN AA 61 49.87 -10.87 31.13
C GLN AA 61 48.98 -11.04 29.89
N LYS AA 62 47.95 -10.20 29.81
CA LYS AA 62 46.91 -10.36 28.81
C LYS AA 62 47.47 -10.25 27.40
N ILE AA 63 47.98 -9.07 27.04
CA ILE AA 63 48.63 -8.90 25.75
C ILE AA 63 49.99 -9.61 25.77
N THR AA 64 50.40 -10.10 24.61
CA THR AA 64 51.72 -10.68 24.43
C THR AA 64 52.31 -10.14 23.14
N LYS AA 65 53.64 -10.03 23.11
CA LYS AA 65 54.34 -9.54 21.93
C LYS AA 65 54.07 -10.41 20.70
N LYS AA 66 53.82 -11.70 20.91
CA LYS AA 66 53.60 -12.62 19.81
C LYS AA 66 52.20 -12.51 19.20
N MET AA 67 51.33 -11.67 19.76
CA MET AA 67 50.06 -11.39 19.11
C MET AA 67 50.30 -10.74 17.75
N ASN AA 68 49.37 -10.95 16.83
CA ASN AA 68 49.47 -10.31 15.53
C ASN AA 68 49.20 -8.82 15.66
N LEU AA 69 50.03 -8.02 14.99
CA LEU AA 69 50.10 -6.59 15.24
C LEU AA 69 50.59 -5.91 13.97
N PRO AA 70 50.59 -4.57 13.93
CA PRO AA 70 51.09 -3.88 12.73
C PRO AA 70 52.58 -4.08 12.49
N THR AA 71 52.95 -4.06 11.21
CA THR AA 71 54.29 -4.44 10.75
C THR AA 71 54.82 -3.50 9.65
N VAL AA 72 54.85 -2.19 9.93
CA VAL AA 72 55.46 -1.24 9.00
C VAL AA 72 56.88 -1.69 8.64
N GLY AA 73 57.75 -1.75 9.64
CA GLY AA 73 59.05 -2.36 9.48
C GLY AA 73 59.01 -3.82 9.86
N GLY AA 74 59.91 -4.59 9.26
CA GLY AA 74 60.02 -5.99 9.64
C GLY AA 74 60.34 -6.18 11.10
N LYS AA 75 61.04 -5.22 11.71
CA LYS AA 75 61.43 -5.29 13.11
C LYS AA 75 60.50 -4.47 14.01
N ILE AA 76 60.39 -3.17 13.75
CA ILE AA 76 59.82 -2.26 14.74
C ILE AA 76 58.30 -2.39 14.75
N ILE AA 77 57.74 -2.36 15.95
CA ILE AA 77 56.31 -2.41 16.19
C ILE AA 77 55.86 -1.02 16.61
N LEU AA 78 54.62 -0.69 16.28
CA LEU AA 78 54.10 0.65 16.48
C LEU AA 78 53.40 0.80 17.82
N SER AA 79 52.47 -0.10 18.11
CA SER AA 79 51.78 -0.08 19.39
C SER AA 79 52.68 -0.60 20.51
N LEU AA 80 53.36 0.30 21.21
CA LEU AA 80 54.24 -0.11 22.29
C LEU AA 80 53.44 -0.73 23.43
N ASP AA 81 53.89 -1.90 23.89
CA ASP AA 81 53.16 -2.65 24.91
C ASP AA 81 53.42 -2.04 26.28
N HIS AA 82 52.76 -0.92 26.52
CA HIS AA 82 52.66 -0.31 27.84
C HIS AA 82 51.22 0.06 28.15
N LEU AA 83 50.28 -0.68 27.56
CA LEU AA 83 48.86 -0.41 27.68
C LEU AA 83 48.25 -1.05 28.92
N LEU AA 84 48.98 -1.92 29.60
CA LEU AA 84 48.46 -2.62 30.76
C LEU AA 84 48.09 -1.65 31.88
N GLU AA 85 48.69 -0.46 31.91
CA GLU AA 85 48.26 0.63 32.77
C GLU AA 85 47.98 1.82 31.86
N TYR AA 86 46.80 1.81 31.26
CA TYR AA 86 46.25 2.97 30.55
C TYR AA 86 44.74 2.86 30.69
N LYS AA 87 44.20 3.48 31.73
CA LYS AA 87 42.80 3.33 32.11
C LYS AA 87 42.19 4.70 32.39
N PRO AA 88 42.07 5.54 31.37
CA PRO AA 88 41.37 6.80 31.55
C PRO AA 88 39.89 6.58 31.78
N ASN AA 89 39.30 7.46 32.59
CA ASN AA 89 37.85 7.44 32.76
C ASN AA 89 37.21 7.70 31.41
N GLN AA 90 36.26 6.85 31.05
CA GLN AA 90 35.79 6.79 29.67
C GLN AA 90 35.13 8.09 29.25
N VAL AA 91 34.28 8.63 30.12
CA VAL AA 91 33.41 9.72 29.74
C VAL AA 91 34.20 10.98 29.43
N ASP AA 92 35.43 11.10 29.93
CA ASP AA 92 36.24 12.29 29.68
C ASP AA 92 36.72 12.39 28.24
N LEU AA 93 36.51 11.37 27.42
CA LEU AA 93 37.13 11.24 26.12
C LEU AA 93 36.20 11.52 24.95
N PHE AA 94 34.90 11.65 25.19
CA PHE AA 94 33.94 11.81 24.11
C PHE AA 94 34.12 13.15 23.41
N ASN AA 95 33.39 13.29 22.30
CA ASN AA 95 33.26 14.55 21.58
C ASN AA 95 32.03 15.35 22.00
N THR AA 96 30.98 14.67 22.49
CA THR AA 96 29.75 15.35 22.86
C THR AA 96 29.89 16.21 24.10
N ARG AA 97 30.98 16.09 24.84
CA ARG AA 97 31.30 17.00 25.93
C ARG AA 97 32.29 18.04 25.43
N ALA AA 98 32.21 19.23 26.03
CA ALA AA 98 33.17 20.27 25.75
C ALA AA 98 34.54 19.88 26.30
N THR AA 99 35.51 20.76 26.09
CA THR AA 99 36.85 20.55 26.63
C THR AA 99 36.95 21.07 28.06
N LYS AA 100 38.06 20.70 28.71
CA LYS AA 100 38.36 21.29 30.01
C LYS AA 100 38.60 22.79 29.88
N THR AA 101 39.12 23.22 28.73
CA THR AA 101 39.42 24.63 28.51
C THR AA 101 38.15 25.46 28.46
N GLN AA 102 37.23 25.09 27.57
CA GLN AA 102 36.05 25.90 27.31
C GLN AA 102 35.19 26.04 28.56
N PHE AA 103 35.11 24.97 29.36
CA PHE AA 103 34.39 25.04 30.63
C PHE AA 103 35.03 26.06 31.55
N GLU AA 104 36.36 26.13 31.54
CA GLU AA 104 37.06 27.08 32.39
C GLU AA 104 36.77 28.51 31.96
N SER AA 105 36.97 28.81 30.68
CA SER AA 105 36.79 30.18 30.21
C SER AA 105 35.34 30.63 30.37
N TRP AA 106 34.39 29.72 30.18
CA TRP AA 106 33.00 30.04 30.43
C TRP AA 106 32.79 30.48 31.87
N TYR AA 107 33.46 29.80 32.81
CA TYR AA 107 33.33 30.16 34.21
C TYR AA 107 34.03 31.47 34.53
N SER AA 108 35.08 31.81 33.77
CA SER AA 108 35.80 33.05 34.02
C SER AA 108 35.13 34.23 33.34
N ALA AA 109 34.71 34.06 32.08
CA ALA AA 109 34.12 35.15 31.33
C ALA AA 109 32.79 35.58 31.92
N VAL AA 110 32.05 34.65 32.50
CA VAL AA 110 30.75 35.00 33.07
C VAL AA 110 30.92 35.90 34.28
N LYS AA 111 31.96 35.66 35.07
CA LYS AA 111 32.12 36.36 36.35
C LYS AA 111 32.31 37.85 36.15
N VAL AA 112 32.97 38.24 35.07
CA VAL AA 112 33.21 39.66 34.81
C VAL AA 112 31.91 40.36 34.48
N GLU AA 113 31.06 39.75 33.66
CA GLU AA 113 29.88 40.43 33.17
C GLU AA 113 28.76 40.52 34.20
N TYR AA 114 28.80 39.70 35.25
CA TYR AA 114 28.03 39.96 36.45
C TYR AA 114 28.79 40.82 37.45
N ASP AA 115 30.12 40.83 37.35
CA ASP AA 115 30.96 41.70 38.17
C ASP AA 115 30.80 41.40 39.65
N LEU AA 116 30.98 40.11 40.00
CA LEU AA 116 30.90 39.65 41.37
C LEU AA 116 32.28 39.52 42.00
N ASN AA 117 33.16 38.73 41.38
CA ASN AA 117 34.50 38.46 41.91
C ASN AA 117 34.43 37.94 43.34
N ASP AA 118 33.50 37.02 43.58
CA ASP AA 118 33.25 36.52 44.93
C ASP AA 118 32.63 35.14 44.81
N GLU AA 119 32.69 34.38 45.90
CA GLU AA 119 32.22 33.01 45.91
C GLU AA 119 30.72 32.87 46.06
N GLN AA 120 29.95 33.94 45.81
CA GLN AA 120 28.52 33.80 45.57
C GLN AA 120 28.24 33.07 44.25
N MET AA 121 29.26 32.93 43.39
CA MET AA 121 29.08 32.27 42.10
C MET AA 121 28.54 30.85 42.24
N GLY AA 122 28.93 30.16 43.32
CA GLY AA 122 28.41 28.83 43.54
C GLY AA 122 26.90 28.80 43.67
N VAL AA 123 26.33 29.84 44.28
CA VAL AA 123 24.88 29.93 44.40
C VAL AA 123 24.25 30.21 43.05
N ILE AA 124 24.84 31.14 42.29
CA ILE AA 124 24.26 31.55 41.02
C ILE AA 124 24.29 30.39 40.04
N MET AA 125 25.42 29.68 39.99
CA MET AA 125 25.51 28.48 39.17
C MET AA 125 24.44 27.48 39.56
N ASN AA 126 24.28 27.26 40.86
CA ASN AA 126 23.27 26.34 41.34
C ASN AA 126 21.86 26.84 41.03
N GLY AA 127 21.66 28.15 41.15
CA GLY AA 127 20.38 28.72 40.78
C GLY AA 127 20.05 28.62 39.32
N PHE AA 128 21.04 28.29 38.47
CA PHE AA 128 20.79 28.15 37.04
C PHE AA 128 20.34 26.74 36.69
N MET AA 129 20.93 25.72 37.34
CA MET AA 129 20.72 24.37 36.85
C MET AA 129 19.29 23.90 37.12
N VAL AA 130 18.71 24.28 38.25
CA VAL AA 130 17.32 23.89 38.52
C VAL AA 130 16.39 24.49 37.48
N TRP AA 131 16.59 25.78 37.17
CA TRP AA 131 15.82 26.40 36.10
C TRP AA 131 16.15 25.75 34.77
N CYS AA 132 17.39 25.31 34.59
CA CYS AA 132 17.79 24.64 33.36
C CYS AA 132 17.07 23.31 33.19
N ILE AA 133 16.61 22.69 34.28
CA ILE AA 133 15.76 21.53 34.19
C ILE AA 133 14.38 21.93 33.70
N ASP AA 134 13.70 22.74 34.49
CA ASP AA 134 12.26 22.94 34.37
C ASP AA 134 11.85 23.72 33.14
N ASN AA 135 12.78 24.14 32.30
CA ASN AA 135 12.46 24.65 30.99
C ASN AA 135 13.53 24.19 30.01
N GLY AA 136 13.21 24.34 28.74
CA GLY AA 136 14.07 23.81 27.71
C GLY AA 136 15.41 24.52 27.67
N THR AA 137 16.33 23.90 26.94
CA THR AA 137 17.65 24.46 26.68
C THR AA 137 17.85 24.50 25.17
N SER AA 138 17.83 25.70 24.61
CA SER AA 138 18.05 25.90 23.20
C SER AA 138 18.51 27.34 23.00
N PRO AA 139 19.23 27.62 21.91
CA PRO AA 139 19.67 29.01 21.70
C PRO AA 139 18.55 30.00 21.54
N ASP AA 140 17.34 29.55 21.21
CA ASP AA 140 16.21 30.45 21.00
C ASP AA 140 15.43 30.68 22.30
N VAL AA 141 16.16 31.13 23.32
CA VAL AA 141 15.56 31.61 24.56
C VAL AA 141 15.79 33.12 24.63
N ASN AA 142 14.81 33.81 25.20
CA ASN AA 142 14.94 35.22 25.49
C ASN AA 142 14.19 35.51 26.77
N GLY AA 143 14.31 36.75 27.22
CA GLY AA 143 13.68 37.16 28.47
C GLY AA 143 14.66 37.07 29.61
N VAL AA 144 14.25 36.40 30.68
CA VAL AA 144 14.99 36.37 31.93
C VAL AA 144 14.92 34.97 32.51
N TRP AA 145 15.61 34.80 33.64
CA TRP AA 145 15.49 33.61 34.45
C TRP AA 145 15.58 34.01 35.91
N VAL AA 146 15.35 33.04 36.79
CA VAL AA 146 15.08 33.38 38.18
C VAL AA 146 15.36 32.18 39.07
N MET AA 147 15.91 32.47 40.24
CA MET AA 147 15.81 31.63 41.43
C MET AA 147 15.10 32.44 42.51
N MET AA 148 14.62 31.74 43.54
CA MET AA 148 13.87 32.36 44.61
C MET AA 148 14.49 32.05 45.96
N ASP AA 149 14.24 32.94 46.93
CA ASP AA 149 14.66 32.78 48.30
C ASP AA 149 13.55 33.31 49.19
N GLY AA 150 13.09 32.49 50.13
CA GLY AA 150 11.96 32.89 50.94
C GLY AA 150 10.68 32.80 50.15
N GLU AA 151 10.14 33.95 49.75
CA GLU AA 151 8.92 34.01 48.95
C GLU AA 151 8.99 34.93 47.75
N GLU AA 152 10.06 35.71 47.58
CA GLU AA 152 10.15 36.65 46.47
C GLU AA 152 10.73 35.97 45.24
N GLN AA 153 10.93 36.77 44.19
CA GLN AA 153 11.21 36.28 42.84
C GLN AA 153 12.39 37.07 42.24
N VAL AA 154 13.50 37.07 42.97
CA VAL AA 154 14.70 37.79 42.56
C VAL AA 154 15.22 37.27 41.23
N GLU AA 155 15.12 38.10 40.18
CA GLU AA 155 15.40 37.69 38.82
C GLU AA 155 16.80 38.16 38.37
N TYR AA 156 17.14 37.81 37.13
CA TYR AA 156 18.45 38.09 36.57
C TYR AA 156 18.29 38.19 35.07
N PRO AA 157 19.33 38.65 34.35
CA PRO AA 157 19.31 38.60 32.89
C PRO AA 157 19.73 37.22 32.38
N LEU AA 158 19.64 37.06 31.06
CA LEU AA 158 19.68 35.75 30.43
C LEU AA 158 20.70 35.68 29.30
N LYS AA 159 20.98 36.81 28.65
CA LYS AA 159 21.81 36.82 27.45
C LYS AA 159 23.23 36.31 27.68
N PRO AA 160 24.02 36.88 28.60
CA PRO AA 160 25.47 36.62 28.57
C PRO AA 160 25.87 35.18 28.84
N ILE AA 161 25.02 34.39 29.51
CA ILE AA 161 25.31 32.97 29.67
C ILE AA 161 25.33 32.29 28.30
N VAL AA 162 24.37 32.63 27.45
CA VAL AA 162 24.23 31.97 26.16
C VAL AA 162 25.33 32.44 25.21
N GLU AA 163 25.37 33.75 24.94
CA GLU AA 163 26.21 34.24 23.86
C GLU AA 163 27.69 34.06 24.13
N ASN AA 164 28.10 34.07 25.40
CA ASN AA 164 29.47 33.70 25.77
C ASN AA 164 29.57 32.23 26.12
N ALA AA 165 29.00 31.39 25.25
CA ALA AA 165 29.13 29.93 25.33
C ALA AA 165 29.76 29.50 24.02
N LYS AA 166 30.97 28.96 24.09
CA LYS AA 166 31.79 28.92 22.88
C LYS AA 166 31.23 27.92 21.87
N PRO AA 167 31.14 26.61 22.16
CA PRO AA 167 30.15 25.80 21.43
C PRO AA 167 28.77 26.03 22.03
N THR AA 168 27.77 25.28 21.60
CA THR AA 168 26.41 25.52 22.05
C THR AA 168 26.27 25.22 23.54
N LEU AA 169 25.07 25.44 24.05
CA LEU AA 169 24.86 25.40 25.49
C LEU AA 169 24.92 23.97 26.02
N ARG AA 170 24.08 23.08 25.48
CA ARG AA 170 24.04 21.71 25.96
C ARG AA 170 25.39 21.03 25.80
N GLN AA 171 26.11 21.37 24.74
CA GLN AA 171 27.47 20.89 24.53
C GLN AA 171 28.41 21.23 25.68
N ILE AA 172 28.06 22.22 26.51
CA ILE AA 172 28.73 22.46 27.77
C ILE AA 172 28.08 21.68 28.90
N MET AA 173 26.76 21.68 28.95
CA MET AA 173 26.04 21.29 30.15
C MET AA 173 25.89 19.78 30.31
N HIS AA 174 26.56 18.97 29.49
CA HIS AA 174 26.57 17.53 29.77
C HIS AA 174 27.41 17.19 30.98
N HIS AA 175 28.20 18.13 31.51
CA HIS AA 175 28.97 17.87 32.72
C HIS AA 175 28.03 17.54 33.88
N PHE AA 176 26.98 18.34 34.03
CA PHE AA 176 26.01 18.11 35.08
C PHE AA 176 25.15 16.91 34.74
N SER AA 177 25.56 15.74 35.24
CA SER AA 177 24.79 14.52 35.10
C SER AA 177 24.39 13.94 36.44
N ASP AA 178 25.35 13.76 37.34
CA ASP AA 178 25.05 13.14 38.63
C ASP AA 178 24.51 14.14 39.63
N ALA AA 179 24.81 15.43 39.44
CA ALA AA 179 24.33 16.44 40.37
C ALA AA 179 22.82 16.51 40.34
N ALA AA 180 22.26 16.87 39.19
CA ALA AA 180 20.81 16.96 39.07
C ALA AA 180 20.14 15.61 39.31
N GLU AA 181 20.84 14.52 39.00
CA GLU AA 181 20.32 13.20 39.27
C GLU AA 181 20.00 13.03 40.75
N ALA AA 182 20.99 13.24 41.61
CA ALA AA 182 20.78 13.11 43.05
C ALA AA 182 19.76 14.12 43.53
N TYR AA 183 19.71 15.29 42.89
CA TYR AA 183 18.79 16.34 43.30
C TYR AA 183 17.35 15.88 43.18
N ILE AA 184 16.95 15.42 42.00
CA ILE AA 184 15.57 14.98 41.83
C ILE AA 184 15.33 13.67 42.54
N GLU AA 185 16.38 12.92 42.87
CA GLU AA 185 16.21 11.69 43.62
C GLU AA 185 15.62 11.97 45.00
N MET AA 186 16.24 12.89 45.74
CA MET AA 186 15.78 13.16 47.09
C MET AA 186 14.44 13.88 47.09
N ARG AA 187 14.28 14.86 46.20
CA ARG AA 187 13.00 15.54 46.10
C ARG AA 187 11.89 14.59 45.67
N ASN AA 188 12.23 13.52 44.94
CA ASN AA 188 11.26 12.47 44.66
C ASN AA 188 11.06 11.59 45.89
N SER AA 189 12.09 11.47 46.73
CA SER AA 189 11.96 10.68 47.95
C SER AA 189 10.90 11.26 48.87
N GLU AA 190 11.01 12.55 49.17
CA GLU AA 190 9.99 13.20 49.99
C GLU AA 190 8.66 13.17 49.26
N SER AA 191 8.56 13.92 48.18
CA SER AA 191 7.29 14.22 47.52
C SER AA 191 7.35 13.77 46.07
N PRO AA 192 6.20 13.62 45.41
CA PRO AA 192 6.20 13.10 44.03
C PRO AA 192 6.58 14.13 42.99
N TYR AA 193 7.87 14.24 42.73
CA TYR AA 193 8.42 15.25 41.83
C TYR AA 193 8.51 14.74 40.40
N MET AA 194 8.36 15.67 39.45
CA MET AA 194 8.61 15.39 38.05
C MET AA 194 8.94 16.72 37.38
N PRO AA 195 9.92 16.78 36.47
CA PRO AA 195 10.17 18.03 35.76
C PRO AA 195 9.10 18.43 34.78
N ARG AA 196 9.36 19.49 34.02
CA ARG AA 196 8.49 19.90 32.93
C ARG AA 196 8.82 19.18 31.64
N TYR AA 197 10.09 18.87 31.40
CA TYR AA 197 10.51 18.16 30.21
C TYR AA 197 9.84 16.79 30.11
N GLY AA 198 9.38 16.22 31.22
CA GLY AA 198 8.67 14.97 31.21
C GLY AA 198 7.18 15.16 31.10
N LEU AA 199 6.64 16.07 31.92
CA LEU AA 199 5.20 16.32 31.91
C LEU AA 199 4.73 16.86 30.57
N LEU AA 200 5.62 17.51 29.83
CA LEU AA 200 5.27 17.92 28.48
C LEU AA 200 5.17 16.74 27.54
N ARG AA 201 5.72 15.57 27.92
CA ARG AA 201 5.70 14.38 27.09
C ARG AA 201 5.05 13.19 27.78
N ASN AA 202 4.45 13.40 28.94
CA ASN AA 202 3.40 12.54 29.50
C ASN AA 202 3.91 11.10 29.71
N LEU AA 203 4.85 10.97 30.63
CA LEU AA 203 5.22 9.67 31.14
C LEU AA 203 4.19 9.20 32.16
N ARG AA 204 3.95 7.89 32.16
CA ARG AA 204 3.10 7.26 33.15
C ARG AA 204 3.88 6.69 34.32
N ASP AA 205 5.11 6.25 34.09
CA ASP AA 205 5.85 5.65 35.20
C ASP AA 205 6.53 6.75 35.99
N ARG AA 206 6.04 6.91 37.21
CA ARG AA 206 6.60 7.87 38.14
C ARG AA 206 8.07 7.58 38.46
N GLU AA 207 8.52 6.36 38.19
CA GLU AA 207 9.83 5.91 38.64
C GLU AA 207 10.96 6.46 37.77
N LEU AA 208 10.71 6.72 36.48
CA LEU AA 208 11.75 7.14 35.55
C LEU AA 208 11.89 8.65 35.45
N ALA AA 209 11.60 9.37 36.53
CA ALA AA 209 11.94 10.79 36.56
C ALA AA 209 13.45 10.99 36.56
N ARG AA 210 14.20 9.97 37.00
CA ARG AA 210 15.65 10.04 37.03
C ARG AA 210 16.26 10.34 35.67
N TYR AA 211 15.57 9.98 34.59
CA TYR AA 211 16.13 10.04 33.25
C TYR AA 211 15.34 11.01 32.38
N ALA AA 212 15.00 12.18 32.93
CA ALA AA 212 14.26 13.21 32.22
C ALA AA 212 15.02 14.52 32.31
N PHE AA 213 15.77 14.82 31.26
CA PHE AA 213 16.47 16.09 31.13
C PHE AA 213 16.58 16.43 29.65
N ASP AA 214 16.87 17.70 29.39
CA ASP AA 214 17.53 18.03 28.13
C ASP AA 214 18.95 17.48 28.14
N PHE AA 215 19.70 17.84 29.17
CA PHE AA 215 21.09 17.43 29.31
C PHE AA 215 21.15 16.17 30.16
N TYR AA 216 21.60 15.07 29.54
CA TYR AA 216 21.87 13.84 30.27
C TYR AA 216 22.80 13.01 29.42
N GLU AA 217 23.91 12.58 30.01
CA GLU AA 217 25.00 11.97 29.27
C GLU AA 217 24.96 10.47 29.47
N VAL AA 218 24.70 9.74 28.39
CA VAL AA 218 24.70 8.29 28.43
C VAL AA 218 26.08 7.81 28.82
N THR AA 219 26.12 6.67 29.51
CA THR AA 219 27.35 5.97 29.83
C THR AA 219 27.13 4.49 29.61
N SER AA 220 28.15 3.70 29.89
CA SER AA 220 28.02 2.26 29.89
C SER AA 220 27.42 1.73 31.19
N LYS AA 221 27.00 2.62 32.10
CA LYS AA 221 26.49 2.20 33.40
C LYS AA 221 24.98 2.06 33.46
N THR AA 222 24.25 2.70 32.56
CA THR AA 222 22.81 2.74 32.67
C THR AA 222 22.21 1.35 32.48
N PRO AA 223 21.01 1.12 32.98
CA PRO AA 223 20.30 -0.12 32.68
C PRO AA 223 19.67 -0.08 31.29
N ASN AA 224 19.17 -1.22 30.88
CA ASN AA 224 18.64 -1.41 29.55
C ASN AA 224 17.17 -1.00 29.42
N ARG AA 225 16.62 -0.32 30.42
CA ARG AA 225 15.22 0.11 30.40
C ARG AA 225 15.08 1.57 30.02
N ALA AA 226 15.74 2.46 30.76
CA ALA AA 226 15.65 3.89 30.45
C ALA AA 226 16.31 4.21 29.12
N ARG AA 227 17.25 3.38 28.68
CA ARG AA 227 17.93 3.62 27.43
C ARG AA 227 16.95 3.62 26.25
N GLU AA 228 15.85 2.88 26.37
CA GLU AA 228 14.82 2.91 25.35
C GLU AA 228 14.00 4.19 25.43
N ALA AA 229 13.58 4.55 26.64
CA ALA AA 229 12.63 5.65 26.80
C ALA AA 229 13.25 6.98 26.36
N ILE AA 230 14.55 7.16 26.59
CA ILE AA 230 15.21 8.40 26.18
C ILE AA 230 15.11 8.56 24.67
N ALA AA 231 15.46 7.52 23.93
CA ALA AA 231 15.46 7.61 22.48
C ALA AA 231 14.06 7.86 21.93
N GLN AA 232 13.04 7.35 22.62
CA GLN AA 232 11.68 7.63 22.19
C GLN AA 232 11.36 9.11 22.35
N MET AA 233 11.86 9.73 23.42
CA MET AA 233 11.64 11.16 23.61
C MET AA 233 12.31 11.96 22.51
N LYS AA 234 13.60 11.68 22.26
CA LYS AA 234 14.36 12.44 21.29
C LYS AA 234 13.74 12.33 19.90
N ALA AA 235 13.16 11.18 19.58
CA ALA AA 235 12.55 11.00 18.26
C ALA AA 235 11.15 11.60 18.22
N ALA AA 236 10.45 11.62 19.35
CA ALA AA 236 9.09 12.15 19.36
C ALA AA 236 9.09 13.66 19.25
N ALA AA 237 10.12 14.31 19.78
CA ALA AA 237 10.20 15.76 19.82
C ALA AA 237 10.87 16.36 18.60
N LEU AA 238 11.12 15.57 17.57
CA LEU AA 238 11.73 16.07 16.34
C LEU AA 238 11.05 15.40 15.16
N ALA AA 239 10.23 16.17 14.45
CA ALA AA 239 9.56 15.66 13.26
C ALA AA 239 9.02 16.85 12.50
N GLY AA 240 9.21 16.84 11.19
CA GLY AA 240 8.84 17.94 10.34
C GLY AA 240 9.88 19.02 10.20
N ILE AA 241 10.84 19.10 11.12
CA ILE AA 241 11.90 20.10 11.04
C ILE AA 241 12.75 19.75 9.82
N ASN AA 242 12.71 20.61 8.82
CA ASN AA 242 13.49 20.46 7.60
C ASN AA 242 14.74 21.34 7.73
N SER AA 243 15.91 20.70 7.65
CA SER AA 243 17.15 21.37 8.01
C SER AA 243 17.43 22.57 7.11
N ARG AA 244 17.66 22.34 5.82
CA ARG AA 244 17.79 23.42 4.83
C ARG AA 244 18.95 24.35 5.21
N LEU AA 245 20.17 23.82 5.06
CA LEU AA 245 21.35 24.47 5.62
C LEU AA 245 21.55 25.90 5.14
N PHE AA 246 20.96 26.29 4.02
CA PHE AA 246 21.00 27.67 3.58
C PHE AA 246 19.85 28.47 4.20
N GLY AA 247 20.11 29.75 4.40
CA GLY AA 247 19.12 30.68 4.90
C GLY AA 247 18.53 31.49 3.77
N LEU AA 248 19.03 32.71 3.61
CA LEU AA 248 18.75 33.48 2.42
C LEU AA 248 20.00 34.25 2.00
N ASP AA 249 20.14 34.43 0.70
CA ASP AA 249 21.24 35.20 0.14
C ASP AA 249 20.96 36.69 0.26
N GLY AA 250 22.03 37.46 0.45
CA GLY AA 250 21.89 38.90 0.54
C GLY AA 250 21.89 39.59 -0.80
N ASN AA 251 22.58 39.01 -1.79
CA ASN AA 251 22.67 39.63 -3.10
C ASN AA 251 21.33 39.55 -3.80
N ILE AA 252 20.73 40.71 -4.05
CA ILE AA 252 19.54 40.85 -4.87
C ILE AA 252 19.93 41.52 -6.17
N SER AA 253 19.31 41.09 -7.26
CA SER AA 253 19.33 41.85 -8.51
C SER AA 253 17.97 41.63 -9.17
N THR AA 254 17.02 42.48 -8.83
CA THR AA 254 15.73 42.46 -9.50
C THR AA 254 15.80 43.14 -10.87
N ASN AA 255 16.70 44.10 -11.02
CA ASN AA 255 16.90 44.80 -12.28
C ASN AA 255 18.33 45.31 -12.32
N SER AA 256 19.02 45.05 -13.42
CA SER AA 256 20.41 45.43 -13.55
C SER AA 256 20.58 46.94 -13.46
N GLU AA 257 21.83 47.36 -13.21
CA GLU AA 257 22.13 48.77 -13.05
C GLU AA 257 22.08 49.47 -14.41
N ASN AA 258 21.53 50.68 -14.41
CA ASN AA 258 21.18 51.35 -15.66
C ASN AA 258 22.41 51.91 -16.37
N THR AA 259 23.11 52.85 -15.75
CA THR AA 259 24.28 53.50 -16.33
C THR AA 259 23.94 54.19 -17.65
N GLU AA 260 23.05 55.18 -17.56
CA GLU AA 260 22.74 56.06 -18.67
C GLU AA 260 22.46 57.45 -18.15
N ARG AA 261 22.34 58.40 -19.07
CA ARG AA 261 22.34 59.82 -18.77
C ARG AA 261 20.99 60.46 -19.07
N HIS AA 262 20.93 61.77 -18.86
CA HIS AA 262 19.78 62.58 -19.26
C HIS AA 262 20.28 63.96 -19.67
N THR AA 263 19.63 64.54 -20.67
CA THR AA 263 19.87 65.92 -21.08
C THR AA 263 18.54 66.59 -21.33
N ALA AA 264 18.59 67.86 -21.68
CA ALA AA 264 17.38 68.61 -22.00
C ALA AA 264 16.87 68.26 -23.39
N PRO CA 58 24.78 4.02 62.66
CA PRO CA 58 25.55 5.06 61.95
C PRO CA 58 24.74 5.75 60.87
N ARG CA 59 24.96 7.05 60.72
CA ARG CA 59 24.16 7.88 59.83
C ARG CA 59 25.06 8.83 59.05
N LEU CA 60 24.52 9.31 57.93
CA LEU CA 60 25.22 10.27 57.08
C LEU CA 60 24.19 11.00 56.24
N GLN CA 61 24.69 11.87 55.36
CA GLN CA 61 23.86 12.70 54.50
C GLN CA 61 23.94 12.24 53.05
N LYS CA 62 22.93 12.63 52.28
CA LYS CA 62 22.76 12.11 50.92
C LYS CA 62 23.96 12.45 50.05
N ILE CA 63 24.18 13.74 49.79
CA ILE CA 63 25.36 14.16 49.03
C ILE CA 63 26.60 14.00 49.91
N THR CA 64 27.72 13.73 49.27
CA THR CA 64 29.02 13.68 49.95
C THR CA 64 30.03 14.41 49.09
N LYS CA 65 31.02 15.01 49.76
CA LYS CA 65 32.07 15.74 49.06
C LYS CA 65 32.83 14.86 48.08
N LYS CA 66 32.92 13.56 48.36
CA LYS CA 66 33.68 12.64 47.52
C LYS CA 66 32.93 12.23 46.26
N MET CA 67 31.69 12.68 46.09
CA MET CA 67 30.99 12.48 44.83
C MET CA 67 31.75 13.20 43.71
N ASN CA 68 31.63 12.67 42.50
CA ASN CA 68 32.24 13.33 41.35
C ASN CA 68 31.50 14.62 41.02
N LEU CA 69 32.26 15.67 40.76
CA LEU CA 69 31.72 17.02 40.70
C LEU CA 69 32.60 17.85 39.79
N PRO CA 70 32.21 19.09 39.50
CA PRO CA 70 33.05 19.94 38.64
C PRO CA 70 34.38 20.31 39.28
N THR CA 71 35.39 20.49 38.42
CA THR CA 71 36.79 20.64 38.82
C THR CA 71 37.51 21.73 38.02
N VAL CA 72 36.98 22.95 38.01
CA VAL CA 72 37.67 24.08 37.38
C VAL CA 72 39.09 24.18 37.92
N GLY CA 73 39.21 24.43 39.22
CA GLY CA 73 40.48 24.36 39.90
C GLY CA 73 40.69 22.97 40.48
N GLY CA 74 41.96 22.61 40.63
CA GLY CA 74 42.26 21.34 41.27
C GLY CA 74 41.73 21.25 42.68
N LYS CA 75 41.62 22.40 43.37
CA LYS CA 75 41.14 22.46 44.74
C LYS CA 75 39.67 22.85 44.82
N ILE CA 76 39.32 24.02 44.30
CA ILE CA 76 38.04 24.65 44.63
C ILE CA 76 36.93 23.97 43.85
N ILE CA 77 35.81 23.77 44.54
CA ILE CA 77 34.60 23.19 43.96
C ILE CA 77 33.57 24.30 43.81
N LEU CA 78 32.72 24.15 42.81
CA LEU CA 78 31.79 25.20 42.42
C LEU CA 78 30.45 25.06 43.13
N SER CA 79 29.85 23.88 43.06
CA SER CA 79 28.60 23.62 43.73
C SER CA 79 28.81 23.45 45.23
N LEU CA 80 28.65 24.53 46.00
CA LEU CA 80 28.83 24.46 47.44
C LEU CA 80 27.77 23.57 48.07
N ASP CA 81 28.22 22.64 48.91
CA ASP CA 81 27.33 21.65 49.52
C ASP CA 81 26.56 22.30 50.66
N HIS CA 82 25.55 23.09 50.29
CA HIS CA 82 24.54 23.60 51.20
C HIS CA 82 23.15 23.39 50.61
N LEU CA 83 23.00 22.38 49.77
CA LEU CA 83 21.76 22.09 49.07
C LEU CA 83 20.79 21.26 49.88
N LEU CA 84 21.25 20.70 51.00
CA LEU CA 84 20.41 19.85 51.83
C LEU CA 84 19.19 20.59 52.35
N GLU CA 85 19.26 21.92 52.46
CA GLU CA 85 18.10 22.75 52.73
C GLU CA 85 18.03 23.78 51.60
N TYR CA 86 17.48 23.34 50.46
CA TYR CA 86 17.10 24.22 49.37
C TYR CA 86 15.91 23.55 48.69
N LYS CA 87 14.71 23.92 49.13
CA LYS CA 87 13.47 23.26 48.73
C LYS CA 87 12.43 24.29 48.38
N PRO CA 88 12.64 25.04 47.31
CA PRO CA 88 11.61 25.96 46.83
C PRO CA 88 10.42 25.20 46.28
N ASN CA 89 9.24 25.78 46.45
CA ASN CA 89 8.05 25.23 45.83
C ASN CA 89 8.25 25.26 44.32
N GLN CA 90 7.99 24.11 43.68
CA GLN CA 90 8.44 23.91 42.31
C GLN CA 90 7.77 24.88 41.36
N VAL CA 91 6.46 25.05 41.51
CA VAL CA 91 5.67 25.76 40.51
C VAL CA 91 6.05 27.22 40.43
N ASP CA 92 6.68 27.78 41.47
CA ASP CA 92 7.06 29.18 41.47
C ASP CA 92 8.20 29.48 40.52
N LEU CA 93 8.84 28.46 39.94
CA LEU CA 93 10.09 28.60 39.23
C LEU CA 93 9.95 28.53 37.70
N PHE CA 94 8.78 28.17 37.19
CA PHE CA 94 8.62 27.98 35.76
C PHE CA 94 8.74 29.30 35.01
N ASN CA 95 8.75 29.19 33.68
CA ASN CA 95 8.67 30.31 32.76
C ASN CA 95 7.26 30.58 32.30
N THR CA 96 6.40 29.57 32.27
CA THR CA 96 5.03 29.72 31.79
C THR CA 96 4.16 30.57 32.71
N ARG CA 97 4.61 30.84 33.93
CA ARG CA 97 3.95 31.78 34.82
C ARG CA 97 4.65 33.14 34.73
N ALA CA 98 3.89 34.19 34.94
CA ALA CA 98 4.46 35.52 35.02
C ALA CA 98 5.31 35.66 36.28
N THR CA 99 5.88 36.84 36.45
CA THR CA 99 6.67 37.14 37.64
C THR CA 99 5.77 37.62 38.77
N LYS CA 100 6.35 37.68 39.98
CA LYS CA 100 5.66 38.32 41.09
C LYS CA 100 5.45 39.81 40.82
N THR CA 101 6.35 40.42 40.06
CA THR CA 101 6.27 41.84 39.76
C THR CA 101 5.08 42.14 38.87
N GLN CA 102 5.00 41.47 37.72
CA GLN CA 102 3.99 41.79 36.72
C GLN CA 102 2.59 41.58 37.27
N PHE CA 103 2.40 40.55 38.08
CA PHE CA 103 1.11 40.33 38.73
C PHE CA 103 0.75 41.50 39.63
N GLU CA 104 1.76 42.05 40.32
CA GLU CA 104 1.50 43.18 41.20
C GLU CA 104 1.08 44.41 40.42
N SER CA 105 1.87 44.79 39.41
CA SER CA 105 1.55 45.99 38.65
C SER CA 105 0.23 45.87 37.92
N TRP CA 106 -0.10 44.67 37.44
CA TRP CA 106 -1.40 44.46 36.84
C TRP CA 106 -2.51 44.77 37.83
N TYR CA 107 -2.32 44.37 39.09
CA TYR CA 107 -3.33 44.63 40.11
C TYR CA 107 -3.39 46.10 40.48
N SER CA 108 -2.27 46.82 40.35
CA SER CA 108 -2.26 48.23 40.69
C SER CA 108 -2.75 49.09 39.53
N ALA CA 109 -2.29 48.78 38.32
CA ALA CA 109 -2.66 49.60 37.17
C ALA CA 109 -4.14 49.50 36.86
N VAL CA 110 -4.75 48.35 37.12
CA VAL CA 110 -6.16 48.18 36.83
C VAL CA 110 -7.00 49.07 37.74
N LYS CA 111 -6.59 49.22 39.00
CA LYS CA 111 -7.41 49.90 39.99
C LYS CA 111 -7.62 51.36 39.64
N VAL CA 112 -6.63 51.99 39.01
CA VAL CA 112 -6.75 53.40 38.66
C VAL CA 112 -7.77 53.58 37.55
N GLU CA 113 -7.75 52.71 36.54
CA GLU CA 113 -8.59 52.91 35.37
C GLU CA 113 -10.05 52.56 35.60
N TYR CA 114 -10.36 51.79 36.65
CA TYR CA 114 -11.72 51.74 37.18
C TYR CA 114 -11.97 52.80 38.24
N ASP CA 115 -10.90 53.31 38.86
CA ASP CA 115 -11.00 54.41 39.81
C ASP CA 115 -11.87 54.04 41.01
N LEU CA 116 -11.53 52.91 41.64
CA LEU CA 116 -12.23 52.42 42.82
C LEU CA 116 -11.50 52.80 44.10
N ASN CA 117 -10.23 52.40 44.21
CA ASN CA 117 -9.42 52.65 45.41
C ASN CA 117 -10.13 52.11 46.66
N ASP CA 118 -10.68 50.92 46.55
CA ASP CA 118 -11.47 50.34 47.62
C ASP CA 118 -11.45 48.82 47.46
N GLU CA 119 -11.78 48.13 48.54
CA GLU CA 119 -11.72 46.67 48.58
C GLU CA 119 -12.91 45.99 47.91
N GLN CA 120 -13.67 46.70 47.10
CA GLN CA 120 -14.58 46.04 46.16
C GLN CA 120 -13.82 45.29 45.08
N MET CA 121 -12.51 45.54 44.94
CA MET CA 121 -11.71 44.89 43.91
C MET CA 121 -11.76 43.38 44.03
N GLY CA 122 -11.85 42.86 45.25
CA GLY CA 122 -11.97 41.42 45.43
C GLY CA 122 -13.18 40.84 44.73
N VAL CA 123 -14.28 41.57 44.72
CA VAL CA 123 -15.48 41.11 44.04
C VAL CA 123 -15.28 41.17 42.53
N ILE CA 124 -14.70 42.27 42.04
CA ILE CA 124 -14.53 42.45 40.60
C ILE CA 124 -13.59 41.40 40.04
N MET CA 125 -12.48 41.16 40.74
CA MET CA 125 -11.57 40.09 40.35
C MET CA 125 -12.30 38.76 40.29
N ASN CA 126 -13.09 38.48 41.33
CA ASN CA 126 -13.85 37.24 41.37
C ASN CA 126 -14.89 37.19 40.26
N GLY CA 127 -15.52 38.32 39.99
CA GLY CA 127 -16.48 38.39 38.90
C GLY CA 127 -15.86 38.19 37.54
N PHE CA 128 -14.53 38.28 37.43
CA PHE CA 128 -13.86 38.07 36.16
C PHE CA 128 -13.57 36.61 35.90
N MET CA 129 -13.16 35.87 36.95
CA MET CA 129 -12.62 34.53 36.71
C MET CA 129 -13.70 33.57 36.26
N VAL CA 130 -14.91 33.69 36.80
CA VAL CA 130 -15.99 32.80 36.37
C VAL CA 130 -16.30 33.04 34.90
N TRP CA 131 -16.38 34.31 34.49
CA TRP CA 131 -16.55 34.61 33.07
C TRP CA 131 -15.34 34.15 32.28
N CYS CA 132 -14.15 34.22 32.89
CA CYS CA 132 -12.95 33.76 32.22
C CYS CA 132 -12.99 32.25 31.95
N ILE CA 133 -13.76 31.51 32.74
CA ILE CA 133 -13.99 30.10 32.44
C ILE CA 133 -14.89 29.97 31.22
N ASP CA 134 -16.11 30.46 31.34
CA ASP CA 134 -17.19 30.12 30.44
C ASP CA 134 -17.05 30.72 29.05
N ASN CA 135 -15.99 31.45 28.78
CA ASN CA 135 -15.65 31.83 27.43
C ASN CA 135 -14.14 31.82 27.28
N GLY CA 136 -13.71 31.85 26.04
CA GLY CA 136 -12.31 31.71 25.75
C GLY CA 136 -11.48 32.85 26.29
N THR CA 137 -10.17 32.64 26.31
CA THR CA 137 -9.20 33.65 26.68
C THR CA 137 -8.20 33.79 25.55
N SER CA 138 -8.28 34.90 24.83
CA SER CA 138 -7.37 35.20 23.75
C SER CA 138 -7.36 36.70 23.55
N PRO CA 139 -6.28 37.25 22.98
CA PRO CA 139 -6.25 38.71 22.77
C PRO CA 139 -7.34 39.21 21.84
N ASP CA 140 -7.93 38.34 21.01
CA ASP CA 140 -8.94 38.77 20.06
C ASP CA 140 -10.35 38.67 20.67
N VAL CA 141 -10.52 39.35 21.80
CA VAL CA 141 -11.82 39.56 22.41
C VAL CA 141 -12.17 41.03 22.29
N ASN CA 142 -13.45 41.30 22.10
CA ASN CA 142 -13.95 42.66 22.13
C ASN CA 142 -15.35 42.62 22.73
N GLY CA 143 -15.90 43.81 22.92
CA GLY CA 143 -17.21 43.95 23.52
C GLY CA 143 -17.09 44.21 25.00
N VAL CA 144 -17.81 43.41 25.80
CA VAL CA 144 -17.94 43.64 27.23
C VAL CA 144 -17.89 42.30 27.95
N TRP CA 145 -17.95 42.38 29.28
CA TRP CA 145 -18.13 41.22 30.12
C TRP CA 145 -19.01 41.60 31.28
N VAL CA 146 -19.39 40.60 32.07
CA VAL CA 146 -20.49 40.79 33.01
C VAL CA 146 -20.40 39.76 34.13
N MET CA 147 -20.74 40.22 35.33
CA MET CA 147 -21.23 39.38 36.41
C MET CA 147 -22.64 39.86 36.77
N MET CA 148 -23.37 39.02 37.50
CA MET CA 148 -24.74 39.29 37.86
C MET CA 148 -24.94 39.22 39.37
N ASP CA 149 -25.95 39.93 39.84
CA ASP CA 149 -26.37 39.91 41.23
C ASP CA 149 -27.88 39.98 41.27
N GLY CA 150 -28.50 39.04 41.97
CA GLY CA 150 -29.95 38.97 41.94
C GLY CA 150 -30.46 38.43 40.63
N GLU CA 151 -30.99 39.31 39.78
CA GLU CA 151 -31.49 38.92 38.47
C GLU CA 151 -31.04 39.82 37.33
N GLU CA 152 -30.38 40.95 37.61
CA GLU CA 152 -29.97 41.87 36.56
C GLU CA 152 -28.61 41.48 35.98
N GLN CA 153 -28.12 42.31 35.07
CA GLN CA 153 -26.98 41.98 34.20
C GLN CA 153 -26.00 43.16 34.19
N VAL CA 154 -25.57 43.56 35.38
CA VAL CA 154 -24.64 44.68 35.54
C VAL CA 154 -23.33 44.41 34.82
N GLU CA 155 -23.07 45.15 33.75
CA GLU CA 155 -21.95 44.91 32.86
C GLU CA 155 -20.79 45.86 33.14
N TYR CA 156 -19.72 45.69 32.38
CA TYR CA 156 -18.48 46.44 32.55
C TYR CA 156 -17.78 46.50 31.19
N PRO CA 157 -16.73 47.32 31.08
CA PRO CA 157 -15.90 47.29 29.88
C PRO CA 157 -14.86 46.18 29.95
N LEU CA 158 -14.13 46.01 28.86
CA LEU CA 158 -13.32 44.83 28.61
C LEU CA 158 -11.87 45.15 28.25
N LYS CA 159 -11.66 46.32 27.64
CA LYS CA 159 -10.34 46.65 27.09
C LYS CA 159 -9.24 46.69 28.13
N PRO CA 160 -9.33 47.50 29.20
CA PRO CA 160 -8.14 47.80 30.00
C PRO CA 160 -7.54 46.60 30.71
N ILE CA 161 -8.31 45.55 30.97
CA ILE CA 161 -7.73 44.34 31.54
C ILE CA 161 -6.74 43.74 30.55
N VAL CA 162 -7.09 43.72 29.27
CA VAL CA 162 -6.25 43.08 28.27
C VAL CA 162 -5.02 43.93 27.99
N GLU CA 163 -5.25 45.16 27.52
CA GLU CA 163 -4.15 45.95 26.99
C GLU CA 163 -3.13 46.33 28.04
N ASN CA 164 -3.54 46.46 29.30
CA ASN CA 164 -2.58 46.63 30.40
C ASN CA 164 -2.25 45.28 31.03
N ALA CA 165 -1.92 44.31 30.19
CA ALA CA 165 -1.42 43.01 30.60
C ALA CA 165 -0.06 42.85 29.94
N LYS CA 166 1.00 42.80 30.75
CA LYS CA 166 2.33 43.07 30.21
C LYS CA 166 2.78 41.97 29.27
N PRO CA 167 2.95 40.71 29.73
CA PRO CA 167 2.87 39.61 28.76
C PRO CA 167 1.41 39.30 28.47
N THR CA 168 1.13 38.24 27.73
CA THR CA 168 -0.24 37.95 27.33
C THR CA 168 -1.09 37.60 28.54
N LEU CA 169 -2.37 37.35 28.28
CA LEU CA 169 -3.35 37.20 29.36
C LEU CA 169 -3.14 35.90 30.12
N ARG CA 170 -3.20 34.78 29.40
CA ARG CA 170 -3.07 33.47 30.04
C ARG CA 170 -1.74 33.34 30.77
N GLN CA 171 -0.69 33.95 30.21
CA GLN CA 171 0.61 34.00 30.85
C GLN CA 171 0.56 34.64 32.24
N ILE CA 172 -0.49 35.42 32.53
CA ILE CA 172 -0.76 35.88 33.88
C ILE CA 172 -1.65 34.89 34.62
N MET CA 173 -2.69 34.41 33.95
CA MET CA 173 -3.80 33.75 34.64
C MET CA 173 -3.52 32.30 34.98
N HIS CA 174 -2.29 31.80 34.83
CA HIS CA 174 -2.00 30.48 35.35
C HIS CA 174 -1.95 30.44 36.87
N HIS CA 175 -1.93 31.61 37.54
CA HIS CA 175 -1.95 31.62 38.99
C HIS CA 175 -3.22 30.96 39.51
N PHE CA 176 -4.36 31.31 38.92
CA PHE CA 176 -5.62 30.72 39.31
C PHE CA 176 -5.71 29.28 38.81
N SER CA 177 -5.32 28.34 39.67
CA SER CA 177 -5.43 26.92 39.39
C SER CA 177 -6.32 26.21 40.39
N ASP CA 178 -6.05 26.38 41.67
CA ASP CA 178 -6.81 25.69 42.70
C ASP CA 178 -8.10 26.40 43.03
N ALA CA 179 -8.17 27.71 42.80
CA ALA CA 179 -9.39 28.45 43.10
C ALA CA 179 -10.54 27.96 42.25
N ALA CA 180 -10.43 28.11 40.94
CA ALA CA 180 -11.48 27.66 40.04
C ALA CA 180 -11.71 26.16 40.16
N GLU CA 181 -10.66 25.41 40.49
CA GLU CA 181 -10.79 23.97 40.71
C GLU CA 181 -11.83 23.67 41.78
N ALA CA 182 -11.62 24.22 42.98
CA ALA CA 182 -12.56 24.00 44.06
C ALA CA 182 -13.94 24.57 43.73
N TYR CA 183 -13.97 25.64 42.94
CA TYR CA 183 -15.23 26.26 42.57
C TYR CA 183 -16.11 25.30 41.81
N ILE CA 184 -15.60 24.75 40.71
CA ILE CA 184 -16.42 23.83 39.92
C ILE CA 184 -16.59 22.51 40.64
N GLU CA 185 -15.74 22.20 41.61
CA GLU CA 185 -15.92 20.98 42.39
C GLU CA 185 -17.24 21.00 43.15
N MET CA 186 -17.48 22.07 43.91
CA MET CA 186 -18.67 22.13 44.73
C MET CA 186 -19.92 22.31 43.86
N ARG CA 187 -19.85 23.17 42.85
CA ARG CA 187 -20.98 23.33 41.95
C ARG CA 187 -21.28 22.04 41.20
N ASN CA 188 -20.27 21.20 41.00
CA ASN CA 188 -20.52 19.86 40.46
C ASN CA 188 -21.09 18.96 41.53
N SER CA 189 -20.76 19.20 42.80
CA SER CA 189 -21.30 18.40 43.88
C SER CA 189 -22.81 18.53 43.96
N GLU CA 190 -23.30 19.77 44.01
CA GLU CA 190 -24.73 19.98 44.01
C GLU CA 190 -25.34 19.47 42.72
N SER CA 191 -25.03 20.15 41.62
CA SER CA 191 -25.71 19.97 40.35
C SER CA 191 -24.71 19.59 39.27
N PRO CA 192 -25.16 19.03 38.14
CA PRO CA 192 -24.21 18.57 37.12
C PRO CA 192 -23.66 19.69 36.26
N TYR CA 193 -22.55 20.28 36.71
CA TYR CA 193 -21.94 21.43 36.07
C TYR CA 193 -20.91 21.02 35.04
N MET CA 194 -20.78 21.83 33.99
CA MET CA 194 -19.70 21.70 33.03
C MET CA 194 -19.49 23.06 32.37
N PRO CA 195 -18.24 23.49 32.15
CA PRO CA 195 -18.03 24.77 31.45
C PRO CA 195 -18.43 24.75 29.99
N ARG CA 196 -18.12 25.85 29.30
CA ARG CA 196 -18.30 25.93 27.85
C ARG CA 196 -17.09 25.40 27.10
N TYR CA 197 -15.89 25.59 27.65
CA TYR CA 197 -14.67 25.09 27.03
C TYR CA 197 -14.69 23.57 26.87
N GLY CA 198 -15.50 22.87 27.64
CA GLY CA 198 -15.64 21.43 27.51
C GLY CA 198 -16.77 21.07 26.59
N LEU CA 199 -17.93 21.69 26.80
CA LEU CA 199 -19.09 21.40 25.97
C LEU CA 199 -18.86 21.74 24.52
N LEU CA 200 -17.97 22.69 24.25
CA LEU CA 200 -17.60 22.96 22.88
C LEU CA 200 -16.76 21.84 22.27
N ARG CA 201 -16.20 20.96 23.11
CA ARG CA 201 -15.36 19.85 22.66
C ARG CA 201 -15.88 18.49 23.11
N ASN CA 202 -17.07 18.45 23.72
CA ASN CA 202 -17.91 17.25 23.78
C ASN CA 202 -17.20 16.10 24.50
N LEU CA 203 -16.96 16.32 25.79
CA LEU CA 203 -16.56 15.23 26.67
C LEU CA 203 -17.77 14.40 27.06
N ARG CA 204 -17.55 13.10 27.18
CA ARG CA 204 -18.57 12.18 27.67
C ARG CA 204 -18.45 11.92 29.17
N ASP CA 205 -17.24 11.98 29.71
CA ASP CA 205 -17.13 11.67 31.14
C ASP CA 205 -17.40 12.92 31.93
N ARG CA 206 -18.52 12.88 32.64
CA ARG CA 206 -18.93 13.96 33.52
C ARG CA 206 -17.90 14.22 34.61
N GLU CA 207 -17.02 13.27 34.89
CA GLU CA 207 -16.13 13.33 36.04
C GLU CA 207 -14.95 14.27 35.81
N LEU CA 208 -14.50 14.43 34.57
CA LEU CA 208 -13.31 15.23 34.27
C LEU CA 208 -13.62 16.69 33.97
N ALA CA 209 -14.67 17.23 34.56
CA ALA CA 209 -14.88 18.68 34.49
C ALA CA 209 -13.78 19.42 35.24
N ARG CA 210 -13.15 18.75 36.21
CA ARG CA 210 -12.08 19.35 37.00
C ARG CA 210 -10.94 19.88 36.14
N TYR CA 211 -10.74 19.31 34.96
CA TYR CA 211 -9.57 19.59 34.13
C TYR CA 211 -9.98 20.21 32.80
N ALA CA 212 -10.91 21.16 32.85
CA ALA CA 212 -11.41 21.85 31.66
C ALA CA 212 -11.29 23.35 31.88
N PHE CA 213 -10.21 23.93 31.36
CA PHE CA 213 -10.01 25.37 31.37
C PHE CA 213 -9.19 25.75 30.15
N ASP CA 214 -9.21 27.04 29.83
CA ASP CA 214 -8.10 27.61 29.10
C ASP CA 214 -6.86 27.62 29.97
N PHE CA 215 -6.98 28.22 31.14
CA PHE CA 215 -5.87 28.35 32.07
C PHE CA 215 -5.90 27.19 33.06
N TYR CA 216 -4.88 26.35 33.01
CA TYR CA 216 -4.70 25.30 33.99
C TYR CA 216 -3.25 24.87 33.95
N GLU CA 217 -2.61 24.88 35.12
CA GLU CA 217 -1.16 24.73 35.20
C GLU CA 217 -0.84 23.32 35.66
N VAL CA 218 -0.19 22.56 34.77
CA VAL CA 218 0.24 21.22 35.09
C VAL CA 218 1.22 21.26 36.25
N THR CA 219 1.21 20.21 37.05
CA THR CA 219 2.18 20.03 38.11
C THR CA 219 2.60 18.56 38.10
N SER CA 220 3.48 18.21 39.03
CA SER CA 220 3.82 16.82 39.26
C SER CA 220 2.79 16.09 40.10
N LYS CA 221 1.68 16.74 40.45
CA LYS CA 221 0.69 16.15 41.34
C LYS CA 221 -0.45 15.45 40.61
N THR CA 222 -0.69 15.79 39.35
CA THR CA 222 -1.87 15.29 38.67
C THR CA 222 -1.78 13.79 38.47
N PRO CA 223 -2.91 13.12 38.28
CA PRO CA 223 -2.88 11.71 37.90
C PRO CA 223 -2.59 11.54 36.43
N ASN CA 224 -2.38 10.29 36.04
CA ASN CA 224 -1.97 9.94 34.69
C ASN CA 224 -3.14 9.78 33.73
N ARG CA 225 -4.34 10.19 34.13
CA ARG CA 225 -5.53 10.07 33.28
C ARG CA 225 -5.87 11.38 32.60
N ALA CA 226 -6.08 12.44 33.38
CA ALA CA 226 -6.41 13.73 32.80
C ALA CA 226 -5.27 14.31 31.99
N ARG CA 227 -4.04 13.89 32.29
CA ARG CA 227 -2.88 14.39 31.57
C ARG CA 227 -2.96 14.04 30.09
N GLU CA 228 -3.63 12.94 29.75
CA GLU CA 228 -3.84 12.61 28.35
C GLU CA 228 -4.92 13.49 27.73
N ALA CA 229 -6.04 13.65 28.43
CA ALA CA 229 -7.19 14.33 27.84
C ALA CA 229 -6.89 15.79 27.54
N ILE CA 230 -6.08 16.44 28.39
CA ILE CA 230 -5.74 17.83 28.16
C ILE CA 230 -5.01 17.98 26.83
N ALA CA 231 -4.00 17.14 26.61
CA ALA CA 231 -3.20 17.26 25.41
C ALA CA 231 -4.03 16.98 24.17
N GLN CA 232 -5.04 16.11 24.29
CA GLN CA 232 -5.93 15.87 23.15
C GLN CA 232 -6.72 17.13 22.83
N MET CA 233 -7.14 17.88 23.84
CA MET CA 233 -7.86 19.12 23.59
C MET CA 233 -6.97 20.12 22.88
N LYS CA 234 -5.77 20.34 23.42
CA LYS CA 234 -4.87 21.35 22.87
C LYS CA 234 -4.52 21.05 21.42
N ALA CA 235 -4.42 19.77 21.08
CA ALA CA 235 -4.09 19.40 19.71
C ALA CA 235 -5.32 19.43 18.81
N ALA CA 236 -6.49 19.17 19.37
CA ALA CA 236 -7.70 19.16 18.55
C ALA CA 236 -8.11 20.57 18.16
N ALA CA 237 -7.83 21.54 19.01
CA ALA CA 237 -8.26 22.91 18.80
C ALA CA 237 -7.24 23.74 18.04
N LEU CA 238 -6.21 23.12 17.47
CA LEU CA 238 -5.20 23.84 16.69
C LEU CA 238 -4.83 22.98 15.49
N ALA CA 239 -5.29 23.40 14.32
CA ALA CA 239 -4.98 22.70 13.08
C ALA CA 239 -5.33 23.61 11.93
N GLY CA 240 -4.42 23.69 10.95
CA GLY CA 240 -4.58 24.59 9.84
C GLY CA 240 -4.05 25.98 10.07
N ILE CA 241 -3.87 26.39 11.33
CA ILE CA 241 -3.32 27.71 11.62
C ILE CA 241 -1.87 27.73 11.14
N ASN CA 242 -1.61 28.53 10.11
CA ASN CA 242 -0.27 28.71 9.56
C ASN CA 242 0.32 29.97 10.16
N SER CA 243 1.46 29.83 10.85
CA SER CA 243 2.00 30.90 11.67
C SER CA 243 2.33 32.13 10.84
N ARG CA 244 3.32 32.02 9.94
CA ARG CA 244 3.64 33.09 9.00
C ARG CA 244 4.02 34.38 9.72
N LEU CA 245 5.19 34.34 10.36
CA LEU CA 245 5.57 35.37 11.33
C LEU CA 245 5.54 36.78 10.76
N PHE CA 246 5.62 36.94 9.44
CA PHE CA 246 5.46 38.25 8.83
C PHE CA 246 3.99 38.55 8.56
N GLY CA 247 3.67 39.83 8.62
CA GLY CA 247 2.33 40.31 8.32
C GLY CA 247 2.28 40.87 6.92
N LEU CA 248 2.36 42.19 6.80
CA LEU CA 248 2.60 42.82 5.52
C LEU CA 248 3.54 44.00 5.69
N ASP CA 249 4.33 44.26 4.65
CA ASP CA 249 5.24 45.38 4.63
C ASP CA 249 4.49 46.66 4.29
N GLY CA 250 4.95 47.77 4.86
CA GLY CA 250 4.34 49.05 4.58
C GLY CA 250 4.89 49.71 3.33
N ASN CA 251 6.15 49.45 3.00
CA ASN CA 251 6.78 50.08 1.85
C ASN CA 251 6.18 49.51 0.58
N ILE CA 252 5.50 50.37 -0.18
CA ILE CA 252 5.02 50.07 -1.51
C ILE CA 252 5.85 50.86 -2.50
N SER CA 253 6.13 50.25 -3.66
CA SER CA 253 6.62 50.98 -4.82
C SER CA 253 6.04 50.28 -6.04
N THR CA 254 4.84 50.73 -6.44
CA THR CA 254 4.26 50.24 -7.68
C THR CA 254 4.87 50.91 -8.89
N ASN CA 255 5.34 52.15 -8.73
CA ASN CA 255 5.98 52.89 -9.80
C ASN CA 255 6.93 53.90 -9.17
N SER CA 256 8.17 53.93 -9.67
CA SER CA 256 9.19 54.79 -9.10
C SER CA 256 8.79 56.26 -9.23
N GLU CA 257 9.46 57.10 -8.45
CA GLU CA 257 9.17 58.52 -8.44
C GLU CA 257 9.67 59.18 -9.71
N ASN CA 258 8.88 60.11 -10.25
CA ASN CA 258 9.11 60.61 -11.60
C ASN CA 258 10.28 61.59 -11.64
N THR CA 259 10.16 62.72 -10.94
CA THR CA 259 11.18 63.78 -10.92
C THR CA 259 11.44 64.31 -12.33
N GLU CA 260 10.41 64.89 -12.92
CA GLU CA 260 10.54 65.61 -14.18
C GLU CA 260 9.57 66.79 -14.18
N ARG CA 261 9.72 67.65 -15.19
CA ARG CA 261 9.10 68.96 -15.21
C ARG CA 261 8.04 69.05 -16.31
N HIS CA 262 7.48 70.25 -16.44
CA HIS CA 262 6.57 70.59 -17.53
C HIS CA 262 6.76 72.06 -17.88
N THR CA 263 6.64 72.37 -19.16
CA THR CA 263 6.63 73.74 -19.64
C THR CA 263 5.54 73.86 -20.70
N ALA CA 264 5.38 75.08 -21.22
CA ALA CA 264 4.41 75.34 -22.26
C ALA CA 264 4.93 74.85 -23.61
N PRO EA 58 -17.80 16.72 64.13
CA PRO EA 58 -17.15 17.98 63.77
C PRO EA 58 -17.37 18.34 62.30
N ARG EA 59 -17.52 19.64 62.02
CA ARG EA 59 -17.90 20.13 60.71
C ARG EA 59 -17.06 21.35 60.35
N LEU EA 60 -16.98 21.63 59.06
CA LEU EA 60 -16.27 22.79 58.55
C LEU EA 60 -16.80 23.10 57.15
N GLN EA 61 -16.20 24.11 56.53
CA GLN EA 61 -16.60 24.59 55.22
C GLN EA 61 -15.57 24.21 54.16
N LYS EA 62 -16.02 24.21 52.91
CA LYS EA 62 -15.22 23.68 51.81
C LYS EA 62 -13.91 24.46 51.64
N ILE EA 63 -14.00 25.74 51.30
CA ILE EA 63 -12.81 26.58 51.23
C ILE EA 63 -12.31 26.87 52.64
N THR EA 64 -11.00 27.05 52.77
CA THR EA 64 -10.39 27.47 54.02
C THR EA 64 -9.36 28.55 53.71
N LYS EA 65 -9.18 29.45 54.67
CA LYS EA 65 -8.21 30.53 54.51
C LYS EA 65 -6.81 30.00 54.28
N LYS EA 66 -6.49 28.83 54.83
CA LYS EA 66 -5.14 28.27 54.71
C LYS EA 66 -4.88 27.64 53.36
N MET EA 67 -5.85 27.60 52.47
CA MET EA 67 -5.60 27.17 51.11
C MET EA 67 -4.62 28.13 50.45
N ASN EA 68 -3.86 27.62 49.48
CA ASN EA 68 -2.94 28.47 48.74
C ASN EA 68 -3.72 29.41 47.81
N LEU EA 69 -3.33 30.67 47.80
CA LEU EA 69 -4.14 31.73 47.20
C LEU EA 69 -3.21 32.84 46.75
N PRO EA 70 -3.72 33.86 46.05
CA PRO EA 70 -2.87 34.96 45.62
C PRO EA 70 -2.33 35.79 46.79
N THR EA 71 -1.13 36.34 46.58
CA THR EA 71 -0.34 36.99 47.62
C THR EA 71 0.32 38.28 47.14
N VAL EA 72 -0.46 39.22 46.60
CA VAL EA 72 0.07 40.54 46.23
C VAL EA 72 0.81 41.15 47.41
N GLY EA 73 0.08 41.41 48.49
CA GLY EA 73 0.69 41.81 49.74
C GLY EA 73 0.95 40.59 50.60
N GLY EA 74 1.95 40.70 51.47
CA GLY EA 74 2.22 39.63 52.42
C GLY EA 74 1.03 39.34 53.32
N LYS EA 75 0.21 40.34 53.59
CA LYS EA 75 -0.96 40.21 54.45
C LYS EA 75 -2.25 40.02 53.66
N ILE EA 76 -2.58 40.99 52.81
CA ILE EA 76 -3.93 41.09 52.28
C ILE EA 76 -4.14 40.06 51.18
N ILE EA 77 -5.31 39.45 51.18
CA ILE EA 77 -5.73 38.47 50.18
C ILE EA 77 -6.77 39.12 49.30
N LEU EA 78 -6.81 38.68 48.04
CA LEU EA 78 -7.62 39.33 47.03
C LEU EA 78 -8.99 38.68 46.93
N SER EA 79 -9.03 37.37 46.78
CA SER EA 79 -10.30 36.65 46.71
C SER EA 79 -10.93 36.55 48.09
N LEU EA 80 -11.83 37.48 48.42
CA LEU EA 80 -12.49 37.45 49.72
C LEU EA 80 -13.37 36.23 49.85
N ASP EA 81 -13.22 35.52 50.96
CA ASP EA 81 -13.93 34.25 51.19
C ASP EA 81 -15.38 34.56 51.58
N HIS EA 82 -16.17 34.92 50.58
CA HIS EA 82 -17.61 35.01 50.70
C HIS EA 82 -18.28 34.31 49.52
N LEU EA 83 -17.59 33.32 48.95
CA LEU EA 83 -18.05 32.61 47.77
C LEU EA 83 -18.99 31.47 48.09
N LEU EA 84 -19.11 31.10 49.36
CA LEU EA 84 -19.94 29.98 49.76
C LEU EA 84 -21.40 30.21 49.39
N GLU EA 85 -21.82 31.46 49.25
CA GLU EA 85 -23.13 31.81 48.70
C GLU EA 85 -22.86 32.74 47.52
N TYR EA 86 -22.49 32.16 46.39
CA TYR EA 86 -22.45 32.86 45.11
C TYR EA 86 -22.75 31.81 44.05
N LYS EA 87 -24.03 31.69 43.70
CA LYS EA 87 -24.53 30.62 42.85
C LYS EA 87 -25.46 31.21 41.79
N PRO EA 88 -24.91 32.00 40.87
CA PRO EA 88 -25.72 32.48 39.75
C PRO EA 88 -26.06 31.35 38.81
N ASN EA 89 -27.25 31.44 38.22
CA ASN EA 89 -27.62 30.50 37.17
C ASN EA 89 -26.63 30.63 36.03
N GLN EA 90 -26.10 29.48 35.61
CA GLN EA 90 -24.92 29.47 34.75
C GLN EA 90 -25.19 30.14 33.42
N VAL EA 91 -26.32 29.82 32.81
CA VAL EA 91 -26.59 30.19 31.43
C VAL EA 91 -26.70 31.69 31.27
N ASP EA 92 -26.99 32.43 32.35
CA ASP EA 92 -27.15 33.87 32.27
C ASP EA 92 -25.82 34.59 32.05
N LEU EA 93 -24.70 33.89 32.10
CA LEU EA 93 -23.38 34.49 32.15
C LEU EA 93 -22.60 34.40 30.84
N PHE EA 94 -23.08 33.63 29.88
CA PHE EA 94 -22.33 33.42 28.65
C PHE EA 94 -22.24 34.70 27.83
N ASN EA 95 -21.43 34.62 26.78
CA ASN EA 95 -21.32 35.66 25.75
C ASN EA 95 -22.23 35.40 24.56
N THR EA 96 -22.54 34.13 24.28
CA THR EA 96 -23.37 33.78 23.13
C THR EA 96 -24.81 34.23 23.25
N ARG EA 97 -25.24 34.62 24.44
CA ARG EA 97 -26.54 35.25 24.62
C ARG EA 97 -26.38 36.76 24.66
N ALA EA 98 -27.41 37.45 24.22
CA ALA EA 98 -27.44 38.90 24.32
C ALA EA 98 -27.55 39.32 25.78
N THR EA 99 -27.59 40.63 26.00
CA THR EA 99 -27.76 41.17 27.34
C THR EA 99 -29.24 41.27 27.70
N LYS EA 100 -29.50 41.52 28.98
CA LYS EA 100 -30.86 41.85 29.40
C LYS EA 100 -31.32 43.15 28.78
N THR EA 101 -30.40 44.07 28.51
CA THR EA 101 -30.73 45.36 27.94
C THR EA 101 -31.24 45.22 26.51
N GLN EA 102 -30.44 44.58 25.66
CA GLN EA 102 -30.74 44.53 24.24
C GLN EA 102 -32.04 43.79 23.97
N PHE EA 103 -32.33 42.75 24.76
CA PHE EA 103 -33.61 42.06 24.65
C PHE EA 103 -34.76 43.01 24.96
N GLU EA 104 -34.56 43.89 25.95
CA GLU EA 104 -35.61 44.81 26.32
C GLU EA 104 -35.86 45.82 25.21
N SER EA 105 -34.81 46.47 24.73
CA SER EA 105 -35.00 47.49 23.69
C SER EA 105 -35.55 46.90 22.41
N TRP EA 106 -35.16 45.67 22.08
CA TRP EA 106 -35.74 44.99 20.94
C TRP EA 106 -37.24 44.86 21.09
N TYR EA 107 -37.69 44.54 22.31
CA TYR EA 107 -39.12 44.39 22.56
C TYR EA 107 -39.84 45.73 22.54
N SER EA 108 -39.13 46.81 22.89
CA SER EA 108 -39.77 48.12 22.89
C SER EA 108 -39.75 48.76 21.51
N ALA EA 109 -38.61 48.66 20.81
CA ALA EA 109 -38.49 49.30 19.51
C ALA EA 109 -39.41 48.67 18.49
N VAL EA 110 -39.67 47.37 18.61
CA VAL EA 110 -40.53 46.69 17.65
C VAL EA 110 -41.96 47.19 17.77
N LYS EA 111 -42.40 47.47 19.00
CA LYS EA 111 -43.80 47.77 19.25
C LYS EA 111 -44.23 49.06 18.55
N VAL EA 112 -43.30 50.02 18.44
CA VAL EA 112 -43.63 51.28 17.81
C VAL EA 112 -43.84 51.09 16.32
N GLU EA 113 -42.98 50.31 15.67
CA GLU EA 113 -43.02 50.21 14.22
C GLU EA 113 -44.16 49.34 13.71
N TYR EA 114 -44.75 48.50 14.55
CA TYR EA 114 -46.05 47.93 14.27
C TYR EA 114 -47.18 48.80 14.80
N ASP EA 115 -46.89 49.67 15.78
CA ASP EA 115 -47.85 50.64 16.29
C ASP EA 115 -49.08 49.95 16.88
N LEU EA 116 -48.82 49.02 17.80
CA LEU EA 116 -49.88 48.29 18.51
C LEU EA 116 -50.16 48.89 19.88
N ASN EA 117 -49.14 48.99 20.73
CA ASN EA 117 -49.28 49.50 22.09
C ASN EA 117 -50.36 48.72 22.85
N ASP EA 118 -50.34 47.40 22.70
CA ASP EA 118 -51.36 46.55 23.27
C ASP EA 118 -50.79 45.16 23.46
N GLU EA 119 -51.44 44.37 24.29
CA GLU EA 119 -50.95 43.04 24.66
C GLU EA 119 -51.27 41.98 23.61
N GLN EA 120 -51.61 42.37 22.39
CA GLN EA 120 -51.56 41.44 21.27
C GLN EA 120 -50.13 41.04 20.93
N MET EA 121 -49.13 41.76 21.46
CA MET EA 121 -47.73 41.47 21.17
C MET EA 121 -47.36 40.04 21.54
N GLY EA 122 -47.97 39.51 22.60
CA GLY EA 122 -47.71 38.12 22.97
C GLY EA 122 -48.04 37.15 21.87
N VAL EA 123 -49.11 37.42 21.12
CA VAL EA 123 -49.49 36.55 20.02
C VAL EA 123 -48.49 36.71 18.88
N ILE EA 124 -48.12 37.95 18.56
CA ILE EA 124 -47.24 38.21 17.42
C ILE EA 124 -45.87 37.59 17.67
N MET EA 125 -45.35 37.77 18.90
CA MET EA 125 -44.10 37.11 19.27
C MET EA 125 -44.22 35.61 19.10
N ASN EA 126 -45.31 35.04 19.58
CA ASN EA 126 -45.52 33.60 19.46
C ASN EA 126 -45.67 33.19 18.00
N GLY EA 127 -46.35 34.02 17.22
CA GLY EA 127 -46.48 33.75 15.80
C GLY EA 127 -45.17 33.81 15.04
N PHE EA 128 -44.13 34.38 15.65
CA PHE EA 128 -42.83 34.46 15.00
C PHE EA 128 -42.00 33.21 15.25
N MET EA 129 -42.04 32.67 16.46
CA MET EA 129 -41.09 31.63 16.82
C MET EA 129 -41.36 30.34 16.05
N VAL EA 130 -42.62 30.00 15.84
CA VAL EA 130 -42.92 28.78 15.08
C VAL EA 130 -42.39 28.91 13.66
N TRP EA 131 -42.62 30.06 13.03
CA TRP EA 131 -42.04 30.31 11.72
C TRP EA 131 -40.53 30.33 11.80
N CYS EA 132 -39.99 30.82 12.92
CA CYS EA 132 -38.54 30.85 13.10
C CYS EA 132 -37.96 29.45 13.17
N ILE EA 133 -38.76 28.46 13.54
CA ILE EA 133 -38.32 27.07 13.45
C ILE EA 133 -38.27 26.64 12.00
N ASP EA 134 -39.42 26.65 11.35
CA ASP EA 134 -39.63 25.93 10.09
C ASP EA 134 -38.92 26.56 8.92
N ASN EA 135 -38.19 27.65 9.10
CA ASN EA 135 -37.28 28.14 8.10
C ASN EA 135 -36.05 28.69 8.78
N GLY EA 136 -35.01 28.91 7.99
CA GLY EA 136 -33.74 29.30 8.53
C GLY EA 136 -33.78 30.66 9.19
N THR EA 137 -32.73 30.94 9.94
CA THR EA 137 -32.51 32.24 10.57
C THR EA 137 -31.15 32.75 10.13
N SER EA 138 -31.16 33.77 9.28
CA SER EA 138 -29.94 34.40 8.81
C SER EA 138 -30.29 35.80 8.36
N PRO EA 139 -29.32 36.72 8.35
CA PRO EA 139 -29.63 38.08 7.90
C PRO EA 139 -30.09 38.17 6.46
N ASP EA 140 -29.80 37.16 5.64
CA ASP EA 140 -30.16 37.19 4.23
C ASP EA 140 -31.55 36.57 4.01
N VAL EA 141 -32.53 37.12 4.72
CA VAL EA 141 -33.94 36.82 4.47
C VAL EA 141 -34.59 38.06 3.91
N ASN EA 142 -35.55 37.84 3.01
CA ASN EA 142 -36.38 38.91 2.50
C ASN EA 142 -37.76 38.36 2.25
N GLY EA 143 -38.65 39.25 1.89
CA GLY EA 143 -40.05 38.88 1.65
C GLY EA 143 -40.88 39.14 2.88
N VAL EA 144 -41.62 38.13 3.32
CA VAL EA 144 -42.61 38.26 4.37
C VAL EA 144 -42.55 37.04 5.27
N TRP EA 145 -43.38 37.06 6.30
CA TRP EA 145 -43.62 35.90 7.14
C TRP EA 145 -45.09 35.90 7.54
N VAL EA 146 -45.51 34.83 8.19
CA VAL EA 146 -46.94 34.58 8.34
C VAL EA 146 -47.19 33.64 9.51
N MET EA 147 -48.27 33.92 10.22
CA MET EA 147 -49.00 32.95 11.03
C MET EA 147 -50.42 32.86 10.48
N MET EA 148 -51.12 31.80 10.85
CA MET EA 148 -52.47 31.55 10.36
C MET EA 148 -53.44 31.37 11.52
N ASP EA 149 -54.70 31.65 11.22
CA ASP EA 149 -55.81 31.46 12.15
C ASP EA 149 -57.00 30.96 11.36
N GLY EA 150 -57.58 29.84 11.78
CA GLY EA 150 -58.65 29.24 11.01
C GLY EA 150 -58.11 28.57 9.76
N GLU EA 151 -58.31 29.21 8.61
CA GLU EA 151 -57.82 28.68 7.34
C GLU EA 151 -57.12 29.71 6.46
N GLU EA 152 -57.12 30.99 6.83
CA GLU EA 152 -56.51 32.02 6.00
C GLU EA 152 -55.03 32.16 6.32
N GLN EA 153 -54.39 33.14 5.67
CA GLN EA 153 -52.93 33.26 5.63
C GLN EA 153 -52.54 34.72 5.91
N VAL EA 154 -53.01 35.24 7.04
CA VAL EA 154 -52.75 36.61 7.44
C VAL EA 154 -51.27 36.86 7.60
N GLU EA 155 -50.69 37.66 6.71
CA GLU EA 155 -49.25 37.87 6.62
C GLU EA 155 -48.83 39.17 7.28
N TYR EA 156 -47.52 39.43 7.26
CA TYR EA 156 -46.91 40.58 7.91
C TYR EA 156 -45.65 40.92 7.16
N PRO EA 157 -45.03 42.07 7.45
CA PRO EA 157 -43.71 42.37 6.92
C PRO EA 157 -42.61 41.71 7.76
N LEU EA 158 -41.37 41.86 7.27
CA LEU EA 158 -40.25 41.06 7.74
C LEU EA 158 -39.05 41.90 8.14
N LYS EA 159 -38.89 43.07 7.53
CA LYS EA 159 -37.69 43.88 7.71
C LYS EA 159 -37.46 44.31 9.15
N PRO EA 160 -38.39 45.02 9.81
CA PRO EA 160 -38.02 45.72 11.05
C PRO EA 160 -37.60 44.81 12.19
N ILE EA 161 -38.01 43.56 12.21
CA ILE EA 161 -37.51 42.63 13.22
C ILE EA 161 -36.00 42.46 13.06
N VAL EA 162 -35.54 42.32 11.83
CA VAL EA 162 -34.13 42.05 11.58
C VAL EA 162 -33.31 43.31 11.83
N GLU EA 163 -33.59 44.37 11.08
CA GLU EA 163 -32.70 45.52 11.06
C GLU EA 163 -32.64 46.24 12.41
N ASN EA 164 -33.71 46.20 13.20
CA ASN EA 164 -33.66 46.68 14.57
C ASN EA 164 -33.34 45.54 15.54
N ALA EA 165 -32.31 44.77 15.21
CA ALA EA 165 -31.75 43.75 16.08
C ALA EA 165 -30.29 44.11 16.29
N LYS EA 166 -29.94 44.45 17.53
CA LYS EA 166 -28.70 45.21 17.73
C LYS EA 166 -27.47 44.35 17.43
N PRO EA 167 -27.21 43.25 18.14
CA PRO EA 167 -26.38 42.21 17.52
C PRO EA 167 -27.23 41.38 16.56
N THR EA 168 -26.68 40.31 16.02
CA THR EA 168 -27.41 39.54 15.01
C THR EA 168 -28.64 38.88 15.62
N LEU EA 169 -29.39 38.17 14.79
CA LEU EA 169 -30.69 37.67 15.18
C LEU EA 169 -30.56 36.51 16.16
N ARG EA 170 -29.84 35.46 15.77
CA ARG EA 170 -29.70 34.28 16.62
C ARG EA 170 -29.06 34.65 17.95
N GLN EA 171 -28.14 35.61 17.94
CA GLN EA 171 -27.52 36.14 19.15
C GLN EA 171 -28.55 36.68 20.13
N ILE EA 172 -29.75 37.02 19.67
CA ILE EA 172 -30.89 37.33 20.54
C ILE EA 172 -31.67 36.06 20.87
N MET EA 173 -31.93 35.23 19.86
CA MET EA 173 -32.95 34.20 19.97
C MET EA 173 -32.48 32.95 20.69
N HIS EA 174 -31.30 32.94 21.30
CA HIS EA 174 -30.96 31.82 22.17
C HIS EA 174 -31.78 31.79 23.45
N HIS EA 175 -32.51 32.86 23.77
CA HIS EA 175 -33.35 32.83 24.96
C HIS EA 175 -34.40 31.75 24.84
N PHE EA 176 -35.04 31.65 23.68
CA PHE EA 176 -36.05 30.63 23.44
C PHE EA 176 -35.38 29.28 23.28
N SER EA 177 -35.27 28.54 24.37
CA SER EA 177 -34.76 27.18 24.35
C SER EA 177 -35.78 26.17 24.85
N ASP EA 178 -36.36 26.41 26.02
CA ASP EA 178 -37.30 25.47 26.60
C ASP EA 178 -38.69 25.65 26.04
N ALA EA 179 -39.02 26.84 25.55
CA ALA EA 179 -40.35 27.08 25.00
C ALA EA 179 -40.60 26.20 23.79
N ALA EA 180 -39.81 26.40 22.73
CA ALA EA 180 -39.97 25.61 21.53
C ALA EA 180 -39.73 24.13 21.80
N GLU EA 181 -38.89 23.82 22.78
CA GLU EA 181 -38.66 22.43 23.17
C GLU EA 181 -39.97 21.75 23.56
N ALA EA 182 -40.66 22.32 24.54
CA ALA EA 182 -41.93 21.75 24.99
C ALA EA 182 -42.95 21.76 23.87
N TYR EA 183 -42.86 22.76 22.99
CA TYR EA 183 -43.82 22.89 21.89
C TYR EA 183 -43.75 21.67 20.98
N ILE EA 184 -42.56 21.37 20.45
CA ILE EA 184 -42.44 20.23 19.56
C ILE EA 184 -42.58 18.92 20.32
N GLU EA 185 -42.38 18.94 21.64
CA GLU EA 185 -42.58 17.73 22.41
C GLU EA 185 -44.02 17.25 22.34
N MET EA 186 -44.97 18.15 22.62
CA MET EA 186 -46.37 17.73 22.65
C MET EA 186 -46.88 17.45 21.24
N ARG EA 187 -46.51 18.29 20.27
CA ARG EA 187 -46.91 18.04 18.90
C ARG EA 187 -46.32 16.75 18.38
N ASN EA 188 -45.17 16.33 18.91
CA ASN EA 188 -44.63 15.01 18.60
C ASN EA 188 -45.38 13.94 19.36
N SER EA 189 -45.94 14.28 20.53
CA SER EA 189 -46.71 13.32 21.30
C SER EA 189 -47.95 12.88 20.53
N GLU EA 190 -48.74 13.83 20.06
CA GLU EA 190 -49.90 13.50 19.26
C GLU EA 190 -49.45 12.83 17.97
N SER EA 191 -48.82 13.59 17.09
CA SER EA 191 -48.55 13.19 15.72
C SER EA 191 -47.05 13.24 15.45
N PRO EA 192 -46.59 12.57 14.38
CA PRO EA 192 -45.15 12.50 14.14
C PRO EA 192 -44.58 13.76 13.51
N TYR EA 193 -44.18 14.71 14.35
CA TYR EA 193 -43.71 16.01 13.92
C TYR EA 193 -42.21 16.03 13.71
N MET EA 194 -41.77 16.86 12.75
CA MET EA 194 -40.36 17.14 12.55
C MET EA 194 -40.25 18.49 11.86
N PRO EA 195 -39.31 19.37 12.25
CA PRO EA 195 -39.16 20.64 11.55
C PRO EA 195 -38.63 20.50 10.13
N ARG EA 196 -38.34 21.63 9.51
CA ARG EA 196 -37.68 21.67 8.22
C ARG EA 196 -36.16 21.64 8.34
N TYR EA 197 -35.62 22.26 9.39
CA TYR EA 197 -34.19 22.25 9.64
C TYR EA 197 -33.63 20.84 9.79
N GLY EA 198 -34.47 19.88 10.14
CA GLY EA 198 -34.05 18.49 10.24
C GLY EA 198 -34.28 17.75 8.95
N LEU EA 199 -35.47 17.89 8.37
CA LEU EA 199 -35.79 17.20 7.14
C LEU EA 199 -34.91 17.64 5.99
N LEU EA 200 -34.37 18.84 6.06
CA LEU EA 200 -33.39 19.26 5.08
C LEU EA 200 -32.07 18.54 5.25
N ARG EA 201 -31.83 17.91 6.41
CA ARG EA 201 -30.59 17.21 6.71
C ARG EA 201 -30.82 15.74 7.07
N ASN EA 202 -32.04 15.25 6.95
CA ASN EA 202 -32.35 13.82 6.79
C ASN EA 202 -31.86 13.02 7.99
N LEU EA 203 -32.49 13.28 9.13
CA LEU EA 203 -32.33 12.40 10.28
C LEU EA 203 -33.21 11.17 10.12
N ARG EA 204 -32.71 10.04 10.60
CA ARG EA 204 -33.47 8.81 10.64
C ARG EA 204 -34.15 8.59 11.99
N ASP EA 205 -33.55 9.08 13.06
CA ASP EA 205 -34.19 8.81 14.36
C ASP EA 205 -35.24 9.87 14.62
N ARG EA 206 -36.48 9.40 14.61
CA ARG EA 206 -37.63 10.24 14.91
C ARG EA 206 -37.55 10.85 16.30
N GLU EA 207 -36.73 10.28 17.19
CA GLU EA 207 -36.73 10.65 18.60
C GLU EA 207 -36.01 11.96 18.86
N LEU EA 208 -35.01 12.30 18.04
CA LEU EA 208 -34.18 13.48 18.28
C LEU EA 208 -34.70 14.73 17.57
N ALA EA 209 -36.02 14.84 17.38
CA ALA EA 209 -36.57 16.10 16.93
C ALA EA 209 -36.41 17.19 17.99
N ARG EA 210 -36.26 16.78 19.25
CA ARG EA 210 -36.08 17.72 20.34
C ARG EA 210 -34.90 18.65 20.15
N TYR EA 211 -33.88 18.21 19.40
CA TYR EA 211 -32.63 18.93 19.29
C TYR EA 211 -32.38 19.38 17.85
N ALA EA 212 -33.41 19.90 17.20
CA ALA EA 212 -33.32 20.38 15.82
C ALA EA 212 -33.83 21.81 15.77
N PHE EA 213 -32.90 22.75 15.79
CA PHE EA 213 -33.20 24.16 15.64
C PHE EA 213 -32.00 24.84 14.99
N ASP EA 214 -32.24 26.04 14.46
CA ASP EA 214 -31.14 26.99 14.33
C ASP EA 214 -30.70 27.46 15.71
N PHE EA 215 -31.65 27.94 16.50
CA PHE EA 215 -31.39 28.46 17.83
C PHE EA 215 -31.60 27.35 18.84
N TYR EA 216 -30.53 26.95 19.51
CA TYR EA 216 -30.63 26.03 20.63
C TYR EA 216 -29.37 26.18 21.46
N GLU EA 217 -29.54 26.40 22.74
CA GLU EA 217 -28.45 26.79 23.62
C GLU EA 217 -28.01 25.59 24.45
N VAL EA 218 -26.78 25.15 24.20
CA VAL EA 218 -26.21 24.05 24.97
C VAL EA 218 -26.13 24.44 26.44
N THR EA 219 -26.28 23.44 27.30
CA THR EA 219 -26.07 23.61 28.72
C THR EA 219 -25.29 22.41 29.24
N SER EA 220 -25.05 22.40 30.54
CA SER EA 220 -24.47 21.23 31.18
C SER EA 220 -25.51 20.15 31.47
N LYS EA 221 -26.76 20.34 31.04
CA LYS EA 221 -27.84 19.41 31.36
C LYS EA 221 -28.07 18.36 30.29
N THR EA 222 -27.64 18.60 29.06
CA THR EA 222 -27.99 17.71 27.98
C THR EA 222 -27.34 16.34 28.15
N PRO EA 223 -27.88 15.31 27.53
CA PRO EA 223 -27.20 14.01 27.50
C PRO EA 223 -26.09 13.99 26.48
N ASN EA 224 -25.32 12.91 26.52
CA ASN EA 224 -24.13 12.77 25.71
C ASN EA 224 -24.43 12.20 24.32
N ARG EA 225 -25.69 12.13 23.92
CA ARG EA 225 -26.08 11.58 22.62
C ARG EA 225 -26.37 12.69 21.61
N ALA EA 226 -27.29 13.59 21.95
CA ALA EA 226 -27.63 14.67 21.03
C ALA EA 226 -26.48 15.65 20.86
N ARG EA 227 -25.59 15.71 21.85
CA ARG EA 227 -24.44 16.61 21.77
C ARG EA 227 -23.56 16.28 20.58
N GLU EA 228 -23.53 15.02 20.16
CA GLU EA 228 -22.79 14.66 18.96
C GLU EA 228 -23.53 15.08 17.70
N ALA EA 229 -24.83 14.80 17.65
CA ALA EA 229 -25.58 15.02 16.42
C ALA EA 229 -25.65 16.49 16.04
N ILE EA 230 -25.72 17.37 17.04
CA ILE EA 230 -25.76 18.80 16.76
C ILE EA 230 -24.50 19.23 16.03
N ALA EA 231 -23.34 18.83 16.55
CA ALA EA 231 -22.09 19.25 15.96
C ALA EA 231 -21.93 18.71 14.55
N GLN EA 232 -22.49 17.52 14.28
CA GLN EA 232 -22.45 17.00 12.93
C GLN EA 232 -23.25 17.87 11.98
N MET EA 233 -24.39 18.40 12.45
CA MET EA 233 -25.18 19.28 11.62
C MET EA 233 -24.42 20.56 11.31
N LYS EA 234 -23.89 21.20 12.34
CA LYS EA 234 -23.20 22.48 12.17
C LYS EA 234 -22.01 22.35 11.23
N ALA EA 235 -21.35 21.21 11.25
CA ALA EA 235 -20.20 21.01 10.38
C ALA EA 235 -20.62 20.60 8.98
N ALA EA 236 -21.76 19.91 8.86
CA ALA EA 236 -22.21 19.47 7.54
C ALA EA 236 -22.74 20.63 6.73
N ALA EA 237 -23.31 21.63 7.39
CA ALA EA 237 -23.95 22.74 6.70
C ALA EA 237 -23.00 23.91 6.46
N LEU EA 238 -21.70 23.72 6.67
CA LEU EA 238 -20.72 24.76 6.41
C LEU EA 238 -19.48 24.13 5.79
N ALA EA 239 -19.30 24.36 4.50
CA ALA EA 239 -18.15 23.85 3.79
C ALA EA 239 -18.04 24.58 2.48
N GLY EA 240 -16.83 25.01 2.13
CA GLY EA 240 -16.60 25.80 0.96
C GLY EA 240 -16.75 27.30 1.16
N ILE EA 241 -17.46 27.72 2.20
CA ILE EA 241 -17.62 29.14 2.48
C ILE EA 241 -16.25 29.70 2.85
N ASN EA 242 -15.72 30.56 1.98
CA ASN EA 242 -14.44 31.23 2.20
C ASN EA 242 -14.73 32.61 2.77
N SER EA 243 -14.21 32.88 3.97
CA SER EA 243 -14.60 34.07 4.72
C SER EA 243 -14.25 35.36 3.98
N ARG EA 244 -12.97 35.63 3.78
CA ARG EA 244 -12.52 36.76 2.96
C ARG EA 244 -13.05 38.08 3.51
N LEU EA 245 -12.51 38.47 4.67
CA LEU EA 245 -13.08 39.55 5.46
C LEU EA 245 -13.23 40.87 4.69
N PHE EA 246 -12.48 41.07 3.62
CA PHE EA 246 -12.65 42.23 2.77
C PHE EA 246 -13.71 41.96 1.72
N GLY EA 247 -14.39 43.03 1.32
CA GLY EA 247 -15.39 42.99 0.27
C GLY EA 247 -14.81 43.51 -1.02
N LEU EA 248 -15.09 44.77 -1.33
CA LEU EA 248 -14.39 45.47 -2.39
C LEU EA 248 -14.14 46.91 -1.97
N ASP EA 249 -13.03 47.45 -2.45
CA ASP EA 249 -12.67 48.83 -2.22
C ASP EA 249 -13.45 49.75 -3.15
N GLY EA 250 -13.77 50.95 -2.65
CA GLY EA 250 -14.47 51.91 -3.47
C GLY EA 250 -13.56 52.75 -4.32
N ASN EA 251 -12.32 52.98 -3.87
CA ASN EA 251 -11.40 53.82 -4.61
C ASN EA 251 -10.95 53.09 -5.87
N ILE EA 252 -11.30 53.65 -7.02
CA ILE EA 252 -10.82 53.21 -8.32
C ILE EA 252 -9.88 54.27 -8.85
N SER EA 253 -8.82 53.82 -9.52
CA SER EA 253 -8.01 54.71 -10.36
C SER EA 253 -7.55 53.86 -11.55
N THR EA 254 -8.36 53.84 -12.60
CA THR EA 254 -7.95 53.18 -13.83
C THR EA 254 -7.01 54.06 -14.63
N ASN EA 255 -7.13 55.37 -14.49
CA ASN EA 255 -6.26 56.32 -15.18
C ASN EA 255 -6.21 57.59 -14.35
N SER EA 256 -5.00 58.08 -14.11
CA SER EA 256 -4.82 59.26 -13.27
C SER EA 256 -5.50 60.47 -13.89
N GLU EA 257 -5.70 61.49 -13.05
CA GLU EA 257 -6.39 62.71 -13.48
C GLU EA 257 -5.48 63.53 -14.38
N ASN EA 258 -6.08 64.10 -15.44
CA ASN EA 258 -5.28 64.68 -16.52
C ASN EA 258 -4.67 66.02 -16.13
N THR EA 259 -5.52 67.01 -15.84
CA THR EA 259 -5.09 68.36 -15.49
C THR EA 259 -4.25 68.99 -16.61
N GLU EA 260 -4.88 69.15 -17.77
CA GLU EA 260 -4.30 69.89 -18.88
C GLU EA 260 -5.40 70.63 -19.62
N ARG EA 261 -4.98 71.49 -20.54
CA ARG EA 261 -5.85 72.49 -21.16
C ARG EA 261 -6.06 72.19 -22.65
N HIS EA 262 -6.80 73.09 -23.29
CA HIS EA 262 -6.98 73.09 -24.74
C HIS EA 262 -7.10 74.54 -25.21
N THR EA 263 -6.55 74.80 -26.40
CA THR EA 263 -6.72 76.08 -27.07
C THR EA 263 -6.98 75.82 -28.54
N ALA EA 264 -7.19 76.89 -29.29
CA ALA EA 264 -7.42 76.78 -30.72
C ALA EA 264 -6.10 76.54 -31.46
N PRO GA 58 -55.04 12.73 40.15
CA PRO GA 58 -54.71 14.14 39.95
C PRO GA 58 -54.17 14.42 38.55
N ARG GA 59 -54.53 15.57 37.99
CA ARG GA 59 -54.22 15.91 36.62
C ARG GA 59 -53.77 17.36 36.52
N LEU GA 60 -53.06 17.66 35.44
CA LEU GA 60 -52.59 19.01 35.17
C LEU GA 60 -52.30 19.13 33.67
N GLN GA 61 -51.81 20.29 33.29
CA GLN GA 61 -51.52 20.62 31.90
C GLN GA 61 -50.01 20.66 31.65
N LYS GA 62 -49.64 20.52 30.37
CA LYS GA 62 -48.24 20.34 30.00
C LYS GA 62 -47.40 21.55 30.42
N ILE GA 63 -47.68 22.71 29.83
CA ILE GA 63 -46.99 23.94 30.24
C ILE GA 63 -47.51 24.37 31.60
N THR GA 64 -46.63 25.01 32.38
CA THR GA 64 -47.01 25.61 33.64
C THR GA 64 -46.39 27.00 33.73
N LYS GA 65 -47.08 27.90 34.44
CA LYS GA 65 -46.59 29.26 34.61
C LYS GA 65 -45.23 29.29 35.27
N LYS GA 66 -44.93 28.32 36.12
CA LYS GA 66 -43.67 28.30 36.86
C LYS GA 66 -42.49 27.82 36.01
N MET GA 67 -42.72 27.44 34.76
CA MET GA 67 -41.62 27.16 33.86
C MET GA 67 -40.80 28.42 33.64
N ASN GA 68 -39.51 28.25 33.36
CA ASN GA 68 -38.66 29.39 33.07
C ASN GA 68 -39.02 29.97 31.71
N LEU GA 69 -39.11 31.31 31.65
CA LEU GA 69 -39.71 32.00 30.52
C LEU GA 69 -39.10 33.39 30.43
N PRO GA 70 -39.41 34.14 29.37
CA PRO GA 70 -38.86 35.50 29.26
C PRO GA 70 -39.38 36.45 30.34
N THR GA 71 -38.51 37.41 30.70
CA THR GA 71 -38.72 38.28 31.86
C THR GA 71 -38.34 39.74 31.55
N VAL GA 72 -38.92 40.32 30.50
CA VAL GA 72 -38.72 41.76 30.21
C VAL GA 72 -39.02 42.57 31.47
N GLY GA 73 -40.27 42.53 31.91
CA GLY GA 73 -40.65 43.09 33.19
C GLY GA 73 -40.55 42.05 34.27
N GLY GA 74 -40.32 42.52 35.50
CA GLY GA 74 -40.32 41.61 36.64
C GLY GA 74 -41.64 40.88 36.80
N LYS GA 75 -42.74 41.51 36.39
CA LYS GA 75 -44.08 40.93 36.51
C LYS GA 75 -44.55 40.29 35.20
N ILE GA 76 -44.62 41.08 34.13
CA ILE GA 76 -45.38 40.68 32.95
C ILE GA 76 -44.59 39.67 32.15
N ILE GA 77 -45.29 38.66 31.64
CA ILE GA 77 -44.74 37.62 30.80
C ILE GA 77 -45.23 37.86 29.38
N LEU GA 78 -44.40 37.45 28.42
CA LEU GA 78 -44.65 37.76 27.02
C LEU GA 78 -45.44 36.66 26.33
N SER GA 79 -44.97 35.42 26.44
CA SER GA 79 -45.67 34.29 25.86
C SER GA 79 -46.90 33.94 26.68
N LEU GA 80 -48.06 34.46 26.28
CA LEU GA 80 -49.30 34.18 27.01
C LEU GA 80 -49.65 32.70 26.89
N ASP GA 81 -49.96 32.08 28.03
CA ASP GA 81 -50.23 30.65 28.08
C ASP GA 81 -51.64 30.40 27.59
N HIS GA 82 -51.80 30.46 26.27
CA HIS GA 82 -52.99 29.99 25.57
C HIS GA 82 -52.60 29.12 24.38
N LEU GA 83 -51.45 28.46 24.48
CA LEU GA 83 -50.90 27.66 23.41
C LEU GA 83 -51.44 26.24 23.39
N LEU GA 84 -52.13 25.83 24.45
CA LEU GA 84 -52.65 24.48 24.55
C LEU GA 84 -53.62 24.15 23.43
N GLU GA 85 -54.26 25.16 22.84
CA GLU GA 85 -55.04 25.01 21.61
C GLU GA 85 -54.47 26.00 20.62
N TYR GA 86 -53.36 25.61 20.00
CA TYR GA 86 -52.81 26.30 18.83
C TYR GA 86 -52.11 25.22 17.99
N LYS GA 87 -52.85 24.65 17.05
CA LYS GA 87 -52.41 23.48 16.30
C LYS GA 87 -52.70 23.70 14.82
N PRO GA 88 -52.01 24.65 14.20
CA PRO GA 88 -52.13 24.82 12.75
C PRO GA 88 -51.52 23.65 12.02
N ASN GA 89 -52.11 23.31 10.87
CA ASN GA 89 -51.50 22.31 10.01
C ASN GA 89 -50.13 22.82 9.57
N GLN GA 90 -49.13 21.95 9.73
CA GLN GA 90 -47.75 22.41 9.66
C GLN GA 90 -47.40 22.94 8.28
N VAL GA 91 -47.82 22.23 7.24
CA VAL GA 91 -47.36 22.51 5.90
C VAL GA 91 -47.83 23.86 5.40
N ASP GA 92 -48.89 24.41 5.99
CA ASP GA 92 -49.41 25.70 5.56
C ASP GA 92 -48.51 26.87 5.94
N LEU GA 93 -47.46 26.62 6.72
CA LEU GA 93 -46.67 27.68 7.35
C LEU GA 93 -45.31 27.89 6.70
N PHE GA 94 -44.89 27.02 5.80
CA PHE GA 94 -43.55 27.12 5.22
C PHE GA 94 -43.41 28.37 4.36
N ASN GA 95 -42.17 28.61 3.93
CA ASN GA 95 -41.84 29.62 2.94
C ASN GA 95 -41.76 29.07 1.53
N THR GA 96 -41.45 27.77 1.38
CA THR GA 96 -41.32 27.17 0.07
C THR GA 96 -42.63 27.05 -0.69
N ARG GA 97 -43.76 27.23 -0.02
CA ARG GA 97 -45.04 27.32 -0.69
C ARG GA 97 -45.41 28.79 -0.86
N ALA GA 98 -46.17 29.05 -1.92
CA ALA GA 98 -46.70 30.39 -2.13
C ALA GA 98 -47.74 30.72 -1.07
N THR GA 99 -48.31 31.92 -1.17
CA THR GA 99 -49.36 32.33 -0.27
C THR GA 99 -50.73 31.88 -0.79
N LYS GA 100 -51.74 31.99 0.08
CA LYS GA 100 -53.11 31.78 -0.36
C LYS GA 100 -53.51 32.82 -1.39
N THR GA 101 -52.95 34.03 -1.28
CA THR GA 101 -53.28 35.12 -2.19
C THR GA 101 -52.82 34.81 -3.61
N GLN GA 102 -51.51 34.54 -3.76
CA GLN GA 102 -50.92 34.39 -5.08
C GLN GA 102 -51.54 33.23 -5.85
N PHE GA 103 -51.88 32.15 -5.14
CA PHE GA 103 -52.57 31.04 -5.78
C PHE GA 103 -53.92 31.48 -6.31
N GLU GA 104 -54.60 32.35 -5.57
CA GLU GA 104 -55.91 32.83 -6.01
C GLU GA 104 -55.78 33.68 -7.27
N SER GA 105 -54.90 34.68 -7.24
CA SER GA 105 -54.78 35.58 -8.38
C SER GA 105 -54.29 34.85 -9.61
N TRP GA 106 -53.42 33.85 -9.44
CA TRP GA 106 -53.00 33.03 -10.55
C TRP GA 106 -54.19 32.35 -11.20
N TYR GA 107 -55.12 31.86 -10.37
CA TYR GA 107 -56.30 31.19 -10.90
C TYR GA 107 -57.26 32.17 -11.55
N SER GA 108 -57.26 33.43 -11.12
CA SER GA 108 -58.15 34.42 -11.71
C SER GA 108 -57.55 35.03 -12.95
N ALA GA 109 -56.27 35.37 -12.91
CA ALA GA 109 -55.63 36.04 -14.04
C ALA GA 109 -55.56 35.13 -15.25
N VAL GA 110 -55.41 33.82 -15.02
CA VAL GA 110 -55.31 32.88 -16.14
C VAL GA 110 -56.63 32.81 -16.90
N LYS GA 111 -57.74 32.89 -16.18
CA LYS GA 111 -59.05 32.65 -16.79
C LYS GA 111 -59.37 33.70 -17.83
N VAL GA 112 -58.91 34.94 -17.63
CA VAL GA 112 -59.20 36.00 -18.58
C VAL GA 112 -58.45 35.76 -19.89
N GLU GA 113 -57.19 35.36 -19.79
CA GLU GA 113 -56.35 35.28 -20.99
C GLU GA 113 -56.66 34.06 -21.84
N TYR GA 114 -57.32 33.05 -21.29
CA TYR GA 114 -57.98 32.04 -22.12
C TYR GA 114 -59.42 32.43 -22.44
N ASP GA 115 -60.03 33.31 -21.66
CA ASP GA 115 -61.34 33.86 -21.94
C ASP GA 115 -62.40 32.75 -21.97
N LEU GA 116 -62.43 31.97 -20.89
CA LEU GA 116 -63.40 30.89 -20.73
C LEU GA 116 -64.59 31.32 -19.88
N ASN GA 117 -64.33 31.78 -18.65
CA ASN GA 117 -65.36 32.18 -17.70
C ASN GA 117 -66.38 31.04 -17.50
N ASP GA 118 -65.86 29.82 -17.35
CA ASP GA 118 -66.70 28.65 -17.26
C ASP GA 118 -65.93 27.57 -16.53
N GLU GA 119 -66.66 26.58 -16.03
CA GLU GA 119 -66.08 25.52 -15.21
C GLU GA 119 -65.39 24.43 -16.01
N GLN GA 120 -65.07 24.69 -17.29
CA GLN GA 120 -64.12 23.85 -17.99
C GLN GA 120 -62.70 24.02 -17.43
N MET GA 121 -62.47 25.05 -16.61
CA MET GA 121 -61.16 25.30 -16.05
C MET GA 121 -60.63 24.11 -15.26
N GLY GA 122 -61.53 23.37 -14.61
CA GLY GA 122 -61.11 22.18 -13.88
C GLY GA 122 -60.44 21.17 -14.78
N VAL GA 123 -60.92 21.04 -16.01
CA VAL GA 123 -60.29 20.12 -16.96
C VAL GA 123 -58.93 20.64 -17.40
N ILE GA 124 -58.86 21.94 -17.70
CA ILE GA 124 -57.63 22.52 -18.22
C ILE GA 124 -56.54 22.46 -17.16
N MET GA 125 -56.88 22.79 -15.91
CA MET GA 125 -55.95 22.64 -14.81
C MET GA 125 -55.46 21.20 -14.72
N ASN GA 126 -56.40 20.26 -14.78
CA ASN GA 126 -56.03 18.85 -14.71
C ASN GA 126 -55.19 18.44 -15.92
N GLY GA 127 -55.52 18.96 -17.09
CA GLY GA 127 -54.73 18.69 -18.27
C GLY GA 127 -53.32 19.25 -18.20
N PHE GA 128 -53.06 20.15 -17.26
CA PHE GA 128 -51.72 20.72 -17.12
C PHE GA 128 -50.84 19.86 -16.23
N MET GA 129 -51.39 19.32 -15.15
CA MET GA 129 -50.55 18.70 -14.14
C MET GA 129 -49.91 17.41 -14.65
N VAL GA 130 -50.63 16.63 -15.43
CA VAL GA 130 -50.06 15.41 -15.98
C VAL GA 130 -48.88 15.74 -16.89
N TRP GA 131 -49.07 16.74 -17.76
CA TRP GA 131 -47.96 17.20 -18.58
C TRP GA 131 -46.86 17.79 -17.71
N CYS GA 132 -47.23 18.42 -16.60
CA CYS GA 132 -46.25 18.98 -15.68
C CYS GA 132 -45.40 17.90 -15.04
N ILE GA 133 -45.91 16.68 -14.96
CA ILE GA 133 -45.09 15.55 -14.52
C ILE GA 133 -44.09 15.19 -15.61
N ASP GA 134 -44.60 14.78 -16.76
CA ASP GA 134 -43.83 14.06 -17.76
C ASP GA 134 -42.81 14.93 -18.48
N ASN GA 135 -42.70 16.21 -18.15
CA ASN GA 135 -41.60 17.01 -18.59
C ASN GA 135 -41.22 17.97 -17.48
N GLY GA 136 -40.05 18.57 -17.63
CA GLY GA 136 -39.51 19.39 -16.58
C GLY GA 136 -40.34 20.63 -16.33
N THR GA 137 -40.06 21.28 -15.21
CA THR GA 137 -40.66 22.55 -14.84
C THR GA 137 -39.53 23.54 -14.57
N SER GA 138 -39.38 24.48 -15.48
CA SER GA 138 -38.38 25.52 -15.33
C SER GA 138 -38.82 26.72 -16.17
N PRO GA 139 -38.37 27.94 -15.84
CA PRO GA 139 -38.78 29.09 -16.65
C PRO GA 139 -38.34 29.01 -18.09
N ASP GA 140 -37.33 28.20 -18.41
CA ASP GA 140 -36.82 28.13 -19.78
C ASP GA 140 -37.55 27.03 -20.57
N VAL GA 141 -38.87 27.17 -20.62
CA VAL GA 141 -39.71 26.37 -21.51
C VAL GA 141 -40.28 27.29 -22.57
N ASN GA 142 -40.42 26.75 -23.77
CA ASN GA 142 -41.10 27.44 -24.86
C ASN GA 142 -41.84 26.42 -25.69
N GLY GA 143 -42.59 26.92 -26.64
CA GLY GA 143 -43.40 26.07 -27.49
C GLY GA 143 -44.82 25.99 -26.98
N VAL GA 144 -45.31 24.75 -26.82
CA VAL GA 144 -46.70 24.50 -26.50
C VAL GA 144 -46.79 23.36 -25.49
N TRP GA 145 -48.01 23.06 -25.09
CA TRP GA 145 -48.31 21.89 -24.30
C TRP GA 145 -49.65 21.34 -24.75
N VAL GA 146 -50.01 20.17 -24.22
CA VAL GA 146 -51.11 19.42 -24.81
C VAL GA 146 -51.66 18.43 -23.80
N MET GA 147 -52.98 18.27 -23.84
CA MET GA 147 -53.68 17.09 -23.38
C MET GA 147 -54.42 16.49 -24.57
N MET GA 148 -54.84 15.24 -24.42
CA MET GA 148 -55.50 14.51 -25.49
C MET GA 148 -56.85 13.97 -25.03
N ASP GA 149 -57.73 13.77 -26.00
CA ASP GA 149 -59.04 13.16 -25.79
C ASP GA 149 -59.33 12.27 -26.98
N GLY GA 150 -59.67 11.01 -26.72
CA GLY GA 150 -59.86 10.08 -27.79
C GLY GA 150 -58.54 9.67 -28.40
N GLU GA 151 -58.23 10.20 -29.58
CA GLU GA 151 -56.96 9.91 -30.26
C GLU GA 151 -56.26 11.14 -30.81
N GLU GA 152 -56.87 12.33 -30.77
CA GLU GA 152 -56.25 13.52 -31.34
C GLU GA 152 -55.35 14.21 -30.30
N GLN GA 153 -54.80 15.35 -30.69
CA GLN GA 153 -53.70 16.01 -29.97
C GLN GA 153 -54.03 17.51 -29.82
N VAL GA 154 -55.19 17.80 -29.25
CA VAL GA 154 -55.65 19.16 -29.07
C VAL GA 154 -54.69 19.94 -28.18
N GLU GA 155 -54.00 20.92 -28.77
CA GLU GA 155 -52.91 21.64 -28.11
C GLU GA 155 -53.38 23.00 -27.60
N TYR GA 156 -52.45 23.72 -26.98
CA TYR GA 156 -52.72 25.00 -26.35
C TYR GA 156 -51.43 25.80 -26.36
N PRO GA 157 -51.49 27.09 -26.01
CA PRO GA 157 -50.26 27.87 -25.81
C PRO GA 157 -49.71 27.65 -24.40
N LEU GA 158 -48.54 28.25 -24.18
CA LEU GA 158 -47.70 27.91 -23.02
C LEU GA 158 -47.27 29.14 -22.22
N LYS GA 159 -47.18 30.29 -22.89
CA LYS GA 159 -46.63 31.48 -22.25
C LYS GA 159 -47.40 31.95 -21.03
N PRO GA 160 -48.70 32.25 -21.11
CA PRO GA 160 -49.35 33.02 -20.04
C PRO GA 160 -49.39 32.32 -18.69
N ILE GA 161 -49.32 30.99 -18.66
CA ILE GA 161 -49.22 30.31 -17.37
C ILE GA 161 -47.93 30.70 -16.66
N VAL GA 162 -46.83 30.77 -17.41
CA VAL GA 162 -45.54 31.05 -16.81
C VAL GA 162 -45.44 32.51 -16.41
N GLU GA 163 -45.57 33.40 -17.39
CA GLU GA 163 -45.25 34.81 -17.16
C GLU GA 163 -46.18 35.47 -16.17
N ASN GA 164 -47.43 35.02 -16.07
CA ASN GA 164 -48.32 35.46 -15.01
C ASN GA 164 -48.28 34.52 -13.82
N ALA GA 165 -47.06 34.19 -13.39
CA ALA GA 165 -46.81 33.42 -12.17
C ALA GA 165 -45.94 34.30 -11.30
N LYS GA 166 -46.48 34.73 -10.16
CA LYS GA 166 -45.89 35.89 -9.47
C LYS GA 166 -44.52 35.55 -8.90
N PRO GA 167 -44.37 34.62 -7.96
CA PRO GA 167 -43.06 33.96 -7.83
C PRO GA 167 -42.91 32.90 -8.89
N THR GA 168 -41.85 32.11 -8.84
CA THR GA 168 -41.59 31.15 -9.91
C THR GA 168 -42.67 30.07 -9.93
N LEU GA 169 -42.53 29.15 -10.89
CA LEU GA 169 -43.59 28.19 -11.14
C LEU GA 169 -43.69 27.15 -10.03
N ARG GA 170 -42.59 26.44 -9.77
CA ARG GA 170 -42.59 25.39 -8.76
C ARG GA 170 -42.98 25.95 -7.40
N GLN GA 171 -42.57 27.18 -7.11
CA GLN GA 171 -42.96 27.87 -5.89
C GLN GA 171 -44.47 27.99 -5.74
N ILE GA 172 -45.22 27.86 -6.83
CA ILE GA 172 -46.68 27.71 -6.77
C ILE GA 172 -47.07 26.24 -6.67
N MET GA 173 -46.43 25.39 -7.47
CA MET GA 173 -46.95 24.06 -7.72
C MET GA 173 -46.61 23.05 -6.63
N HIS GA 174 -46.06 23.48 -5.50
CA HIS GA 174 -45.93 22.54 -4.38
C HIS GA 174 -47.27 22.19 -3.76
N HIS GA 175 -48.35 22.91 -4.09
CA HIS GA 175 -49.66 22.56 -3.57
C HIS GA 175 -50.05 21.15 -4.00
N PHE GA 176 -49.85 20.86 -5.28
CA PHE GA 176 -50.15 19.54 -5.81
C PHE GA 176 -49.13 18.53 -5.32
N SER GA 177 -49.44 17.86 -4.22
CA SER GA 177 -48.61 16.80 -3.68
C SER GA 177 -49.35 15.48 -3.63
N ASP GA 178 -50.53 15.46 -3.02
CA ASP GA 178 -51.28 14.23 -2.86
C ASP GA 178 -52.08 13.88 -4.09
N ALA GA 179 -52.43 14.88 -4.90
CA ALA GA 179 -53.20 14.61 -6.11
C ALA GA 179 -52.43 13.73 -7.06
N ALA GA 180 -51.29 14.23 -7.55
CA ALA GA 180 -50.48 13.45 -8.47
C ALA GA 180 -49.98 12.17 -7.83
N GLU GA 181 -49.80 12.17 -6.50
CA GLU GA 181 -49.41 10.96 -5.80
C GLU GA 181 -50.42 9.84 -6.03
N ALA GA 182 -51.69 10.09 -5.71
CA ALA GA 182 -52.72 9.08 -5.90
C ALA GA 182 -52.87 8.74 -7.38
N TYR GA 183 -52.62 9.71 -8.25
CA TYR GA 183 -52.76 9.49 -9.68
C TYR GA 183 -51.81 8.40 -10.16
N ILE GA 184 -50.51 8.57 -9.89
CA ILE GA 184 -49.56 7.57 -10.35
C ILE GA 184 -49.67 6.30 -9.53
N GLU GA 185 -50.29 6.36 -8.35
CA GLU GA 185 -50.50 5.15 -7.56
C GLU GA 185 -51.40 4.18 -8.31
N MET GA 186 -52.56 4.65 -8.76
CA MET GA 186 -53.51 3.74 -9.40
C MET GA 186 -53.02 3.32 -10.77
N ARG GA 187 -52.46 4.25 -11.53
CA ARG GA 187 -51.90 3.89 -12.84
C ARG GA 187 -50.74 2.92 -12.69
N ASN GA 188 -50.04 2.96 -11.55
CA ASN GA 188 -49.05 1.94 -11.26
C ASN GA 188 -49.72 0.64 -10.83
N SER GA 189 -50.90 0.74 -10.23
CA SER GA 189 -51.62 -0.47 -9.81
C SER GA 189 -51.99 -1.31 -11.02
N GLU GA 190 -52.63 -0.71 -12.01
CA GLU GA 190 -52.95 -1.43 -13.24
C GLU GA 190 -51.67 -1.88 -13.92
N SER GA 191 -50.92 -0.93 -14.45
CA SER GA 191 -49.82 -1.16 -15.36
C SER GA 191 -48.54 -0.57 -14.79
N PRO GA 192 -47.37 -1.00 -15.29
CA PRO GA 192 -46.11 -0.52 -14.70
C PRO GA 192 -45.71 0.87 -15.17
N TYR GA 193 -46.19 1.88 -14.46
CA TYR GA 193 -46.00 3.27 -14.83
C TYR GA 193 -44.73 3.85 -14.20
N MET GA 194 -44.12 4.79 -14.92
CA MET GA 194 -43.02 5.59 -14.39
C MET GA 194 -42.97 6.89 -15.16
N PRO GA 195 -42.76 8.05 -14.51
CA PRO GA 195 -42.63 9.29 -15.28
C PRO GA 195 -41.37 9.39 -16.12
N ARG GA 196 -41.17 10.56 -16.71
CA ARG GA 196 -39.94 10.85 -17.43
C ARG GA 196 -38.85 11.39 -16.51
N TYR GA 197 -39.23 12.15 -15.48
CA TYR GA 197 -38.27 12.66 -14.51
C TYR GA 197 -37.49 11.56 -13.81
N GLY GA 198 -38.02 10.34 -13.77
CA GLY GA 198 -37.33 9.22 -13.20
C GLY GA 198 -36.54 8.46 -14.23
N LEU GA 199 -37.17 8.16 -15.37
CA LEU GA 199 -36.49 7.43 -16.43
C LEU GA 199 -35.30 8.17 -16.98
N LEU GA 200 -35.31 9.49 -16.88
CA LEU GA 200 -34.13 10.26 -17.24
C LEU GA 200 -33.00 10.07 -16.25
N ARG GA 201 -33.29 9.56 -15.05
CA ARG GA 201 -32.28 9.36 -14.02
C ARG GA 201 -32.21 7.91 -13.54
N ASN GA 202 -32.92 7.01 -14.20
CA ASN GA 202 -32.62 5.57 -14.21
C ASN GA 202 -32.67 4.97 -12.79
N LEU GA 203 -33.87 4.97 -12.24
CA LEU GA 203 -34.13 4.19 -11.04
C LEU GA 203 -34.33 2.74 -11.41
N ARG GA 204 -33.86 1.86 -10.52
CA ARG GA 204 -34.08 0.42 -10.64
C ARG GA 204 -35.29 -0.04 -9.85
N ASP GA 205 -35.60 0.61 -8.74
CA ASP GA 205 -36.74 0.11 -7.97
C ASP GA 205 -38.03 0.69 -8.51
N ARG GA 206 -38.81 -0.21 -9.09
CA ARG GA 206 -40.13 0.15 -9.63
C ARG GA 206 -41.04 0.72 -8.56
N GLU GA 207 -40.75 0.49 -7.28
CA GLU GA 207 -41.66 0.80 -6.21
C GLU GA 207 -41.67 2.29 -5.85
N LEU GA 208 -40.55 2.99 -6.07
CA LEU GA 208 -40.42 4.38 -5.66
C LEU GA 208 -40.81 5.36 -6.77
N ALA GA 209 -41.74 4.97 -7.64
CA ALA GA 209 -42.30 5.96 -8.56
C ALA GA 209 -43.11 7.01 -7.82
N ARG GA 210 -43.60 6.66 -6.62
CA ARG GA 210 -44.38 7.58 -5.81
C ARG GA 210 -43.66 8.89 -5.52
N TYR GA 211 -42.33 8.87 -5.52
CA TYR GA 211 -41.52 10.00 -5.08
C TYR GA 211 -40.65 10.53 -6.22
N ALA GA 212 -41.24 10.65 -7.41
CA ALA GA 212 -40.54 11.15 -8.59
C ALA GA 212 -41.34 12.29 -9.20
N PHE GA 213 -40.94 13.52 -8.86
CA PHE GA 213 -41.52 14.71 -9.43
C PHE GA 213 -40.46 15.79 -9.45
N ASP GA 214 -40.71 16.82 -10.25
CA ASP GA 214 -40.11 18.12 -9.98
C ASP GA 214 -40.70 18.69 -8.70
N PHE GA 215 -42.02 18.78 -8.65
CA PHE GA 215 -42.73 19.34 -7.51
C PHE GA 215 -43.13 18.22 -6.58
N TYR GA 216 -42.57 18.23 -5.37
CA TYR GA 216 -42.99 17.32 -4.31
C TYR GA 216 -42.54 17.90 -2.99
N GLU GA 217 -43.48 18.03 -2.07
CA GLU GA 217 -43.27 18.78 -0.85
C GLU GA 217 -43.03 17.82 0.30
N VAL GA 218 -41.82 17.87 0.86
CA VAL GA 218 -41.48 17.05 2.00
C VAL GA 218 -42.38 17.41 3.17
N THR GA 219 -42.66 16.42 4.00
CA THR GA 219 -43.37 16.63 5.25
C THR GA 219 -42.68 15.80 6.32
N SER GA 220 -43.23 15.86 7.53
CA SER GA 220 -42.80 14.97 8.59
C SER GA 220 -43.42 13.58 8.49
N LYS GA 221 -44.18 13.29 7.43
CA LYS GA 221 -44.88 12.03 7.31
C LYS GA 221 -44.13 10.99 6.52
N THR GA 222 -43.17 11.39 5.68
CA THR GA 222 -42.55 10.45 4.78
C THR GA 222 -41.73 9.41 5.55
N PRO GA 223 -41.47 8.27 4.94
CA PRO GA 223 -40.53 7.31 5.55
C PRO GA 223 -39.09 7.72 5.29
N ASN GA 224 -38.20 7.01 5.96
CA ASN GA 224 -36.78 7.32 5.95
C ASN GA 224 -36.04 6.71 4.77
N ARG GA 225 -36.75 6.19 3.77
CA ARG GA 225 -36.14 5.56 2.60
C ARG GA 225 -36.13 6.49 1.41
N ALA GA 226 -37.30 6.98 1.00
CA ALA GA 226 -37.38 7.87 -0.15
C ALA GA 226 -36.71 9.20 0.14
N ARG GA 227 -36.61 9.58 1.42
CA ARG GA 227 -35.98 10.84 1.78
C ARG GA 227 -34.53 10.89 1.34
N GLU GA 228 -33.87 9.74 1.25
CA GLU GA 228 -32.52 9.69 0.73
C GLU GA 228 -32.50 9.83 -0.77
N ALA GA 229 -33.37 9.08 -1.46
CA ALA GA 229 -33.31 9.02 -2.92
C ALA GA 229 -33.61 10.38 -3.55
N ILE GA 230 -34.51 11.15 -2.94
CA ILE GA 230 -34.82 12.47 -3.48
C ILE GA 230 -33.58 13.34 -3.50
N ALA GA 231 -32.87 13.39 -2.37
CA ALA GA 231 -31.71 14.26 -2.27
C ALA GA 231 -30.62 13.84 -3.23
N GLN GA 232 -30.52 12.54 -3.52
CA GLN GA 232 -29.56 12.09 -4.51
C GLN GA 232 -29.91 12.61 -5.89
N MET GA 233 -31.20 12.67 -6.21
CA MET GA 233 -31.61 13.22 -7.51
C MET GA 233 -31.26 14.69 -7.61
N LYS GA 234 -31.64 15.47 -6.59
CA LYS GA 234 -31.42 16.91 -6.62
C LYS GA 234 -29.95 17.24 -6.74
N ALA GA 235 -29.08 16.43 -6.14
CA ALA GA 235 -27.66 16.67 -6.21
C ALA GA 235 -27.06 16.16 -7.50
N ALA GA 236 -27.63 15.10 -8.07
CA ALA GA 236 -27.09 14.55 -9.31
C ALA GA 236 -27.40 15.45 -10.49
N ALA GA 237 -28.52 16.15 -10.45
CA ALA GA 237 -28.97 16.97 -11.56
C ALA GA 237 -28.47 18.40 -11.50
N LEU GA 238 -27.54 18.70 -10.60
CA LEU GA 238 -26.97 20.04 -10.49
C LEU GA 238 -25.49 19.92 -10.22
N ALA GA 239 -24.69 20.22 -11.22
CA ALA GA 239 -23.24 20.19 -11.09
C ALA GA 239 -22.65 20.93 -12.26
N GLY GA 240 -21.66 21.78 -11.98
CA GLY GA 240 -21.06 22.63 -12.98
C GLY GA 240 -21.77 23.95 -13.20
N ILE GA 241 -23.02 24.06 -12.80
CA ILE GA 241 -23.76 25.32 -12.95
C ILE GA 241 -23.10 26.34 -12.03
N ASN GA 242 -22.48 27.36 -12.62
CA ASN GA 242 -21.84 28.43 -11.89
C ASN GA 242 -22.81 29.62 -11.85
N SER GA 243 -23.18 30.04 -10.64
CA SER GA 243 -24.28 30.98 -10.47
C SER GA 243 -23.99 32.32 -11.15
N ARG GA 244 -22.99 33.05 -10.68
CA ARG GA 244 -22.54 34.27 -11.33
C ARG GA 244 -23.67 35.30 -11.43
N LEU GA 245 -24.03 35.83 -10.27
CA LEU GA 245 -25.26 36.62 -10.14
C LEU GA 245 -25.35 37.80 -11.10
N PHE GA 246 -24.23 38.27 -11.62
CA PHE GA 246 -24.25 39.30 -12.65
C PHE GA 246 -24.37 38.69 -14.03
N GLY GA 247 -25.01 39.44 -14.93
CA GLY GA 247 -25.15 39.04 -16.31
C GLY GA 247 -24.14 39.76 -17.17
N LEU GA 248 -24.57 40.83 -17.82
CA LEU GA 248 -23.65 41.76 -18.47
C LEU GA 248 -24.15 43.18 -18.28
N ASP GA 249 -23.20 44.10 -18.19
CA ASP GA 249 -23.49 45.52 -18.08
C ASP GA 249 -23.85 46.09 -19.43
N GLY GA 250 -24.75 47.08 -19.43
CA GLY GA 250 -25.13 47.73 -20.67
C GLY GA 250 -24.20 48.86 -21.05
N ASN GA 251 -23.59 49.51 -20.07
CA ASN GA 251 -22.72 50.66 -20.35
C ASN GA 251 -21.44 50.16 -21.00
N ILE GA 252 -21.24 50.57 -22.25
CA ILE GA 252 -20.00 50.36 -22.97
C ILE GA 252 -19.31 51.71 -23.11
N SER GA 253 -17.97 51.70 -23.02
CA SER GA 253 -17.16 52.83 -23.45
C SER GA 253 -15.87 52.23 -24.01
N THR GA 254 -15.89 51.92 -25.31
CA THR GA 254 -14.67 51.49 -25.97
C THR GA 254 -13.77 52.67 -26.30
N ASN GA 255 -14.35 53.84 -26.52
CA ASN GA 255 -13.60 55.05 -26.81
C ASN GA 255 -14.43 56.24 -26.36
N SER GA 256 -13.80 57.14 -25.61
CA SER GA 256 -14.51 58.29 -25.06
C SER GA 256 -15.07 59.18 -26.17
N GLU GA 257 -16.01 60.02 -25.79
CA GLU GA 257 -16.66 60.90 -26.74
C GLU GA 257 -15.71 62.03 -27.17
N ASN GA 258 -15.75 62.36 -28.46
CA ASN GA 258 -14.71 63.20 -29.05
C ASN GA 258 -14.89 64.67 -28.67
N THR GA 259 -16.01 65.27 -29.08
CA THR GA 259 -16.31 66.68 -28.83
C THR GA 259 -15.22 67.59 -29.42
N GLU GA 260 -15.10 67.52 -30.75
CA GLU GA 260 -14.26 68.44 -31.49
C GLU GA 260 -14.90 68.73 -32.84
N ARG GA 261 -14.34 69.71 -33.55
CA ARG GA 261 -14.96 70.32 -34.71
C ARG GA 261 -14.18 69.98 -35.99
N HIS GA 262 -14.65 70.57 -37.09
CA HIS GA 262 -13.97 70.52 -38.37
C HIS GA 262 -14.24 71.82 -39.11
N THR GA 263 -13.24 72.29 -39.85
CA THR GA 263 -13.40 73.42 -40.75
C THR GA 263 -12.66 73.11 -42.05
N ALA GA 264 -12.74 74.03 -42.99
CA ALA GA 264 -12.07 73.88 -44.26
C ALA GA 264 -10.57 74.15 -44.12
N PRO IA 58 -68.48 -4.40 1.37
CA PRO IA 58 -68.57 -2.96 1.10
C PRO IA 58 -67.45 -2.47 0.18
N ARG IA 59 -67.77 -1.53 -0.70
CA ARG IA 59 -66.85 -1.08 -1.73
C ARG IA 59 -66.91 0.44 -1.86
N LEU IA 60 -65.85 1.00 -2.43
CA LEU IA 60 -65.77 2.43 -2.67
C LEU IA 60 -64.74 2.66 -3.76
N GLN IA 61 -64.50 3.95 -4.05
CA GLN IA 61 -63.59 4.37 -5.10
C GLN IA 61 -62.32 4.97 -4.52
N LYS IA 62 -61.27 5.00 -5.34
CA LYS IA 62 -59.94 5.36 -4.86
C LYS IA 62 -59.91 6.79 -4.32
N ILE IA 63 -60.15 7.77 -5.17
CA ILE IA 63 -60.24 9.16 -4.71
C ILE IA 63 -61.55 9.34 -3.95
N THR IA 64 -61.53 10.25 -2.99
CA THR IA 64 -62.72 10.66 -2.26
C THR IA 64 -62.74 12.16 -2.13
N LYS IA 65 -63.94 12.73 -2.09
CA LYS IA 65 -64.09 14.18 -1.97
C LYS IA 65 -63.44 14.71 -0.70
N LYS IA 66 -63.39 13.89 0.35
CA LYS IA 66 -62.84 14.32 1.64
C LYS IA 66 -61.32 14.34 1.66
N MET IA 67 -60.66 13.91 0.58
CA MET IA 67 -59.23 14.08 0.48
C MET IA 67 -58.87 15.56 0.49
N ASN IA 68 -57.68 15.88 0.98
CA ASN IA 68 -57.22 17.27 0.97
C ASN IA 68 -56.91 17.69 -0.46
N LEU IA 69 -57.36 18.90 -0.82
CA LEU IA 69 -57.39 19.33 -2.21
C LEU IA 69 -57.30 20.85 -2.23
N PRO IA 70 -57.18 21.45 -3.41
CA PRO IA 70 -57.13 22.92 -3.48
C PRO IA 70 -58.42 23.59 -3.05
N THR IA 71 -58.28 24.80 -2.49
CA THR IA 71 -59.37 25.52 -1.83
C THR IA 71 -59.36 27.02 -2.16
N VAL IA 72 -59.39 27.36 -3.45
CA VAL IA 72 -59.53 28.77 -3.86
C VAL IA 72 -60.72 29.40 -3.15
N GLY IA 73 -61.91 28.88 -3.45
CA GLY IA 73 -63.10 29.26 -2.70
C GLY IA 73 -63.32 28.30 -1.55
N GLY IA 74 -63.99 28.79 -0.52
CA GLY IA 74 -64.34 27.94 0.60
C GLY IA 74 -65.21 26.76 0.18
N LYS IA 75 -66.01 26.95 -0.88
CA LYS IA 75 -66.92 25.91 -1.38
C LYS IA 75 -66.33 25.17 -2.58
N ILE IA 76 -66.03 25.89 -3.66
CA ILE IA 76 -65.82 25.25 -4.95
C ILE IA 76 -64.43 24.63 -4.99
N ILE IA 77 -64.36 23.44 -5.57
CA ILE IA 77 -63.13 22.69 -5.77
C ILE IA 77 -62.77 22.75 -7.24
N LEU IA 78 -61.48 22.70 -7.52
CA LEU IA 78 -60.97 22.92 -8.86
C LEU IA 78 -60.83 21.61 -9.62
N SER IA 79 -60.15 20.63 -9.03
CA SER IA 79 -60.00 19.33 -9.66
C SER IA 79 -61.29 18.53 -9.57
N LEU IA 80 -62.11 18.60 -10.62
CA LEU IA 80 -63.37 17.87 -10.63
C LEU IA 80 -63.12 16.37 -10.63
N ASP IA 81 -63.80 15.66 -9.73
CA ASP IA 81 -63.59 14.23 -9.55
C ASP IA 81 -64.31 13.47 -10.65
N HIS IA 82 -63.68 13.49 -11.83
CA HIS IA 82 -64.05 12.63 -12.95
C HIS IA 82 -62.82 11.98 -13.55
N LEU IA 83 -61.79 11.80 -12.72
CA LEU IA 83 -60.50 11.27 -13.16
C LEU IA 83 -60.46 9.76 -13.17
N LEU IA 84 -61.47 9.10 -12.60
CA LEU IA 84 -61.49 7.66 -12.51
C LEU IA 84 -61.49 7.01 -13.89
N GLU IA 85 -61.96 7.72 -14.92
CA GLU IA 85 -61.81 7.31 -16.30
C GLU IA 85 -61.11 8.46 -17.02
N TYR IA 86 -59.79 8.51 -16.87
CA TYR IA 86 -58.93 9.37 -17.67
C TYR IA 86 -57.59 8.65 -17.77
N LYS IA 87 -57.44 7.86 -18.82
CA LYS IA 87 -56.31 6.95 -18.99
C LYS IA 87 -55.75 7.07 -20.40
N PRO IA 88 -55.18 8.22 -20.74
CA PRO IA 88 -54.51 8.35 -22.02
C PRO IA 88 -53.25 7.51 -22.06
N ASN IA 89 -52.94 6.99 -23.25
CA ASN IA 89 -51.68 6.30 -23.44
C ASN IA 89 -50.54 7.28 -23.18
N GLN IA 90 -49.60 6.85 -22.34
CA GLN IA 90 -48.65 7.77 -21.75
C GLN IA 90 -47.77 8.43 -22.80
N VAL IA 91 -47.28 7.63 -23.74
CA VAL IA 91 -46.24 8.08 -24.66
C VAL IA 91 -46.75 9.18 -25.58
N ASP IA 92 -48.06 9.28 -25.77
CA ASP IA 92 -48.61 10.29 -26.66
C ASP IA 92 -48.51 11.71 -26.10
N LEU IA 93 -48.09 11.86 -24.85
CA LEU IA 93 -48.17 13.12 -24.12
C LEU IA 93 -46.83 13.84 -23.97
N PHE IA 94 -45.72 13.20 -24.32
CA PHE IA 94 -44.42 13.80 -24.09
C PHE IA 94 -44.20 15.02 -24.98
N ASN IA 95 -43.10 15.71 -24.73
CA ASN IA 95 -42.60 16.79 -25.56
C ASN IA 95 -41.57 16.32 -26.57
N THR IA 96 -40.84 15.23 -26.27
CA THR IA 96 -39.79 14.75 -27.15
C THR IA 96 -40.33 14.16 -28.45
N ARG IA 97 -41.63 13.91 -28.54
CA ARG IA 97 -42.26 13.52 -29.79
C ARG IA 97 -42.90 14.74 -30.43
N ALA IA 98 -42.96 14.74 -31.75
CA ALA IA 98 -43.66 15.78 -32.48
C ALA IA 98 -45.16 15.67 -32.22
N THR IA 99 -45.90 16.59 -32.85
CA THR IA 99 -47.35 16.57 -32.74
C THR IA 99 -47.95 15.65 -33.81
N LYS IA 100 -49.24 15.36 -33.66
CA LYS IA 100 -49.97 14.67 -34.71
C LYS IA 100 -50.03 15.51 -35.97
N THR IA 101 -50.03 16.83 -35.83
CA THR IA 101 -50.11 17.73 -36.97
C THR IA 101 -48.85 17.65 -37.82
N GLN IA 102 -47.70 17.87 -37.20
CA GLN IA 102 -46.45 17.98 -37.94
C GLN IA 102 -46.12 16.69 -38.67
N PHE IA 103 -46.43 15.55 -38.06
CA PHE IA 103 -46.25 14.27 -38.72
C PHE IA 103 -47.11 14.19 -39.97
N GLU IA 104 -48.32 14.72 -39.90
CA GLU IA 104 -49.22 14.69 -41.05
C GLU IA 104 -48.68 15.55 -42.19
N SER IA 105 -48.35 16.81 -41.89
CA SER IA 105 -47.88 17.71 -42.94
C SER IA 105 -46.58 17.23 -43.55
N TRP IA 106 -45.70 16.62 -42.74
CA TRP IA 106 -44.48 16.03 -43.28
C TRP IA 106 -44.82 14.96 -44.31
N TYR IA 107 -45.84 14.16 -44.03
CA TYR IA 107 -46.24 13.11 -44.95
C TYR IA 107 -46.90 13.68 -46.21
N SER IA 108 -47.54 14.83 -46.09
CA SER IA 108 -48.19 15.43 -47.25
C SER IA 108 -47.22 16.24 -48.08
N ALA IA 109 -46.38 17.04 -47.43
CA ALA IA 109 -45.46 17.90 -48.15
C ALA IA 109 -44.43 17.11 -48.93
N VAL IA 110 -44.03 15.94 -48.40
CA VAL IA 110 -43.03 15.13 -49.07
C VAL IA 110 -43.57 14.59 -50.39
N LYS IA 111 -44.86 14.23 -50.41
CA LYS IA 111 -45.44 13.54 -51.56
C LYS IA 111 -45.42 14.41 -52.81
N VAL IA 112 -45.58 15.72 -52.64
CA VAL IA 112 -45.58 16.62 -53.78
C VAL IA 112 -44.20 16.70 -54.40
N GLU IA 113 -43.16 16.81 -53.58
CA GLU IA 113 -41.82 17.05 -54.10
C GLU IA 113 -41.19 15.82 -54.72
N TYR IA 114 -41.69 14.62 -54.42
CA TYR IA 114 -41.41 13.45 -55.25
C TYR IA 114 -42.42 13.28 -56.37
N ASP IA 115 -43.62 13.87 -56.21
CA ASP IA 115 -44.63 13.90 -57.26
C ASP IA 115 -45.07 12.48 -57.62
N LEU IA 116 -45.47 11.72 -56.61
CA LEU IA 116 -45.96 10.35 -56.78
C LEU IA 116 -47.49 10.30 -56.78
N ASN IA 117 -48.12 10.81 -55.72
CA ASN IA 117 -49.58 10.78 -55.58
C ASN IA 117 -50.11 9.35 -55.73
N ASP IA 118 -49.41 8.40 -55.09
CA ASP IA 118 -49.74 6.99 -55.23
C ASP IA 118 -49.23 6.27 -54.00
N GLU IA 119 -49.75 5.07 -53.77
CA GLU IA 119 -49.45 4.29 -52.58
C GLU IA 119 -48.12 3.55 -52.68
N GLN IA 120 -47.24 3.92 -53.60
CA GLN IA 120 -45.84 3.52 -53.51
C GLN IA 120 -45.14 4.18 -52.32
N MET IA 121 -45.76 5.20 -51.74
CA MET IA 121 -45.16 5.92 -50.61
C MET IA 121 -44.83 5.00 -49.45
N GLY IA 122 -45.66 3.97 -49.25
CA GLY IA 122 -45.38 3.01 -48.20
C GLY IA 122 -44.03 2.33 -48.37
N VAL IA 123 -43.66 2.05 -49.61
CA VAL IA 123 -42.36 1.44 -49.88
C VAL IA 123 -41.24 2.44 -49.62
N ILE IA 124 -41.41 3.68 -50.09
CA ILE IA 124 -40.37 4.69 -49.97
C ILE IA 124 -40.12 5.01 -48.50
N MET IA 125 -41.19 5.17 -47.73
CA MET IA 125 -41.06 5.36 -46.30
C MET IA 125 -40.30 4.21 -45.67
N ASN IA 126 -40.67 2.98 -46.04
CA ASN IA 126 -39.99 1.81 -45.51
C ASN IA 126 -38.54 1.75 -45.96
N GLY IA 127 -38.29 2.14 -47.21
CA GLY IA 127 -36.93 2.20 -47.70
C GLY IA 127 -36.07 3.23 -47.01
N PHE IA 128 -36.69 4.17 -46.28
CA PHE IA 128 -35.93 5.18 -45.57
C PHE IA 128 -35.49 4.69 -44.19
N MET IA 129 -36.37 3.97 -43.49
CA MET IA 129 -36.10 3.69 -42.08
C MET IA 129 -34.92 2.74 -41.91
N VAL IA 130 -34.77 1.76 -42.79
CA VAL IA 130 -33.64 0.84 -42.68
C VAL IA 130 -32.34 1.60 -42.88
N TRP IA 131 -32.30 2.48 -43.89
CA TRP IA 131 -31.14 3.33 -44.06
C TRP IA 131 -30.97 4.28 -42.88
N CYS IA 132 -32.09 4.70 -42.29
CA CYS IA 132 -32.03 5.57 -41.12
C CYS IA 132 -31.42 4.87 -39.93
N ILE IA 133 -31.47 3.54 -39.89
CA ILE IA 133 -30.74 2.80 -38.87
C ILE IA 133 -29.25 2.85 -39.16
N ASP IA 134 -28.85 2.30 -40.30
CA ASP IA 134 -27.47 1.94 -40.56
C ASP IA 134 -26.56 3.12 -40.79
N ASN IA 135 -27.08 4.34 -40.71
CA ASN IA 135 -26.23 5.51 -40.65
C ASN IA 135 -26.87 6.52 -39.72
N GLY IA 136 -26.09 7.51 -39.34
CA GLY IA 136 -26.53 8.46 -38.34
C GLY IA 136 -27.69 9.30 -38.83
N THR IA 137 -28.31 9.98 -37.88
CA THR IA 137 -29.38 10.94 -38.15
C THR IA 137 -28.99 12.26 -37.53
N SER IA 138 -28.65 13.23 -38.38
CA SER IA 138 -28.30 14.57 -37.93
C SER IA 138 -28.54 15.52 -39.10
N PRO IA 139 -28.76 16.80 -38.83
CA PRO IA 139 -28.98 17.74 -39.94
C PRO IA 139 -27.80 17.86 -40.88
N ASP IA 140 -26.60 17.48 -40.45
CA ASP IA 140 -25.40 17.62 -41.28
C ASP IA 140 -25.17 16.35 -42.11
N VAL IA 141 -26.19 15.98 -42.87
CA VAL IA 141 -26.07 14.95 -43.89
C VAL IA 141 -26.19 15.62 -45.26
N ASN IA 142 -25.45 15.08 -46.21
CA ASN IA 142 -25.57 15.49 -47.60
C ASN IA 142 -25.33 14.27 -48.47
N GLY IA 143 -25.52 14.47 -49.76
CA GLY IA 143 -25.38 13.39 -50.73
C GLY IA 143 -26.73 12.79 -51.05
N VAL IA 144 -26.81 11.46 -50.93
CA VAL IA 144 -27.97 10.70 -51.36
C VAL IA 144 -28.25 9.60 -50.34
N TRP IA 145 -29.32 8.86 -50.61
CA TRP IA 145 -29.62 7.64 -49.88
C TRP IA 145 -30.22 6.64 -50.86
N VAL IA 146 -30.42 5.42 -50.39
CA VAL IA 146 -30.69 4.32 -51.31
C VAL IA 146 -31.37 3.18 -50.57
N MET IA 147 -32.31 2.55 -51.28
CA MET IA 147 -32.73 1.19 -51.04
C MET IA 147 -32.43 0.37 -52.29
N MET IA 148 -32.43 -0.95 -52.14
CA MET IA 148 -32.10 -1.86 -53.24
C MET IA 148 -33.23 -2.86 -53.46
N ASP IA 149 -33.28 -3.36 -54.69
CA ASP IA 149 -34.20 -4.40 -55.10
C ASP IA 149 -33.48 -5.32 -56.06
N GLY IA 150 -33.48 -6.62 -55.76
CA GLY IA 150 -32.72 -7.54 -56.57
C GLY IA 150 -31.24 -7.42 -56.28
N GLU IA 151 -30.50 -6.80 -57.20
CA GLU IA 151 -29.07 -6.58 -57.04
C GLU IA 151 -28.61 -5.17 -57.35
N GLU IA 152 -29.46 -4.30 -57.87
CA GLU IA 152 -29.04 -2.96 -58.24
C GLU IA 152 -29.16 -2.01 -57.05
N GLN IA 153 -28.88 -0.73 -57.31
CA GLN IA 153 -28.66 0.28 -56.27
C GLN IA 153 -29.46 1.55 -56.62
N VAL IA 154 -30.76 1.37 -56.81
CA VAL IA 154 -31.65 2.47 -57.17
C VAL IA 154 -31.65 3.54 -56.09
N GLU IA 155 -31.11 4.71 -56.39
CA GLU IA 155 -30.88 5.76 -55.43
C GLU IA 155 -31.95 6.85 -55.52
N TYR IA 156 -31.82 7.85 -54.66
CA TYR IA 156 -32.79 8.94 -54.54
C TYR IA 156 -32.05 10.16 -54.01
N PRO IA 157 -32.70 11.32 -54.01
CA PRO IA 157 -32.13 12.50 -53.35
C PRO IA 157 -32.45 12.48 -51.86
N LEU IA 158 -31.87 13.47 -51.17
CA LEU IA 158 -31.77 13.45 -49.71
C LEU IA 158 -32.29 14.73 -49.06
N LYS IA 159 -32.20 15.85 -49.78
CA LYS IA 159 -32.51 17.15 -49.20
C LYS IA 159 -33.94 17.27 -48.70
N PRO IA 160 -34.98 17.08 -49.52
CA PRO IA 160 -36.32 17.54 -49.14
C PRO IA 160 -36.90 16.85 -47.92
N ILE IA 161 -36.45 15.64 -47.58
CA ILE IA 161 -36.89 15.01 -46.33
C ILE IA 161 -36.44 15.85 -45.15
N VAL IA 162 -35.20 16.33 -45.19
CA VAL IA 162 -34.64 17.06 -44.06
C VAL IA 162 -35.25 18.45 -43.97
N GLU IA 163 -35.07 19.25 -45.03
CA GLU IA 163 -35.39 20.67 -44.94
C GLU IA 163 -36.89 20.91 -44.75
N ASN IA 164 -37.74 20.04 -45.25
CA ASN IA 164 -39.17 20.10 -44.94
C ASN IA 164 -39.51 19.22 -43.75
N ALA IA 165 -38.72 19.35 -42.68
CA ALA IA 165 -38.99 18.72 -41.39
C ALA IA 165 -39.10 19.85 -40.38
N LYS IA 166 -40.29 20.02 -39.81
CA LYS IA 166 -40.59 21.30 -39.18
C LYS IA 166 -39.77 21.49 -37.90
N PRO IA 167 -39.90 20.66 -36.86
CA PRO IA 167 -38.78 20.53 -35.93
C PRO IA 167 -37.72 19.62 -36.52
N THR IA 168 -36.69 19.27 -35.75
CA THR IA 168 -35.58 18.50 -36.29
C THR IA 168 -36.06 17.10 -36.67
N LEU IA 169 -35.12 16.31 -37.20
CA LEU IA 169 -35.48 15.03 -37.80
C LEU IA 169 -35.86 14.01 -36.73
N ARG IA 170 -34.95 13.76 -35.78
CA ARG IA 170 -35.20 12.77 -34.75
C ARG IA 170 -36.44 13.11 -33.95
N GLN IA 171 -36.68 14.40 -33.73
CA GLN IA 171 -37.89 14.89 -33.08
C GLN IA 171 -39.17 14.43 -33.78
N ILE IA 172 -39.08 14.05 -35.05
CA ILE IA 172 -40.16 13.37 -35.74
C ILE IA 172 -40.06 11.86 -35.57
N MET IA 173 -38.86 11.33 -35.73
CA MET IA 173 -38.68 9.89 -35.95
C MET IA 173 -38.73 9.08 -34.67
N HIS IA 174 -39.09 9.65 -33.53
CA HIS IA 174 -39.33 8.81 -32.36
C HIS IA 174 -40.59 7.99 -32.49
N HIS IA 175 -41.45 8.26 -33.48
CA HIS IA 175 -42.63 7.43 -33.67
C HIS IA 175 -42.25 5.99 -33.97
N PHE IA 176 -41.27 5.81 -34.85
CA PHE IA 176 -40.79 4.48 -35.18
C PHE IA 176 -39.97 3.91 -34.05
N SER IA 177 -40.63 3.17 -33.17
CA SER IA 177 -39.97 2.47 -32.07
C SER IA 177 -40.15 0.97 -32.16
N ASP IA 178 -41.39 0.51 -32.29
CA ASP IA 178 -41.67 -0.92 -32.31
C ASP IA 178 -41.46 -1.51 -33.68
N ALA IA 179 -41.58 -0.71 -34.73
CA ALA IA 179 -41.40 -1.21 -36.09
C ALA IA 179 -39.99 -1.73 -36.28
N ALA IA 180 -39.01 -0.84 -36.18
CA ALA IA 180 -37.62 -1.25 -36.35
C ALA IA 180 -37.21 -2.27 -35.30
N GLU IA 181 -37.82 -2.22 -34.12
CA GLU IA 181 -37.55 -3.22 -33.09
C GLU IA 181 -37.83 -4.63 -33.59
N ALA IA 182 -39.06 -4.86 -34.05
CA ALA IA 182 -39.41 -6.18 -34.56
C ALA IA 182 -38.59 -6.53 -35.78
N TYR IA 183 -38.20 -5.52 -36.56
CA TYR IA 183 -37.43 -5.75 -37.77
C TYR IA 183 -36.09 -6.41 -37.44
N ILE IA 184 -35.31 -5.77 -36.56
CA ILE IA 184 -34.01 -6.34 -36.23
C ILE IA 184 -34.16 -7.58 -35.37
N GLU IA 185 -35.32 -7.77 -34.74
CA GLU IA 185 -35.55 -8.98 -33.97
C GLU IA 185 -35.51 -10.20 -34.86
N MET IA 186 -36.28 -10.19 -35.95
CA MET IA 186 -36.35 -11.38 -36.80
C MET IA 186 -35.07 -11.56 -37.58
N ARG IA 187 -34.49 -10.47 -38.10
CA ARG IA 187 -33.22 -10.58 -38.80
C ARG IA 187 -32.13 -11.06 -37.86
N ASN IA 188 -32.24 -10.78 -36.57
CA ASN IA 188 -31.33 -11.37 -35.59
C ASN IA 188 -31.68 -12.82 -35.34
N SER IA 189 -32.96 -13.19 -35.49
CA SER IA 189 -33.37 -14.58 -35.30
C SER IA 189 -32.69 -15.48 -36.32
N GLU IA 190 -32.80 -15.14 -37.60
CA GLU IA 190 -32.13 -15.92 -38.63
C GLU IA 190 -30.63 -15.83 -38.43
N SER IA 191 -30.06 -14.66 -38.65
CA SER IA 191 -28.62 -14.47 -38.76
C SER IA 191 -28.15 -13.45 -37.74
N PRO IA 192 -26.85 -13.40 -37.43
CA PRO IA 192 -26.37 -12.51 -36.38
C PRO IA 192 -26.24 -11.06 -36.83
N TYR IA 193 -27.33 -10.31 -36.70
CA TYR IA 193 -27.41 -8.94 -37.17
C TYR IA 193 -26.98 -7.94 -36.10
N MET IA 194 -26.41 -6.83 -36.54
CA MET IA 194 -26.13 -5.70 -35.68
C MET IA 194 -26.06 -4.45 -36.56
N PRO IA 195 -26.61 -3.32 -36.13
CA PRO IA 195 -26.48 -2.09 -36.94
C PRO IA 195 -25.08 -1.53 -36.98
N ARG IA 196 -24.95 -0.35 -37.59
CA ARG IA 196 -23.70 0.39 -37.58
C ARG IA 196 -23.56 1.27 -36.36
N TYR IA 197 -24.67 1.82 -35.86
CA TYR IA 197 -24.65 2.64 -34.66
C TYR IA 197 -24.11 1.89 -33.45
N GLY IA 198 -24.16 0.57 -33.46
CA GLY IA 198 -23.60 -0.24 -32.39
C GLY IA 198 -22.17 -0.63 -32.67
N LEU IA 199 -21.91 -1.12 -33.88
CA LEU IA 199 -20.56 -1.54 -34.24
C LEU IA 199 -19.59 -0.39 -34.21
N LEU IA 200 -20.06 0.83 -34.40
CA LEU IA 200 -19.19 1.98 -34.23
C LEU IA 200 -18.84 2.22 -32.77
N ARG IA 201 -19.58 1.61 -31.84
CA ARG IA 201 -19.35 1.78 -30.41
C ARG IA 201 -19.11 0.46 -29.68
N ASN IA 202 -18.98 -0.65 -30.43
CA ASN IA 202 -18.30 -1.86 -29.99
C ASN IA 202 -18.96 -2.45 -28.74
N LEU IA 203 -20.19 -2.91 -28.92
CA LEU IA 203 -20.82 -3.75 -27.92
C LEU IA 203 -20.31 -5.18 -28.03
N ARG IA 204 -20.19 -5.83 -26.88
CA ARG IA 204 -19.83 -7.24 -26.82
C ARG IA 204 -21.05 -8.14 -26.73
N ASP IA 205 -22.12 -7.66 -26.10
CA ASP IA 205 -23.27 -8.56 -25.97
C ASP IA 205 -24.12 -8.49 -27.22
N ARG IA 206 -24.12 -9.60 -27.94
CA ARG IA 206 -24.92 -9.74 -29.13
C ARG IA 206 -26.41 -9.57 -28.87
N GLU IA 207 -26.83 -9.71 -27.61
CA GLU IA 207 -28.24 -9.76 -27.27
C GLU IA 207 -28.90 -8.40 -27.28
N LEU IA 208 -28.16 -7.32 -27.00
CA LEU IA 208 -28.72 -5.99 -26.89
C LEU IA 208 -28.69 -5.21 -28.18
N ALA IA 209 -28.79 -5.89 -29.33
CA ALA IA 209 -29.00 -5.18 -30.57
C ALA IA 209 -30.36 -4.51 -30.61
N ARG IA 210 -31.31 -5.03 -29.81
CA ARG IA 210 -32.65 -4.48 -29.75
C ARG IA 210 -32.67 -3.00 -29.39
N TYR IA 211 -31.65 -2.53 -28.66
CA TYR IA 211 -31.64 -1.19 -28.10
C TYR IA 211 -30.51 -0.36 -28.68
N ALA IA 212 -30.32 -0.44 -29.99
CA ALA IA 212 -29.27 0.29 -30.70
C ALA IA 212 -29.90 1.07 -31.85
N PHE IA 213 -30.16 2.34 -31.60
CA PHE IA 213 -30.66 3.26 -32.61
C PHE IA 213 -30.18 4.65 -32.29
N ASP IA 214 -30.23 5.53 -33.28
CA ASP IA 214 -30.34 6.95 -32.98
C ASP IA 214 -31.69 7.25 -32.36
N PHE IA 215 -32.75 6.83 -33.04
CA PHE IA 215 -34.12 7.08 -32.59
C PHE IA 215 -34.60 5.86 -31.82
N TYR IA 216 -34.86 6.07 -30.53
CA TYR IA 216 -35.49 5.04 -29.71
C TYR IA 216 -36.09 5.74 -28.50
N GLU IA 217 -37.37 5.49 -28.26
CA GLU IA 217 -38.14 6.25 -27.28
C GLU IA 217 -38.30 5.42 -26.02
N VAL IA 218 -37.71 5.91 -24.93
CA VAL IA 218 -37.85 5.25 -23.65
C VAL IA 218 -39.30 5.24 -23.24
N THR IA 219 -39.69 4.21 -22.50
CA THR IA 219 -41.00 4.12 -21.90
C THR IA 219 -40.83 3.58 -20.49
N SER IA 220 -41.95 3.41 -19.80
CA SER IA 220 -41.95 2.73 -18.52
C SER IA 220 -41.92 1.21 -18.66
N LYS IA 221 -41.81 0.69 -19.87
CA LYS IA 221 -41.89 -0.75 -20.10
C LYS IA 221 -40.53 -1.43 -20.14
N THR IA 222 -39.46 -0.69 -20.40
CA THR IA 222 -38.17 -1.31 -20.63
C THR IA 222 -37.66 -1.98 -19.35
N PRO IA 223 -36.76 -2.95 -19.48
CA PRO IA 223 -36.08 -3.49 -18.30
C PRO IA 223 -34.98 -2.57 -17.82
N ASN IA 224 -34.45 -2.91 -16.65
CA ASN IA 224 -33.46 -2.10 -15.97
C ASN IA 224 -32.04 -2.38 -16.43
N ARG IA 225 -31.85 -3.11 -17.52
CA ARG IA 225 -30.53 -3.45 -18.03
C ARG IA 225 -30.13 -2.55 -19.20
N ALA IA 226 -30.95 -2.53 -20.25
CA ALA IA 226 -30.64 -1.71 -21.41
C ALA IA 226 -30.71 -0.23 -21.09
N ARG IA 227 -31.47 0.14 -20.06
CA ARG IA 227 -31.60 1.53 -19.67
C ARG IA 227 -30.25 2.12 -19.28
N GLU IA 228 -29.34 1.29 -18.76
CA GLU IA 228 -28.00 1.76 -18.45
C GLU IA 228 -27.18 1.92 -19.72
N ALA IA 229 -27.21 0.92 -20.60
CA ALA IA 229 -26.32 0.91 -21.75
C ALA IA 229 -26.61 2.07 -22.70
N ILE IA 230 -27.89 2.45 -22.83
CA ILE IA 230 -28.23 3.56 -23.71
C ILE IA 230 -27.56 4.83 -23.23
N ALA IA 231 -27.67 5.13 -21.94
CA ALA IA 231 -27.12 6.36 -21.42
C ALA IA 231 -25.61 6.38 -21.54
N GLN IA 232 -24.96 5.21 -21.46
CA GLN IA 232 -23.52 5.16 -21.67
C GLN IA 232 -23.18 5.55 -23.10
N MET IA 233 -24.00 5.13 -24.07
CA MET IA 233 -23.75 5.51 -25.45
C MET IA 233 -23.88 7.01 -25.64
N LYS IA 234 -24.99 7.58 -25.16
CA LYS IA 234 -25.26 8.99 -25.36
C LYS IA 234 -24.17 9.85 -24.73
N ALA IA 235 -23.61 9.40 -23.62
CA ALA IA 235 -22.55 10.16 -22.97
C ALA IA 235 -21.20 9.93 -23.61
N ALA IA 236 -20.99 8.75 -24.17
CA ALA IA 236 -19.71 8.46 -24.79
C ALA IA 236 -19.53 9.19 -26.11
N ALA IA 237 -20.63 9.42 -26.81
CA ALA IA 237 -20.60 10.03 -28.12
C ALA IA 237 -20.71 11.54 -28.09
N LEU IA 238 -20.61 12.16 -26.92
CA LEU IA 238 -20.66 13.62 -26.79
C LEU IA 238 -19.64 14.04 -25.75
N ALA IA 239 -18.55 14.64 -26.21
CA ALA IA 239 -17.52 15.14 -25.32
C ALA IA 239 -16.63 16.08 -26.12
N GLY IA 240 -16.31 17.22 -25.53
CA GLY IA 240 -15.55 18.24 -26.20
C GLY IA 240 -16.38 19.21 -27.02
N ILE IA 241 -17.60 18.84 -27.39
CA ILE IA 241 -18.46 19.75 -28.15
C ILE IA 241 -18.82 20.92 -27.24
N ASN IA 242 -18.32 22.10 -27.59
CA ASN IA 242 -18.59 23.33 -26.87
C ASN IA 242 -19.71 24.06 -27.59
N SER IA 243 -20.81 24.30 -26.89
CA SER IA 243 -22.04 24.77 -27.51
C SER IA 243 -21.86 26.13 -28.19
N ARG IA 244 -21.59 27.18 -27.40
CA ARG IA 244 -21.26 28.48 -27.95
C ARG IA 244 -22.39 29.02 -28.83
N LEU IA 245 -23.50 29.37 -28.18
CA LEU IA 245 -24.75 29.64 -28.88
C LEU IA 245 -24.64 30.71 -29.94
N PHE IA 246 -23.63 31.58 -29.87
CA PHE IA 246 -23.39 32.54 -30.93
C PHE IA 246 -22.51 31.95 -32.01
N GLY IA 247 -22.71 32.42 -33.24
CA GLY IA 247 -21.91 32.03 -34.38
C GLY IA 247 -20.88 33.08 -34.69
N LEU IA 248 -21.18 33.93 -35.67
CA LEU IA 248 -20.41 35.14 -35.88
C LEU IA 248 -21.34 36.27 -36.28
N ASP IA 249 -20.95 37.48 -35.88
CA ASP IA 249 -21.68 38.69 -36.22
C ASP IA 249 -21.36 39.11 -37.66
N GLY IA 250 -22.35 39.69 -38.33
CA GLY IA 250 -22.14 40.17 -39.67
C GLY IA 250 -21.58 41.57 -39.72
N ASN IA 251 -21.87 42.40 -38.72
CA ASN IA 251 -21.41 43.78 -38.71
C ASN IA 251 -19.91 43.80 -38.47
N ILE IA 252 -19.18 44.27 -39.46
CA ILE IA 252 -17.76 44.56 -39.35
C ILE IA 252 -17.57 46.06 -39.37
N SER IA 253 -16.61 46.54 -38.58
CA SER IA 253 -16.10 47.90 -38.73
C SER IA 253 -14.62 47.84 -38.39
N THR IA 254 -13.79 47.56 -39.39
CA THR IA 254 -12.36 47.63 -39.22
C THR IA 254 -11.85 49.05 -39.24
N ASN IA 255 -12.54 49.93 -39.96
CA ASN IA 255 -12.18 51.34 -40.03
C ASN IA 255 -13.44 52.13 -40.34
N SER IA 256 -13.67 53.19 -39.57
CA SER IA 256 -14.88 53.98 -39.71
C SER IA 256 -14.95 54.62 -41.10
N GLU IA 257 -16.15 55.05 -41.46
CA GLU IA 257 -16.39 55.65 -42.77
C GLU IA 257 -15.77 57.04 -42.84
N ASN IA 258 -15.17 57.35 -43.98
CA ASN IA 258 -14.31 58.53 -44.08
C ASN IA 258 -15.12 59.82 -44.16
N THR IA 259 -15.93 59.98 -45.21
CA THR IA 259 -16.74 61.18 -45.44
C THR IA 259 -15.86 62.42 -45.54
N GLU IA 260 -14.99 62.43 -46.54
CA GLU IA 260 -14.22 63.62 -46.89
C GLU IA 260 -14.03 63.67 -48.40
N ARG IA 261 -13.50 64.79 -48.87
CA ARG IA 261 -13.51 65.15 -50.28
C ARG IA 261 -12.10 65.15 -50.86
N HIS IA 262 -12.01 65.53 -52.13
CA HIS IA 262 -10.74 65.76 -52.82
C HIS IA 262 -10.94 66.88 -53.83
N THR IA 263 -9.90 67.70 -53.99
CA THR IA 263 -9.86 68.71 -55.03
C THR IA 263 -8.47 68.70 -55.66
N ALA IA 264 -8.28 69.56 -56.65
CA ALA IA 264 -6.99 69.68 -57.31
C ALA IA 264 -6.02 70.48 -56.44
N PRO KA 58 -51.32 -24.65 -34.30
CA PRO KA 58 -51.68 -23.35 -34.86
C PRO KA 58 -50.46 -22.46 -35.10
N ARG KA 59 -50.49 -21.70 -36.20
CA ARG KA 59 -49.36 -20.92 -36.64
C ARG KA 59 -49.80 -19.53 -37.07
N LEU KA 60 -48.85 -18.61 -37.10
CA LEU KA 60 -49.09 -17.24 -37.52
C LEU KA 60 -47.76 -16.63 -37.93
N GLN KA 61 -47.82 -15.35 -38.29
CA GLN KA 61 -46.67 -14.60 -38.75
C GLN KA 61 -46.22 -13.58 -37.72
N LYS KA 62 -44.96 -13.15 -37.84
CA LYS KA 62 -44.34 -12.32 -36.81
C LYS KA 62 -45.07 -11.00 -36.62
N ILE KA 63 -45.08 -10.16 -37.66
CA ILE KA 63 -45.84 -8.92 -37.61
C ILE KA 63 -47.32 -9.24 -37.72
N THR KA 64 -48.14 -8.40 -37.08
CA THR KA 64 -49.59 -8.48 -37.20
C THR KA 64 -50.14 -7.08 -37.40
N LYS KA 65 -51.26 -7.01 -38.12
CA LYS KA 65 -51.90 -5.73 -38.39
C LYS KA 65 -52.29 -5.02 -37.10
N LYS KA 66 -52.60 -5.77 -36.04
CA LYS KA 66 -53.04 -5.18 -34.79
C LYS KA 66 -51.90 -4.61 -33.96
N MET KA 67 -50.66 -4.74 -34.41
CA MET KA 67 -49.56 -4.05 -33.76
C MET KA 67 -49.77 -2.55 -33.86
N ASN KA 68 -49.24 -1.81 -32.88
CA ASN KA 68 -49.31 -0.36 -32.92
C ASN KA 68 -48.40 0.18 -34.01
N LEU KA 69 -48.91 1.13 -34.79
CA LEU KA 69 -48.28 1.55 -36.04
C LEU KA 69 -48.68 2.99 -36.31
N PRO KA 70 -48.10 3.62 -37.34
CA PRO KA 70 -48.49 5.00 -37.66
C PRO KA 70 -49.93 5.13 -38.14
N THR KA 71 -50.51 6.30 -37.83
CA THR KA 71 -51.94 6.56 -38.00
C THR KA 71 -52.21 7.96 -38.57
N VAL KA 72 -51.61 8.28 -39.73
CA VAL KA 72 -51.92 9.55 -40.40
C VAL KA 72 -53.43 9.68 -40.59
N GLY KA 73 -54.02 8.77 -41.36
CA GLY KA 73 -55.45 8.66 -41.46
C GLY KA 73 -55.97 7.67 -40.43
N GLY KA 74 -57.23 7.87 -40.03
CA GLY KA 74 -57.86 6.91 -39.14
C GLY KA 74 -57.91 5.52 -39.72
N LYS KA 75 -57.98 5.40 -41.04
CA LYS KA 75 -58.07 4.12 -41.73
C LYS KA 75 -56.70 3.67 -42.27
N ILE KA 76 -56.09 4.47 -43.13
CA ILE KA 76 -54.99 3.98 -43.95
C ILE KA 76 -53.71 3.90 -43.12
N ILE KA 77 -52.96 2.83 -43.34
CA ILE KA 77 -51.68 2.60 -42.69
C ILE KA 77 -50.59 2.81 -43.72
N LEU KA 78 -49.43 3.25 -43.25
CA LEU KA 78 -48.35 3.66 -44.13
C LEU KA 78 -47.39 2.51 -44.42
N SER KA 79 -46.92 1.85 -43.39
CA SER KA 79 -46.03 0.70 -43.56
C SER KA 79 -46.81 -0.51 -44.02
N LEU KA 80 -46.86 -0.75 -45.33
CA LEU KA 80 -47.59 -1.89 -45.86
C LEU KA 80 -46.93 -3.19 -45.43
N ASP KA 81 -47.74 -4.11 -44.91
CA ASP KA 81 -47.23 -5.37 -44.36
C ASP KA 81 -46.90 -6.32 -45.51
N HIS KA 82 -45.77 -6.05 -46.16
CA HIS KA 82 -45.15 -6.97 -47.11
C HIS KA 82 -43.66 -7.10 -46.80
N LEU KA 83 -43.29 -6.91 -45.54
CA LEU KA 83 -41.90 -6.91 -45.11
C LEU KA 83 -41.39 -8.30 -44.80
N LEU KA 84 -42.28 -9.29 -44.73
CA LEU KA 84 -41.88 -10.65 -44.39
C LEU KA 84 -40.90 -11.23 -45.39
N GLU KA 85 -40.90 -10.72 -46.63
CA GLU KA 85 -39.86 -11.03 -47.62
C GLU KA 85 -39.29 -9.68 -48.06
N TYR KA 86 -38.39 -9.15 -47.24
CA TYR KA 86 -37.55 -8.01 -47.61
C TYR KA 86 -36.25 -8.20 -46.83
N LYS KA 87 -35.28 -8.86 -47.46
CA LYS KA 87 -34.04 -9.28 -46.81
C LYS KA 87 -32.86 -8.93 -47.70
N PRO KA 88 -32.59 -7.65 -47.90
CA PRO KA 88 -31.39 -7.26 -48.63
C PRO KA 88 -30.14 -7.57 -47.82
N ASN KA 89 -29.08 -7.92 -48.54
CA ASN KA 89 -27.79 -8.09 -47.89
C ASN KA 89 -27.39 -6.76 -47.25
N GLN KA 90 -27.00 -6.83 -45.98
CA GLN KA 90 -26.90 -5.62 -45.17
C GLN KA 90 -25.85 -4.68 -45.70
N VAL KA 91 -24.69 -5.22 -46.06
CA VAL KA 91 -23.53 -4.40 -46.34
C VAL KA 91 -23.72 -3.57 -47.59
N ASP KA 92 -24.65 -3.95 -48.47
CA ASP KA 92 -24.88 -3.20 -49.69
C ASP KA 92 -25.56 -1.86 -49.46
N LEU KA 93 -26.00 -1.58 -48.23
CA LEU KA 93 -26.87 -0.45 -47.93
C LEU KA 93 -26.16 0.71 -47.24
N PHE KA 94 -24.92 0.54 -46.80
CA PHE KA 94 -24.24 1.57 -46.04
C PHE KA 94 -23.96 2.79 -46.90
N ASN KA 95 -23.48 3.84 -46.23
CA ASN KA 95 -22.96 5.05 -46.87
C ASN KA 95 -21.46 5.01 -47.05
N THR KA 96 -20.74 4.27 -46.21
CA THR KA 96 -19.28 4.21 -46.28
C THR KA 96 -18.78 3.49 -47.52
N ARG KA 97 -19.62 2.78 -48.24
CA ARG KA 97 -19.27 2.20 -49.52
C ARG KA 97 -19.78 3.12 -50.63
N ALA KA 98 -19.07 3.10 -51.75
CA ALA KA 98 -19.52 3.83 -52.92
C ALA KA 98 -20.78 3.18 -53.49
N THR KA 99 -21.27 3.75 -54.58
CA THR KA 99 -22.42 3.20 -55.27
C THR KA 99 -21.99 2.14 -56.27
N LYS KA 100 -22.97 1.39 -56.78
CA LYS KA 100 -22.71 0.49 -57.90
C LYS KA 100 -22.31 1.27 -59.14
N THR KA 101 -22.80 2.50 -59.29
CA THR KA 101 -22.49 3.32 -60.44
C THR KA 101 -21.03 3.72 -60.46
N GLN KA 102 -20.57 4.35 -59.38
CA GLN KA 102 -19.23 4.93 -59.34
C GLN KA 102 -18.16 3.86 -59.51
N PHE KA 103 -18.39 2.67 -58.94
CA PHE KA 103 -17.47 1.56 -59.15
C PHE KA 103 -17.39 1.19 -60.62
N GLU KA 104 -18.53 1.24 -61.32
CA GLU KA 104 -18.54 0.90 -62.73
C GLU KA 104 -17.76 1.91 -63.55
N SER KA 105 -18.06 3.20 -63.37
CA SER KA 105 -17.40 4.23 -64.17
C SER KA 105 -15.91 4.27 -63.88
N TRP KA 106 -15.51 4.02 -62.63
CA TRP KA 106 -14.09 3.93 -62.30
C TRP KA 106 -13.43 2.83 -63.12
N TYR KA 107 -14.11 1.70 -63.27
CA TYR KA 107 -13.56 0.60 -64.03
C TYR KA 107 -13.53 0.89 -65.53
N SER KA 108 -14.45 1.74 -66.00
CA SER KA 108 -14.47 2.06 -67.43
C SER KA 108 -13.51 3.19 -67.76
N ALA KA 109 -13.49 4.23 -66.92
CA ALA KA 109 -12.65 5.38 -67.20
C ALA KA 109 -11.18 5.04 -67.12
N VAL KA 110 -10.81 4.10 -66.26
CA VAL KA 110 -9.41 3.73 -66.12
C VAL KA 110 -8.91 3.04 -67.39
N LYS KA 111 -9.76 2.23 -68.01
CA LYS KA 111 -9.33 1.40 -69.13
C LYS KA 111 -8.88 2.23 -70.31
N VAL KA 112 -9.51 3.39 -70.52
CA VAL KA 112 -9.15 4.24 -71.64
C VAL KA 112 -7.77 4.84 -71.44
N GLU KA 113 -7.48 5.30 -70.22
CA GLU KA 113 -6.24 6.03 -69.99
C GLU KA 113 -5.02 5.14 -69.93
N TYR KA 114 -5.19 3.84 -69.71
CA TYR KA 114 -4.14 2.87 -70.01
C TYR KA 114 -4.23 2.35 -71.43
N ASP KA 115 -5.40 2.46 -72.05
CA ASP KA 115 -5.60 2.11 -73.46
C ASP KA 115 -5.28 0.64 -73.71
N LEU KA 116 -5.91 -0.23 -72.94
CA LEU KA 116 -5.77 -1.67 -73.07
C LEU KA 116 -6.90 -2.28 -73.88
N ASN KA 117 -8.15 -2.07 -73.45
CA ASN KA 117 -9.33 -2.64 -74.10
C ASN KA 117 -9.20 -4.16 -74.22
N ASP KA 118 -8.74 -4.79 -73.14
CA ASP KA 118 -8.46 -6.22 -73.15
C ASP KA 118 -8.55 -6.72 -71.71
N GLU KA 119 -8.70 -8.03 -71.57
CA GLU KA 119 -8.90 -8.67 -70.28
C GLU KA 119 -7.61 -8.86 -69.49
N GLN KA 120 -6.53 -8.18 -69.87
CA GLN KA 120 -5.40 -8.03 -68.96
C GLN KA 120 -5.74 -7.18 -67.75
N MET KA 121 -6.87 -6.46 -67.79
CA MET KA 121 -7.27 -5.59 -66.70
C MET KA 121 -7.38 -6.35 -65.39
N GLY KA 122 -7.81 -7.61 -65.45
CA GLY KA 122 -7.90 -8.41 -64.23
C GLY KA 122 -6.57 -8.54 -63.54
N VAL KA 123 -5.47 -8.64 -64.30
CA VAL KA 123 -4.15 -8.73 -63.71
C VAL KA 123 -3.77 -7.39 -63.10
N ILE KA 124 -4.02 -6.30 -63.82
CA ILE KA 124 -3.60 -4.97 -63.36
C ILE KA 124 -4.34 -4.61 -62.09
N MET KA 125 -5.65 -4.86 -62.07
CA MET KA 125 -6.42 -4.66 -60.85
C MET KA 125 -5.84 -5.46 -59.69
N ASN KA 126 -5.53 -6.72 -59.96
CA ASN KA 126 -4.95 -7.58 -58.93
C ASN KA 126 -3.57 -7.08 -58.52
N GLY KA 127 -2.79 -6.61 -59.49
CA GLY KA 127 -1.49 -6.04 -59.18
C GLY KA 127 -1.56 -4.77 -58.36
N PHE KA 128 -2.73 -4.15 -58.26
CA PHE KA 128 -2.88 -2.94 -57.48
C PHE KA 128 -3.18 -3.25 -56.01
N MET KA 129 -4.01 -4.26 -55.76
CA MET KA 129 -4.52 -4.44 -54.40
C MET KA 129 -3.43 -4.88 -53.45
N VAL KA 130 -2.51 -5.73 -53.90
CA VAL KA 130 -1.43 -6.16 -53.02
C VAL KA 130 -0.56 -4.98 -52.64
N TRP KA 131 -0.23 -4.13 -53.63
CA TRP KA 131 0.49 -2.91 -53.32
C TRP KA 131 -0.35 -1.99 -52.45
N CYS KA 132 -1.67 -2.02 -52.64
CA CYS KA 132 -2.57 -1.21 -51.83
C CYS KA 132 -2.55 -1.65 -50.37
N ILE KA 133 -2.19 -2.90 -50.10
CA ILE KA 133 -1.99 -3.34 -48.74
C ILE KA 133 -0.71 -2.74 -48.19
N ASP KA 134 0.41 -3.09 -48.80
CA ASP KA 134 1.73 -2.91 -48.22
C ASP KA 134 2.17 -1.46 -48.15
N ASN KA 135 1.36 -0.52 -48.60
CA ASN KA 135 1.60 0.89 -48.33
C ASN KA 135 0.26 1.56 -48.11
N GLY KA 136 0.33 2.77 -47.57
CA GLY KA 136 -0.85 3.47 -47.18
C GLY KA 136 -1.72 3.83 -48.36
N THR KA 137 -2.96 4.22 -48.04
CA THR KA 137 -3.92 4.72 -49.03
C THR KA 137 -4.39 6.09 -48.58
N SER KA 138 -3.95 7.11 -49.28
CA SER KA 138 -4.36 8.47 -49.00
C SER KA 138 -4.17 9.29 -50.27
N PRO KA 139 -4.91 10.39 -50.42
CA PRO KA 139 -4.73 11.20 -51.63
C PRO KA 139 -3.33 11.77 -51.80
N ASP KA 140 -2.55 11.85 -50.73
CA ASP KA 140 -1.21 12.44 -50.81
C ASP KA 140 -0.16 11.37 -51.11
N VAL KA 141 -0.39 10.66 -52.21
CA VAL KA 141 0.61 9.75 -52.79
C VAL KA 141 1.09 10.35 -54.10
N ASN KA 142 2.36 10.14 -54.39
CA ASN KA 142 2.93 10.50 -55.67
C ASN KA 142 3.98 9.47 -56.03
N GLY KA 143 4.51 9.62 -57.22
CA GLY KA 143 5.51 8.68 -57.73
C GLY KA 143 4.85 7.62 -58.59
N VAL KA 144 5.14 6.36 -58.28
CA VAL KA 144 4.74 5.22 -59.09
C VAL KA 144 4.30 4.08 -58.20
N TRP KA 145 3.86 3.01 -58.83
CA TRP KA 145 3.60 1.75 -58.16
C TRP KA 145 4.01 0.62 -59.08
N VAL KA 146 3.97 -0.60 -58.56
CA VAL KA 146 4.64 -1.70 -59.24
C VAL KA 146 4.05 -3.03 -58.77
N MET KA 147 3.95 -3.95 -59.72
CA MET KA 147 3.91 -5.38 -59.48
C MET KA 147 5.11 -6.00 -60.19
N MET KA 148 5.43 -7.23 -59.81
CA MET KA 148 6.59 -7.93 -60.35
C MET KA 148 6.18 -9.27 -60.94
N ASP KA 149 6.99 -9.74 -61.88
CA ASP KA 149 6.84 -11.05 -62.50
C ASP KA 149 8.23 -11.62 -62.72
N GLY KA 150 8.47 -12.83 -62.22
CA GLY KA 150 9.80 -13.39 -62.30
C GLY KA 150 10.73 -12.73 -61.30
N GLU KA 151 11.61 -11.86 -61.78
CA GLU KA 151 12.54 -11.14 -60.93
C GLU KA 151 12.63 -9.64 -61.22
N GLU KA 152 12.00 -9.14 -62.28
CA GLU KA 152 12.11 -7.74 -62.63
C GLU KA 152 11.05 -6.92 -61.90
N GLN KA 153 11.00 -5.62 -62.21
CA GLN KA 153 10.26 -4.63 -61.44
C GLN KA 153 9.45 -3.74 -62.40
N VAL KA 154 8.63 -4.38 -63.22
CA VAL KA 154 7.81 -3.69 -64.20
C VAL KA 154 6.86 -2.72 -63.53
N GLU KA 155 7.09 -1.42 -63.73
CA GLU KA 155 6.38 -0.37 -63.01
C GLU KA 155 5.27 0.24 -63.88
N TYR KA 156 4.57 1.21 -63.30
CA TYR KA 156 3.43 1.85 -63.93
C TYR KA 156 3.30 3.25 -63.35
N PRO KA 157 2.45 4.09 -63.93
CA PRO KA 157 2.13 5.38 -63.31
C PRO KA 157 1.06 5.23 -62.24
N LEU KA 158 0.79 6.35 -61.56
CA LEU KA 158 0.04 6.35 -60.31
C LEU KA 158 -1.12 7.33 -60.30
N LYS KA 159 -0.99 8.41 -61.08
CA LYS KA 159 -1.97 9.50 -61.02
C LYS KA 159 -3.38 9.08 -61.40
N PRO KA 160 -3.63 8.52 -62.59
CA PRO KA 160 -5.02 8.44 -63.07
C PRO KA 160 -5.93 7.57 -62.24
N ILE KA 161 -5.41 6.61 -61.48
CA ILE KA 161 -6.26 5.85 -60.57
C ILE KA 161 -6.85 6.77 -59.52
N VAL KA 162 -6.03 7.68 -58.99
CA VAL KA 162 -6.48 8.54 -57.90
C VAL KA 162 -7.43 9.60 -58.43
N GLU KA 163 -6.95 10.43 -59.36
CA GLU KA 163 -7.68 11.62 -59.74
C GLU KA 163 -9.01 11.31 -60.42
N ASN KA 164 -9.10 10.18 -61.13
CA ASN KA 164 -10.38 9.70 -61.65
C ASN KA 164 -11.04 8.73 -60.67
N ALA KA 165 -11.09 9.14 -59.41
CA ALA KA 165 -11.83 8.43 -58.36
C ALA KA 165 -12.84 9.42 -57.81
N LYS KA 166 -14.12 9.14 -58.01
CA LYS KA 166 -15.11 10.20 -57.90
C LYS KA 166 -15.27 10.66 -56.45
N PRO KA 167 -15.69 9.82 -55.49
CA PRO KA 167 -15.34 10.11 -54.10
C PRO KA 167 -13.91 9.66 -53.84
N THR KA 168 -13.45 9.71 -52.60
CA THR KA 168 -12.07 9.41 -52.31
C THR KA 168 -11.77 7.94 -52.58
N LEU KA 169 -10.52 7.56 -52.37
CA LEU KA 169 -10.04 6.25 -52.80
C LEU KA 169 -10.61 5.14 -51.92
N ARG KA 170 -10.38 5.23 -50.61
CA ARG KA 170 -10.86 4.19 -49.69
C ARG KA 170 -12.36 4.04 -49.75
N GLN KA 171 -13.07 5.16 -49.97
CA GLN KA 171 -14.51 5.15 -50.17
C GLN KA 171 -14.94 4.26 -51.33
N ILE KA 172 -14.03 3.96 -52.26
CA ILE KA 172 -14.25 2.94 -53.28
C ILE KA 172 -13.79 1.58 -52.78
N MET KA 173 -12.62 1.52 -52.16
CA MET KA 173 -11.92 0.26 -51.97
C MET KA 173 -12.42 -0.54 -50.77
N HIS KA 174 -13.53 -0.16 -50.14
CA HIS KA 174 -14.12 -1.04 -49.14
C HIS KA 174 -14.74 -2.27 -49.76
N HIS KA 175 -14.92 -2.32 -51.08
CA HIS KA 175 -15.45 -3.53 -51.71
C HIS KA 175 -14.53 -4.71 -51.46
N PHE KA 176 -13.23 -4.51 -51.64
CA PHE KA 176 -12.26 -5.56 -51.39
C PHE KA 176 -12.11 -5.81 -49.90
N SER KA 177 -12.86 -6.76 -49.37
CA SER KA 177 -12.78 -7.17 -47.99
C SER KA 177 -12.39 -8.63 -47.87
N ASP KA 178 -13.12 -9.52 -48.53
CA ASP KA 178 -12.88 -10.94 -48.41
C ASP KA 178 -11.75 -11.41 -49.32
N ALA KA 179 -11.49 -10.67 -50.40
CA ALA KA 179 -10.43 -11.06 -51.32
C ALA KA 179 -9.07 -11.02 -50.63
N ALA KA 180 -8.67 -9.83 -50.19
CA ALA KA 180 -7.39 -9.69 -49.51
C ALA KA 180 -7.35 -10.51 -48.23
N GLU KA 181 -8.51 -10.70 -47.59
CA GLU KA 181 -8.57 -11.54 -46.41
C GLU KA 181 -8.06 -12.94 -46.70
N ALA KA 182 -8.67 -13.61 -47.68
CA ALA KA 182 -8.22 -14.96 -48.03
C ALA KA 182 -6.79 -14.96 -48.53
N TYR KA 183 -6.38 -13.86 -49.16
CA TYR KA 183 -5.02 -13.78 -49.69
C TYR KA 183 -3.99 -13.90 -48.58
N ILE KA 184 -4.09 -13.03 -47.57
CA ILE KA 184 -3.11 -13.08 -46.49
C ILE KA 184 -3.33 -14.30 -45.62
N GLU KA 185 -4.51 -14.92 -45.68
CA GLU KA 185 -4.74 -16.14 -44.92
C GLU KA 185 -3.82 -17.25 -45.40
N MET KA 186 -3.80 -17.51 -46.71
CA MET KA 186 -3.00 -18.62 -47.21
C MET KA 186 -1.51 -18.30 -47.12
N ARG KA 187 -1.12 -17.07 -47.47
CA ARG KA 187 0.27 -16.68 -47.34
C ARG KA 187 0.72 -16.74 -45.90
N ASN KA 188 -0.19 -16.54 -44.95
CA ASN KA 188 0.14 -16.77 -43.54
C ASN KA 188 0.18 -18.26 -43.23
N SER KA 189 -0.58 -19.07 -43.97
CA SER KA 189 -0.57 -20.50 -43.75
C SER KA 189 0.80 -21.09 -44.05
N GLU KA 190 1.34 -20.78 -45.23
CA GLU KA 190 2.68 -21.23 -45.57
C GLU KA 190 3.68 -20.61 -44.61
N SER KA 191 3.88 -19.31 -44.73
CA SER KA 191 4.97 -18.59 -44.09
C SER KA 191 4.42 -17.49 -43.20
N PRO KA 192 5.23 -16.97 -42.27
CA PRO KA 192 4.71 -15.97 -41.32
C PRO KA 192 4.61 -14.58 -41.91
N TYR KA 193 3.47 -14.28 -42.52
CA TYR KA 193 3.26 -13.03 -43.23
C TYR KA 193 2.66 -11.96 -42.32
N MET KA 194 3.01 -10.71 -42.60
CA MET KA 194 2.37 -9.57 -41.97
C MET KA 194 2.53 -8.37 -42.89
N PRO KA 195 1.51 -7.53 -43.07
CA PRO KA 195 1.68 -6.34 -43.90
C PRO KA 195 2.61 -5.29 -43.30
N ARG KA 196 2.68 -4.14 -43.97
CA ARG KA 196 3.39 -2.99 -43.45
C ARG KA 196 2.52 -2.14 -42.54
N TYR KA 197 1.22 -2.05 -42.83
CA TYR KA 197 0.30 -1.30 -41.99
C TYR KA 197 0.25 -1.81 -40.56
N GLY KA 198 0.64 -3.06 -40.33
CA GLY KA 198 0.71 -3.62 -39.01
C GLY KA 198 2.08 -3.45 -38.39
N LEU KA 199 3.12 -3.78 -39.15
CA LEU KA 199 4.48 -3.67 -38.65
C LEU KA 199 4.84 -2.25 -38.32
N LEU KA 200 4.21 -1.28 -38.97
CA LEU KA 200 4.41 0.10 -38.60
C LEU KA 200 3.78 0.43 -37.26
N ARG KA 201 2.88 -0.42 -36.76
CA ARG KA 201 2.19 -0.20 -35.49
C ARG KA 201 2.38 -1.34 -34.51
N ASN KA 202 3.24 -2.31 -34.84
CA ASN KA 202 3.89 -3.20 -33.88
C ASN KA 202 2.86 -4.02 -33.08
N LEU KA 203 2.18 -4.90 -33.79
CA LEU KA 203 1.38 -5.92 -33.14
C LEU KA 203 2.28 -7.05 -32.68
N ARG KA 204 1.93 -7.63 -31.53
CA ARG KA 204 2.60 -8.81 -31.01
C ARG KA 204 1.91 -10.10 -31.41
N ASP KA 205 0.59 -10.07 -31.56
CA ASP KA 205 -0.09 -11.33 -31.89
C ASP KA 205 -0.04 -11.55 -33.38
N ARG KA 206 0.72 -12.57 -33.75
CA ARG KA 206 0.84 -12.99 -35.14
C ARG KA 206 -0.50 -13.39 -35.74
N GLU KA 207 -1.49 -13.68 -34.90
CA GLU KA 207 -2.74 -14.27 -35.37
C GLU KA 207 -3.67 -13.24 -36.00
N LEU KA 208 -3.59 -11.98 -35.58
CA LEU KA 208 -4.52 -10.95 -36.05
C LEU KA 208 -4.00 -10.19 -37.27
N ALA KA 209 -3.20 -10.84 -38.11
CA ALA KA 209 -2.87 -10.24 -39.39
C ALA KA 209 -4.11 -10.13 -40.28
N ARG KA 210 -5.12 -10.96 -40.03
CA ARG KA 210 -6.35 -10.96 -40.80
C ARG KA 210 -7.03 -9.59 -40.80
N TYR KA 211 -6.82 -8.79 -39.77
CA TYR KA 211 -7.55 -7.56 -39.56
C TYR KA 211 -6.61 -6.35 -39.59
N ALA KA 212 -5.70 -6.33 -40.56
CA ALA KA 212 -4.73 -5.25 -40.72
C ALA KA 212 -4.80 -4.74 -42.16
N PHE KA 213 -5.55 -3.67 -42.35
CA PHE KA 213 -5.63 -2.98 -43.63
C PHE KA 213 -5.89 -1.51 -43.37
N ASP KA 214 -5.65 -0.70 -44.40
CA ASP KA 214 -6.34 0.57 -44.50
C ASP KA 214 -7.81 0.34 -44.76
N PHE KA 215 -8.10 -0.43 -45.80
CA PHE KA 215 -9.47 -0.72 -46.22
C PHE KA 215 -9.90 -2.04 -45.59
N TYR KA 216 -10.89 -1.97 -44.71
CA TYR KA 216 -11.52 -3.16 -44.17
C TYR KA 216 -12.88 -2.76 -43.62
N GLU KA 217 -13.91 -3.46 -44.07
CA GLU KA 217 -15.29 -3.06 -43.83
C GLU KA 217 -15.87 -3.91 -42.71
N VAL KA 218 -16.19 -3.26 -41.60
CA VAL KA 218 -16.81 -3.93 -40.48
C VAL KA 218 -18.16 -4.50 -40.92
N THR KA 219 -18.54 -5.61 -40.31
CA THR KA 219 -19.86 -6.19 -40.49
C THR KA 219 -20.35 -6.65 -39.13
N SER KA 220 -21.54 -7.24 -39.13
CA SER KA 220 -22.06 -7.88 -37.94
C SER KA 220 -21.49 -9.28 -37.74
N LYS KA 221 -20.55 -9.71 -38.58
CA LYS KA 221 -20.03 -11.07 -38.52
C LYS KA 221 -18.75 -11.19 -37.70
N THR KA 222 -18.01 -10.10 -37.49
CA THR KA 222 -16.71 -10.20 -36.86
C THR KA 222 -16.84 -10.66 -35.42
N PRO KA 223 -15.79 -11.22 -34.84
CA PRO KA 223 -15.78 -11.49 -33.41
C PRO KA 223 -15.50 -10.24 -32.60
N ASN KA 224 -15.66 -10.37 -31.30
CA ASN KA 224 -15.54 -9.27 -30.37
C ASN KA 224 -14.11 -8.98 -29.93
N ARG KA 225 -13.11 -9.58 -30.59
CA ARG KA 225 -11.72 -9.40 -30.23
C ARG KA 225 -11.03 -8.40 -31.16
N ALA KA 226 -11.06 -8.67 -32.46
CA ALA KA 226 -10.42 -7.77 -33.41
C ALA KA 226 -11.13 -6.43 -33.48
N ARG KA 227 -12.40 -6.39 -33.11
CA ARG KA 227 -13.15 -5.14 -33.14
C ARG KA 227 -12.55 -4.11 -32.21
N GLU KA 228 -11.88 -4.55 -31.14
CA GLU KA 228 -11.18 -3.62 -30.26
C GLU KA 228 -9.89 -3.14 -30.90
N ALA KA 229 -9.10 -4.07 -31.44
CA ALA KA 229 -7.77 -3.73 -31.93
C ALA KA 229 -7.81 -2.75 -33.08
N ILE KA 230 -8.82 -2.86 -33.94
CA ILE KA 230 -8.93 -1.95 -35.07
C ILE KA 230 -9.09 -0.52 -34.57
N ALA KA 231 -10.00 -0.31 -33.62
CA ALA KA 231 -10.27 1.03 -33.15
C ALA KA 231 -9.05 1.61 -32.45
N GLN KA 232 -8.25 0.76 -31.81
CA GLN KA 232 -7.01 1.26 -31.21
C GLN KA 232 -6.05 1.77 -32.27
N MET KA 233 -6.00 1.09 -33.42
CA MET KA 233 -5.14 1.55 -34.50
C MET KA 233 -5.60 2.90 -35.02
N LYS KA 234 -6.90 3.01 -35.34
CA LYS KA 234 -7.44 4.22 -35.91
C LYS KA 234 -7.24 5.42 -35.00
N ALA KA 235 -7.29 5.19 -33.69
CA ALA KA 235 -7.11 6.28 -32.74
C ALA KA 235 -5.64 6.57 -32.50
N ALA KA 236 -4.78 5.56 -32.62
CA ALA KA 236 -3.36 5.77 -32.38
C ALA KA 236 -2.72 6.54 -33.53
N ALA KA 237 -3.23 6.36 -34.74
CA ALA KA 237 -2.65 6.96 -35.92
C ALA KA 237 -3.22 8.33 -36.25
N LEU KA 238 -4.01 8.92 -35.36
CA LEU KA 238 -4.57 10.24 -35.57
C LEU KA 238 -4.52 11.00 -34.25
N ALA KA 239 -3.62 11.97 -34.18
CA ALA KA 239 -3.50 12.80 -32.99
C ALA KA 239 -2.66 14.01 -33.36
N GLY KA 240 -3.11 15.18 -32.93
CA GLY KA 240 -2.48 16.43 -33.28
C GLY KA 240 -2.94 17.04 -34.59
N ILE KA 241 -3.55 16.24 -35.47
CA ILE KA 241 -4.06 16.77 -36.73
C ILE KA 241 -5.20 17.72 -36.40
N ASN KA 242 -4.99 19.01 -36.66
CA ASN KA 242 -6.00 20.04 -36.46
C ASN KA 242 -6.67 20.31 -37.79
N SER KA 243 -7.99 20.12 -37.84
CA SER KA 243 -8.72 20.11 -39.10
C SER KA 243 -8.62 21.44 -39.83
N ARG KA 244 -9.18 22.50 -39.25
CA ARG KA 244 -9.04 23.86 -39.79
C ARG KA 244 -9.56 23.95 -41.22
N LEU KA 245 -10.89 23.85 -41.34
CA LEU KA 245 -11.52 23.65 -42.64
C LEU KA 245 -11.17 24.71 -43.67
N PHE KA 246 -10.71 25.88 -43.25
CA PHE KA 246 -10.23 26.89 -44.18
C PHE KA 246 -8.75 26.68 -44.49
N GLY KA 247 -8.36 27.05 -45.69
CA GLY KA 247 -6.99 27.01 -46.12
C GLY KA 247 -6.36 28.37 -46.04
N LEU KA 248 -6.29 29.06 -47.17
CA LEU KA 248 -5.95 30.47 -47.18
C LEU KA 248 -6.80 31.19 -48.23
N ASP KA 249 -7.11 32.44 -47.93
CA ASP KA 249 -7.85 33.30 -48.84
C ASP KA 249 -6.93 33.84 -49.93
N GLY KA 250 -7.48 34.01 -51.13
CA GLY KA 250 -6.71 34.58 -52.22
C GLY KA 250 -6.69 36.09 -52.23
N ASN KA 251 -7.74 36.71 -51.73
CA ASN KA 251 -7.82 38.17 -51.75
C ASN KA 251 -6.83 38.75 -50.76
N ILE KA 252 -5.86 39.48 -51.29
CA ILE KA 252 -4.92 40.26 -50.49
C ILE KA 252 -5.25 41.72 -50.70
N SER KA 253 -5.12 42.52 -49.64
CA SER KA 253 -5.06 43.97 -49.76
C SER KA 253 -4.11 44.45 -48.68
N THR KA 254 -2.83 44.52 -49.01
CA THR KA 254 -1.85 45.10 -48.10
C THR KA 254 -1.90 46.62 -48.14
N ASN KA 255 -2.30 47.20 -49.27
CA ASN KA 255 -2.43 48.63 -49.42
C ASN KA 255 -3.46 48.91 -50.50
N SER KA 256 -4.40 49.80 -50.20
CA SER KA 256 -5.49 50.08 -51.12
C SER KA 256 -4.95 50.67 -52.42
N GLU KA 257 -5.80 50.64 -53.44
CA GLU KA 257 -5.42 51.12 -54.76
C GLU KA 257 -5.35 52.65 -54.77
N ASN KA 258 -4.34 53.18 -55.45
CA ASN KA 258 -4.00 54.60 -55.32
C ASN KA 258 -4.98 55.49 -56.07
N THR KA 259 -5.05 55.35 -57.38
CA THR KA 259 -5.90 56.17 -58.24
C THR KA 259 -5.57 57.65 -58.11
N GLU KA 260 -4.34 58.00 -58.48
CA GLU KA 260 -3.92 59.39 -58.59
C GLU KA 260 -2.94 59.53 -59.74
N ARG KA 261 -2.62 60.78 -60.06
CA ARG KA 261 -1.93 61.13 -61.30
C ARG KA 261 -0.53 61.67 -61.02
N HIS KA 262 0.14 62.07 -62.10
CA HIS KA 262 1.41 62.76 -62.03
C HIS KA 262 1.49 63.75 -63.19
N THR KA 263 2.12 64.90 -62.94
CA THR KA 263 2.42 65.87 -63.97
C THR KA 263 3.83 66.39 -63.74
N ALA KA 264 4.28 67.26 -64.63
CA ALA KA 264 5.59 67.86 -64.51
C ALA KA 264 5.59 68.96 -63.44
N PRO MA 58 -11.65 -36.53 -50.49
CA PRO MA 58 -12.01 -35.44 -51.40
C PRO MA 58 -11.22 -34.17 -51.13
N ARG MA 59 -10.86 -33.45 -52.19
CA ARG MA 59 -9.99 -32.30 -52.10
C ARG MA 59 -10.53 -31.17 -52.99
N LEU MA 60 -10.08 -29.96 -52.67
CA LEU MA 60 -10.44 -28.77 -53.43
C LEU MA 60 -9.39 -27.70 -53.18
N GLN MA 61 -9.63 -26.53 -53.76
CA GLN MA 61 -8.72 -25.39 -53.67
C GLN MA 61 -9.30 -24.30 -52.79
N LYS MA 62 -8.40 -23.43 -52.30
CA LYS MA 62 -8.77 -22.46 -51.27
C LYS MA 62 -9.85 -21.50 -51.78
N ILE MA 63 -9.53 -20.70 -52.81
CA ILE MA 63 -10.52 -19.83 -53.41
C ILE MA 63 -11.49 -20.68 -54.23
N THR MA 64 -12.74 -20.23 -54.31
CA THR MA 64 -13.75 -20.83 -55.16
C THR MA 64 -14.50 -19.73 -55.89
N LYS MA 65 -14.95 -20.07 -57.10
CA LYS MA 65 -15.69 -19.11 -57.92
C LYS MA 65 -16.95 -18.61 -57.20
N LYS MA 66 -17.54 -19.43 -56.35
CA LYS MA 66 -18.78 -19.08 -55.67
C LYS MA 66 -18.56 -18.13 -54.49
N MET MA 67 -17.32 -17.79 -54.17
CA MET MA 67 -17.07 -16.76 -53.19
C MET MA 67 -17.63 -15.43 -53.69
N ASN MA 68 -18.02 -14.57 -52.75
CA ASN MA 68 -18.51 -13.25 -53.10
C ASN MA 68 -17.37 -12.39 -53.63
N LEU MA 69 -17.61 -11.68 -54.72
CA LEU MA 69 -16.56 -11.05 -55.50
C LEU MA 69 -17.16 -9.85 -56.22
N PRO MA 70 -16.33 -9.04 -56.88
CA PRO MA 70 -16.87 -7.89 -57.62
C PRO MA 70 -17.74 -8.28 -58.81
N THR MA 71 -18.72 -7.43 -59.11
CA THR MA 71 -19.80 -7.72 -60.06
C THR MA 71 -20.12 -6.51 -60.95
N VAL MA 72 -19.11 -5.96 -61.63
CA VAL MA 72 -19.36 -4.89 -62.62
C VAL MA 72 -20.44 -5.33 -63.59
N GLY MA 73 -20.16 -6.38 -64.35
CA GLY MA 73 -21.16 -7.01 -65.18
C GLY MA 73 -21.83 -8.14 -64.42
N GLY MA 74 -23.08 -8.42 -64.81
CA GLY MA 74 -23.76 -9.56 -64.21
C GLY MA 74 -23.04 -10.87 -64.44
N LYS MA 75 -22.30 -10.98 -65.55
CA LYS MA 75 -21.57 -12.19 -65.90
C LYS MA 75 -20.09 -12.10 -65.52
N ILE MA 76 -19.39 -11.12 -66.07
CA ILE MA 76 -17.92 -11.15 -66.06
C ILE MA 76 -17.41 -10.75 -64.69
N ILE MA 77 -16.38 -11.47 -64.25
CA ILE MA 77 -15.70 -11.23 -62.99
C ILE MA 77 -14.35 -10.60 -63.30
N LEU MA 78 -13.87 -9.78 -62.38
CA LEU MA 78 -12.68 -8.97 -62.60
C LEU MA 78 -11.43 -9.69 -62.12
N SER MA 79 -11.44 -10.15 -60.87
CA SER MA 79 -10.31 -10.87 -60.32
C SER MA 79 -10.26 -12.29 -60.87
N LEU MA 80 -9.48 -12.50 -61.93
CA LEU MA 80 -9.37 -13.82 -62.54
C LEU MA 80 -8.71 -14.79 -61.57
N ASP MA 81 -9.32 -15.96 -61.39
CA ASP MA 81 -8.86 -16.94 -60.42
C ASP MA 81 -7.66 -17.69 -60.99
N HIS MA 82 -6.51 -17.01 -60.98
CA HIS MA 82 -5.22 -17.62 -61.24
C HIS MA 82 -4.21 -17.19 -60.18
N LEU MA 83 -4.71 -16.90 -58.98
CA LEU MA 83 -3.90 -16.39 -57.89
C LEU MA 83 -3.24 -17.50 -57.09
N LEU MA 84 -3.65 -18.74 -57.31
CA LEU MA 84 -3.13 -19.87 -56.55
C LEU MA 84 -1.62 -20.02 -56.73
N GLU MA 85 -1.08 -19.53 -57.85
CA GLU MA 85 0.36 -19.42 -58.05
C GLU MA 85 0.64 -17.95 -58.37
N TYR MA 86 0.68 -17.14 -57.32
CA TYR MA 86 1.18 -15.76 -57.41
C TYR MA 86 1.79 -15.46 -56.03
N LYS MA 87 3.09 -15.70 -55.91
CA LYS MA 87 3.79 -15.66 -54.63
C LYS MA 87 5.09 -14.88 -54.80
N PRO MA 88 5.00 -13.59 -55.08
CA PRO MA 88 6.21 -12.76 -55.11
C PRO MA 88 6.80 -12.61 -53.72
N ASN MA 89 8.13 -12.53 -53.67
CA ASN MA 89 8.79 -12.21 -52.41
C ASN MA 89 8.32 -10.85 -51.95
N GLN MA 90 7.91 -10.79 -50.69
CA GLN MA 90 7.14 -9.64 -50.20
C GLN MA 90 7.95 -8.36 -50.26
N VAL MA 91 9.21 -8.43 -49.82
CA VAL MA 91 10.00 -7.24 -49.61
C VAL MA 91 10.30 -6.51 -50.90
N ASP MA 92 10.21 -7.20 -52.05
CA ASP MA 92 10.49 -6.56 -53.32
C ASP MA 92 9.42 -5.58 -53.76
N LEU MA 93 8.30 -5.50 -53.03
CA LEU MA 93 7.13 -4.78 -53.47
C LEU MA 93 6.90 -3.45 -52.76
N PHE MA 94 7.65 -3.16 -51.71
CA PHE MA 94 7.41 -1.96 -50.91
C PHE MA 94 7.74 -0.70 -51.73
N ASN MA 95 7.39 0.43 -51.13
CA ASN MA 95 7.77 1.76 -51.61
C ASN MA 95 9.04 2.28 -50.95
N THR MA 96 9.33 1.85 -49.73
CA THR MA 96 10.49 2.34 -49.00
C THR MA 96 11.81 1.88 -49.61
N ARG MA 97 11.80 0.91 -50.51
CA ARG MA 97 12.97 0.53 -51.27
C ARG MA 97 12.93 1.20 -52.63
N ALA MA 98 14.11 1.47 -53.17
CA ALA MA 98 14.21 2.00 -54.52
C ALA MA 98 13.78 0.94 -55.53
N THR MA 99 13.84 1.30 -56.80
CA THR MA 99 13.53 0.38 -57.88
C THR MA 99 14.76 -0.43 -58.26
N LYS MA 100 14.54 -1.48 -59.05
CA LYS MA 100 15.65 -2.20 -59.66
C LYS MA 100 16.43 -1.31 -60.61
N THR MA 101 15.74 -0.35 -61.24
CA THR MA 101 16.38 0.55 -62.19
C THR MA 101 17.38 1.47 -61.50
N GLN MA 102 16.92 2.20 -60.49
CA GLN MA 102 17.73 3.24 -59.87
C GLN MA 102 18.97 2.63 -59.23
N PHE MA 103 18.85 1.44 -58.65
CA PHE MA 103 20.01 0.76 -58.10
C PHE MA 103 21.02 0.46 -59.20
N GLU MA 104 20.54 0.10 -60.38
CA GLU MA 104 21.44 -0.20 -61.49
C GLU MA 104 22.19 1.05 -61.94
N SER MA 105 21.45 2.12 -62.22
CA SER MA 105 22.09 3.33 -62.72
C SER MA 105 23.04 3.92 -61.69
N TRP MA 106 22.71 3.82 -60.42
CA TRP MA 106 23.63 4.26 -59.37
C TRP MA 106 24.95 3.50 -59.47
N TYR MA 107 24.86 2.20 -59.74
CA TYR MA 107 26.07 1.39 -59.84
C TYR MA 107 26.85 1.70 -61.12
N SER MA 108 26.16 2.14 -62.17
CA SER MA 108 26.84 2.46 -63.42
C SER MA 108 27.40 3.87 -63.40
N ALA MA 109 26.62 4.83 -62.91
CA ALA MA 109 27.05 6.23 -62.92
C ALA MA 109 28.24 6.45 -62.01
N VAL MA 110 28.33 5.69 -60.91
CA VAL MA 110 29.43 5.87 -59.97
C VAL MA 110 30.74 5.44 -60.62
N LYS MA 111 30.70 4.38 -61.43
CA LYS MA 111 31.92 3.78 -61.95
C LYS MA 111 32.68 4.74 -62.85
N VAL MA 112 31.96 5.58 -63.58
CA VAL MA 112 32.60 6.53 -64.48
C VAL MA 112 33.35 7.58 -63.70
N GLU MA 113 32.74 8.11 -62.63
CA GLU MA 113 33.32 9.25 -61.93
C GLU MA 113 34.49 8.87 -61.04
N TYR MA 114 34.64 7.59 -60.69
CA TYR MA 114 35.91 7.08 -60.19
C TYR MA 114 36.82 6.59 -61.31
N ASP MA 115 36.24 6.26 -62.47
CA ASP MA 115 37.01 5.90 -63.67
C ASP MA 115 37.86 4.66 -63.41
N LEU MA 116 37.19 3.60 -62.94
CA LEU MA 116 37.84 2.32 -62.68
C LEU MA 116 37.63 1.34 -63.84
N ASN MA 117 36.37 1.06 -64.18
CA ASN MA 117 36.02 0.11 -65.23
C ASN MA 117 36.66 -1.25 -64.96
N ASP MA 118 36.59 -1.68 -63.70
CA ASP MA 118 37.26 -2.91 -63.29
C ASP MA 118 36.53 -3.43 -62.04
N GLU MA 119 36.75 -4.71 -61.75
CA GLU MA 119 36.06 -5.38 -60.67
C GLU MA 119 36.66 -5.11 -59.30
N GLN MA 120 37.47 -4.06 -59.15
CA GLN MA 120 37.78 -3.53 -57.84
C GLN MA 120 36.57 -2.88 -57.19
N MET MA 121 35.50 -2.63 -57.98
CA MET MA 121 34.30 -1.98 -57.46
C MET MA 121 33.71 -2.76 -56.29
N GLY MA 122 33.81 -4.08 -56.32
CA GLY MA 122 33.32 -4.88 -55.21
C GLY MA 122 33.97 -4.52 -53.90
N VAL MA 123 35.26 -4.19 -53.93
CA VAL MA 123 35.96 -3.80 -52.72
C VAL MA 123 35.49 -2.41 -52.28
N ILE MA 124 35.37 -1.48 -53.23
CA ILE MA 124 35.01 -0.11 -52.89
C ILE MA 124 33.61 -0.06 -52.31
N MET MA 125 32.68 -0.79 -52.93
CA MET MA 125 31.33 -0.90 -52.38
C MET MA 125 31.38 -1.45 -50.97
N ASN MA 126 32.16 -2.51 -50.76
CA ASN MA 126 32.28 -3.10 -49.44
C ASN MA 126 32.94 -2.13 -48.47
N GLY MA 127 33.93 -1.39 -48.94
CA GLY MA 127 34.57 -0.38 -48.11
C GLY MA 127 33.66 0.76 -47.72
N PHE MA 128 32.51 0.89 -48.39
CA PHE MA 128 31.58 1.95 -48.05
C PHE MA 128 30.62 1.53 -46.96
N MET MA 129 30.15 0.28 -46.99
CA MET MA 129 29.05 -0.10 -46.11
C MET MA 129 29.48 -0.13 -44.65
N VAL MA 130 30.70 -0.57 -44.37
CA VAL MA 130 31.17 -0.58 -42.98
C VAL MA 130 31.24 0.85 -42.45
N TRP MA 131 31.78 1.76 -43.24
CA TRP MA 131 31.77 3.16 -42.85
C TRP MA 131 30.34 3.69 -42.77
N CYS MA 132 29.46 3.18 -43.62
CA CYS MA 132 28.06 3.59 -43.59
C CYS MA 132 27.39 3.16 -42.30
N ILE MA 133 27.89 2.12 -41.65
CA ILE MA 133 27.41 1.77 -40.32
C ILE MA 133 27.88 2.80 -39.31
N ASP MA 134 29.20 2.90 -39.14
CA ASP MA 134 29.81 3.55 -37.99
C ASP MA 134 29.65 5.05 -37.99
N ASN MA 135 29.00 5.63 -38.99
CA ASN MA 135 28.59 7.02 -38.90
C ASN MA 135 27.23 7.15 -39.58
N GLY MA 136 26.60 8.29 -39.33
CA GLY MA 136 25.26 8.49 -39.78
C GLY MA 136 25.16 8.52 -41.29
N THR MA 137 23.92 8.42 -41.77
CA THR MA 137 23.59 8.54 -43.19
C THR MA 137 22.54 9.63 -43.33
N SER MA 138 22.96 10.76 -43.88
CA SER MA 138 22.06 11.87 -44.13
C SER MA 138 22.67 12.72 -45.24
N PRO MA 139 21.85 13.48 -45.98
CA PRO MA 139 22.42 14.30 -47.04
C PRO MA 139 23.40 15.35 -46.55
N ASP MA 140 23.36 15.72 -45.27
CA ASP MA 140 24.24 16.75 -44.74
C ASP MA 140 25.54 16.14 -44.21
N VAL MA 141 26.22 15.42 -45.10
CA VAL MA 141 27.59 14.96 -44.86
C VAL MA 141 28.51 15.71 -45.80
N ASN MA 142 29.71 15.99 -45.31
CA ASN MA 142 30.76 16.56 -46.15
C ASN MA 142 32.09 16.00 -45.67
N GLY MA 143 33.13 16.34 -46.41
CA GLY MA 143 34.45 15.86 -46.11
C GLY MA 143 34.78 14.65 -46.95
N VAL MA 144 35.22 13.57 -46.29
CA VAL MA 144 35.73 12.38 -46.96
C VAL MA 144 35.24 11.15 -46.22
N TRP MA 145 35.61 10.00 -46.77
CA TRP MA 145 35.42 8.72 -46.10
C TRP MA 145 36.61 7.84 -46.41
N VAL MA 146 36.67 6.68 -45.76
CA VAL MA 146 37.91 5.92 -45.75
C VAL MA 146 37.62 4.46 -45.42
N MET MA 147 38.37 3.58 -46.08
CA MET MA 147 38.65 2.24 -45.61
C MET MA 147 40.15 2.11 -45.44
N MET MA 148 40.58 1.08 -44.71
CA MET MA 148 41.98 0.87 -44.40
C MET MA 148 42.43 -0.52 -44.82
N ASP MA 149 43.72 -0.64 -45.07
CA ASP MA 149 44.37 -1.90 -45.41
C ASP MA 149 45.73 -1.91 -44.73
N GLY MA 150 46.01 -2.96 -43.96
CA GLY MA 150 47.24 -2.98 -43.20
C GLY MA 150 47.16 -2.04 -42.01
N GLU MA 151 47.85 -0.89 -42.11
CA GLU MA 151 47.84 0.11 -41.06
C GLU MA 151 47.61 1.53 -41.55
N GLU MA 152 47.57 1.78 -42.86
CA GLU MA 152 47.42 3.13 -43.37
C GLU MA 152 45.93 3.49 -43.49
N GLN MA 153 45.67 4.68 -44.04
CA GLN MA 153 44.36 5.32 -43.99
C GLN MA 153 44.00 5.87 -45.38
N VAL MA 154 44.05 4.97 -46.37
CA VAL MA 154 43.77 5.33 -47.76
C VAL MA 154 42.35 5.87 -47.90
N GLU MA 155 42.24 7.16 -48.20
CA GLU MA 155 40.96 7.86 -48.20
C GLU MA 155 40.42 8.03 -49.62
N TYR MA 156 39.26 8.66 -49.71
CA TYR MA 156 38.54 8.84 -50.96
C TYR MA 156 37.68 10.09 -50.83
N PRO MA 157 37.09 10.56 -51.92
CA PRO MA 157 36.10 11.64 -51.84
C PRO MA 157 34.72 11.08 -51.50
N LEU MA 158 33.78 12.00 -51.31
CA LEU MA 158 32.50 11.71 -50.68
C LEU MA 158 31.30 12.20 -51.49
N LYS MA 159 31.49 13.26 -52.27
CA LYS MA 159 30.38 13.90 -52.96
C LYS MA 159 29.65 12.99 -53.94
N PRO MA 160 30.32 12.40 -54.94
CA PRO MA 160 29.56 11.82 -56.06
C PRO MA 160 28.66 10.65 -55.70
N ILE MA 161 28.93 9.95 -54.59
CA ILE MA 161 28.00 8.91 -54.14
C ILE MA 161 26.67 9.54 -53.78
N VAL MA 162 26.70 10.67 -53.09
CA VAL MA 162 25.48 11.29 -52.60
C VAL MA 162 24.72 11.94 -53.76
N GLU MA 163 25.36 12.89 -54.43
CA GLU MA 163 24.65 13.74 -55.37
C GLU MA 163 24.13 12.96 -56.57
N ASN MA 164 24.80 11.89 -56.98
CA ASN MA 164 24.27 10.98 -57.99
C ASN MA 164 23.52 9.83 -57.36
N ALA MA 165 22.64 10.16 -56.41
CA ALA MA 165 21.71 9.21 -55.81
C ALA MA 165 20.32 9.75 -56.08
N LYS MA 166 19.54 9.01 -56.88
CA LYS MA 166 18.39 9.63 -57.52
C LYS MA 166 17.30 9.97 -56.52
N PRO MA 167 16.70 9.03 -55.79
CA PRO MA 167 16.09 9.40 -54.51
C PRO MA 167 17.17 9.51 -53.45
N THR MA 168 16.79 9.71 -52.19
CA THR MA 168 17.78 9.94 -51.14
C THR MA 168 18.62 8.68 -50.93
N LEU MA 169 19.58 8.80 -50.01
CA LEU MA 169 20.58 7.76 -49.85
C LEU MA 169 20.00 6.50 -49.21
N ARG MA 170 19.40 6.65 -48.02
CA ARG MA 170 18.85 5.50 -47.32
C ARG MA 170 17.78 4.80 -48.15
N GLN MA 171 17.01 5.58 -48.91
CA GLN MA 171 16.03 5.04 -49.85
C GLN MA 171 16.65 4.08 -50.86
N ILE MA 172 17.96 4.15 -51.08
CA ILE MA 172 18.69 3.13 -51.83
C ILE MA 172 19.19 2.03 -50.90
N MET MA 173 19.75 2.41 -49.76
CA MET MA 173 20.56 1.49 -48.98
C MET MA 173 19.76 0.54 -48.11
N HIS MA 174 18.44 0.48 -48.25
CA HIS MA 174 17.70 -0.57 -47.56
C HIS MA 174 17.96 -1.95 -48.16
N HIS MA 175 18.60 -2.04 -49.33
CA HIS MA 175 18.93 -3.34 -49.90
C HIS MA 175 19.85 -4.11 -48.97
N PHE MA 176 20.87 -3.44 -48.45
CA PHE MA 176 21.80 -4.05 -47.53
C PHE MA 176 21.14 -4.25 -46.18
N SER MA 177 20.57 -5.42 -45.96
CA SER MA 177 19.98 -5.80 -44.68
C SER MA 177 20.66 -7.01 -44.09
N ASP MA 178 20.77 -8.09 -44.86
CA ASP MA 178 21.33 -9.33 -44.35
C ASP MA 178 22.85 -9.32 -44.40
N ALA MA 179 23.43 -8.53 -45.30
CA ALA MA 179 24.88 -8.48 -45.41
C ALA MA 179 25.51 -7.96 -44.13
N ALA MA 180 25.19 -6.71 -43.79
CA ALA MA 180 25.73 -6.11 -42.58
C ALA MA 180 25.29 -6.87 -41.34
N GLU MA 181 24.11 -7.50 -41.39
CA GLU MA 181 23.65 -8.32 -40.28
C GLU MA 181 24.65 -9.42 -39.97
N ALA MA 182 24.95 -10.26 -40.96
CA ALA MA 182 25.90 -11.34 -40.76
C ALA MA 182 27.28 -10.80 -40.39
N TYR MA 183 27.62 -9.62 -40.91
CA TYR MA 183 28.92 -9.03 -40.65
C TYR MA 183 29.11 -8.77 -39.17
N ILE MA 184 28.19 -8.02 -38.55
CA ILE MA 184 28.33 -7.73 -37.14
C ILE MA 184 28.05 -8.96 -36.29
N GLU MA 185 27.39 -9.96 -36.86
CA GLU MA 185 27.16 -11.20 -36.11
C GLU MA 185 28.48 -11.88 -35.78
N MET MA 186 29.32 -12.09 -36.80
CA MET MA 186 30.56 -12.81 -36.57
C MET MA 186 31.55 -11.97 -35.77
N ARG MA 187 31.66 -10.68 -36.09
CA ARG MA 187 32.53 -9.81 -35.32
C ARG MA 187 32.06 -9.71 -33.87
N ASN MA 188 30.77 -9.89 -33.62
CA ASN MA 188 30.29 -10.00 -32.25
C ASN MA 188 30.61 -11.36 -31.68
N SER MA 189 30.70 -12.39 -32.52
CA SER MA 189 31.04 -13.73 -32.05
C SER MA 189 32.44 -13.75 -31.46
N GLU MA 190 33.42 -13.25 -32.20
CA GLU MA 190 34.77 -13.17 -31.67
C GLU MA 190 34.80 -12.24 -30.48
N SER MA 191 34.60 -10.96 -30.73
CA SER MA 191 34.85 -9.89 -29.77
C SER MA 191 33.58 -9.08 -29.54
N PRO MA 192 33.50 -8.31 -28.44
CA PRO MA 192 32.26 -7.60 -28.14
C PRO MA 192 32.08 -6.33 -28.95
N TYR MA 193 31.48 -6.46 -30.13
CA TYR MA 193 31.32 -5.37 -31.07
C TYR MA 193 30.01 -4.62 -30.85
N MET MA 194 30.04 -3.32 -31.14
CA MET MA 194 28.83 -2.51 -31.19
C MET MA 194 29.11 -1.33 -32.11
N PRO MA 195 28.16 -0.92 -32.96
CA PRO MA 195 28.40 0.27 -33.79
C PRO MA 195 28.43 1.57 -33.01
N ARG MA 196 28.51 2.68 -33.75
CA ARG MA 196 28.39 4.01 -33.17
C ARG MA 196 26.94 4.46 -33.05
N TYR MA 197 26.10 4.06 -34.00
CA TYR MA 197 24.68 4.40 -33.96
C TYR MA 197 24.00 3.88 -32.70
N GLY MA 198 24.56 2.87 -32.05
CA GLY MA 198 24.02 2.35 -30.81
C GLY MA 198 24.66 3.02 -29.62
N LEU MA 199 25.99 3.09 -29.62
CA LEU MA 199 26.71 3.69 -28.50
C LEU MA 199 26.36 5.16 -28.33
N LEU MA 200 25.93 5.82 -29.39
CA LEU MA 200 25.44 7.18 -29.25
C LEU MA 200 24.09 7.23 -28.55
N ARG MA 201 23.40 6.09 -28.46
CA ARG MA 201 22.08 6.02 -27.82
C ARG MA 201 22.04 5.01 -26.68
N ASN MA 202 23.17 4.43 -26.30
CA ASN MA 202 23.39 3.84 -24.99
C ASN MA 202 22.42 2.69 -24.71
N LEU MA 203 22.58 1.63 -25.50
CA LEU MA 203 21.93 0.37 -25.17
C LEU MA 203 22.70 -0.36 -24.09
N ARG MA 204 21.96 -1.04 -23.23
CA ARG MA 204 22.55 -1.90 -22.21
C ARG MA 204 22.65 -3.34 -22.64
N ASP MA 205 21.73 -3.80 -23.47
CA ASP MA 205 21.80 -5.21 -23.86
C ASP MA 205 22.75 -5.38 -25.02
N ARG MA 206 23.85 -6.04 -24.71
CA ARG MA 206 24.87 -6.36 -25.70
C ARG MA 206 24.32 -7.22 -26.84
N GLU MA 207 23.17 -7.88 -26.62
CA GLU MA 207 22.67 -8.87 -27.55
C GLU MA 207 22.00 -8.25 -28.77
N LEU MA 208 21.42 -7.06 -28.64
CA LEU MA 208 20.67 -6.44 -29.72
C LEU MA 208 21.51 -5.52 -30.59
N ALA MA 209 22.81 -5.82 -30.74
CA ALA MA 209 23.60 -5.11 -31.74
C ALA MA 209 23.13 -5.46 -33.14
N ARG MA 210 22.48 -6.61 -33.31
CA ARG MA 210 21.98 -7.05 -34.60
C ARG MA 210 21.03 -6.03 -35.24
N TYR MA 211 20.35 -5.23 -34.42
CA TYR MA 211 19.29 -4.36 -34.89
C TYR MA 211 19.64 -2.89 -34.66
N ALA MA 212 20.89 -2.52 -34.98
CA ALA MA 212 21.37 -1.15 -34.81
C ALA MA 212 21.98 -0.68 -36.13
N PHE MA 213 21.18 0.05 -36.89
CA PHE MA 213 21.63 0.67 -38.12
C PHE MA 213 20.83 1.94 -38.35
N ASP MA 214 21.35 2.80 -39.21
CA ASP MA 214 20.48 3.73 -39.92
C ASP MA 214 19.57 2.96 -40.88
N PHE MA 215 20.19 2.16 -41.74
CA PHE MA 215 19.47 1.39 -42.75
C PHE MA 215 19.20 0.00 -42.20
N TYR MA 216 17.92 -0.32 -42.02
CA TYR MA 216 17.50 -1.67 -41.67
C TYR MA 216 16.04 -1.81 -42.03
N GLU MA 217 15.73 -2.84 -42.80
CA GLU MA 217 14.42 -2.98 -43.41
C GLU MA 217 13.61 -4.00 -42.64
N VAL MA 218 12.53 -3.53 -42.03
CA VAL MA 218 11.63 -4.40 -41.31
C VAL MA 218 11.03 -5.42 -42.27
N THR MA 219 10.74 -6.61 -41.75
CA THR MA 219 10.03 -7.63 -42.49
C THR MA 219 9.02 -8.26 -41.55
N SER MA 220 8.30 -9.25 -42.06
CA SER MA 220 7.43 -10.06 -41.22
C SER MA 220 8.19 -11.15 -40.48
N LYS MA 221 9.52 -11.18 -40.58
CA LYS MA 221 10.32 -12.25 -39.99
C LYS MA 221 10.85 -11.91 -38.61
N THR MA 222 10.95 -10.63 -38.26
CA THR MA 222 11.62 -10.26 -37.03
C THR MA 222 10.83 -10.74 -35.82
N PRO MA 223 11.49 -10.88 -34.68
CA PRO MA 223 10.77 -11.15 -33.44
C PRO MA 223 10.13 -9.89 -32.87
N ASN MA 224 9.31 -10.11 -31.85
CA ASN MA 224 8.53 -9.05 -31.25
C ASN MA 224 9.28 -8.26 -30.18
N ARG MA 225 10.59 -8.45 -30.08
CA ARG MA 225 11.40 -7.75 -29.07
C ARG MA 225 12.13 -6.57 -29.67
N ALA MA 226 12.94 -6.80 -30.71
CA ALA MA 226 13.68 -5.71 -31.33
C ALA MA 226 12.77 -4.72 -32.02
N ARG MA 227 11.57 -5.17 -32.41
CA ARG MA 227 10.62 -4.29 -33.07
C ARG MA 227 10.24 -3.12 -32.20
N GLU MA 228 10.27 -3.30 -30.87
CA GLU MA 228 10.02 -2.19 -29.96
C GLU MA 228 11.21 -1.26 -29.88
N ALA MA 229 12.41 -1.82 -29.74
CA ALA MA 229 13.58 -1.01 -29.48
C ALA MA 229 13.91 -0.09 -30.65
N ILE MA 230 13.66 -0.56 -31.88
CA ILE MA 230 13.93 0.27 -33.06
C ILE MA 230 13.08 1.52 -33.01
N ALA MA 231 11.78 1.36 -32.75
CA ALA MA 231 10.88 2.50 -32.76
C ALA MA 231 11.23 3.49 -31.66
N GLN MA 232 11.75 2.99 -30.54
CA GLN MA 232 12.19 3.90 -29.49
C GLN MA 232 13.36 4.75 -29.95
N MET MA 233 14.27 4.16 -30.73
CA MET MA 233 15.40 4.92 -31.25
C MET MA 233 14.91 6.01 -32.19
N LYS MA 234 14.07 5.63 -33.16
CA LYS MA 234 13.62 6.57 -34.17
C LYS MA 234 12.87 7.74 -33.54
N ALA MA 235 12.16 7.48 -32.45
CA ALA MA 235 11.42 8.55 -31.79
C ALA MA 235 12.31 9.37 -30.87
N ALA MA 236 13.35 8.74 -30.31
CA ALA MA 236 14.23 9.47 -29.40
C ALA MA 236 15.12 10.43 -30.16
N ALA MA 237 15.47 10.09 -31.39
CA ALA MA 237 16.40 10.89 -32.16
C ALA MA 237 15.73 11.96 -33.01
N LEU MA 238 14.43 12.19 -32.81
CA LEU MA 238 13.70 13.22 -33.55
C LEU MA 238 12.76 13.92 -32.60
N ALA MA 239 13.10 15.15 -32.23
CA ALA MA 239 12.27 15.95 -31.37
C ALA MA 239 12.74 17.39 -31.46
N GLY MA 240 11.78 18.30 -31.58
CA GLY MA 240 12.07 19.71 -31.77
C GLY MA 240 12.27 20.11 -33.21
N ILE MA 241 12.55 19.17 -34.11
CA ILE MA 241 12.71 19.49 -35.52
C ILE MA 241 11.36 19.94 -36.05
N ASN MA 242 11.26 21.22 -36.42
CA ASN MA 242 10.06 21.80 -36.98
C ASN MA 242 10.22 21.82 -38.49
N SER MA 243 9.31 21.16 -39.20
CA SER MA 243 9.48 20.89 -40.62
C SER MA 243 9.54 22.19 -41.43
N ARG MA 244 8.45 22.95 -41.47
CA ARG MA 244 8.44 24.27 -42.09
C ARG MA 244 8.83 24.19 -43.57
N LEU MA 245 7.92 23.61 -44.36
CA LEU MA 245 8.24 23.20 -45.73
C LEU MA 245 8.76 24.34 -46.59
N PHE MA 246 8.50 25.58 -46.25
CA PHE MA 246 9.08 26.71 -46.95
C PHE MA 246 10.44 27.06 -46.37
N GLY MA 247 11.30 27.59 -47.24
CA GLY MA 247 12.61 28.05 -46.85
C GLY MA 247 12.61 29.56 -46.72
N LEU MA 248 13.10 30.25 -47.74
CA LEU MA 248 12.91 31.68 -47.86
C LEU MA 248 12.63 32.05 -49.30
N ASP MA 249 11.85 33.10 -49.47
CA ASP MA 249 11.53 33.63 -50.79
C ASP MA 249 12.68 34.49 -51.30
N GLY MA 250 12.88 34.47 -52.61
CA GLY MA 250 13.92 35.28 -53.21
C GLY MA 250 13.46 36.69 -53.51
N ASN MA 251 12.18 36.89 -53.79
CA ASN MA 251 11.67 38.21 -54.13
C ASN MA 251 11.69 39.10 -52.91
N ILE MA 252 12.49 40.14 -52.96
CA ILE MA 252 12.51 41.20 -51.96
C ILE MA 252 11.92 42.45 -52.60
N SER MA 253 11.18 43.21 -51.82
CA SER MA 253 10.83 44.58 -52.18
C SER MA 253 10.78 45.37 -50.87
N THR MA 254 11.93 45.91 -50.48
CA THR MA 254 11.97 46.80 -49.33
C THR MA 254 11.48 48.19 -49.68
N ASN MA 255 11.64 48.60 -50.94
CA ASN MA 255 11.18 49.89 -51.41
C ASN MA 255 10.92 49.78 -52.90
N SER MA 256 9.76 50.25 -53.34
CA SER MA 256 9.36 50.12 -54.73
C SER MA 256 10.33 50.90 -55.64
N GLU MA 257 10.27 50.56 -56.91
CA GLU MA 257 11.16 51.17 -57.89
C GLU MA 257 10.74 52.62 -58.18
N ASN MA 258 11.73 53.50 -58.30
CA ASN MA 258 11.46 54.94 -58.29
C ASN MA 258 10.87 55.42 -59.60
N THR MA 259 11.61 55.28 -60.69
CA THR MA 259 11.19 55.74 -62.02
C THR MA 259 10.89 57.23 -62.03
N GLU MA 260 11.93 58.02 -61.75
CA GLU MA 260 11.88 59.47 -61.88
C GLU MA 260 13.23 59.98 -62.34
N ARG MA 261 13.27 61.26 -62.68
CA ARG MA 261 14.39 61.87 -63.40
C ARG MA 261 15.12 62.88 -62.53
N HIS MA 262 16.12 63.52 -63.14
CA HIS MA 262 16.84 64.64 -62.55
C HIS MA 262 17.25 65.60 -63.65
N THR MA 263 17.22 66.89 -63.34
CA THR MA 263 17.73 67.93 -64.22
C THR MA 263 18.52 68.92 -63.38
N ALA MA 264 19.08 69.92 -64.05
CA ALA MA 264 19.83 70.97 -63.38
C ALA MA 264 18.87 71.96 -62.72
N PRO OA 58 31.46 -32.60 -40.33
CA PRO OA 58 31.37 -31.71 -41.48
C PRO OA 58 31.41 -30.24 -41.09
N ARG OA 59 32.06 -29.43 -41.93
CA ARG OA 59 32.32 -28.03 -41.62
C ARG OA 59 32.06 -27.17 -42.84
N LEU OA 60 31.84 -25.88 -42.59
CA LEU OA 60 31.62 -24.90 -43.64
C LEU OA 60 31.93 -23.53 -43.08
N GLN OA 61 31.72 -22.51 -43.92
CA GLN OA 61 32.01 -21.13 -43.58
C GLN OA 61 30.72 -20.34 -43.38
N LYS OA 62 30.85 -19.21 -42.68
CA LYS OA 62 29.70 -18.45 -42.24
C LYS OA 62 28.86 -17.95 -43.41
N ILE OA 63 29.43 -17.09 -44.24
CA ILE OA 63 28.74 -16.64 -45.44
C ILE OA 63 28.74 -17.77 -46.47
N THR OA 64 27.69 -17.80 -47.28
CA THR OA 64 27.60 -18.72 -48.40
C THR OA 64 27.11 -17.97 -49.62
N LYS OA 65 27.54 -18.43 -50.80
CA LYS OA 65 27.14 -17.80 -52.04
C LYS OA 65 25.63 -17.82 -52.23
N LYS OA 66 24.95 -18.82 -51.68
CA LYS OA 66 23.51 -18.96 -51.85
C LYS OA 66 22.71 -18.01 -50.95
N MET OA 67 23.37 -17.24 -50.09
CA MET OA 67 22.67 -16.20 -49.36
C MET OA 67 22.11 -15.17 -50.33
N ASN OA 68 21.02 -14.53 -49.93
CA ASN OA 68 20.43 -13.48 -50.75
C ASN OA 68 21.33 -12.25 -50.74
N LEU OA 69 21.54 -11.67 -51.91
CA LEU OA 69 22.58 -10.68 -52.12
C LEU OA 69 22.16 -9.77 -53.26
N PRO OA 70 22.91 -8.70 -53.54
CA PRO OA 70 22.57 -7.83 -54.65
C PRO OA 70 22.71 -8.50 -56.01
N THR OA 71 21.85 -8.06 -56.95
CA THR OA 71 21.67 -8.71 -58.25
C THR OA 71 21.56 -7.69 -59.40
N VAL OA 72 22.54 -6.79 -59.53
CA VAL OA 72 22.58 -5.89 -60.68
C VAL OA 72 22.44 -6.67 -61.97
N GLY OA 73 23.42 -7.53 -62.25
CA GLY OA 73 23.31 -8.47 -63.34
C GLY OA 73 22.74 -9.78 -62.84
N GLY OA 74 22.10 -10.51 -63.76
CA GLY OA 74 21.59 -11.82 -63.42
C GLY OA 74 22.68 -12.77 -62.96
N LYS OA 75 23.90 -12.58 -63.45
CA LYS OA 75 25.04 -13.42 -63.11
C LYS OA 75 25.93 -12.80 -62.04
N ILE OA 76 26.47 -11.61 -62.30
CA ILE OA 76 27.58 -11.11 -61.51
C ILE OA 76 27.07 -10.57 -60.18
N ILE OA 77 27.83 -10.86 -59.13
CA ILE OA 77 27.55 -10.40 -57.78
C ILE OA 77 28.57 -9.32 -57.44
N LEU OA 78 28.15 -8.39 -56.59
CA LEU OA 78 28.93 -7.20 -56.30
C LEU OA 78 29.82 -7.40 -55.09
N SER OA 79 29.25 -7.85 -53.98
CA SER OA 79 30.03 -8.13 -52.78
C SER OA 79 30.83 -9.41 -52.94
N LEU OA 80 32.09 -9.31 -53.35
CA LEU OA 80 32.92 -10.48 -53.52
C LEU OA 80 33.18 -11.15 -52.18
N ASP OA 81 32.97 -12.46 -52.13
CA ASP OA 81 33.09 -13.22 -50.89
C ASP OA 81 34.56 -13.46 -50.57
N HIS OA 82 35.21 -12.41 -50.09
CA HIS OA 82 36.54 -12.49 -49.50
C HIS OA 82 36.56 -11.73 -48.17
N LEU OA 83 35.41 -11.65 -47.51
CA LEU OA 83 35.25 -10.91 -46.28
C LEU OA 83 35.64 -11.71 -45.05
N LEU OA 84 35.84 -13.01 -45.20
CA LEU OA 84 36.16 -13.87 -44.07
C LEU OA 84 37.46 -13.45 -43.40
N GLU OA 85 38.36 -12.78 -44.12
CA GLU OA 85 39.53 -12.13 -43.54
C GLU OA 85 39.46 -10.68 -43.95
N TYR OA 86 38.66 -9.91 -43.22
CA TYR OA 86 38.65 -8.45 -43.30
C TYR OA 86 38.23 -7.97 -41.91
N LYS OA 87 39.23 -7.71 -41.06
CA LYS OA 87 39.02 -7.42 -39.64
C LYS OA 87 39.87 -6.22 -39.25
N PRO OA 88 39.54 -5.05 -39.78
CA PRO OA 88 40.22 -3.84 -39.32
C PRO OA 88 39.84 -3.50 -37.90
N ASN OA 89 40.80 -2.93 -37.17
CA ASN OA 89 40.49 -2.41 -35.85
C ASN OA 89 39.44 -1.33 -35.97
N GLN OA 90 38.38 -1.44 -35.17
CA GLN OA 90 37.17 -0.67 -35.41
C GLN OA 90 37.43 0.82 -35.28
N VAL OA 91 38.15 1.21 -34.24
CA VAL OA 91 38.25 2.61 -33.86
C VAL OA 91 38.99 3.42 -34.93
N ASP OA 92 39.79 2.77 -35.78
CA ASP OA 92 40.53 3.47 -36.80
C ASP OA 92 39.64 4.00 -37.93
N LEU OA 93 38.36 3.65 -37.94
CA LEU OA 93 37.49 3.89 -39.08
C LEU OA 93 36.50 5.02 -38.87
N PHE OA 94 36.38 5.56 -37.67
CA PHE OA 94 35.38 6.57 -37.38
C PHE OA 94 35.68 7.88 -38.12
N ASN OA 95 34.73 8.79 -38.04
CA ASN OA 95 34.88 10.17 -38.50
C ASN OA 95 35.30 11.11 -37.38
N THR OA 96 34.96 10.80 -36.14
CA THR OA 96 35.29 11.67 -35.02
C THR OA 96 36.77 11.74 -34.71
N ARG OA 97 37.58 10.86 -35.28
CA ARG OA 97 39.02 10.95 -35.20
C ARG OA 97 39.55 11.58 -36.48
N ALA OA 98 40.67 12.28 -36.35
CA ALA OA 98 41.35 12.83 -37.51
C ALA OA 98 41.94 11.69 -38.36
N THR OA 99 42.58 12.08 -39.45
CA THR OA 99 43.24 11.12 -40.31
C THR OA 99 44.66 10.83 -39.81
N LYS OA 100 45.27 9.79 -40.37
CA LYS OA 100 46.68 9.54 -40.14
C LYS OA 100 47.54 10.67 -40.68
N THR OA 101 47.07 11.32 -41.75
CA THR OA 101 47.81 12.41 -42.37
C THR OA 101 47.89 13.62 -41.46
N GLN OA 102 46.74 14.10 -41.02
CA GLN OA 102 46.69 15.36 -40.28
C GLN OA 102 47.45 15.25 -38.96
N PHE OA 103 47.40 14.09 -38.32
CA PHE OA 103 48.19 13.88 -37.12
C PHE OA 103 49.68 13.99 -37.42
N GLU OA 104 50.10 13.50 -38.58
CA GLU OA 104 51.50 13.57 -38.95
C GLU OA 104 51.93 15.01 -39.17
N SER OA 105 51.20 15.74 -40.01
CA SER OA 105 51.59 17.12 -40.32
C SER OA 105 51.55 18.00 -39.08
N TRP OA 106 50.60 17.76 -38.18
CA TRP OA 106 50.57 18.48 -36.92
C TRP OA 106 51.86 18.28 -36.15
N TYR OA 107 52.37 17.04 -36.16
CA TYR OA 107 53.60 16.73 -35.45
C TYR OA 107 54.81 17.33 -36.15
N SER OA 108 54.74 17.51 -37.46
CA SER OA 108 55.87 18.08 -38.19
C SER OA 108 55.84 19.59 -38.16
N ALA OA 109 54.67 20.19 -38.36
CA ALA OA 109 54.58 21.64 -38.41
C ALA OA 109 54.89 22.27 -37.07
N VAL OA 110 54.57 21.59 -35.98
CA VAL OA 110 54.82 22.14 -34.66
C VAL OA 110 56.32 22.24 -34.39
N LYS OA 111 57.08 21.26 -34.87
CA LYS OA 111 58.49 21.16 -34.53
C LYS OA 111 59.28 22.34 -35.06
N VAL OA 112 58.88 22.88 -36.21
CA VAL OA 112 59.59 24.01 -36.80
C VAL OA 112 59.38 25.26 -35.96
N GLU OA 113 58.14 25.49 -35.52
CA GLU OA 113 57.83 26.75 -34.86
C GLU OA 113 58.34 26.82 -33.43
N TYR OA 114 58.66 25.68 -32.81
CA TYR OA 114 59.50 25.68 -31.62
C TYR OA 114 60.97 25.58 -31.96
N ASP OA 115 61.30 25.07 -33.16
CA ASP OA 115 62.67 25.05 -33.66
C ASP OA 115 63.56 24.19 -32.75
N LEU OA 116 63.13 22.96 -32.51
CA LEU OA 116 63.88 22.00 -31.69
C LEU OA 116 64.67 21.04 -32.56
N ASN OA 117 64.00 20.32 -33.46
CA ASN OA 117 64.63 19.32 -34.32
C ASN OA 117 65.38 18.29 -33.49
N ASP OA 118 64.75 17.84 -32.41
CA ASP OA 118 65.40 16.94 -31.47
C ASP OA 118 64.32 16.18 -30.73
N GLU OA 119 64.72 15.07 -30.12
CA GLU OA 119 63.79 14.15 -29.46
C GLU OA 119 63.38 14.62 -28.07
N GLN OA 120 63.59 15.89 -27.73
CA GLN OA 120 62.90 16.48 -26.59
C GLN OA 120 61.41 16.62 -26.83
N MET OA 121 60.97 16.47 -28.09
CA MET OA 121 59.56 16.62 -28.43
C MET OA 121 58.68 15.66 -27.63
N GLY OA 122 59.20 14.48 -27.33
CA GLY OA 122 58.44 13.53 -26.54
C GLY OA 122 58.08 14.08 -25.17
N VAL OA 123 58.98 14.86 -24.57
CA VAL OA 123 58.70 15.47 -23.29
C VAL OA 123 57.66 16.58 -23.45
N ILE OA 124 57.81 17.41 -24.48
CA ILE OA 124 56.92 18.55 -24.67
C ILE OA 124 55.50 18.06 -24.94
N MET OA 125 55.38 17.05 -25.81
CA MET OA 125 54.08 16.43 -26.05
C MET OA 125 53.48 15.92 -24.76
N ASN OA 126 54.29 15.22 -23.96
CA ASN OA 126 53.81 14.70 -22.69
C ASN OA 126 53.46 15.83 -21.72
N GLY OA 127 54.26 16.89 -21.73
CA GLY OA 127 53.95 18.05 -20.91
C GLY OA 127 52.68 18.76 -21.31
N PHE OA 128 52.15 18.48 -22.49
CA PHE OA 128 50.91 19.12 -22.93
C PHE OA 128 49.69 18.34 -22.45
N MET OA 129 49.75 17.01 -22.47
CA MET OA 129 48.52 16.24 -22.26
C MET OA 129 48.03 16.35 -20.83
N VAL OA 130 48.94 16.39 -19.86
CA VAL OA 130 48.51 16.53 -18.47
C VAL OA 130 47.81 17.87 -18.27
N TRP OA 131 48.39 18.93 -18.83
CA TRP OA 131 47.72 20.22 -18.79
C TRP OA 131 46.42 20.18 -19.58
N CYS OA 132 46.39 19.40 -20.66
CA CYS OA 132 45.19 19.26 -21.45
C CYS OA 132 44.07 18.59 -20.66
N ILE OA 133 44.41 17.80 -19.65
CA ILE OA 133 43.40 17.28 -18.74
C ILE OA 133 42.86 18.38 -17.86
N ASP OA 134 43.74 18.96 -17.05
CA ASP OA 134 43.35 19.78 -15.91
C ASP OA 134 42.76 21.11 -16.28
N ASN OA 135 42.64 21.43 -17.57
CA ASN OA 135 41.85 22.56 -17.99
C ASN OA 135 41.16 22.19 -19.29
N GLY OA 136 40.19 23.01 -19.65
CA GLY OA 136 39.35 22.71 -20.78
C GLY OA 136 40.12 22.72 -22.08
N THR OA 137 39.48 22.17 -23.11
CA THR OA 137 40.00 22.19 -24.48
C THR OA 137 38.94 22.82 -25.37
N SER OA 138 39.22 24.04 -25.83
CA SER OA 138 38.33 24.73 -26.74
C SER OA 138 39.15 25.76 -27.49
N PRO OA 139 38.71 26.18 -28.68
CA PRO OA 139 39.49 27.18 -29.42
C PRO OA 139 39.63 28.51 -28.70
N ASP OA 140 38.76 28.80 -27.73
CA ASP OA 140 38.80 30.08 -27.03
C ASP OA 140 39.69 29.99 -25.79
N VAL OA 141 40.94 29.59 -26.01
CA VAL OA 141 41.98 29.66 -25.00
C VAL OA 141 42.99 30.71 -25.43
N ASN OA 142 43.54 31.41 -24.45
CA ASN OA 142 44.62 32.34 -24.69
C ASN OA 142 45.54 32.31 -23.48
N GLY OA 143 46.64 33.02 -23.60
CA GLY OA 143 47.64 33.06 -22.55
C GLY OA 143 48.74 32.07 -22.82
N VAL OA 144 49.03 31.23 -21.84
CA VAL OA 144 50.18 30.32 -21.88
C VAL OA 144 49.77 28.98 -21.29
N TRP OA 145 50.73 28.05 -21.31
CA TRP OA 145 50.60 26.79 -20.61
C TRP OA 145 51.97 26.42 -20.07
N VAL OA 146 52.01 25.35 -19.27
CA VAL OA 146 53.18 25.10 -18.44
C VAL OA 146 53.22 23.64 -18.03
N MET OA 147 54.44 23.11 -18.00
CA MET OA 147 54.81 21.96 -17.21
C MET OA 147 55.90 22.40 -16.24
N MET OA 148 56.13 21.59 -15.20
CA MET OA 148 57.09 21.90 -14.16
C MET OA 148 58.10 20.79 -14.00
N ASP OA 149 59.27 21.16 -13.49
CA ASP OA 149 60.35 20.24 -13.18
C ASP OA 149 61.00 20.72 -11.89
N GLY OA 150 61.11 19.84 -10.90
CA GLY OA 150 61.61 20.26 -9.62
C GLY OA 150 60.59 21.09 -8.86
N GLU OA 151 60.81 22.40 -8.80
CA GLU OA 151 59.89 23.31 -8.14
C GLU OA 151 59.54 24.55 -8.95
N GLU OA 152 60.18 24.79 -10.09
CA GLU OA 152 59.93 26.00 -10.86
C GLU OA 152 58.76 25.79 -11.83
N GLN OA 153 58.49 26.81 -12.65
CA GLN OA 153 57.26 26.91 -13.44
C GLN OA 153 57.62 27.30 -14.88
N VAL OA 154 58.49 26.51 -15.49
CA VAL OA 154 58.96 26.76 -16.86
C VAL OA 154 57.80 26.74 -17.84
N GLU OA 155 57.46 27.90 -18.40
CA GLU OA 155 56.28 28.07 -19.21
C GLU OA 155 56.62 28.06 -20.70
N TYR OA 156 55.59 28.21 -21.52
CA TYR OA 156 55.70 28.14 -22.97
C TYR OA 156 54.58 28.97 -23.57
N PRO OA 157 54.60 29.21 -24.88
CA PRO OA 157 53.46 29.84 -25.55
C PRO OA 157 52.39 28.81 -25.90
N LEU OA 158 51.28 29.31 -26.42
CA LEU OA 158 50.04 28.56 -26.53
C LEU OA 158 49.44 28.57 -27.92
N LYS OA 159 49.70 29.65 -28.67
CA LYS OA 159 49.04 29.84 -29.96
C LYS OA 159 49.33 28.75 -30.97
N PRO OA 160 50.59 28.45 -31.33
CA PRO OA 160 50.83 27.65 -32.55
C PRO OA 160 50.31 26.24 -32.49
N ILE OA 161 50.11 25.66 -31.31
CA ILE OA 161 49.47 24.35 -31.21
C ILE OA 161 48.05 24.43 -31.75
N VAL OA 162 47.33 25.49 -31.39
CA VAL OA 162 45.93 25.60 -31.77
C VAL OA 162 45.81 25.94 -33.25
N GLU OA 163 46.37 27.07 -33.65
CA GLU OA 163 46.10 27.61 -34.98
C GLU OA 163 46.63 26.71 -36.08
N ASN OA 164 47.72 25.98 -35.85
CA ASN OA 164 48.17 24.95 -36.78
C ASN OA 164 47.59 23.59 -36.43
N ALA OA 165 46.29 23.56 -36.20
CA ALA OA 165 45.53 22.32 -36.00
C ALA OA 165 44.46 22.31 -37.08
N LYS OA 166 44.55 21.35 -37.99
CA LYS OA 166 43.85 21.51 -39.26
C LYS OA 166 42.34 21.42 -39.08
N PRO OA 167 41.76 20.29 -38.62
CA PRO OA 167 40.47 20.40 -37.96
C PRO OA 167 40.64 20.88 -36.54
N THR OA 168 39.58 20.91 -35.74
CA THR OA 168 39.67 21.47 -34.40
C THR OA 168 40.58 20.61 -33.53
N LEU OA 169 40.74 21.05 -32.28
CA LEU OA 169 41.75 20.45 -31.41
C LEU OA 169 41.33 19.07 -30.95
N ARG OA 170 40.15 18.97 -30.32
CA ARG OA 170 39.69 17.67 -29.80
C ARG OA 170 39.58 16.64 -30.92
N GLN OA 171 39.18 17.10 -32.10
CA GLN OA 171 39.13 16.25 -33.29
C GLN OA 171 40.47 15.60 -33.60
N ILE OA 172 41.57 16.16 -33.09
CA ILE OA 172 42.88 15.49 -33.13
C ILE OA 172 43.08 14.64 -31.89
N MET OA 173 42.74 15.17 -30.72
CA MET OA 173 43.19 14.62 -29.46
C MET OA 173 42.38 13.42 -28.98
N HIS OA 174 41.49 12.87 -29.80
CA HIS OA 174 40.87 11.61 -29.41
C HIS OA 174 41.83 10.44 -29.49
N HIS OA 175 43.01 10.61 -30.10
CA HIS OA 175 43.99 9.54 -30.13
C HIS OA 175 44.40 9.15 -28.72
N PHE OA 176 44.69 10.15 -27.89
CA PHE OA 176 45.06 9.90 -26.52
C PHE OA 176 43.85 9.46 -25.72
N SER OA 177 43.66 8.15 -25.61
CA SER OA 177 42.60 7.56 -24.79
C SER OA 177 43.16 6.68 -23.70
N ASP OA 178 44.01 5.73 -24.06
CA ASP OA 178 44.54 4.78 -23.09
C ASP OA 178 45.72 5.35 -22.33
N ALA OA 179 46.43 6.31 -22.92
CA ALA OA 179 47.58 6.89 -22.25
C ALA OA 179 47.16 7.59 -20.97
N ALA OA 180 46.34 8.64 -21.10
CA ALA OA 180 45.88 9.37 -19.94
C ALA OA 180 45.08 8.48 -19.00
N GLU OA 181 44.41 7.46 -19.54
CA GLU OA 181 43.68 6.51 -18.71
C GLU OA 181 44.61 5.84 -17.70
N ALA OA 182 45.67 5.20 -18.20
CA ALA OA 182 46.61 4.54 -17.31
C ALA OA 182 47.28 5.55 -16.39
N TYR OA 183 47.46 6.78 -16.86
CA TYR OA 183 48.12 7.81 -16.07
C TYR OA 183 47.34 8.09 -14.80
N ILE OA 184 46.06 8.44 -14.93
CA ILE OA 184 45.28 8.74 -13.75
C ILE OA 184 44.97 7.49 -12.96
N GLU OA 185 45.08 6.31 -13.58
CA GLU OA 185 44.88 5.08 -12.84
C GLU OA 185 45.92 4.92 -11.74
N MET OA 186 47.20 5.05 -12.09
CA MET OA 186 48.24 4.84 -11.09
C MET OA 186 48.27 5.97 -10.08
N ARG OA 187 48.13 7.21 -10.53
CA ARG OA 187 48.08 8.33 -9.62
C ARG OA 187 46.88 8.23 -8.69
N ASN OA 188 45.81 7.59 -9.13
CA ASN OA 188 44.70 7.29 -8.23
C ASN OA 188 45.04 6.12 -7.32
N SER OA 189 45.91 5.22 -7.78
CA SER OA 189 46.33 4.10 -6.94
C SER OA 189 47.06 4.58 -5.70
N GLU OA 190 48.08 5.42 -5.89
CA GLU OA 190 48.77 5.99 -4.75
C GLU OA 190 47.82 6.84 -3.93
N SER OA 191 47.42 7.97 -4.50
CA SER OA 191 46.72 9.03 -3.79
C SER OA 191 45.37 9.31 -4.44
N PRO OA 192 44.45 9.97 -3.73
CA PRO OA 192 43.11 10.17 -4.29
C PRO OA 192 43.04 11.30 -5.30
N TYR OA 193 43.29 10.97 -6.56
CA TYR OA 193 43.36 11.93 -7.64
C TYR OA 193 42.00 12.15 -8.30
N MET OA 194 41.79 13.37 -8.79
CA MET OA 194 40.64 13.68 -9.62
C MET OA 194 41.00 14.90 -10.46
N PRO OA 195 40.64 14.94 -11.75
CA PRO OA 195 40.91 16.14 -12.55
C PRO OA 195 40.09 17.35 -12.15
N ARG OA 196 40.22 18.42 -12.94
CA ARG OA 196 39.38 19.60 -12.78
C ARG OA 196 38.08 19.48 -13.55
N TYR OA 197 38.09 18.81 -14.69
CA TYR OA 197 36.88 18.60 -15.48
C TYR OA 197 35.81 17.86 -14.71
N GLY OA 198 36.19 17.10 -13.68
CA GLY OA 198 35.24 16.41 -12.84
C GLY OA 198 34.84 17.24 -11.64
N LEU OA 199 35.83 17.81 -10.96
CA LEU OA 199 35.55 18.61 -9.78
C LEU OA 199 34.73 19.83 -10.10
N LEU OA 200 34.80 20.31 -11.34
CA LEU OA 200 33.92 21.39 -11.76
C LEU OA 200 32.48 20.92 -11.90
N ARG OA 201 32.25 19.60 -11.97
CA ARG OA 201 30.92 19.04 -12.14
C ARG OA 201 30.55 18.07 -11.03
N ASN OA 202 31.38 17.95 -10.00
CA ASN OA 202 30.99 17.46 -8.67
C ASN OA 202 30.45 16.02 -8.74
N LEU OA 203 31.34 15.11 -9.09
CA LEU OA 203 31.06 13.70 -8.93
C LEU OA 203 31.27 13.30 -7.48
N ARG OA 204 30.43 12.37 -7.02
CA ARG OA 204 30.56 11.77 -5.70
C ARG OA 204 31.34 10.48 -5.72
N ASP OA 205 31.26 9.73 -6.81
CA ASP OA 205 31.97 8.45 -6.81
C ASP OA 205 33.40 8.66 -7.22
N ARG OA 206 34.28 8.45 -6.24
CA ARG OA 206 35.71 8.55 -6.47
C ARG OA 206 36.20 7.56 -7.52
N GLU OA 207 35.42 6.53 -7.82
CA GLU OA 207 35.88 5.43 -8.65
C GLU OA 207 35.87 5.77 -10.14
N LEU OA 208 34.98 6.67 -10.57
CA LEU OA 208 34.82 6.99 -11.99
C LEU OA 208 35.68 8.16 -12.44
N ALA OA 209 36.83 8.37 -11.81
CA ALA OA 209 37.78 9.33 -12.35
C ALA OA 209 38.33 8.86 -13.69
N ARG OA 210 38.30 7.55 -13.94
CA ARG OA 210 38.78 6.98 -15.19
C ARG OA 210 38.10 7.58 -16.41
N TYR OA 211 36.88 8.07 -16.27
CA TYR OA 211 36.06 8.49 -17.40
C TYR OA 211 35.74 9.98 -17.31
N ALA OA 212 36.75 10.79 -16.97
CA ALA OA 212 36.59 12.23 -16.84
C ALA OA 212 37.65 12.92 -17.70
N PHE OA 213 37.25 13.31 -18.90
CA PHE OA 213 38.10 14.08 -19.80
C PHE OA 213 37.22 14.97 -20.66
N ASP OA 214 37.84 15.96 -21.28
CA ASP OA 214 37.28 16.51 -22.50
C ASP OA 214 37.38 15.48 -23.61
N PHE OA 215 38.59 14.98 -23.84
CA PHE OA 215 38.85 14.02 -24.89
C PHE OA 215 38.78 12.62 -24.32
N TYR OA 216 37.80 11.85 -24.78
CA TYR OA 216 37.71 10.44 -24.45
C TYR OA 216 36.84 9.77 -25.49
N GLU OA 217 37.37 8.71 -26.10
CA GLU OA 217 36.76 8.10 -27.27
C GLU OA 217 36.03 6.84 -26.86
N VAL OA 218 34.71 6.87 -27.03
CA VAL OA 218 33.89 5.71 -26.73
C VAL OA 218 34.30 4.56 -27.66
N THR OA 219 34.16 3.35 -27.14
CA THR OA 219 34.35 2.14 -27.92
C THR OA 219 33.25 1.16 -27.56
N SER OA 220 33.30 -0.01 -28.17
CA SER OA 220 32.42 -1.10 -27.78
C SER OA 220 32.91 -1.84 -26.55
N LYS OA 221 34.00 -1.39 -25.92
CA LYS OA 221 34.60 -2.09 -24.80
C LYS OA 221 34.12 -1.60 -23.45
N THR OA 222 33.59 -0.37 -23.37
CA THR OA 222 33.28 0.20 -22.07
C THR OA 222 32.15 -0.56 -21.40
N PRO OA 223 32.05 -0.46 -20.07
CA PRO OA 223 30.88 -1.01 -19.38
C PRO OA 223 29.68 -0.09 -19.51
N ASN OA 224 28.54 -0.60 -19.05
CA ASN OA 224 27.27 0.08 -19.19
C ASN OA 224 26.99 1.08 -18.07
N ARG OA 225 27.98 1.39 -17.25
CA ARG OA 225 27.81 2.32 -16.13
C ARG OA 225 28.33 3.70 -16.46
N ALA OA 226 29.61 3.80 -16.84
CA ALA OA 226 30.19 5.10 -17.17
C ALA OA 226 29.58 5.68 -18.43
N ARG OA 227 29.03 4.83 -19.30
CA ARG OA 227 28.42 5.31 -20.53
C ARG OA 227 27.25 6.24 -20.24
N GLU OA 228 26.58 6.06 -19.10
CA GLU OA 228 25.52 6.98 -18.70
C GLU OA 228 26.10 8.29 -18.19
N ALA OA 229 27.09 8.21 -17.31
CA ALA OA 229 27.60 9.40 -16.64
C ALA OA 229 28.21 10.39 -17.62
N ILE OA 230 28.87 9.88 -18.66
CA ILE OA 230 29.49 10.77 -19.65
C ILE OA 230 28.41 11.62 -20.31
N ALA OA 231 27.34 10.99 -20.76
CA ALA OA 231 26.30 11.72 -21.47
C ALA OA 231 25.63 12.73 -20.57
N GLN OA 232 25.54 12.45 -19.28
CA GLN OA 232 25.00 13.43 -18.36
C GLN OA 232 25.89 14.67 -18.28
N MET OA 233 27.21 14.47 -18.32
CA MET OA 233 28.13 15.60 -18.31
C MET OA 233 27.95 16.45 -19.56
N LYS OA 234 27.98 15.80 -20.72
CA LYS OA 234 27.90 16.53 -21.98
C LYS OA 234 26.62 17.32 -22.10
N ALA OA 235 25.53 16.81 -21.53
CA ALA OA 235 24.26 17.50 -21.59
C ALA OA 235 24.16 18.58 -20.52
N ALA OA 236 24.83 18.37 -19.38
CA ALA OA 236 24.75 19.35 -18.31
C ALA OA 236 25.57 20.60 -18.64
N ALA OA 237 26.64 20.44 -19.40
CA ALA OA 237 27.53 21.54 -19.71
C ALA OA 237 27.17 22.28 -20.97
N LEU OA 238 26.00 22.01 -21.55
CA LEU OA 238 25.54 22.72 -22.74
C LEU OA 238 24.06 23.00 -22.59
N ALA OA 239 23.73 24.27 -22.37
CA ALA OA 239 22.35 24.68 -22.26
C ALA OA 239 22.30 26.19 -22.37
N GLY OA 240 21.36 26.70 -23.16
CA GLY OA 240 21.25 28.11 -23.43
C GLY OA 240 22.10 28.58 -24.61
N ILE OA 241 23.11 27.82 -25.00
CA ILE OA 241 23.94 28.21 -26.14
C ILE OA 241 23.07 28.13 -27.38
N ASN OA 242 22.80 29.29 -27.99
CA ASN OA 242 22.02 29.39 -29.21
C ASN OA 242 23.00 29.50 -30.38
N SER OA 243 22.91 28.55 -31.30
CA SER OA 243 23.93 28.40 -32.34
C SER OA 243 24.04 29.63 -33.22
N ARG OA 244 22.99 29.94 -33.99
CA ARG OA 244 22.92 31.17 -34.77
C ARG OA 244 24.09 31.27 -35.75
N LEU OA 245 24.02 30.40 -36.78
CA LEU OA 245 25.17 30.17 -37.65
C LEU OA 245 25.70 31.43 -38.31
N PHE OA 246 24.91 32.48 -38.42
CA PHE OA 246 25.41 33.76 -38.91
C PHE OA 246 26.00 34.58 -37.78
N GLY OA 247 26.98 35.40 -38.13
CA GLY OA 247 27.62 36.31 -37.20
C GLY OA 247 27.07 37.70 -37.39
N LEU OA 248 27.80 38.54 -38.12
CA LEU OA 248 27.27 39.80 -38.59
C LEU OA 248 27.77 40.07 -40.01
N ASP OA 249 26.94 40.75 -40.78
CA ASP OA 249 27.28 41.15 -42.13
C ASP OA 249 28.17 42.37 -42.11
N GLY OA 250 29.08 42.45 -43.08
CA GLY OA 250 29.96 43.61 -43.18
C GLY OA 250 29.34 44.76 -43.94
N ASN OA 251 28.46 44.46 -44.90
CA ASN OA 251 27.86 45.51 -45.71
C ASN OA 251 26.89 46.31 -44.87
N ILE OA 252 27.21 47.58 -44.69
CA ILE OA 252 26.33 48.56 -44.08
C ILE OA 252 25.85 49.52 -45.16
N SER OA 253 24.59 49.93 -45.06
CA SER OA 253 24.10 51.08 -45.82
C SER OA 253 23.07 51.78 -44.92
N THR OA 254 23.55 52.70 -44.10
CA THR OA 254 22.66 53.52 -43.30
C THR OA 254 22.04 54.64 -44.14
N ASN OA 255 22.76 55.09 -45.16
CA ASN OA 255 22.27 56.13 -46.05
C ASN OA 255 22.96 55.95 -47.40
N SER OA 256 22.17 55.96 -48.47
CA SER OA 256 22.71 55.73 -49.81
C SER OA 256 23.71 56.82 -50.18
N GLU OA 257 24.50 56.51 -51.21
CA GLU OA 257 25.53 57.42 -51.65
C GLU OA 257 24.92 58.61 -52.39
N ASN OA 258 25.47 59.79 -52.14
CA ASN OA 258 24.81 61.04 -52.55
C ASN OA 258 24.95 61.28 -54.05
N THR OA 259 26.18 61.44 -54.53
CA THR OA 259 26.47 61.73 -55.94
C THR OA 259 25.78 63.03 -56.40
N GLU OA 260 26.16 64.13 -55.76
CA GLU OA 260 25.74 65.45 -56.19
C GLU OA 260 26.88 66.44 -55.96
N ARG OA 261 26.71 67.65 -56.47
CA ARG OA 261 27.78 68.63 -56.59
C ARG OA 261 27.53 69.84 -55.68
N HIS OA 262 28.43 70.81 -55.77
CA HIS OA 262 28.28 72.10 -55.12
C HIS OA 262 28.92 73.16 -56.01
N THR OA 263 28.31 74.35 -56.02
CA THR OA 263 28.88 75.51 -56.67
C THR OA 263 28.69 76.71 -55.77
N ALA OA 264 29.19 77.86 -56.21
CA ALA OA 264 29.04 79.10 -55.47
C ALA OA 264 27.63 79.65 -55.63
N PRO QA 58 57.26 -13.15 -9.78
CA PRO QA 58 57.57 -12.34 -10.96
C PRO QA 58 56.92 -10.96 -10.90
N ARG QA 59 57.63 -9.95 -11.40
CA ARG QA 59 57.22 -8.56 -11.29
C ARG QA 59 57.44 -7.84 -12.61
N LEU QA 60 56.73 -6.73 -12.77
CA LEU QA 60 56.85 -5.88 -13.94
C LEU QA 60 56.35 -4.50 -13.60
N GLN QA 61 56.33 -3.62 -14.60
CA GLN QA 61 55.93 -2.24 -14.45
C GLN QA 61 54.59 -1.98 -15.11
N LYS QA 62 53.94 -0.90 -14.69
CA LYS QA 62 52.56 -0.63 -15.10
C LYS QA 62 52.44 -0.46 -16.61
N ILE QA 63 53.08 0.58 -17.16
CA ILE QA 63 53.10 0.76 -18.60
C ILE QA 63 54.02 -0.28 -19.22
N THR QA 64 53.70 -0.68 -20.44
CA THR QA 64 54.56 -1.56 -21.23
C THR QA 64 54.65 -1.02 -22.65
N LYS QA 65 55.79 -1.27 -23.29
CA LYS QA 65 56.00 -0.81 -24.66
C LYS QA 65 54.95 -1.38 -25.62
N LYS QA 66 54.44 -2.58 -25.32
CA LYS QA 66 53.48 -3.23 -26.20
C LYS QA 66 52.07 -2.68 -26.07
N MET QA 67 51.84 -1.72 -25.17
CA MET QA 67 50.57 -1.03 -25.14
C MET QA 67 50.36 -0.26 -26.45
N ASN QA 68 49.11 -0.08 -26.82
CA ASN QA 68 48.80 0.69 -28.02
C ASN QA 68 49.08 2.17 -27.78
N LEU QA 69 49.73 2.80 -28.75
CA LEU QA 69 50.32 4.12 -28.55
C LEU QA 69 50.38 4.82 -29.90
N PRO QA 70 50.77 6.09 -29.93
CA PRO QA 70 50.87 6.79 -31.22
C PRO QA 70 51.95 6.25 -32.13
N THR QA 71 51.70 6.36 -33.44
CA THR QA 71 52.51 5.70 -34.47
C THR QA 71 52.74 6.62 -35.68
N VAL QA 72 53.30 7.82 -35.44
CA VAL QA 72 53.68 8.70 -36.56
C VAL QA 72 54.57 7.93 -37.54
N GLY QA 73 55.73 7.51 -37.07
CA GLY QA 73 56.58 6.61 -37.83
C GLY QA 73 56.26 5.17 -37.48
N GLY QA 74 56.52 4.28 -38.43
CA GLY QA 74 56.36 2.86 -38.16
C GLY QA 74 57.22 2.38 -37.02
N LYS QA 75 58.37 3.03 -36.81
CA LYS QA 75 59.31 2.65 -35.75
C LYS QA 75 59.17 3.54 -34.52
N ILE QA 76 59.37 4.85 -34.68
CA ILE QA 76 59.61 5.72 -33.54
C ILE QA 76 58.30 6.01 -32.82
N ILE QA 77 58.37 6.00 -31.50
CA ILE QA 77 57.25 6.31 -30.62
C ILE QA 77 57.49 7.68 -30.02
N LEU QA 78 56.39 8.37 -29.73
CA LEU QA 78 56.45 9.76 -29.31
C LEU QA 78 56.50 9.89 -27.79
N SER QA 79 55.58 9.25 -27.10
CA SER QA 79 55.58 9.26 -25.65
C SER QA 79 56.66 8.36 -25.09
N LEU QA 80 57.83 8.94 -24.78
CA LEU QA 80 58.94 8.15 -24.24
C LEU QA 80 58.58 7.61 -22.86
N ASP QA 81 58.80 6.31 -22.67
CA ASP QA 81 58.42 5.63 -21.44
C ASP QA 81 59.45 5.95 -20.35
N HIS QA 82 59.33 7.15 -19.82
CA HIS QA 82 60.03 7.57 -18.61
C HIS QA 82 59.06 8.25 -17.65
N LEU QA 83 57.79 7.88 -17.73
CA LEU QA 83 56.73 8.50 -16.96
C LEU QA 83 56.58 7.88 -15.58
N LEU QA 84 57.22 6.75 -15.34
CA LEU QA 84 57.10 6.05 -14.07
C LEU QA 84 57.56 6.90 -12.90
N GLU QA 85 58.45 7.87 -13.15
CA GLU QA 85 58.81 8.90 -12.18
C GLU QA 85 58.54 10.24 -12.84
N TYR QA 86 57.26 10.63 -12.83
CA TYR QA 86 56.85 11.98 -13.18
C TYR QA 86 55.59 12.27 -12.35
N LYS QA 87 55.79 12.86 -11.18
CA LYS QA 87 54.74 13.02 -10.18
C LYS QA 87 54.78 14.45 -9.64
N PRO QA 88 54.46 15.43 -10.48
CA PRO QA 88 54.35 16.79 -9.98
C PRO QA 88 53.14 16.95 -9.09
N ASN QA 89 53.27 17.82 -8.09
CA ASN QA 89 52.12 18.16 -7.27
C ASN QA 89 51.06 18.79 -8.15
N GLN QA 90 49.83 18.27 -8.02
CA GLN QA 90 48.80 18.55 -9.02
C GLN QA 90 48.45 20.01 -9.07
N VAL QA 91 48.30 20.63 -7.91
CA VAL QA 91 47.73 21.96 -7.83
C VAL QA 91 48.63 23.00 -8.47
N ASP QA 92 49.93 22.71 -8.61
CA ASP QA 92 50.85 23.67 -9.20
C ASP QA 92 50.66 23.85 -10.70
N LEU QA 93 49.80 23.04 -11.32
CA LEU QA 93 49.70 22.95 -12.77
C LEU QA 93 48.47 23.64 -13.35
N PHE QA 94 47.53 24.07 -12.53
CA PHE QA 94 46.29 24.64 -13.03
C PHE QA 94 46.53 25.97 -13.74
N ASN QA 95 45.47 26.47 -14.36
CA ASN QA 95 45.41 27.81 -14.93
C ASN QA 95 44.81 28.82 -13.98
N THR QA 96 43.94 28.40 -13.06
CA THR QA 96 43.28 29.30 -12.15
C THR QA 96 44.22 29.91 -11.13
N ARG QA 97 45.43 29.39 -10.98
CA ARG QA 97 46.45 30.01 -10.17
C ARG QA 97 47.39 30.82 -11.06
N ALA QA 98 47.94 31.88 -10.49
CA ALA QA 98 48.94 32.66 -11.19
C ALA QA 98 50.23 31.84 -11.35
N THR QA 99 51.21 32.46 -11.98
CA THR QA 99 52.51 31.82 -12.15
C THR QA 99 53.40 32.07 -10.93
N LYS QA 100 54.50 31.33 -10.86
CA LYS QA 100 55.53 31.63 -9.86
C LYS QA 100 56.13 33.00 -10.09
N THR QA 101 56.18 33.45 -11.34
CA THR QA 101 56.76 34.74 -11.68
C THR QA 101 55.92 35.88 -11.12
N GLN QA 102 54.64 35.90 -11.47
CA GLN QA 102 53.78 37.04 -11.13
C GLN QA 102 53.65 37.20 -9.63
N PHE QA 103 53.62 36.09 -8.89
CA PHE QA 103 53.60 36.17 -7.44
C PHE QA 103 54.86 36.83 -6.92
N GLU QA 104 56.00 36.55 -7.55
CA GLU QA 104 57.25 37.14 -7.12
C GLU QA 104 57.26 38.64 -7.37
N SER QA 105 56.95 39.06 -8.59
CA SER QA 105 56.99 40.48 -8.90
C SER QA 105 55.98 41.27 -8.09
N TRP QA 106 54.82 40.68 -7.80
CA TRP QA 106 53.85 41.32 -6.93
C TRP QA 106 54.46 41.59 -5.56
N TYR QA 107 55.24 40.63 -5.06
CA TYR QA 107 55.87 40.79 -3.75
C TYR QA 107 57.00 41.81 -3.80
N SER QA 108 57.64 41.97 -4.95
CA SER QA 108 58.74 42.93 -5.06
C SER QA 108 58.22 44.33 -5.35
N ALA QA 109 57.26 44.45 -6.26
CA ALA QA 109 56.76 45.76 -6.65
C ALA QA 109 56.03 46.45 -5.49
N VAL QA 110 55.38 45.66 -4.63
CA VAL QA 110 54.66 46.25 -3.51
C VAL QA 110 55.61 46.90 -2.53
N LYS QA 111 56.78 46.28 -2.32
CA LYS QA 111 57.68 46.71 -1.26
C LYS QA 111 58.22 48.11 -1.52
N VAL QA 112 58.40 48.47 -2.79
CA VAL QA 112 58.92 49.78 -3.11
C VAL QA 112 57.89 50.86 -2.79
N GLU QA 113 56.62 50.62 -3.13
CA GLU QA 113 55.61 51.66 -3.01
C GLU QA 113 55.17 51.88 -1.56
N TYR QA 114 55.42 50.94 -0.67
CA TYR QA 114 55.38 51.22 0.76
C TYR QA 114 56.73 51.68 1.29
N ASP QA 115 57.81 51.36 0.58
CA ASP QA 115 59.15 51.84 0.90
C ASP QA 115 59.58 51.38 2.30
N LEU QA 116 59.49 50.06 2.51
CA LEU QA 116 59.90 49.43 3.76
C LEU QA 116 61.31 48.84 3.67
N ASN QA 117 61.52 47.94 2.71
CA ASN QA 117 62.81 47.27 2.53
C ASN QA 117 63.23 46.58 3.83
N ASP QA 118 62.28 45.91 4.48
CA ASP QA 118 62.52 45.30 5.77
C ASP QA 118 61.52 44.17 5.95
N GLU QA 119 61.82 43.28 6.89
CA GLU QA 119 61.03 42.08 7.12
C GLU QA 119 59.78 42.33 7.94
N GLN QA 120 59.35 43.59 8.09
CA GLN QA 120 58.00 43.87 8.54
C GLN QA 120 56.95 43.45 7.52
N MET QA 121 57.37 43.17 6.28
CA MET QA 121 56.46 42.78 5.21
C MET QA 121 55.64 41.56 5.60
N GLY QA 122 56.23 40.64 6.35
CA GLY QA 122 55.50 39.47 6.80
C GLY QA 122 54.27 39.83 7.61
N VAL QA 123 54.37 40.87 8.43
CA VAL QA 123 53.23 41.32 9.22
C VAL QA 123 52.19 41.95 8.31
N ILE QA 124 52.63 42.80 7.38
CA ILE QA 124 51.70 43.53 6.53
C ILE QA 124 50.94 42.57 5.64
N MET QA 125 51.65 41.59 5.07
CA MET QA 125 50.99 40.54 4.30
C MET QA 125 49.95 39.82 5.14
N ASN QA 126 50.34 39.46 6.36
CA ASN QA 126 49.42 38.78 7.26
C ASN QA 126 48.26 39.68 7.65
N GLY QA 127 48.53 40.97 7.86
CA GLY QA 127 47.47 41.91 8.14
C GLY QA 127 46.50 42.11 6.99
N PHE QA 128 46.86 41.66 5.79
CA PHE QA 128 45.97 41.81 4.65
C PHE QA 128 45.01 40.63 4.53
N MET QA 129 45.49 39.41 4.82
CA MET QA 129 44.68 38.24 4.49
C MET QA 129 43.45 38.13 5.38
N VAL QA 130 43.57 38.50 6.66
CA VAL QA 130 42.42 38.44 7.55
C VAL QA 130 41.36 39.43 7.07
N TRP QA 131 41.78 40.64 6.72
CA TRP QA 131 40.83 41.58 6.14
C TRP QA 131 40.31 41.09 4.80
N CYS QA 132 41.15 40.36 4.06
CA CYS QA 132 40.73 39.79 2.79
C CYS QA 132 39.64 38.75 2.97
N ILE QA 133 39.57 38.13 4.15
CA ILE QA 133 38.45 37.24 4.45
C ILE QA 133 37.19 38.07 4.68
N ASP QA 134 37.22 38.92 5.70
CA ASP QA 134 36.02 39.51 6.26
C ASP QA 134 35.35 40.54 5.37
N ASN QA 135 35.90 40.81 4.20
CA ASN QA 135 35.18 41.57 3.20
C ASN QA 135 35.51 41.00 1.83
N GLY QA 136 34.72 41.40 0.86
CA GLY QA 136 34.83 40.82 -0.46
C GLY QA 136 36.15 41.15 -1.12
N THR QA 137 36.41 40.42 -2.20
CA THR QA 137 37.57 40.64 -3.06
C THR QA 137 37.08 40.85 -4.47
N SER QA 138 37.18 42.09 -4.94
CA SER QA 138 36.79 42.43 -6.30
C SER QA 138 37.52 43.69 -6.69
N PRO QA 139 37.74 43.94 -7.98
CA PRO QA 139 38.44 45.17 -8.37
C PRO QA 139 37.72 46.44 -7.97
N ASP QA 140 36.42 46.38 -7.70
CA ASP QA 140 35.64 47.58 -7.36
C ASP QA 140 35.64 47.80 -5.84
N VAL QA 141 36.85 47.89 -5.28
CA VAL QA 141 37.05 48.33 -3.91
C VAL QA 141 37.73 49.68 -3.93
N ASN QA 142 37.37 50.52 -2.97
CA ASN QA 142 38.04 51.80 -2.77
C ASN QA 142 38.06 52.08 -1.28
N GLY QA 143 38.74 53.16 -0.94
CA GLY QA 143 38.89 53.54 0.45
C GLY QA 143 40.20 53.03 1.01
N VAL QA 144 40.13 52.33 2.14
CA VAL QA 144 41.30 51.93 2.89
C VAL QA 144 41.08 50.52 3.44
N TRP QA 145 42.11 50.02 4.11
CA TRP QA 145 42.01 48.78 4.87
C TRP QA 145 42.86 48.94 6.12
N VAL QA 146 42.76 47.94 7.00
CA VAL QA 146 43.26 48.13 8.36
C VAL QA 146 43.52 46.79 9.01
N MET QA 147 44.60 46.74 9.78
CA MET QA 147 44.79 45.80 10.87
C MET QA 147 44.92 46.60 12.16
N MET QA 148 44.77 45.91 13.29
CA MET QA 148 44.80 46.54 14.60
C MET QA 148 45.84 45.88 15.50
N ASP QA 149 46.32 46.65 16.46
CA ASP QA 149 47.25 46.18 17.48
C ASP QA 149 46.88 46.86 18.79
N GLY QA 150 46.66 46.06 19.84
CA GLY QA 150 46.19 46.62 21.08
C GLY QA 150 44.73 47.00 20.98
N GLU QA 151 44.45 48.29 20.89
CA GLU QA 151 43.08 48.78 20.76
C GLU QA 151 42.89 49.83 19.67
N GLU QA 152 43.95 50.31 19.02
CA GLU QA 152 43.82 51.34 18.01
C GLU QA 152 43.54 50.73 16.64
N GLN QA 153 43.49 51.59 15.62
CA GLN QA 153 42.97 51.24 14.29
C GLN QA 153 43.94 51.77 13.23
N VAL QA 154 45.20 51.37 13.34
CA VAL QA 154 46.24 51.80 12.42
C VAL QA 154 45.92 51.36 10.99
N GLU QA 155 45.63 52.32 10.13
CA GLU QA 155 45.13 52.06 8.79
C GLU QA 155 46.24 52.21 7.75
N TYR QA 156 45.87 51.96 6.49
CA TYR QA 156 46.81 51.97 5.37
C TYR QA 156 46.03 52.33 4.12
N PRO QA 157 46.72 52.58 3.01
CA PRO QA 157 46.04 52.76 1.72
C PRO QA 157 45.75 51.41 1.08
N LEU QA 158 45.03 51.48 -0.05
CA LEU QA 158 44.39 50.31 -0.65
C LEU QA 158 44.72 50.13 -2.13
N LYS QA 159 45.01 51.23 -2.82
CA LYS QA 159 45.18 51.20 -4.26
C LYS QA 159 46.31 50.29 -4.72
N PRO QA 160 47.56 50.50 -4.30
CA PRO QA 160 48.69 49.87 -5.00
C PRO QA 160 48.70 48.35 -4.95
N ILE QA 161 48.06 47.73 -3.97
CA ILE QA 161 47.94 46.27 -3.98
C ILE QA 161 47.14 45.82 -5.19
N VAL QA 162 46.05 46.53 -5.49
CA VAL QA 162 45.16 46.12 -6.57
C VAL QA 162 45.81 46.42 -7.91
N GLU QA 163 46.11 47.69 -8.17
CA GLU QA 163 46.49 48.11 -9.51
C GLU QA 163 47.80 47.49 -9.97
N ASN QA 164 48.72 47.20 -9.05
CA ASN QA 164 49.92 46.44 -9.36
C ASN QA 164 49.71 44.95 -9.11
N ALA QA 165 48.59 44.43 -9.61
CA ALA QA 165 48.29 43.01 -9.62
C ALA QA 165 48.09 42.61 -11.06
N LYS QA 166 48.99 41.77 -11.58
CA LYS QA 166 49.12 41.68 -13.03
C LYS QA 166 47.90 41.03 -13.66
N PRO QA 167 47.55 39.77 -13.37
CA PRO QA 167 46.15 39.37 -13.54
C PRO QA 167 45.33 39.86 -12.37
N THR QA 168 44.06 39.47 -12.29
CA THR QA 168 43.19 40.01 -11.24
C THR QA 168 43.66 39.54 -9.87
N LEU QA 169 42.94 39.99 -8.85
CA LEU QA 169 43.39 39.79 -7.48
C LEU QA 169 43.25 38.34 -7.04
N ARG QA 170 42.03 37.80 -7.13
CA ARG QA 170 41.79 36.43 -6.70
C ARG QA 170 42.65 35.44 -7.48
N GLN QA 171 42.88 35.74 -8.76
CA GLN QA 171 43.79 34.94 -9.59
C GLN QA 171 45.19 34.85 -9.00
N ILE QA 172 45.57 35.77 -8.11
CA ILE QA 172 46.78 35.64 -7.31
C ILE QA 172 46.50 34.89 -6.00
N MET QA 173 45.41 35.25 -5.34
CA MET QA 173 45.22 34.88 -3.94
C MET QA 173 44.71 33.46 -3.75
N HIS QA 174 44.65 32.63 -4.79
CA HIS QA 174 44.36 31.22 -4.56
C HIS QA 174 45.50 30.50 -3.87
N HIS QA 175 46.69 31.11 -3.78
CA HIS QA 175 47.79 30.46 -3.07
C HIS QA 175 47.43 30.24 -1.62
N PHE QA 176 46.85 31.25 -0.99
CA PHE QA 176 46.43 31.14 0.40
C PHE QA 176 45.20 30.26 0.51
N SER QA 177 45.41 28.98 0.75
CA SER QA 177 44.32 28.03 0.97
C SER QA 177 44.41 27.39 2.35
N ASP QA 178 45.56 26.83 2.69
CA ASP QA 178 45.71 26.14 3.96
C ASP QA 178 45.99 27.09 5.10
N ALA QA 179 46.57 28.25 4.81
CA ALA QA 179 46.88 29.21 5.85
C ALA QA 179 45.62 29.69 6.55
N ALA QA 180 44.73 30.35 5.80
CA ALA QA 180 43.50 30.84 6.37
C ALA QA 180 42.63 29.70 6.88
N GLU QA 181 42.75 28.52 6.28
CA GLU QA 181 42.03 27.35 6.76
C GLU QA 181 42.37 27.06 8.21
N ALA QA 182 43.66 26.87 8.51
CA ALA QA 182 44.07 26.59 9.87
C ALA QA 182 43.74 27.76 10.79
N TYR QA 183 43.77 28.97 10.24
CA TYR QA 183 43.49 30.16 11.05
C TYR QA 183 42.08 30.12 11.62
N ILE QA 184 41.08 29.96 10.75
CA ILE QA 184 39.72 29.94 11.25
C ILE QA 184 39.42 28.65 11.99
N GLU QA 185 40.24 27.61 11.78
CA GLU QA 185 40.05 26.37 12.52
C GLU QA 185 40.26 26.59 14.01
N MET QA 186 41.39 27.20 14.38
CA MET QA 186 41.68 27.37 15.80
C MET QA 186 40.78 28.42 16.42
N ARG QA 187 40.54 29.53 15.71
CA ARG QA 187 39.63 30.52 16.23
C ARG QA 187 38.22 29.98 16.37
N ASN QA 188 37.86 28.99 15.57
CA ASN QA 188 36.60 28.29 15.77
C ASN QA 188 36.71 27.32 16.94
N SER QA 189 37.91 26.80 17.21
CA SER QA 189 38.10 25.90 18.33
C SER QA 189 37.80 26.60 19.65
N GLU QA 190 38.42 27.76 19.86
CA GLU QA 190 38.13 28.53 21.06
C GLU QA 190 36.67 28.96 21.06
N SER QA 191 36.33 29.87 20.15
CA SER QA 191 35.06 30.58 20.16
C SER QA 191 34.32 30.35 18.85
N PRO QA 192 33.01 30.62 18.81
CA PRO QA 192 32.24 30.31 17.60
C PRO QA 192 32.41 31.35 16.50
N TYR QA 193 33.42 31.15 15.67
CA TYR QA 193 33.78 32.10 14.63
C TYR QA 193 33.07 31.80 13.32
N MET QA 194 32.79 32.86 12.55
CA MET QA 194 32.30 32.74 11.20
C MET QA 194 32.67 34.01 10.46
N PRO QA 195 33.11 33.94 9.19
CA PRO QA 195 33.39 35.18 8.45
C PRO QA 195 32.16 35.98 8.10
N ARG QA 196 32.37 37.04 7.31
CA ARG QA 196 31.28 37.83 6.76
C ARG QA 196 30.75 37.25 5.46
N TYR QA 197 31.64 36.65 4.65
CA TYR QA 197 31.22 36.02 3.40
C TYR QA 197 30.20 34.91 3.61
N GLY QA 198 30.14 34.34 4.81
CA GLY QA 198 29.16 33.32 5.13
C GLY QA 198 27.92 33.93 5.74
N LEU QA 199 28.10 34.81 6.72
CA LEU QA 199 26.97 35.43 7.38
C LEU QA 199 26.14 36.27 6.43
N LEU QA 200 26.74 36.77 5.36
CA LEU QA 200 25.98 37.44 4.33
C LEU QA 200 25.11 36.48 3.54
N ARG QA 201 25.39 35.17 3.62
CA ARG QA 201 24.64 34.16 2.88
C ARG QA 201 24.04 33.10 3.79
N ASN QA 202 24.12 33.28 5.11
CA ASN QA 202 23.23 32.66 6.08
C ASN QA 202 23.31 31.13 6.03
N LEU QA 203 24.47 30.62 6.40
CA LEU QA 203 24.61 29.20 6.67
C LEU QA 203 24.07 28.88 8.05
N ARG QA 204 23.46 27.69 8.16
CA ARG QA 204 23.00 27.17 9.43
C ARG QA 204 24.01 26.26 10.09
N ASP QA 205 24.79 25.54 9.30
CA ASP QA 205 25.74 24.62 9.94
C ASP QA 205 26.99 25.36 10.31
N ARG QA 206 27.17 25.47 11.63
CA ARG QA 206 28.36 26.10 12.19
C ARG QA 206 29.64 25.38 11.78
N GLU QA 207 29.54 24.14 11.32
CA GLU QA 207 30.70 23.30 11.09
C GLU QA 207 31.43 23.64 9.80
N LEU QA 208 30.72 24.15 8.79
CA LEU QA 208 31.31 24.40 7.48
C LEU QA 208 31.85 25.82 7.34
N ALA QA 209 32.30 26.43 8.42
CA ALA QA 209 33.04 27.68 8.30
C ALA QA 209 34.36 27.47 7.58
N ARG QA 210 34.89 26.25 7.61
CA ARG QA 210 36.14 25.92 6.96
C ARG QA 210 36.14 26.24 5.47
N TYR QA 211 34.97 26.24 4.84
CA TYR QA 211 34.85 26.35 3.40
C TYR QA 211 34.09 27.62 3.01
N ALA QA 212 34.41 28.72 3.65
CA ALA QA 212 33.77 30.02 3.38
C ALA QA 212 34.85 31.05 3.11
N PHE QA 213 35.11 31.30 1.83
CA PHE QA 213 36.02 32.33 1.40
C PHE QA 213 35.56 32.84 0.04
N ASP QA 214 36.07 34.01 -0.33
CA ASP QA 214 36.16 34.33 -1.74
C ASP QA 214 37.20 33.44 -2.41
N PHE QA 215 38.40 33.42 -1.85
CA PHE QA 215 39.51 32.64 -2.38
C PHE QA 215 39.55 31.30 -1.67
N TYR QA 216 39.32 30.23 -2.42
CA TYR QA 216 39.51 28.87 -1.92
C TYR QA 216 39.65 27.96 -3.10
N GLU QA 217 40.72 27.17 -3.11
CA GLU QA 217 41.11 26.41 -4.28
C GLU QA 217 40.72 24.96 -4.09
N VAL QA 218 39.80 24.49 -4.92
CA VAL QA 218 39.38 23.11 -4.90
C VAL QA 218 40.57 22.22 -5.20
N THR QA 219 40.55 21.03 -4.61
CA THR QA 219 41.52 19.99 -4.92
C THR QA 219 40.78 18.67 -5.02
N SER QA 220 41.53 17.61 -5.26
CA SER QA 220 40.99 16.27 -5.19
C SER QA 220 40.90 15.74 -3.77
N LYS QA 221 41.22 16.55 -2.76
CA LYS QA 221 41.26 16.11 -1.38
C LYS QA 221 39.97 16.36 -0.63
N THR QA 222 39.14 17.29 -1.07
CA THR QA 222 37.99 17.70 -0.29
C THR QA 222 36.99 16.56 -0.19
N PRO QA 223 36.13 16.59 0.82
CA PRO QA 223 35.02 15.64 0.88
C PRO QA 223 33.88 16.05 -0.05
N ASN QA 224 32.92 15.16 -0.18
CA ASN QA 224 31.82 15.31 -1.10
C ASN QA 224 30.66 16.11 -0.52
N ARG QA 225 30.85 16.77 0.62
CA ARG QA 225 29.79 17.53 1.26
C ARG QA 225 29.95 19.03 1.00
N ALA QA 226 31.11 19.59 1.35
CA ALA QA 226 31.32 21.01 1.13
C ALA QA 226 31.39 21.35 -0.35
N ARG QA 227 31.73 20.37 -1.19
CA ARG QA 227 31.81 20.61 -2.63
C ARG QA 227 30.46 21.03 -3.20
N GLU QA 228 29.37 20.61 -2.58
CA GLU QA 228 28.06 21.07 -3.00
C GLU QA 228 27.78 22.49 -2.53
N ALA QA 229 28.07 22.77 -1.26
CA ALA QA 229 27.70 24.05 -0.67
C ALA QA 229 28.42 25.20 -1.34
N ILE QA 230 29.68 25.00 -1.75
CA ILE QA 230 30.41 26.06 -2.42
C ILE QA 230 29.71 26.47 -3.70
N ALA QA 231 29.35 25.49 -4.51
CA ALA QA 231 28.74 25.79 -5.80
C ALA QA 231 27.40 26.48 -5.63
N GLN QA 232 26.68 26.16 -4.55
CA GLN QA 232 25.44 26.86 -4.27
C GLN QA 232 25.69 28.33 -3.98
N MET QA 233 26.77 28.63 -3.27
CA MET QA 233 27.11 30.03 -3.00
C MET QA 233 27.42 30.77 -4.28
N LYS QA 234 28.30 30.20 -5.10
CA LYS QA 234 28.74 30.86 -6.32
C LYS QA 234 27.57 31.13 -7.25
N ALA QA 235 26.58 30.24 -7.27
CA ALA QA 235 25.43 30.42 -8.13
C ALA QA 235 24.41 31.36 -7.51
N ALA QA 236 24.34 31.40 -6.19
CA ALA QA 236 23.37 32.27 -5.53
C ALA QA 236 23.78 33.72 -5.63
N ALA QA 237 25.08 33.98 -5.65
CA ALA QA 237 25.59 35.35 -5.63
C ALA QA 237 25.80 35.92 -7.03
N LEU QA 238 25.31 35.26 -8.07
CA LEU QA 238 25.42 35.75 -9.42
C LEU QA 238 24.12 35.46 -10.15
N ALA QA 239 23.35 36.51 -10.40
CA ALA QA 239 22.10 36.38 -11.12
C ALA QA 239 21.66 37.78 -11.54
N GLY QA 240 21.24 37.90 -12.79
CA GLY QA 240 20.88 39.18 -13.35
C GLY QA 240 22.02 39.94 -13.96
N ILE QA 241 23.26 39.63 -13.60
CA ILE QA 241 24.41 40.32 -14.17
C ILE QA 241 24.49 39.94 -15.64
N ASN QA 242 24.26 40.93 -16.51
CA ASN QA 242 24.33 40.75 -17.96
C ASN QA 242 25.70 41.23 -18.41
N SER QA 243 26.47 40.33 -19.03
CA SER QA 243 27.87 40.58 -19.31
C SER QA 243 28.07 41.78 -20.22
N ARG QA 244 27.61 41.70 -21.47
CA ARG QA 244 27.61 42.83 -22.39
C ARG QA 244 29.04 43.36 -22.61
N LEU QA 245 29.84 42.55 -23.31
CA LEU QA 245 31.28 42.76 -23.37
C LEU QA 245 31.68 44.14 -23.87
N PHE QA 246 30.79 44.84 -24.59
CA PHE QA 246 31.04 46.21 -24.99
C PHE QA 246 30.59 47.18 -23.91
N GLY QA 247 31.30 48.31 -23.84
CA GLY QA 247 30.97 49.38 -22.92
C GLY QA 247 30.22 50.47 -23.64
N LEU QA 248 30.93 51.53 -24.02
CA LEU QA 248 30.39 52.52 -24.94
C LEU QA 248 31.50 52.97 -25.89
N ASP QA 249 31.08 53.31 -27.10
CA ASP QA 249 31.99 53.83 -28.11
C ASP QA 249 32.27 55.29 -27.85
N GLY QA 250 33.49 55.72 -28.18
CA GLY QA 250 33.85 57.12 -28.04
C GLY QA 250 33.45 57.97 -29.22
N ASN QA 251 33.42 57.38 -30.41
CA ASN QA 251 33.10 58.14 -31.62
C ASN QA 251 31.63 58.52 -31.59
N ILE QA 252 31.38 59.82 -31.53
CA ILE QA 252 30.04 60.39 -31.69
C ILE QA 252 30.00 61.11 -33.02
N SER QA 253 28.86 61.03 -33.70
CA SER QA 253 28.54 61.93 -34.81
C SER QA 253 27.05 62.17 -34.76
N THR QA 254 26.65 63.20 -34.00
CA THR QA 254 25.26 63.63 -33.99
C THR QA 254 24.92 64.45 -35.22
N ASN QA 255 25.91 65.15 -35.78
CA ASN QA 255 25.71 65.95 -36.98
C ASN QA 255 27.05 66.06 -37.68
N SER QA 256 27.06 65.79 -38.98
CA SER QA 256 28.29 65.79 -39.75
C SER QA 256 28.94 67.18 -39.74
N GLU QA 257 30.22 67.21 -40.10
CA GLU QA 257 30.97 68.45 -40.10
C GLU QA 257 30.55 69.33 -41.27
N ASN QA 258 30.46 70.64 -41.01
CA ASN QA 258 29.79 71.54 -41.94
C ASN QA 258 30.68 71.85 -43.15
N THR QA 259 31.83 72.47 -42.91
CA THR QA 259 32.76 72.87 -43.98
C THR QA 259 32.09 73.81 -44.98
N GLU QA 260 31.68 74.97 -44.48
CA GLU QA 260 31.20 76.05 -45.31
C GLU QA 260 31.61 77.39 -44.70
N ARG QA 261 31.39 78.46 -45.47
CA ARG QA 261 31.96 79.76 -45.19
C ARG QA 261 30.88 80.77 -44.81
N HIS QA 262 31.31 82.02 -44.61
CA HIS QA 262 30.43 83.15 -44.40
C HIS QA 262 31.09 84.39 -45.00
N THR QA 263 30.26 85.26 -45.56
CA THR QA 263 30.70 86.57 -46.04
C THR QA 263 29.67 87.60 -45.63
N ALA QA 264 29.93 88.85 -45.96
CA ALA QA 264 29.01 89.93 -45.67
C ALA QA 264 27.85 89.94 -46.65
N PRO SA 58 53.44 13.99 25.25
CA PRO SA 58 54.08 14.87 24.27
C PRO SA 58 53.13 15.91 23.70
N ARG SA 59 53.64 17.12 23.47
CA ARG SA 59 52.83 18.25 23.07
C ARG SA 59 53.51 19.03 21.96
N LEU SA 60 52.72 19.80 21.23
CA LEU SA 60 53.22 20.64 20.15
C LEU SA 60 52.20 21.74 19.89
N GLN SA 61 52.49 22.57 18.89
CA GLN SA 61 51.66 23.71 18.53
C GLN SA 61 50.94 23.45 17.21
N LYS SA 62 49.87 24.22 17.00
CA LYS SA 62 48.96 23.96 15.89
C LYS SA 62 49.67 24.10 14.54
N ILE SA 63 50.14 25.30 14.22
CA ILE SA 63 50.92 25.50 13.01
C ILE SA 63 52.30 24.89 13.20
N THR SA 64 52.89 24.41 12.10
CA THR SA 64 54.25 23.93 12.09
C THR SA 64 54.96 24.49 10.86
N LYS SA 65 56.27 24.69 10.99
CA LYS SA 65 57.06 25.22 9.88
C LYS SA 65 56.99 24.31 8.65
N LYS SA 66 56.81 23.00 8.85
CA LYS SA 66 56.79 22.06 7.76
C LYS SA 66 55.46 22.05 6.99
N MET SA 67 54.48 22.83 7.43
CA MET SA 67 53.27 23.02 6.64
C MET SA 67 53.62 23.66 5.30
N ASN SA 68 52.82 23.37 4.28
CA ASN SA 68 53.03 23.99 2.98
C ASN SA 68 52.64 25.47 3.05
N LEU SA 69 53.49 26.32 2.46
CA LEU SA 69 53.41 27.75 2.68
C LEU SA 69 54.01 28.45 1.46
N PRO SA 70 53.92 29.78 1.39
CA PRO SA 70 54.50 30.49 0.24
C PRO SA 70 56.02 30.39 0.18
N THR SA 71 56.53 30.42 -1.06
CA THR SA 71 57.94 30.13 -1.35
C THR SA 71 58.52 31.10 -2.40
N VAL SA 72 58.43 32.41 -2.15
CA VAL SA 72 59.09 33.38 -3.02
C VAL SA 72 60.55 33.02 -3.21
N GLY SA 73 61.31 33.04 -2.12
CA GLY SA 73 62.66 32.54 -2.11
C GLY SA 73 62.67 31.08 -1.71
N GLY SA 74 63.69 30.36 -2.18
CA GLY SA 74 63.85 28.98 -1.76
C GLY SA 74 64.01 28.84 -0.26
N LYS SA 75 64.57 29.85 0.39
CA LYS SA 75 64.81 29.83 1.83
C LYS SA 75 63.72 30.60 2.60
N ILE SA 76 63.55 31.88 2.30
CA ILE SA 76 62.81 32.76 3.20
C ILE SA 76 61.31 32.53 3.04
N ILE SA 77 60.61 32.54 4.16
CA ILE SA 77 59.17 32.39 4.23
C ILE SA 77 58.58 33.74 4.57
N LEU SA 78 57.36 33.98 4.10
CA LEU SA 78 56.74 35.28 4.20
C LEU SA 78 55.88 35.39 5.44
N SER SA 79 54.98 34.43 5.65
CA SER SA 79 54.15 34.43 6.85
C SER SA 79 54.95 33.99 8.06
N LEU SA 80 55.48 34.95 8.82
CA LEU SA 80 56.25 34.63 10.01
C LEU SA 80 55.38 33.97 11.06
N ASP SA 81 55.85 32.84 11.59
CA ASP SA 81 55.07 32.05 12.54
C ASP SA 81 55.13 32.70 13.91
N HIS SA 82 54.35 33.78 14.06
CA HIS SA 82 54.07 34.39 15.35
C HIS SA 82 52.58 34.65 15.48
N LEU SA 83 51.76 33.84 14.81
CA LEU SA 83 50.33 34.01 14.76
C LEU SA 83 49.62 33.36 15.93
N LEU SA 84 50.33 32.53 16.70
CA LEU SA 84 49.74 31.83 17.82
C LEU SA 84 49.17 32.77 18.86
N GLU SA 85 49.67 34.00 18.93
CA GLU SA 85 49.07 35.07 19.72
C GLU SA 85 48.82 36.23 18.77
N TYR SA 86 47.72 36.12 18.02
CA TYR SA 86 47.17 37.23 17.24
C TYR SA 86 45.67 37.01 17.19
N LYS SA 87 44.97 37.61 18.15
CA LYS SA 87 43.55 37.36 18.38
C LYS SA 87 42.82 38.69 18.56
N PRO SA 88 42.76 39.50 17.51
CA PRO SA 88 41.95 40.72 17.58
C PRO SA 88 40.48 40.40 17.65
N ASN SA 89 39.74 41.23 18.37
CA ASN SA 89 38.29 41.12 18.37
C ASN SA 89 37.78 41.31 16.94
N GLN SA 90 36.95 40.39 16.50
CA GLN SA 90 36.64 40.27 15.08
C GLN SA 90 35.94 41.51 14.56
N VAL SA 91 34.97 42.00 15.30
CA VAL SA 91 34.08 43.03 14.81
C VAL SA 91 34.80 44.34 14.56
N ASP SA 92 35.96 44.55 15.18
CA ASP SA 92 36.69 45.79 15.01
C ASP SA 92 37.34 45.90 13.64
N LEU SA 93 37.30 44.85 12.81
CA LEU SA 93 38.08 44.76 11.60
C LEU SA 93 37.26 44.95 10.33
N PHE SA 94 35.93 44.99 10.42
CA PHE SA 94 35.10 45.06 9.23
C PHE SA 94 35.27 46.40 8.52
N ASN SA 95 34.66 46.48 7.34
CA ASN SA 95 34.52 47.71 6.57
C ASN SA 95 33.20 48.42 6.84
N THR SA 96 32.15 47.68 7.21
CA THR SA 96 30.84 48.26 7.43
C THR SA 96 30.78 49.17 8.65
N ARG SA 97 31.78 49.12 9.52
CA ARG SA 97 31.91 50.07 10.61
C ARG SA 97 32.87 51.18 10.21
N ALA SA 98 32.64 52.36 10.76
CA ALA SA 98 33.56 53.47 10.56
C ALA SA 98 34.88 53.18 11.28
N THR SA 99 35.80 54.14 11.17
CA THR SA 99 37.08 54.03 11.85
C THR SA 99 36.98 54.57 13.27
N LYS SA 100 38.02 54.29 14.07
CA LYS SA 100 38.14 54.93 15.37
C LYS SA 100 38.29 56.43 15.24
N THR SA 101 38.89 56.88 14.15
CA THR SA 101 39.13 58.31 13.93
C THR SA 101 37.81 59.04 13.72
N GLN SA 102 37.03 58.60 12.73
CA GLN SA 102 35.84 59.32 12.33
C GLN SA 102 34.83 59.41 13.47
N PHE SA 103 34.73 58.35 14.27
CA PHE SA 103 33.86 58.38 15.45
C PHE SA 103 34.32 59.47 16.41
N GLU SA 104 35.64 59.64 16.55
CA GLU SA 104 36.17 60.64 17.46
C GLU SA 104 35.83 62.04 16.97
N SER SA 105 36.16 62.33 15.70
CA SER SA 105 35.93 63.68 15.19
C SER SA 105 34.44 64.02 15.16
N TRP SA 106 33.59 63.04 14.90
CA TRP SA 106 32.15 63.26 14.98
C TRP SA 106 31.76 63.71 16.38
N TYR SA 107 32.37 63.10 17.39
CA TYR SA 107 32.05 63.46 18.77
C TYR SA 107 32.62 64.83 19.13
N SER SA 108 33.71 65.24 18.49
CA SER SA 108 34.31 66.54 18.80
C SER SA 108 33.64 67.65 18.01
N ALA SA 109 33.39 67.42 16.72
CA ALA SA 109 32.82 68.46 15.88
C ALA SA 109 31.40 68.80 16.30
N VAL SA 110 30.65 67.83 16.82
CA VAL SA 110 29.28 68.08 17.23
C VAL SA 110 29.25 69.02 18.43
N LYS SA 111 30.21 68.88 19.34
CA LYS SA 111 30.17 69.59 20.61
C LYS SA 111 30.27 71.10 20.41
N VAL SA 112 31.02 71.51 19.38
CA VAL SA 112 31.19 72.94 19.14
C VAL SA 112 29.89 73.55 18.65
N GLU SA 113 29.19 72.86 17.74
CA GLU SA 113 28.02 73.45 17.09
C GLU SA 113 26.80 73.47 17.99
N TYR SA 114 26.77 72.67 19.06
CA TYR SA 114 25.84 72.90 20.16
C TYR SA 114 26.43 73.82 21.21
N ASP SA 115 27.76 73.93 21.28
CA ASP SA 115 28.44 74.87 22.16
C ASP SA 115 28.12 74.57 23.62
N LEU SA 116 28.35 73.32 24.01
CA LEU SA 116 28.14 72.87 25.38
C LEU SA 116 29.45 72.84 26.16
N ASN SA 117 30.44 72.10 25.67
CA ASN SA 117 31.73 71.95 26.35
C ASN SA 117 31.54 71.45 27.78
N ASP SA 118 30.66 70.46 27.94
CA ASP SA 118 30.29 69.96 29.25
C ASP SA 118 29.78 68.54 29.09
N GLU SA 119 29.77 67.81 30.20
CA GLU SA 119 29.39 66.40 30.20
C GLU SA 119 27.90 66.16 30.17
N GLN SA 120 27.10 67.16 29.81
CA GLN SA 120 25.72 66.92 29.41
C GLN SA 120 25.64 66.15 28.09
N MET SA 121 26.75 66.07 27.36
CA MET SA 121 26.78 65.39 26.07
C MET SA 121 26.32 63.94 26.18
N GLY SA 122 26.63 63.29 27.31
CA GLY SA 122 26.19 61.93 27.50
C GLY SA 122 24.68 61.79 27.46
N VAL SA 123 23.96 62.79 27.98
CA VAL SA 123 22.51 62.77 27.93
C VAL SA 123 22.03 62.99 26.50
N ILE SA 124 22.63 63.96 25.81
CA ILE SA 124 22.18 64.30 24.46
C ILE SA 124 22.41 63.13 23.52
N MET SA 125 23.57 62.50 23.62
CA MET SA 125 23.85 61.30 22.83
C MET SA 125 22.80 60.23 23.13
N ASN SA 126 22.51 60.02 24.41
CA ASN SA 126 21.52 59.03 24.80
C ASN SA 126 20.13 59.43 24.31
N GLY SA 127 19.82 60.72 24.37
CA GLY SA 127 18.56 61.20 23.85
C GLY SA 127 18.41 61.04 22.36
N PHE SA 128 19.50 60.79 21.64
CA PHE SA 128 19.43 60.61 20.20
C PHE SA 128 19.12 59.15 19.84
N MET SA 129 19.71 58.20 20.56
CA MET SA 129 19.65 56.81 20.09
C MET SA 129 18.24 56.25 20.20
N VAL SA 130 17.50 56.61 21.25
CA VAL SA 130 16.13 56.12 21.37
C VAL SA 130 15.29 56.65 20.22
N TRP SA 131 15.43 57.94 19.90
CA TRP SA 131 14.74 58.48 18.74
C TRP SA 131 15.27 57.83 17.46
N CYS SA 132 16.55 57.49 17.44
CA CYS SA 132 17.13 56.83 16.28
C CYS SA 132 16.52 55.45 16.06
N ILE SA 133 15.99 54.82 17.11
CA ILE SA 133 15.24 53.59 16.94
C ILE SA 133 13.90 53.89 16.29
N ASP SA 134 13.08 54.66 16.97
CA ASP SA 134 11.65 54.75 16.69
C ASP SA 134 11.34 55.48 15.40
N ASN SA 135 12.33 55.95 14.67
CA ASN SA 135 12.12 56.42 13.32
C ASN SA 135 13.32 56.02 12.48
N GLY SA 136 13.15 56.12 11.17
CA GLY SA 136 14.16 55.65 10.26
C GLY SA 136 15.44 56.44 10.36
N THR SA 137 16.48 55.89 9.75
CA THR SA 137 17.78 56.54 9.63
C THR SA 137 18.14 56.58 8.16
N SER SA 138 18.10 57.76 7.57
CA SER SA 138 18.47 57.96 6.19
C SER SA 138 18.85 59.41 6.01
N PRO SA 139 19.67 59.74 5.01
CA PRO SA 139 20.04 61.15 4.81
C PRO SA 139 18.87 62.06 4.51
N ASP SA 140 17.74 61.52 4.05
CA ASP SA 140 16.58 62.33 3.69
C ASP SA 140 15.65 62.51 4.89
N VAL SA 141 16.21 63.03 5.97
CA VAL SA 141 15.45 63.49 7.12
C VAL SA 141 15.56 65.00 7.19
N ASN SA 142 14.48 65.63 7.62
CA ASN SA 142 14.48 67.05 7.89
C ASN SA 142 13.56 67.31 9.07
N GLY SA 143 13.54 68.55 9.51
CA GLY SA 143 12.75 68.94 10.65
C GLY SA 143 13.58 68.95 11.92
N VAL SA 144 13.10 68.26 12.94
CA VAL SA 144 13.69 68.31 14.27
C VAL SA 144 13.66 66.91 14.87
N TRP SA 145 14.22 66.81 16.08
CA TRP SA 145 14.10 65.62 16.89
C TRP SA 145 13.98 66.04 18.34
N VAL SA 146 13.72 65.09 19.22
CA VAL SA 146 13.28 65.42 20.56
C VAL SA 146 13.53 64.26 21.50
N MET SA 147 13.92 64.60 22.72
CA MET SA 147 13.75 63.78 23.91
C MET SA 147 12.87 64.55 24.89
N MET SA 148 12.32 63.83 25.86
CA MET SA 148 11.40 64.41 26.84
C MET SA 148 11.90 64.16 28.25
N ASP SA 149 11.47 65.05 29.16
CA ASP SA 149 11.74 64.94 30.57
C ASP SA 149 10.50 65.40 31.32
N GLY SA 150 10.00 64.56 32.22
CA GLY SA 150 8.76 64.89 32.88
C GLY SA 150 7.57 64.70 31.96
N GLU SA 151 7.01 65.81 31.47
CA GLU SA 151 5.89 65.76 30.54
C GLU SA 151 6.03 66.67 29.33
N GLU SA 152 7.06 67.52 29.27
CA GLU SA 152 7.20 68.45 28.16
C GLU SA 152 7.97 67.80 27.01
N GLN SA 153 8.24 68.59 25.96
CA GLN SA 153 8.70 68.10 24.67
C GLN SA 153 9.89 68.97 24.20
N VAL SA 154 10.91 69.05 25.04
CA VAL SA 154 12.09 69.86 24.77
C VAL SA 154 12.79 69.36 23.52
N GLU SA 155 12.76 70.16 22.44
CA GLU SA 155 13.23 69.75 21.13
C GLU SA 155 14.62 70.31 20.83
N TYR SA 156 15.13 69.97 19.65
CA TYR SA 156 16.47 70.34 19.23
C TYR SA 156 16.48 70.41 17.72
N PRO SA 157 17.56 70.92 17.12
CA PRO SA 157 17.71 70.85 15.66
C PRO SA 157 18.29 69.50 15.25
N LEU SA 158 18.35 69.31 13.92
CA LEU SA 158 18.57 68.00 13.32
C LEU SA 158 19.71 67.99 12.32
N LYS SA 159 19.98 69.12 11.68
CA LYS SA 159 20.95 69.17 10.59
C LYS SA 159 22.35 68.77 10.99
N PRO SA 160 23.00 69.41 11.97
CA PRO SA 160 24.46 69.25 12.12
C PRO SA 160 24.91 67.85 12.47
N ILE SA 161 24.06 67.02 13.05
CA ILE SA 161 24.43 65.62 13.27
C ILE SA 161 24.65 64.93 11.94
N VAL SA 162 23.77 65.19 10.97
CA VAL SA 162 23.84 64.50 9.69
C VAL SA 162 24.99 65.03 8.87
N GLU SA 163 24.98 66.33 8.57
CA GLU SA 163 25.89 66.88 7.58
C GLU SA 163 27.35 66.80 8.03
N ASN SA 164 27.61 66.86 9.33
CA ASN SA 164 28.95 66.60 9.85
C ASN SA 164 29.10 65.14 10.26
N ALA SA 165 28.71 64.24 9.35
CA ALA SA 165 28.92 62.81 9.47
C ALA SA 165 29.71 62.40 8.26
N LYS SA 166 30.96 61.95 8.46
CA LYS SA 166 31.91 61.94 7.36
C LYS SA 166 31.54 60.89 6.33
N PRO SA 167 31.50 59.59 6.63
CA PRO SA 167 30.67 58.71 5.81
C PRO SA 167 29.22 58.85 6.25
N THR SA 168 28.33 58.01 5.71
CA THR SA 168 26.91 58.16 6.00
C THR SA 168 26.63 57.87 7.47
N LEU SA 169 25.36 58.01 7.85
CA LEU SA 169 24.99 57.97 9.25
C LEU SA 169 25.09 56.57 9.82
N ARG SA 170 24.38 55.62 9.21
CA ARG SA 170 24.38 54.25 9.71
C ARG SA 170 25.78 53.67 9.72
N GLN SA 171 26.60 54.04 8.75
CA GLN SA 171 28.01 53.66 8.69
C GLN SA 171 28.77 54.08 9.95
N ILE SA 172 28.27 55.05 10.69
CA ILE SA 172 28.77 55.37 12.02
C ILE SA 172 28.05 54.56 13.09
N MET SA 173 26.74 54.47 12.99
CA MET SA 173 25.91 54.02 14.11
C MET SA 173 25.85 52.52 14.27
N HIS SA 174 26.66 51.75 13.56
CA HIS SA 174 26.75 50.33 13.88
C HIS SA 174 27.46 50.06 15.19
N HIS SA 175 28.12 51.07 15.77
CA HIS SA 175 28.76 50.87 17.08
C HIS SA 175 27.72 50.50 18.12
N PHE SA 176 26.61 51.22 18.14
CA PHE SA 176 25.53 50.95 19.07
C PHE SA 176 24.81 49.67 18.68
N SER SA 177 25.23 48.55 19.24
CA SER SA 177 24.58 47.26 19.04
C SER SA 177 24.06 46.68 20.34
N ASP SA 178 24.92 46.57 21.35
CA ASP SA 178 24.53 45.97 22.60
C ASP SA 178 23.80 46.94 23.51
N ALA SA 179 24.04 48.23 23.34
CA ALA SA 179 23.38 49.23 24.18
C ALA SA 179 21.87 49.19 23.97
N ALA SA 180 21.43 49.49 22.76
CA ALA SA 180 20.01 49.48 22.47
C ALA SA 180 19.41 48.09 22.66
N GLU SA 181 20.22 47.05 22.46
CA GLU SA 181 19.76 45.68 22.71
C GLU SA 181 19.28 45.52 24.14
N ALA SA 182 20.15 45.81 25.10
CA ALA SA 182 19.78 45.69 26.51
C ALA SA 182 18.65 46.64 26.85
N TYR SA 183 18.59 47.79 26.18
CA TYR SA 183 17.56 48.77 26.46
C TYR SA 183 16.18 48.20 26.18
N ILE SA 184 15.95 47.70 24.98
CA ILE SA 184 14.64 47.16 24.66
C ILE SA 184 14.41 45.84 25.36
N GLU SA 185 15.46 45.18 25.83
CA GLU SA 185 15.29 43.95 26.59
C GLU SA 185 14.53 44.21 27.88
N MET SA 186 15.00 45.18 28.66
CA MET SA 186 14.36 45.43 29.96
C MET SA 186 12.98 46.06 29.78
N ARG SA 187 12.86 47.01 28.86
CA ARG SA 187 11.55 47.60 28.59
C ARG SA 187 10.58 46.56 28.07
N ASN SA 188 11.07 45.51 27.41
CA ASN SA 188 10.22 44.39 27.04
C ASN SA 188 9.94 43.51 28.25
N SER SA 189 10.86 43.49 29.22
CA SER SA 189 10.65 42.69 30.43
C SER SA 189 9.46 43.22 31.21
N GLU SA 190 9.43 44.52 31.49
CA GLU SA 190 8.29 45.10 32.17
C GLU SA 190 7.05 44.96 31.30
N SER SA 191 7.02 45.69 30.20
CA SER SA 191 5.83 45.89 29.39
C SER SA 191 6.09 45.42 27.96
N PRO SA 192 5.03 45.18 27.18
CA PRO SA 192 5.22 44.64 25.83
C PRO SA 192 5.66 45.68 24.81
N TYR SA 193 6.95 45.88 24.69
CA TYR SA 193 7.53 46.91 23.84
C TYR SA 193 7.82 46.39 22.44
N MET SA 194 7.71 47.29 21.46
CA MET SA 194 8.14 47.01 20.10
C MET SA 194 8.45 48.35 19.44
N PRO SA 195 9.52 48.47 18.66
CA PRO SA 195 9.77 49.73 17.95
C PRO SA 195 8.78 50.03 16.84
N ARG SA 196 9.06 51.09 16.10
CA ARG SA 196 8.30 51.43 14.91
C ARG SA 196 8.82 50.71 13.67
N TYR SA 197 10.13 50.50 13.59
CA TYR SA 197 10.73 49.78 12.47
C TYR SA 197 10.18 48.37 12.32
N GLY SA 198 9.63 47.80 13.39
CA GLY SA 198 9.02 46.49 13.32
C GLY SA 198 7.54 46.58 13.05
N LEU SA 199 6.85 47.46 13.78
CA LEU SA 199 5.41 47.60 13.60
C LEU SA 199 5.06 48.09 12.20
N LEU SA 200 5.98 48.79 11.55
CA LEU SA 200 5.76 49.15 10.16
C LEU SA 200 5.86 47.95 9.24
N ARG SA 201 6.43 46.84 9.72
CA ARG SA 201 6.60 45.63 8.91
C ARG SA 201 5.95 44.41 9.55
N ASN SA 202 5.21 44.59 10.64
CA ASN SA 202 4.18 43.66 11.09
C ASN SA 202 4.74 42.27 11.39
N LEU SA 203 5.58 42.22 12.41
CA LEU SA 203 5.98 40.95 12.98
C LEU SA 203 4.88 40.43 13.89
N ARG SA 204 4.73 39.10 13.90
CA ARG SA 204 3.81 38.42 14.80
C ARG SA 204 4.50 37.94 16.07
N ASP SA 205 5.77 37.58 15.98
CA ASP SA 205 6.42 37.06 17.18
C ASP SA 205 6.92 38.20 18.02
N ARG SA 206 6.28 38.36 19.17
CA ARG SA 206 6.67 39.37 20.14
C ARG SA 206 8.11 39.18 20.62
N GLU SA 207 8.67 38.00 20.44
CA GLU SA 207 9.95 37.66 21.05
C GLU SA 207 11.13 38.27 20.30
N LEU SA 208 11.01 38.49 18.99
CA LEU SA 208 12.11 38.96 18.18
C LEU SA 208 12.16 40.49 18.06
N ALA SA 209 11.70 41.20 19.08
CA ALA SA 209 11.94 42.64 19.11
C ALA SA 209 13.43 42.95 19.27
N ARG SA 210 14.18 42.00 19.83
CA ARG SA 210 15.62 42.17 20.02
C ARG SA 210 16.35 42.50 18.73
N TYR SA 211 15.83 42.07 17.59
CA TYR SA 211 16.52 42.15 16.32
C TYR SA 211 15.78 43.04 15.33
N ALA SA 212 15.29 44.20 15.82
CA ALA SA 212 14.56 45.16 15.01
C ALA SA 212 15.20 46.52 15.15
N PHE SA 213 16.05 46.86 14.19
CA PHE SA 213 16.68 48.18 14.11
C PHE SA 213 16.94 48.50 12.65
N ASP SA 214 17.16 49.78 12.38
CA ASP SA 214 17.94 50.14 11.20
C ASP SA 214 19.39 49.70 11.39
N PHE SA 215 19.99 50.12 12.49
CA PHE SA 215 21.38 49.81 12.79
C PHE SA 215 21.43 48.57 13.68
N TYR SA 216 22.02 47.50 13.15
CA TYR SA 216 22.30 46.31 13.93
C TYR SA 216 23.36 45.53 13.20
N GLU SA 217 24.42 45.20 13.93
CA GLU SA 217 25.64 44.65 13.33
C GLU SA 217 25.68 43.16 13.56
N VAL SA 218 25.60 42.40 12.48
CA VAL SA 218 25.69 40.96 12.55
C VAL SA 218 27.05 40.57 13.11
N THR SA 219 27.09 39.45 13.82
CA THR SA 219 28.32 38.86 14.29
C THR SA 219 28.23 37.35 14.08
N SER SA 220 29.27 36.65 14.49
CA SER SA 220 29.23 35.20 14.52
C SER SA 220 28.53 34.65 15.75
N LYS SA 221 27.94 35.52 16.59
CA LYS SA 221 27.32 35.09 17.83
C LYS SA 221 25.84 34.84 17.72
N THR SA 222 25.17 35.40 16.71
CA THR SA 222 23.72 35.34 16.67
C THR SA 222 23.25 33.90 16.45
N PRO SA 223 22.01 33.60 16.82
CA PRO SA 223 21.43 32.31 16.46
C PRO SA 223 20.97 32.29 15.01
N ASN SA 224 20.60 31.10 14.57
CA ASN SA 224 20.23 30.85 13.19
C ASN SA 224 18.77 31.15 12.89
N ARG SA 225 18.06 31.81 13.80
CA ARG SA 225 16.65 32.12 13.61
C ARG SA 225 16.45 33.57 13.18
N ALA SA 226 16.96 34.52 13.97
CA ALA SA 226 16.80 35.92 13.62
C ALA SA 226 17.59 36.29 12.38
N ARG SA 227 18.62 35.52 12.07
CA ARG SA 227 19.43 35.79 10.88
C ARG SA 227 18.59 35.70 9.61
N GLU SA 228 17.54 34.88 9.61
CA GLU SA 228 16.64 34.82 8.48
C GLU SA 228 15.72 36.04 8.45
N ALA SA 229 15.13 36.38 9.59
CA ALA SA 229 14.11 37.43 9.62
C ALA SA 229 14.68 38.78 9.21
N ILE SA 230 15.93 39.06 9.59
CA ILE SA 230 16.54 40.33 9.23
C ILE SA 230 16.60 40.47 7.72
N ALA SA 231 17.10 39.43 7.04
CA ALA SA 231 17.27 39.52 5.60
C ALA SA 231 15.94 39.65 4.90
N GLN SA 232 14.88 39.07 5.47
CA GLN SA 232 13.55 39.25 4.89
C GLN SA 232 13.12 40.71 4.98
N MET SA 233 13.45 41.39 6.08
CA MET SA 233 13.11 42.80 6.21
C MET SA 233 13.84 43.62 5.16
N LYS SA 234 15.16 43.43 5.08
CA LYS SA 234 15.98 44.23 4.17
C LYS SA 234 15.53 44.06 2.73
N ALA SA 235 15.07 42.87 2.37
CA ALA SA 235 14.63 42.63 1.00
C ALA SA 235 13.21 43.12 0.78
N ALA SA 236 12.38 43.10 1.84
CA ALA SA 236 11.00 43.54 1.68
C ALA SA 236 10.92 45.04 1.53
N ALA SA 237 11.83 45.77 2.16
CA ALA SA 237 11.79 47.22 2.18
C ALA SA 237 12.55 47.85 1.03
N LEU SA 238 12.99 47.07 0.05
CA LEU SA 238 13.69 47.59 -1.12
C LEU SA 238 13.21 46.86 -2.36
N ALA SA 239 12.42 47.55 -3.17
CA ALA SA 239 11.92 46.98 -4.41
C ALA SA 239 11.39 48.12 -5.26
N GLY SA 240 11.74 48.10 -6.54
CA GLY SA 240 11.38 49.16 -7.46
C GLY SA 240 12.36 50.31 -7.49
N ILE SA 241 13.19 50.46 -6.47
CA ILE SA 241 14.19 51.54 -6.46
C ILE SA 241 15.19 51.24 -7.56
N ASN SA 242 15.20 52.08 -8.58
CA ASN SA 242 16.13 51.97 -9.70
C ASN SA 242 17.28 52.94 -9.45
N SER SA 243 18.50 52.39 -9.38
CA SER SA 243 19.65 53.15 -8.90
C SER SA 243 19.95 54.36 -9.79
N ARG SA 244 20.33 54.12 -11.04
CA ARG SA 244 20.50 55.19 -12.02
C ARG SA 244 21.54 56.21 -11.55
N LEU SA 245 22.80 55.77 -11.54
CA LEU SA 245 23.87 56.51 -10.87
C LEU SA 245 24.02 57.95 -11.34
N PHE SA 246 23.54 58.27 -12.53
CA PHE SA 246 23.53 59.65 -13.01
C PHE SA 246 22.27 60.36 -12.54
N GLY SA 247 22.40 61.66 -12.34
CA GLY SA 247 21.30 62.51 -11.97
C GLY SA 247 20.80 63.27 -13.18
N LEU SA 248 21.22 64.52 -13.32
CA LEU SA 248 21.02 65.26 -14.55
C LEU SA 248 22.26 66.10 -14.84
N ASP SA 249 22.53 66.28 -16.13
CA ASP SA 249 23.63 67.12 -16.57
C ASP SA 249 23.25 68.59 -16.51
N GLY SA 250 24.22 69.43 -16.21
CA GLY SA 250 23.97 70.86 -16.18
C GLY SA 250 24.08 71.53 -17.53
N ASN SA 251 24.92 70.99 -18.42
CA ASN SA 251 25.11 71.59 -19.73
C ASN SA 251 23.87 71.40 -20.57
N ILE SA 252 23.23 72.51 -20.91
CA ILE SA 252 22.14 72.55 -21.86
C ILE SA 252 22.63 73.22 -23.12
N SER SA 253 22.16 72.74 -24.27
CA SER SA 253 22.28 73.48 -25.53
C SER SA 253 21.03 73.15 -26.33
N THR SA 254 19.98 73.94 -26.13
CA THR SA 254 18.79 73.81 -26.94
C THR SA 254 18.97 74.47 -28.31
N ASN SA 255 19.81 75.50 -28.37
CA ASN SA 255 20.09 76.20 -29.62
C ASN SA 255 21.48 76.80 -29.50
N SER SA 256 22.31 76.58 -30.52
CA SER SA 256 23.68 77.05 -30.50
C SER SA 256 23.74 78.58 -30.42
N GLU SA 257 24.90 79.08 -30.04
CA GLU SA 257 25.09 80.51 -29.88
C GLU SA 257 25.15 81.19 -31.24
N ASN SA 258 24.53 82.36 -31.34
CA ASN SA 258 24.27 82.99 -32.64
C ASN SA 258 25.53 83.62 -33.22
N THR SA 259 26.09 84.61 -32.54
CA THR SA 259 27.27 85.35 -32.99
C THR SA 259 27.03 85.99 -34.36
N GLU SA 260 26.07 86.90 -34.39
CA GLU SA 260 25.83 87.75 -35.56
C GLU SA 260 25.39 89.12 -35.11
N ARG SA 261 25.32 90.05 -36.05
CA ARG SA 261 25.19 91.47 -35.78
C ARG SA 261 23.83 92.00 -36.26
N HIS SA 262 23.65 93.31 -36.09
CA HIS SA 262 22.51 94.03 -36.63
C HIS SA 262 22.96 95.43 -37.02
N THR SA 263 22.38 95.95 -38.09
CA THR SA 263 22.58 97.33 -38.50
C THR SA 263 21.23 97.90 -38.93
N ALA SA 264 21.23 99.17 -39.30
CA ALA SA 264 20.03 99.83 -39.77
C ALA SA 264 19.70 99.42 -41.20
N PRO UA 58 22.13 37.20 46.64
CA PRO UA 58 22.90 38.28 46.02
C PRO UA 58 22.17 38.90 44.83
N ARG UA 59 22.31 40.21 44.67
CA ARG UA 59 21.56 40.97 43.68
C ARG UA 59 22.47 41.97 42.98
N LEU UA 60 22.05 42.40 41.80
CA LEU UA 60 22.76 43.39 41.02
C LEU UA 60 21.79 44.03 40.04
N GLN UA 61 22.33 44.92 39.21
CA GLN UA 61 21.55 45.68 38.25
C GLN UA 61 21.83 45.20 36.82
N LYS UA 62 20.89 45.51 35.93
CA LYS UA 62 20.91 44.95 34.59
C LYS UA 62 22.17 45.37 33.83
N ILE UA 63 22.34 46.67 33.57
CA ILE UA 63 23.56 47.16 32.95
C ILE UA 63 24.69 47.10 33.97
N THR UA 64 25.91 46.89 33.47
CA THR UA 64 27.11 46.95 34.28
C THR UA 64 28.17 47.75 33.53
N LYS UA 65 29.03 48.42 34.30
CA LYS UA 65 30.10 49.21 33.70
C LYS UA 65 31.02 48.38 32.84
N LYS UA 66 31.17 47.10 33.17
CA LYS UA 66 32.08 46.23 32.44
C LYS UA 66 31.51 45.75 31.11
N MET UA 67 30.27 46.10 30.79
CA MET UA 67 29.75 45.83 29.45
C MET UA 67 30.56 46.58 28.41
N ASN UA 68 30.63 46.03 27.21
CA ASN UA 68 31.33 46.71 26.13
C ASN UA 68 30.54 47.93 25.68
N LEU UA 69 31.24 49.04 25.48
CA LEU UA 69 30.62 50.35 25.35
C LEU UA 69 31.54 51.22 24.51
N PRO UA 70 31.10 52.43 24.15
CA PRO UA 70 31.97 53.33 23.37
C PRO UA 70 33.20 53.80 24.14
N THR UA 71 34.28 54.04 23.40
CA THR UA 71 35.60 54.29 23.96
C THR UA 71 36.34 55.42 23.22
N VAL UA 72 35.72 56.60 23.12
CA VAL UA 72 36.41 57.77 22.55
C VAL UA 72 37.74 57.98 23.25
N GLY UA 73 37.69 58.26 24.54
CA GLY UA 73 38.88 58.29 25.36
C GLY UA 73 39.11 56.94 26.00
N GLY UA 74 40.38 56.65 26.30
CA GLY UA 74 40.70 55.42 27.00
C GLY UA 74 40.02 55.32 28.35
N LYS UA 75 39.74 56.47 28.98
CA LYS UA 75 39.11 56.51 30.29
C LYS UA 75 37.61 56.80 30.19
N ILE UA 76 37.25 57.94 29.61
CA ILE UA 76 35.90 58.47 29.78
C ILE UA 76 34.93 57.70 28.89
N ILE UA 77 33.76 57.43 29.45
CA ILE UA 77 32.66 56.75 28.76
C ILE UA 77 31.59 57.79 28.46
N LEU UA 78 30.87 57.56 27.37
CA LEU UA 78 29.92 58.54 26.87
C LEU UA 78 28.53 58.31 27.41
N SER UA 79 28.02 57.08 27.30
CA SER UA 79 26.71 56.74 27.83
C SER UA 79 26.77 56.62 29.35
N LEU UA 80 26.44 57.69 30.06
CA LEU UA 80 26.46 57.66 31.51
C LEU UA 80 25.40 56.70 32.05
N ASP UA 81 25.81 55.82 32.96
CA ASP UA 81 24.93 54.78 33.48
C ASP UA 81 23.98 55.39 34.51
N HIS UA 82 22.98 56.10 34.00
CA HIS UA 82 21.84 56.55 34.79
C HIS UA 82 20.54 56.23 34.05
N LEU UA 83 20.56 55.18 33.23
CA LEU UA 83 19.44 54.81 32.39
C LEU UA 83 18.45 53.92 33.11
N LEU UA 84 18.81 53.42 34.29
CA LEU UA 84 17.93 52.52 35.03
C LEU UA 84 16.61 53.17 35.39
N GLU UA 85 16.57 54.51 35.48
CA GLU UA 85 15.34 55.26 35.59
C GLU UA 85 15.33 56.26 34.44
N TYR UA 86 14.95 55.76 33.27
CA TYR UA 86 14.63 56.60 32.11
C TYR UA 86 13.57 55.84 31.31
N LYS UA 87 12.31 56.13 31.61
CA LYS UA 87 11.18 55.36 31.09
C LYS UA 87 10.10 56.32 30.60
N PRO UA 88 10.40 57.06 29.53
CA PRO UA 88 9.36 57.90 28.93
C PRO UA 88 8.31 57.05 28.25
N ASN UA 89 7.07 57.54 28.29
CA ASN UA 89 6.01 56.90 27.54
C ASN UA 89 6.37 56.92 26.06
N GLN UA 90 6.27 55.75 25.44
CA GLN UA 90 6.89 55.55 24.12
C GLN UA 90 6.26 56.46 23.08
N VAL UA 91 4.93 56.54 23.07
CA VAL UA 91 4.22 57.16 21.99
C VAL UA 91 4.50 58.66 21.90
N ASP UA 92 4.96 59.27 23.00
CA ASP UA 92 5.23 60.70 23.00
C ASP UA 92 6.48 61.07 22.19
N LEU UA 93 7.23 60.10 21.70
CA LEU UA 93 8.54 60.31 21.13
C LEU UA 93 8.59 60.21 19.61
N PHE UA 94 7.52 59.75 18.97
CA PHE UA 94 7.53 59.53 17.54
C PHE UA 94 7.64 60.85 16.77
N ASN UA 95 7.82 60.71 15.46
CA ASN UA 95 7.77 61.81 14.52
C ASN UA 95 6.40 61.98 13.89
N THR UA 96 5.62 60.91 13.79
CA THR UA 96 4.31 60.95 13.16
C THR UA 96 3.29 61.75 13.95
N ARG UA 97 3.57 62.07 15.20
CA ARG UA 97 2.74 62.98 15.98
C ARG UA 97 3.36 64.37 15.94
N ALA UA 98 2.51 65.37 16.04
CA ALA UA 98 2.97 66.74 16.15
C ALA UA 98 3.66 66.96 17.50
N THR UA 99 4.12 68.18 17.71
CA THR UA 99 4.74 68.55 18.97
C THR UA 99 3.68 68.99 19.99
N LYS UA 100 4.12 69.10 21.24
CA LYS UA 100 3.26 69.72 22.26
C LYS UA 100 2.98 71.17 21.93
N THR UA 101 3.93 71.83 21.26
CA THR UA 101 3.78 73.25 20.93
C THR UA 101 2.68 73.44 19.90
N GLN UA 102 2.77 72.76 18.77
CA GLN UA 102 1.86 73.00 17.66
C GLN UA 102 0.42 72.68 18.04
N PHE UA 103 0.22 71.65 18.86
CA PHE UA 103 -1.12 71.35 19.35
C PHE UA 103 -1.65 72.50 20.18
N GLU UA 104 -0.78 73.14 20.96
CA GLU UA 104 -1.21 74.26 21.79
C GLU UA 104 -1.63 75.45 20.93
N SER UA 105 -0.76 75.86 20.00
CA SER UA 105 -1.06 77.03 19.18
C SER UA 105 -2.28 76.80 18.32
N TRP UA 106 -2.47 75.58 17.84
CA TRP UA 106 -3.68 75.25 17.09
C TRP UA 106 -4.92 75.50 17.94
N TYR UA 107 -4.85 75.14 19.23
CA TYR UA 107 -5.98 75.34 20.12
C TYR UA 107 -6.18 76.81 20.45
N SER UA 108 -5.11 77.60 20.43
CA SER UA 108 -5.24 79.02 20.74
C SER UA 108 -5.64 79.82 19.50
N ALA UA 109 -5.03 79.54 18.36
CA ALA UA 109 -5.32 80.30 17.15
C ALA UA 109 -6.74 80.09 16.68
N VAL UA 110 -7.30 78.90 16.90
CA VAL UA 110 -8.66 78.62 16.46
C VAL UA 110 -9.66 79.46 17.24
N LYS UA 111 -9.40 79.66 18.54
CA LYS UA 111 -10.38 80.29 19.41
C LYS UA 111 -10.64 81.74 19.00
N VAL UA 112 -9.63 82.42 18.48
CA VAL UA 112 -9.80 83.81 18.08
C VAL UA 112 -10.71 83.90 16.86
N GLU UA 113 -10.51 83.02 15.88
CA GLU UA 113 -11.21 83.14 14.62
C GLU UA 113 -12.67 82.70 14.70
N TYR UA 114 -13.04 81.92 15.72
CA TYR UA 114 -14.44 81.78 16.07
C TYR UA 114 -14.89 82.82 17.08
N ASP UA 115 -13.94 83.42 17.82
CA ASP UA 115 -14.23 84.53 18.72
C ASP UA 115 -15.20 84.12 19.82
N LEU UA 116 -14.86 83.02 20.50
CA LEU UA 116 -15.66 82.51 21.61
C LEU UA 116 -15.10 82.96 22.96
N ASN UA 117 -13.83 82.65 23.23
CA ASN UA 117 -13.19 82.98 24.50
C ASN UA 117 -13.99 82.41 25.67
N ASP UA 118 -14.44 81.17 25.53
CA ASP UA 118 -15.30 80.55 26.52
C ASP UA 118 -15.16 79.04 26.39
N GLU UA 119 -15.57 78.34 27.44
CA GLU UA 119 -15.40 76.90 27.52
C GLU UA 119 -16.46 76.12 26.76
N GLN UA 120 -17.18 76.75 25.83
CA GLN UA 120 -17.92 76.02 24.81
C GLN UA 120 -16.99 75.30 23.84
N MET UA 121 -15.70 75.65 23.84
CA MET UA 121 -14.73 75.05 22.94
C MET UA 121 -14.70 73.54 23.08
N GLY UA 122 -14.89 73.03 24.30
CA GLY UA 122 -14.92 71.60 24.49
C GLY UA 122 -16.00 70.91 23.68
N VAL UA 123 -17.15 71.57 23.52
CA VAL UA 123 -18.22 71.01 22.71
C VAL UA 123 -17.84 71.06 21.24
N ILE UA 124 -17.30 72.19 20.79
CA ILE UA 124 -16.98 72.36 19.38
C ILE UA 124 -15.91 71.37 18.95
N MET UA 125 -14.88 71.23 19.78
CA MET UA 125 -13.86 70.22 19.52
C MET UA 125 -14.48 68.84 19.41
N ASN UA 126 -15.36 68.51 20.36
CA ASN UA 126 -16.02 67.22 20.34
C ASN UA 126 -16.92 67.08 19.12
N GLY UA 127 -17.60 68.16 18.76
CA GLY UA 127 -18.42 68.15 17.55
C GLY UA 127 -17.63 67.98 16.28
N PHE UA 128 -16.32 68.15 16.32
CA PHE UA 128 -15.50 67.98 15.14
C PHE UA 128 -15.07 66.53 14.96
N MET UA 129 -14.73 65.84 16.06
CA MET UA 129 -14.08 64.55 15.92
C MET UA 129 -15.04 63.50 15.37
N VAL UA 130 -16.30 63.53 15.76
CA VAL UA 130 -17.26 62.58 15.23
C VAL UA 130 -17.41 62.77 13.73
N TRP UA 131 -17.54 64.02 13.29
CA TRP UA 131 -17.56 64.29 11.86
C TRP UA 131 -16.24 63.91 11.22
N CYS UA 132 -15.14 64.06 11.95
CA CYS UA 132 -13.84 63.68 11.43
C CYS UA 132 -13.74 62.18 11.21
N ILE UA 133 -14.54 61.39 11.91
CA ILE UA 133 -14.64 59.96 11.62
C ILE UA 133 -15.37 59.75 10.31
N ASP UA 134 -16.63 60.16 10.28
CA ASP UA 134 -17.58 59.73 9.27
C ASP UA 134 -17.32 60.30 7.90
N ASN UA 135 -16.29 61.12 7.73
CA ASN UA 135 -15.83 61.49 6.41
C ASN UA 135 -14.32 61.59 6.44
N GLY UA 136 -13.74 61.64 5.26
CA GLY UA 136 -12.30 61.59 5.14
C GLY UA 136 -11.63 62.80 5.74
N THR UA 137 -10.33 62.68 5.90
CA THR UA 137 -9.47 63.76 6.37
C THR UA 137 -8.37 63.96 5.35
N SER UA 138 -8.45 65.05 4.60
CA SER UA 138 -7.43 65.39 3.62
C SER UA 138 -7.50 66.89 3.39
N PRO UA 139 -6.41 67.51 2.94
CA PRO UA 139 -6.46 68.96 2.70
C PRO UA 139 -7.47 69.37 1.64
N ASP UA 140 -7.89 68.46 0.77
CA ASP UA 140 -8.82 68.79 -0.31
C ASP UA 140 -10.27 68.60 0.14
N VAL UA 141 -10.61 69.28 1.24
CA VAL UA 141 -12.00 69.40 1.68
C VAL UA 141 -12.42 70.84 1.50
N ASN UA 142 -13.69 71.02 1.15
CA ASN UA 142 -14.30 72.34 1.09
C ASN UA 142 -15.74 72.21 1.53
N GLY UA 143 -16.39 73.35 1.63
CA GLY UA 143 -17.77 73.41 2.07
C GLY UA 143 -17.85 73.69 3.55
N VAL UA 144 -18.58 72.86 4.28
CA VAL UA 144 -18.90 73.10 5.68
C VAL UA 144 -18.83 71.78 6.44
N TRP UA 145 -19.06 71.88 7.74
CA TRP UA 145 -19.24 70.71 8.58
C TRP UA 145 -20.29 71.05 9.63
N VAL UA 146 -20.68 70.03 10.40
CA VAL UA 146 -21.89 70.16 11.20
C VAL UA 146 -21.87 69.17 12.35
N MET UA 147 -22.37 69.60 13.49
CA MET UA 147 -22.92 68.76 14.53
C MET UA 147 -24.38 69.13 14.72
N MET UA 148 -25.14 68.25 15.37
CA MET UA 148 -26.56 68.44 15.57
C MET UA 148 -26.92 68.36 17.05
N ASP UA 149 -28.03 69.01 17.38
CA ASP UA 149 -28.60 68.99 18.72
C ASP UA 149 -30.12 68.94 18.58
N GLY UA 150 -30.75 67.97 19.22
CA GLY UA 150 -32.17 67.80 19.04
C GLY UA 150 -32.47 67.21 17.69
N GLU UA 151 -32.98 68.02 16.76
CA GLU UA 151 -33.29 67.58 15.40
C GLU UA 151 -32.77 68.51 14.31
N GLU UA 152 -32.23 69.67 14.64
CA GLU UA 152 -31.78 70.61 13.62
C GLU UA 152 -30.33 70.31 13.21
N GLN UA 153 -29.79 71.16 12.33
CA GLN UA 153 -28.55 70.90 11.61
C GLN UA 153 -27.65 72.14 11.69
N VAL UA 154 -27.38 72.60 12.91
CA VAL UA 154 -26.58 73.78 13.15
C VAL UA 154 -25.17 73.59 12.59
N GLU UA 155 -24.84 74.34 11.54
CA GLU UA 155 -23.61 74.16 10.79
C GLU UA 155 -22.56 75.20 11.18
N TYR UA 156 -21.40 75.09 10.54
CA TYR UA 156 -20.24 75.94 10.84
C TYR UA 156 -19.40 76.03 9.58
N PRO UA 157 -18.40 76.91 9.56
CA PRO UA 157 -17.44 76.92 8.46
C PRO UA 157 -16.34 75.90 8.69
N LEU UA 158 -15.48 75.77 7.68
CA LEU UA 158 -14.56 74.65 7.56
C LEU UA 158 -13.12 75.06 7.34
N LYS UA 159 -12.90 76.23 6.73
CA LYS UA 159 -11.56 76.65 6.34
C LYS UA 159 -10.60 76.80 7.50
N PRO UA 160 -10.86 77.62 8.53
CA PRO UA 160 -9.79 78.00 9.45
C PRO UA 160 -9.20 76.87 10.25
N ILE UA 161 -9.92 75.77 10.45
CA ILE UA 161 -9.33 74.60 11.11
C ILE UA 161 -8.18 74.07 10.26
N VAL UA 162 -8.39 74.00 8.95
CA VAL UA 162 -7.39 73.40 8.07
C VAL UA 162 -6.21 74.34 7.90
N GLU UA 163 -6.46 75.54 7.39
CA GLU UA 163 -5.37 76.40 6.95
C GLU UA 163 -4.50 76.86 8.11
N ASN UA 164 -5.06 76.99 9.32
CA ASN UA 164 -4.26 77.23 10.51
C ASN UA 164 -3.90 75.93 11.21
N ALA UA 165 -3.41 74.97 10.43
CA ALA UA 165 -2.87 73.72 10.92
C ALA UA 165 -1.44 73.65 10.43
N LYS UA 166 -0.48 73.69 11.36
CA LYS UA 166 0.88 74.05 10.96
C LYS UA 166 1.53 72.96 10.12
N PRO UA 167 1.72 71.73 10.61
CA PRO UA 167 1.82 70.61 9.67
C PRO UA 167 0.43 70.20 9.22
N THR UA 168 0.32 69.10 8.48
CA THR UA 168 -0.97 68.70 7.93
C THR UA 168 -1.94 68.32 9.04
N LEU UA 169 -3.16 67.96 8.64
CA LEU UA 169 -4.23 67.77 9.61
C LEU UA 169 -4.03 66.49 10.40
N ARG UA 170 -3.92 65.36 9.72
CA ARG UA 170 -3.78 64.08 10.41
C ARG UA 170 -2.54 64.06 11.28
N GLN UA 171 -1.47 64.73 10.83
CA GLN UA 171 -0.26 64.89 11.61
C GLN UA 171 -0.52 65.54 12.97
N ILE UA 172 -1.63 66.25 13.12
CA ILE UA 172 -2.10 66.71 14.43
C ILE UA 172 -3.00 65.67 15.08
N MET UA 173 -3.92 65.10 14.31
CA MET UA 173 -5.04 64.37 14.88
C MET UA 173 -4.71 62.95 15.28
N HIS UA 174 -3.44 62.54 15.28
CA HIS UA 174 -3.11 61.25 15.86
C HIS UA 174 -3.24 61.25 17.38
N HIS UA 175 -3.38 62.41 18.02
CA HIS UA 175 -3.58 62.45 19.46
C HIS UA 175 -4.84 61.70 19.85
N PHE UA 176 -5.92 61.96 19.12
CA PHE UA 176 -7.17 61.29 19.37
C PHE UA 176 -7.11 59.84 18.91
N SER UA 177 -6.75 58.95 19.83
CA SER UA 177 -6.74 57.52 19.56
C SER UA 177 -7.69 56.76 20.47
N ASP UA 178 -7.57 56.97 21.79
CA ASP UA 178 -8.39 56.23 22.73
C ASP UA 178 -9.77 56.86 22.89
N ALA UA 179 -9.90 58.15 22.63
CA ALA UA 179 -11.18 58.82 22.77
C ALA UA 179 -12.20 58.22 21.81
N ALA UA 180 -11.95 58.36 20.51
CA ALA UA 180 -12.86 57.82 19.52
C ALA UA 180 -12.99 56.31 19.64
N GLU UA 181 -11.93 55.64 20.11
CA GLU UA 181 -11.99 54.21 20.33
C GLU UA 181 -13.12 53.85 21.29
N ALA UA 182 -13.09 54.43 22.49
CA ALA UA 182 -14.13 54.15 23.47
C ALA UA 182 -15.49 54.61 22.96
N TYR UA 183 -15.51 55.67 22.15
CA TYR UA 183 -16.76 56.19 21.64
C TYR UA 183 -17.48 55.15 20.79
N ILE UA 184 -16.81 54.62 19.77
CA ILE UA 184 -17.46 53.64 18.92
C ILE UA 184 -17.63 52.32 19.64
N GLU UA 185 -16.88 52.10 20.72
CA GLU UA 185 -17.05 50.88 21.49
C GLU UA 185 -18.45 50.82 22.10
N MET UA 186 -18.85 51.88 22.79
CA MET UA 186 -20.14 51.85 23.48
C MET UA 186 -21.28 51.93 22.48
N ARG UA 187 -21.16 52.77 21.45
CA ARG UA 187 -22.18 52.85 20.43
C ARG UA 187 -22.30 51.53 19.69
N ASN UA 188 -21.22 50.75 19.61
CA ASN UA 188 -21.31 49.40 19.08
C ASN UA 188 -21.93 48.46 20.10
N SER UA 189 -21.78 48.76 21.38
CA SER UA 189 -22.37 47.93 22.43
C SER UA 189 -23.89 47.97 22.33
N GLU UA 190 -24.47 49.16 22.29
CA GLU UA 190 -25.91 49.26 22.12
C GLU UA 190 -26.32 48.70 20.77
N SER UA 191 -25.94 49.37 19.71
CA SER UA 191 -26.45 49.13 18.37
C SER UA 191 -25.31 48.81 17.42
N PRO UA 192 -25.59 48.20 16.26
CA PRO UA 192 -24.49 47.79 15.36
C PRO UA 192 -23.92 48.94 14.55
N TYR UA 193 -22.93 49.62 15.11
CA TYR UA 193 -22.33 50.79 14.50
C TYR UA 193 -21.15 50.44 13.62
N MET UA 194 -20.96 51.25 12.57
CA MET UA 194 -19.77 51.18 11.74
C MET UA 194 -19.58 52.54 11.09
N PRO UA 195 -18.35 53.06 10.99
CA PRO UA 195 -18.15 54.33 10.30
C PRO UA 195 -18.37 54.27 8.79
N ARG UA 196 -18.07 55.37 8.13
CA ARG UA 196 -18.08 55.42 6.67
C ARG UA 196 -16.76 54.97 6.07
N TYR UA 197 -15.64 55.26 6.75
CA TYR UA 197 -14.33 54.83 6.28
C TYR UA 197 -14.22 53.32 6.14
N GLY UA 198 -15.06 52.57 6.85
CA GLY UA 198 -15.09 51.13 6.74
C GLY UA 198 -16.09 50.66 5.70
N LEU UA 199 -17.30 51.21 5.76
CA LEU UA 199 -18.34 50.82 4.82
C LEU UA 199 -17.96 51.16 3.38
N LEU UA 200 -17.12 52.16 3.19
CA LEU UA 200 -16.60 52.44 1.87
C LEU UA 200 -15.63 51.37 1.40
N ARG UA 201 -15.11 50.55 2.32
CA ARG UA 201 -14.15 49.50 1.98
C ARG UA 201 -14.62 48.12 2.41
N ASN UA 202 -15.86 47.99 2.87
CA ASN UA 202 -16.62 46.74 2.88
C ASN UA 202 -15.91 45.65 3.70
N LEU UA 203 -15.85 45.91 5.00
CA LEU UA 203 -15.47 44.86 5.93
C LEU UA 203 -16.66 43.95 6.20
N ARG UA 204 -16.37 42.67 6.38
CA ARG UA 204 -17.36 41.68 6.77
C ARG UA 204 -17.41 41.47 8.27
N ASP UA 205 -16.28 41.61 8.95
CA ASP UA 205 -16.30 41.34 10.39
C ASP UA 205 -16.75 42.58 11.12
N ARG UA 206 -17.94 42.47 11.70
CA ARG UA 206 -18.52 43.53 12.51
C ARG UA 206 -17.64 43.89 13.70
N GLU UA 207 -16.73 42.99 14.09
CA GLU UA 207 -16.00 43.14 15.33
C GLU UA 207 -14.87 44.16 15.23
N LEU UA 208 -14.29 44.34 14.04
CA LEU UA 208 -13.13 45.21 13.86
C LEU UA 208 -13.50 46.63 13.50
N ALA UA 209 -14.66 47.12 13.94
CA ALA UA 209 -14.95 48.53 13.81
C ALA UA 209 -14.01 49.37 14.68
N ARG UA 210 -13.45 48.76 15.72
CA ARG UA 210 -12.52 49.45 16.61
C ARG UA 210 -11.32 50.05 15.89
N TYR UA 211 -10.94 49.47 14.74
CA TYR UA 211 -9.72 49.83 14.05
C TYR UA 211 -10.01 50.40 12.67
N ALA UA 212 -11.01 51.28 12.58
CA ALA UA 212 -11.41 51.91 11.33
C ALA UA 212 -11.43 53.42 11.52
N PHE UA 213 -10.34 54.07 11.12
CA PHE UA 213 -10.24 55.51 11.12
C PHE UA 213 -9.31 55.93 10.00
N ASP UA 214 -9.39 57.21 9.64
CA ASP UA 214 -8.23 57.85 9.02
C ASP UA 214 -7.10 57.98 10.03
N PHE UA 215 -7.40 58.57 11.17
CA PHE UA 215 -6.42 58.80 12.22
C PHE UA 215 -6.49 57.65 13.22
N TYR UA 216 -5.41 56.88 13.31
CA TYR UA 216 -5.27 55.87 14.33
C TYR UA 216 -3.80 55.54 14.47
N GLU UA 217 -3.30 55.63 15.68
CA GLU UA 217 -1.87 55.57 15.94
C GLU UA 217 -1.51 54.20 16.46
N VAL UA 218 -0.70 53.49 15.67
CA VAL UA 218 -0.22 52.17 16.08
C VAL UA 218 0.62 52.31 17.33
N THR UA 219 0.59 51.27 18.17
CA THR UA 219 1.45 51.17 19.32
C THR UA 219 1.96 49.74 19.40
N SER UA 220 2.75 49.47 20.43
CA SER UA 220 3.16 48.11 20.72
C SER UA 220 2.09 47.31 21.46
N LYS UA 221 0.90 47.89 21.67
CA LYS UA 221 -0.14 47.25 22.46
C LYS UA 221 -1.13 46.45 21.61
N THR UA 222 -1.25 46.75 20.32
CA THR UA 222 -2.30 46.16 19.53
C THR UA 222 -2.10 44.66 19.38
N PRO UA 223 -3.15 43.92 19.08
CA PRO UA 223 -2.97 42.50 18.73
C PRO UA 223 -2.50 42.33 17.30
N ASN UA 224 -2.15 41.10 16.98
CA ASN UA 224 -1.57 40.76 15.69
C ASN UA 224 -2.60 40.50 14.61
N ARG UA 225 -3.88 40.83 14.85
CA ARG UA 225 -4.94 40.61 13.88
C ARG UA 225 -5.30 41.89 13.13
N ALA UA 226 -5.66 42.94 13.86
CA ALA UA 226 -6.02 44.19 13.22
C ALA UA 226 -4.83 44.84 12.53
N ARG UA 227 -3.63 44.52 12.98
CA ARG UA 227 -2.43 45.09 12.38
C ARG UA 227 -2.31 44.71 10.92
N GLU UA 228 -2.86 43.56 10.52
CA GLU UA 228 -2.87 43.20 9.12
C GLU UA 228 -3.94 43.99 8.36
N ALA UA 229 -5.14 44.07 8.92
CA ALA UA 229 -6.26 44.65 8.19
C ALA UA 229 -6.03 46.13 7.89
N ILE UA 230 -5.38 46.85 8.82
CA ILE UA 230 -5.11 48.26 8.59
C ILE UA 230 -4.25 48.44 7.35
N ALA UA 231 -3.16 47.67 7.27
CA ALA UA 231 -2.23 47.83 6.16
C ALA UA 231 -2.90 47.47 4.84
N GLN UA 232 -3.84 46.54 4.86
CA GLN UA 232 -4.58 46.22 3.65
C GLN UA 232 -5.41 47.41 3.20
N MET UA 233 -6.00 48.14 4.14
CA MET UA 233 -6.78 49.32 3.78
C MET UA 233 -5.88 50.38 3.16
N LYS UA 234 -4.76 50.69 3.83
CA LYS UA 234 -3.88 51.75 3.36
C LYS UA 234 -3.34 51.46 1.97
N ALA UA 235 -3.12 50.18 1.66
CA ALA UA 235 -2.61 49.82 0.35
C ALA UA 235 -3.72 49.75 -0.69
N ALA UA 236 -4.93 49.40 -0.26
CA ALA UA 236 -6.03 49.30 -1.21
C ALA UA 236 -6.49 50.67 -1.67
N ALA UA 237 -6.37 51.67 -0.82
CA ALA UA 237 -6.87 53.01 -1.12
C ALA UA 237 -5.83 53.89 -1.77
N LEU UA 238 -4.71 53.35 -2.20
CA LEU UA 238 -3.67 54.11 -2.89
C LEU UA 238 -3.11 53.28 -4.01
N ALA UA 239 -3.46 53.63 -5.24
CA ALA UA 239 -2.96 52.94 -6.41
C ALA UA 239 -3.23 53.82 -7.62
N GLY UA 240 -2.24 53.95 -8.48
CA GLY UA 240 -2.32 54.81 -9.63
C GLY UA 240 -1.91 56.25 -9.37
N ILE UA 241 -1.91 56.68 -8.12
CA ILE UA 241 -1.50 58.04 -7.79
C ILE UA 241 -0.02 58.16 -8.11
N ASN UA 242 0.32 58.97 -9.11
CA ASN UA 242 1.69 59.22 -9.51
C ASN UA 242 2.12 60.54 -8.87
N SER UA 243 3.17 60.49 -8.06
CA SER UA 243 3.55 61.61 -7.22
C SER UA 243 3.90 62.85 -8.02
N ARG UA 244 4.98 62.80 -8.80
CA ARG UA 244 5.33 63.87 -9.72
C ARG UA 244 5.52 65.20 -8.99
N LEU UA 245 6.62 65.24 -8.22
CA LEU UA 245 6.82 66.32 -7.24
C LEU UA 245 6.75 67.72 -7.85
N PHE UA 246 6.96 67.86 -9.15
CA PHE UA 246 6.79 69.14 -9.81
C PHE UA 246 5.34 69.34 -10.24
N GLY UA 247 4.93 70.59 -10.26
CA GLY UA 247 3.61 70.97 -10.72
C GLY UA 247 3.67 71.50 -12.13
N LEU UA 248 3.68 72.83 -12.26
CA LEU UA 248 4.00 73.45 -13.53
C LEU UA 248 4.84 74.69 -13.27
N ASP UA 249 5.72 74.99 -14.22
CA ASP UA 249 6.55 76.17 -14.17
C ASP UA 249 5.76 77.39 -14.61
N GLY UA 250 6.08 78.54 -14.03
CA GLY UA 250 5.41 79.77 -14.40
C GLY UA 250 6.06 80.45 -15.59
N ASN UA 251 7.36 80.28 -15.77
CA ASN UA 251 8.07 80.93 -16.86
C ASN UA 251 7.66 80.31 -18.18
N ILE UA 252 7.02 81.10 -19.02
CA ILE UA 252 6.71 80.75 -20.40
C ILE UA 252 7.60 81.59 -21.30
N SER UA 253 8.05 80.98 -22.40
CA SER UA 253 8.62 81.73 -23.52
C SER UA 253 8.22 80.97 -24.78
N THR UA 254 7.06 81.32 -25.33
CA THR UA 254 6.66 80.77 -26.61
C THR UA 254 7.36 81.47 -27.76
N ASN UA 255 7.72 82.74 -27.57
CA ASN UA 255 8.43 83.50 -28.59
C ASN UA 255 9.23 84.59 -27.87
N SER UA 256 10.51 84.70 -28.23
CA SER UA 256 11.39 85.65 -27.56
C SER UA 256 10.91 87.08 -27.78
N GLU UA 257 11.43 87.98 -26.95
CA GLU UA 257 11.03 89.37 -27.00
C GLU UA 257 11.63 90.05 -28.22
N ASN UA 258 10.84 90.91 -28.87
CA ASN UA 258 11.19 91.41 -30.19
C ASN UA 258 12.29 92.47 -30.12
N THR UA 259 12.01 93.59 -29.46
CA THR UA 259 12.94 94.72 -29.35
C THR UA 259 13.33 95.25 -30.73
N GLU UA 260 12.33 95.75 -31.46
CA GLU UA 260 12.56 96.45 -32.71
C GLU UA 260 11.52 97.57 -32.84
N ARG UA 261 11.72 98.41 -33.85
CA ARG UA 261 11.01 99.68 -33.98
C ARG UA 261 10.08 99.67 -35.19
N HIS UA 262 9.45 100.83 -35.41
CA HIS UA 262 8.66 101.09 -36.60
C HIS UA 262 8.78 102.56 -36.96
N THR UA 263 8.78 102.84 -38.26
CA THR UA 263 8.73 104.20 -38.77
C THR UA 263 7.77 104.23 -39.94
N ALA UA 264 7.59 105.43 -40.50
CA ALA UA 264 6.73 105.60 -41.66
C ALA UA 264 7.44 105.12 -42.92
#